data_7ZH2
#
_entry.id   7ZH2
#
_cell.length_a   1.00
_cell.length_b   1.00
_cell.length_c   1.00
_cell.angle_alpha   90.00
_cell.angle_beta   90.00
_cell.angle_gamma   90.00
#
_symmetry.space_group_name_H-M   'P 1'
#
loop_
_entity.id
_entity.type
_entity.pdbx_description
1 polymer 'Spike glycoprotein,Fibritin'
2 branched 2-acetamido-2-deoxy-beta-D-glucopyranose-(1-4)-2-acetamido-2-deoxy-beta-D-glucopyranose
3 non-polymer 'LINOLEIC ACID'
4 non-polymer 2-acetamido-2-deoxy-beta-D-glucopyranose
#
_entity_poly.entity_id   1
_entity_poly.type   'polypeptide(L)'
_entity_poly.pdbx_seq_one_letter_code
;SDLDRCTTFDDVQAPNYTQHTSSMRGVYYPDEIFRSDTLYLTQDLFLPFYSNVTGFHTINHTFDNPVIPFKDGIYFAATE
KSNVVRGWVFGSTMNNKSQSVIIINNSTNVVIRACNFELCDNPFFAVSKPMGTQTHTMIFDNAFNCTFEYISDAFSLDVS
EKSGNFKHLREFVFKNKDGFLYVYKGYQPIDVVRDLPSGFNTLKPIFKLPLGINITNFRAILTAFSPAQDTWGTSAAAYF
VGYLKPTTFMLKYDENGTITDAVDCSQNPLAELKCSVKSFEIDKGIYQTSNFRVVPSGDVVRFPNITNLCPFGEVFNATK
FPSVYAWERKKISNCVADYSVLYNSTFFSTFKCYGVSATKLNDLCFSNVYADSFVVKGDDVRQIAPGQTGVIADYNYKLP
DDFMGCVLAWNTRNIDATSTGNYNYKYRYLRHGKLRPFERDISNVPFSPDGKPCTPPALNCYWPLNDYGFYTTTGIGYQP
YRVVVLSFELLNAPATVCGPKLSTDLIKNQCVNFNFNGLTGTGVLTPSSKRFQPFQQFGRDVSDFTDSVRDPKTSEILDI
SPCSFGGVSVITPGTNASSEVAVLYQDVNCTDVSTAIHADQLTPAWRIYSTGNNVFQTQAGCLIGAEHVDTSYECDIPIG
AGICASYHTVSLLRSTSQKSIVAYTMSLGADSSIAYSNNTIAIPTNFSISITTEVMPVSMAKTSVDCNMYICGDSTECAN
LLLQYGSFCTQLNRALSGIAAEQDRNTREVFAQVKQMYKTPTLKYFGGFNFSQILPDPLKPTKRSFIEDLLFNKVTLADA
GFMKQYGECLGDINARDLICAQKFNGLTVLPPLLTDDMIAAYTAALVSGTATAGWTFGAGAALQIPFAMQMAYRFNGIGV
TQNVLYENQKQIANQFNKAISQIQESLTTTSTALGKLQDVVNQNAQALNTLVKQLSSNFGAISSVLNDILSRLDKVEAEV
QIDRLITGRLQSLQTYVTQQLIRAAEIRASANLAATKMSECVLGQSKRVDFCGKGYHLMSFPQAAPHGVVFLHVTYVPSQ
ERNFTTAPAICHEGKAYFPREGVFVFNGTSWFITQRNFFSPQIITTDNTFVSGNCDVVIGIINNTVYDPLQPELDSFKEE
LDKYFKNHTSPDVDLGDISGINASVVNIQKEIDRLNEVAKNLNESLIDLQELGKYEQYIKPSGRLVPRGSPGSGYIPEAP
RDGQAYVRKDGEWVLLSTFLGHHHHHH
;
_entity_poly.pdbx_strand_id   A,B,C
#
# COMPACT_ATOMS: atom_id res chain seq x y z
N TYR A 17 -40.83 26.27 33.58
CA TYR A 17 -39.59 25.86 32.94
C TYR A 17 -39.30 24.40 33.24
N THR A 18 -40.36 23.58 33.22
CA THR A 18 -40.21 22.16 33.52
C THR A 18 -39.26 21.50 32.53
N GLN A 19 -38.63 20.41 32.96
CA GLN A 19 -37.70 19.65 32.13
C GLN A 19 -38.37 18.38 31.63
N HIS A 20 -38.16 18.07 30.36
CA HIS A 20 -38.66 16.85 29.74
C HIS A 20 -37.52 16.18 28.99
N THR A 21 -37.86 15.10 28.29
CA THR A 21 -36.89 14.34 27.51
C THR A 21 -37.37 14.15 26.09
N SER A 22 -36.45 14.28 25.14
CA SER A 22 -36.73 14.02 23.72
C SER A 22 -36.18 12.63 23.40
N SER A 23 -37.04 11.62 23.49
CA SER A 23 -36.60 10.24 23.40
C SER A 23 -35.85 9.96 22.10
N MET A 24 -36.53 10.10 20.96
CA MET A 24 -35.93 9.85 19.65
C MET A 24 -36.39 10.86 18.62
N ARG A 25 -36.76 12.06 19.04
CA ARG A 25 -37.32 13.06 18.14
C ARG A 25 -36.22 13.83 17.45
N GLY A 26 -36.55 14.41 16.30
CA GLY A 26 -35.70 15.35 15.62
C GLY A 26 -34.83 14.82 14.49
N VAL A 27 -35.24 13.75 13.83
CA VAL A 27 -34.54 13.23 12.67
C VAL A 27 -35.16 13.80 11.41
N TYR A 28 -34.32 14.20 10.45
CA TYR A 28 -34.78 14.78 9.21
C TYR A 28 -33.93 14.27 8.06
N TYR A 29 -34.44 14.42 6.84
CA TYR A 29 -33.74 13.91 5.66
C TYR A 29 -32.47 14.73 5.43
N PRO A 30 -31.29 14.10 5.36
CA PRO A 30 -30.07 14.91 5.23
C PRO A 30 -29.93 15.62 3.89
N ASP A 31 -30.19 14.93 2.78
CA ASP A 31 -29.95 15.49 1.47
C ASP A 31 -31.14 15.18 0.57
N GLU A 32 -31.00 15.48 -0.72
CA GLU A 32 -32.04 15.28 -1.70
C GLU A 32 -31.89 13.98 -2.49
N ILE A 33 -30.93 13.12 -2.13
CA ILE A 33 -30.74 11.87 -2.85
C ILE A 33 -31.75 10.84 -2.37
N PHE A 34 -32.10 9.92 -3.26
CA PHE A 34 -33.03 8.84 -2.95
C PHE A 34 -32.25 7.58 -2.59
N ARG A 35 -32.64 6.95 -1.49
CA ARG A 35 -31.99 5.74 -1.00
C ARG A 35 -33.06 4.75 -0.57
N SER A 36 -32.72 3.46 -0.62
CA SER A 36 -33.69 2.41 -0.32
C SER A 36 -32.97 1.16 0.18
N ASP A 37 -33.56 0.51 1.18
CA ASP A 37 -33.06 -0.75 1.71
C ASP A 37 -31.57 -0.67 2.01
N THR A 38 -31.17 0.40 2.70
CA THR A 38 -29.77 0.67 2.94
C THR A 38 -29.59 1.27 4.33
N LEU A 39 -28.34 1.29 4.78
CA LEU A 39 -27.93 1.97 6.00
C LEU A 39 -26.94 3.05 5.63
N TYR A 40 -27.19 4.28 6.08
CA TYR A 40 -26.38 5.41 5.70
C TYR A 40 -25.93 6.14 6.95
N LEU A 41 -24.65 6.52 6.97
CA LEU A 41 -24.03 7.16 8.13
C LEU A 41 -23.60 8.58 7.73
N THR A 42 -23.95 9.55 8.57
CA THR A 42 -23.70 10.95 8.24
C THR A 42 -23.42 11.73 9.52
N GLN A 43 -22.68 12.83 9.37
CA GLN A 43 -22.36 13.74 10.45
C GLN A 43 -23.03 15.08 10.16
N ASP A 44 -23.84 15.57 11.11
CA ASP A 44 -24.60 16.80 10.91
C ASP A 44 -25.11 17.27 12.26
N LEU A 45 -25.91 18.33 12.23
CA LEU A 45 -26.48 18.93 13.44
C LEU A 45 -27.78 18.22 13.78
N PHE A 46 -27.73 17.31 14.76
CA PHE A 46 -28.88 16.53 15.17
C PHE A 46 -29.18 16.79 16.64
N LEU A 47 -30.42 16.49 17.03
CA LEU A 47 -30.79 16.54 18.43
C LEU A 47 -30.49 15.20 19.08
N PRO A 48 -29.56 15.14 20.04
CA PRO A 48 -29.19 13.83 20.60
C PRO A 48 -30.36 13.15 21.30
N PHE A 49 -30.34 11.82 21.26
CA PHE A 49 -31.39 11.04 21.90
C PHE A 49 -31.43 11.30 23.39
N TYR A 50 -32.65 11.33 23.95
CA TYR A 50 -32.86 11.49 25.38
C TYR A 50 -32.15 12.74 25.91
N SER A 51 -32.38 13.87 25.25
CA SER A 51 -31.79 15.13 25.66
C SER A 51 -32.85 16.00 26.34
N ASN A 52 -32.40 16.86 27.25
CA ASN A 52 -33.31 17.71 28.01
C ASN A 52 -33.98 18.73 27.08
N VAL A 53 -35.30 18.87 27.25
CA VAL A 53 -36.07 19.88 26.52
C VAL A 53 -36.95 20.61 27.53
N THR A 54 -36.97 21.93 27.45
CA THR A 54 -37.76 22.73 28.36
C THR A 54 -39.20 22.84 27.88
N GLY A 55 -40.12 23.01 28.82
CA GLY A 55 -41.54 23.12 28.54
C GLY A 55 -42.03 24.54 28.81
N PHE A 56 -42.82 25.06 27.88
CA PHE A 56 -43.47 26.35 28.04
C PHE A 56 -44.97 26.17 27.85
N HIS A 57 -45.74 26.59 28.85
CA HIS A 57 -47.18 26.36 28.88
C HIS A 57 -47.90 27.69 28.84
N THR A 58 -48.84 27.84 27.90
CA THR A 58 -49.63 29.04 27.75
C THR A 58 -51.09 28.73 28.08
N ILE A 59 -51.61 29.38 29.11
CA ILE A 59 -52.99 29.21 29.53
C ILE A 59 -53.48 30.53 30.11
N ASN A 60 -54.78 30.61 30.43
CA ASN A 60 -55.30 31.84 31.02
C ASN A 60 -54.58 32.17 32.32
N HIS A 61 -54.09 31.15 33.02
CA HIS A 61 -53.36 31.38 34.26
C HIS A 61 -52.00 32.01 33.98
N THR A 62 -51.26 31.47 33.01
CA THR A 62 -49.90 31.92 32.72
C THR A 62 -49.74 32.08 31.21
N PHE A 63 -49.03 33.12 30.80
CA PHE A 63 -48.81 33.44 29.39
C PHE A 63 -47.30 33.55 29.16
N ASP A 64 -46.68 32.48 28.69
CA ASP A 64 -45.24 32.38 28.56
C ASP A 64 -44.81 32.82 27.17
N ASN A 65 -43.92 33.80 27.10
CA ASN A 65 -43.34 34.24 25.83
C ASN A 65 -42.04 34.98 26.06
N PRO A 66 -41.02 34.35 26.63
CA PRO A 66 -39.73 35.02 26.80
C PRO A 66 -38.85 34.86 25.57
N VAL A 67 -37.65 35.45 25.65
CA VAL A 67 -36.67 35.36 24.58
C VAL A 67 -35.71 34.21 24.90
N ILE A 68 -35.64 33.24 23.98
CA ILE A 68 -34.76 32.09 24.16
C ILE A 68 -33.58 32.21 23.22
N PRO A 69 -32.37 31.80 23.61
CA PRO A 69 -31.24 31.84 22.67
C PRO A 69 -31.39 30.82 21.56
N PHE A 70 -30.68 31.07 20.46
CA PHE A 70 -30.73 30.16 19.31
C PHE A 70 -29.74 29.02 19.46
N LYS A 71 -28.46 29.35 19.66
CA LYS A 71 -27.42 28.36 19.99
C LYS A 71 -27.33 27.26 18.92
N ASP A 72 -26.92 27.69 17.73
CA ASP A 72 -26.58 26.76 16.65
C ASP A 72 -27.78 25.93 16.19
N GLY A 73 -28.99 26.49 16.29
CA GLY A 73 -30.17 25.80 15.84
C GLY A 73 -30.95 25.20 16.99
N ILE A 74 -32.24 24.98 16.76
CA ILE A 74 -33.16 24.50 17.78
C ILE A 74 -34.10 23.45 17.18
N TYR A 75 -34.72 22.68 18.07
CA TYR A 75 -35.84 21.82 17.74
C TYR A 75 -37.06 22.34 18.48
N PHE A 76 -38.13 22.61 17.74
CA PHE A 76 -39.33 23.24 18.30
C PHE A 76 -40.54 22.37 18.01
N ALA A 77 -41.31 22.07 19.05
CA ALA A 77 -42.52 21.27 18.93
C ALA A 77 -43.63 21.90 19.75
N ALA A 78 -44.87 21.66 19.33
CA ALA A 78 -46.04 22.24 19.99
C ALA A 78 -47.13 21.18 20.09
N THR A 79 -47.53 20.88 21.33
CA THR A 79 -48.69 20.05 21.61
C THR A 79 -49.81 20.99 22.07
N GLU A 80 -50.84 21.13 21.25
CA GLU A 80 -51.88 22.12 21.53
C GLU A 80 -53.09 21.85 20.65
N LYS A 81 -54.19 22.50 21.00
CA LYS A 81 -55.42 22.46 20.21
C LYS A 81 -55.98 23.87 20.12
N SER A 82 -56.81 24.08 19.10
CA SER A 82 -57.44 25.36 18.78
C SER A 82 -56.47 26.38 18.20
N ASN A 83 -55.29 25.94 17.74
CA ASN A 83 -54.35 26.80 17.01
C ASN A 83 -53.93 28.00 17.87
N VAL A 84 -53.24 27.67 18.97
CA VAL A 84 -52.71 28.71 19.84
C VAL A 84 -51.41 29.28 19.28
N VAL A 85 -50.41 28.43 19.08
CA VAL A 85 -49.14 28.89 18.54
C VAL A 85 -49.30 29.25 17.07
N ARG A 86 -48.74 30.40 16.68
CA ARG A 86 -48.91 30.92 15.34
C ARG A 86 -47.61 31.06 14.55
N GLY A 87 -46.51 31.40 15.19
CA GLY A 87 -45.27 31.62 14.46
C GLY A 87 -44.14 32.04 15.37
N TRP A 88 -43.12 32.64 14.76
CA TRP A 88 -41.89 32.97 15.47
C TRP A 88 -41.36 34.29 14.94
N VAL A 89 -40.47 34.90 15.71
CA VAL A 89 -39.66 36.03 15.27
C VAL A 89 -38.21 35.74 15.64
N PHE A 90 -37.33 35.87 14.65
CA PHE A 90 -35.90 35.61 14.85
C PHE A 90 -35.12 36.90 14.67
N GLY A 91 -34.14 37.11 15.54
CA GLY A 91 -33.35 38.34 15.46
C GLY A 91 -32.17 38.27 16.41
N SER A 92 -31.47 39.40 16.51
CA SER A 92 -30.29 39.51 17.35
C SER A 92 -30.54 40.42 18.56
N THR A 93 -30.99 41.65 18.33
CA THR A 93 -31.28 42.59 19.40
C THR A 93 -32.78 42.72 19.69
N MET A 94 -33.63 42.26 18.77
CA MET A 94 -35.08 42.26 18.98
C MET A 94 -35.63 43.67 19.16
N ASN A 95 -34.99 44.65 18.53
CA ASN A 95 -35.51 46.01 18.47
C ASN A 95 -35.24 46.55 17.07
N ASN A 96 -35.62 47.81 16.85
CA ASN A 96 -35.53 48.39 15.51
C ASN A 96 -34.10 48.76 15.09
N LYS A 97 -33.07 48.37 15.84
CA LYS A 97 -31.70 48.64 15.45
C LYS A 97 -31.07 47.52 14.63
N SER A 98 -31.78 46.41 14.43
CA SER A 98 -31.27 45.27 13.69
C SER A 98 -32.38 44.62 12.88
N GLN A 99 -31.98 43.85 11.88
CA GLN A 99 -32.94 43.13 11.05
C GLN A 99 -33.53 41.95 11.83
N SER A 100 -34.83 41.72 11.62
CA SER A 100 -35.51 40.57 12.19
C SER A 100 -36.41 39.97 11.12
N VAL A 101 -36.69 38.67 11.26
CA VAL A 101 -37.52 37.94 10.31
C VAL A 101 -38.71 37.34 11.07
N ILE A 102 -39.89 37.46 10.49
CA ILE A 102 -41.13 37.01 11.11
C ILE A 102 -41.79 36.00 10.19
N ILE A 103 -42.14 34.84 10.74
CA ILE A 103 -42.92 33.82 10.04
C ILE A 103 -44.20 33.62 10.85
N ILE A 104 -45.35 33.87 10.22
CA ILE A 104 -46.62 33.85 10.92
C ILE A 104 -47.70 33.27 10.01
N ASN A 105 -48.64 32.55 10.63
CA ASN A 105 -49.85 32.09 9.97
C ASN A 105 -51.02 32.90 10.52
N ASN A 106 -51.52 33.84 9.71
CA ASN A 106 -52.54 34.78 10.16
C ASN A 106 -53.95 34.33 9.79
N SER A 107 -54.19 33.02 9.77
CA SER A 107 -55.52 32.45 9.55
C SER A 107 -55.98 32.60 8.11
N THR A 108 -55.17 33.23 7.26
CA THR A 108 -55.49 33.38 5.85
C THR A 108 -54.40 32.80 4.95
N ASN A 109 -53.14 32.91 5.36
CA ASN A 109 -52.01 32.34 4.62
C ASN A 109 -50.77 32.50 5.47
N VAL A 110 -49.65 31.97 4.97
CA VAL A 110 -48.36 32.07 5.64
C VAL A 110 -47.62 33.29 5.08
N VAL A 111 -47.16 34.16 5.96
CA VAL A 111 -46.50 35.41 5.57
C VAL A 111 -45.12 35.44 6.21
N ILE A 112 -44.10 35.68 5.39
CA ILE A 112 -42.72 35.81 5.85
C ILE A 112 -42.21 37.18 5.45
N ARG A 113 -41.74 37.95 6.44
CA ARG A 113 -41.17 39.26 6.20
C ARG A 113 -39.98 39.45 7.11
N ALA A 114 -38.89 39.98 6.56
CA ALA A 114 -37.68 40.26 7.33
C ALA A 114 -37.37 41.74 7.18
N CYS A 115 -37.67 42.53 8.21
CA CYS A 115 -37.51 43.97 8.16
C CYS A 115 -36.99 44.47 9.51
N ASN A 116 -36.62 45.75 9.53
CA ASN A 116 -36.27 46.44 10.78
C ASN A 116 -37.58 46.68 11.52
N PHE A 117 -37.92 45.75 12.41
CA PHE A 117 -39.21 45.79 13.08
C PHE A 117 -39.09 46.43 14.46
N GLU A 118 -40.10 47.22 14.80
CA GLU A 118 -40.25 47.77 16.14
C GLU A 118 -41.00 46.75 16.99
N LEU A 119 -40.26 45.75 17.47
CA LEU A 119 -40.85 44.62 18.16
C LEU A 119 -41.62 45.07 19.39
N CYS A 120 -42.78 44.46 19.59
CA CYS A 120 -43.59 44.68 20.78
C CYS A 120 -43.18 43.72 21.87
N ASP A 121 -43.25 44.19 23.12
CA ASP A 121 -42.90 43.35 24.25
C ASP A 121 -43.82 42.15 24.36
N ASN A 122 -45.11 42.36 24.09
CA ASN A 122 -46.12 41.29 24.16
C ASN A 122 -46.69 41.07 22.77
N PRO A 123 -46.06 40.22 21.94
CA PRO A 123 -46.62 39.94 20.61
C PRO A 123 -47.66 38.82 20.65
N PHE A 124 -48.84 39.05 20.08
CA PHE A 124 -49.89 38.05 20.11
C PHE A 124 -50.93 38.38 19.04
N PHE A 125 -51.76 37.40 18.74
CA PHE A 125 -52.93 37.58 17.88
C PHE A 125 -54.19 37.67 18.73
N ALA A 126 -55.19 38.38 18.21
CA ALA A 126 -56.44 38.57 18.91
C ALA A 126 -57.53 37.69 18.30
N VAL A 127 -58.37 37.13 19.18
CA VAL A 127 -59.47 36.28 18.75
C VAL A 127 -60.79 36.98 19.02
N THR A 137 -54.34 42.49 15.17
CA THR A 137 -53.15 41.80 15.65
C THR A 137 -52.13 42.81 16.17
N MET A 138 -51.29 42.36 17.11
CA MET A 138 -50.28 43.21 17.76
C MET A 138 -48.93 42.51 17.65
N ILE A 139 -48.20 42.78 16.57
CA ILE A 139 -46.88 42.18 16.36
C ILE A 139 -45.82 43.26 16.39
N PHE A 140 -45.97 44.28 15.54
CA PHE A 140 -44.98 45.34 15.41
C PHE A 140 -45.69 46.66 15.16
N ASP A 141 -44.95 47.75 15.39
CA ASP A 141 -45.47 49.09 15.17
C ASP A 141 -45.21 49.57 13.74
N ASN A 142 -43.94 49.60 13.34
CA ASN A 142 -43.54 50.11 12.03
C ASN A 142 -42.57 49.13 11.38
N ALA A 143 -42.18 49.46 10.14
CA ALA A 143 -41.28 48.60 9.37
C ALA A 143 -40.65 49.42 8.26
N PHE A 144 -39.31 49.45 8.16
CA PHE A 144 -38.57 50.19 7.12
C PHE A 144 -37.28 49.41 6.87
N ASN A 145 -36.55 49.76 5.82
CA ASN A 145 -35.26 49.12 5.49
C ASN A 145 -35.54 47.60 5.35
N CYS A 146 -36.57 47.25 4.54
CA CYS A 146 -37.06 45.87 4.26
C CYS A 146 -36.24 45.21 3.15
N THR A 147 -36.03 43.88 3.22
CA THR A 147 -35.19 43.12 2.26
C THR A 147 -35.91 41.96 1.56
N PHE A 148 -36.56 41.04 2.29
CA PHE A 148 -37.24 39.84 1.75
C PHE A 148 -38.73 39.86 2.08
N GLU A 149 -39.58 39.21 1.26
CA GLU A 149 -41.01 39.09 1.49
C GLU A 149 -41.54 37.88 0.72
N TYR A 150 -42.39 37.09 1.39
CA TYR A 150 -43.00 35.92 0.77
C TYR A 150 -44.43 35.78 1.26
N ILE A 151 -45.34 35.50 0.33
CA ILE A 151 -46.76 35.32 0.64
C ILE A 151 -47.22 34.01 0.04
N SER A 152 -48.08 33.30 0.76
CA SER A 152 -48.61 32.02 0.32
C SER A 152 -50.05 32.20 -0.16
N ASP A 153 -50.49 31.27 -1.00
CA ASP A 153 -51.86 31.32 -1.53
C ASP A 153 -52.87 31.28 -0.39
N ALA A 154 -53.89 32.12 -0.50
CA ALA A 154 -54.94 32.19 0.52
C ALA A 154 -55.66 30.85 0.64
N ASN A 165 -56.12 17.16 27.01
CA ASN A 165 -56.19 16.15 25.96
C ASN A 165 -55.91 16.77 24.60
N PHE A 166 -54.63 17.01 24.30
CA PHE A 166 -54.25 17.59 23.03
C PHE A 166 -54.45 16.58 21.91
N LYS A 167 -54.64 17.09 20.69
CA LYS A 167 -54.88 16.25 19.53
C LYS A 167 -53.98 16.57 18.34
N HIS A 168 -53.00 17.46 18.50
CA HIS A 168 -52.11 17.86 17.42
C HIS A 168 -50.70 18.02 17.95
N LEU A 169 -49.74 17.44 17.24
CA LEU A 169 -48.32 17.63 17.51
C LEU A 169 -47.66 18.12 16.23
N ARG A 170 -47.02 19.28 16.30
CA ARG A 170 -46.34 19.87 15.15
C ARG A 170 -44.88 20.06 15.50
N GLU A 171 -43.99 19.59 14.62
CA GLU A 171 -42.56 19.58 14.88
C GLU A 171 -41.82 20.36 13.80
N PHE A 172 -40.81 21.12 14.21
CA PHE A 172 -40.00 21.92 13.30
C PHE A 172 -38.54 21.84 13.72
N VAL A 173 -37.65 22.05 12.75
CA VAL A 173 -36.22 22.19 12.99
C VAL A 173 -35.75 23.43 12.22
N PHE A 174 -34.95 24.25 12.89
CA PHE A 174 -34.41 25.48 12.31
C PHE A 174 -32.89 25.46 12.42
N LYS A 175 -32.21 25.84 11.33
CA LYS A 175 -30.76 26.01 11.34
C LYS A 175 -30.41 27.14 10.38
N ASN A 176 -29.30 27.82 10.69
CA ASN A 176 -28.89 29.02 9.95
C ASN A 176 -27.44 28.83 9.51
N LYS A 177 -27.24 28.48 8.24
CA LYS A 177 -25.92 28.19 7.70
C LYS A 177 -25.72 28.94 6.40
N ASP A 178 -24.61 29.67 6.30
CA ASP A 178 -24.24 30.37 5.07
C ASP A 178 -25.33 31.30 4.59
N GLY A 179 -25.98 31.99 5.54
CA GLY A 179 -27.00 32.96 5.19
C GLY A 179 -28.32 32.36 4.79
N PHE A 180 -28.53 31.07 5.03
CA PHE A 180 -29.77 30.37 4.69
C PHE A 180 -30.41 29.84 5.97
N LEU A 181 -31.68 30.15 6.17
CA LEU A 181 -32.47 29.61 7.27
C LEU A 181 -33.25 28.42 6.76
N TYR A 182 -32.89 27.22 7.21
CA TYR A 182 -33.57 26.00 6.81
C TYR A 182 -34.74 25.74 7.75
N VAL A 183 -35.82 25.21 7.20
CA VAL A 183 -37.01 24.85 7.97
C VAL A 183 -37.44 23.45 7.59
N TYR A 184 -37.64 22.59 8.58
CA TYR A 184 -38.18 21.25 8.40
C TYR A 184 -39.49 21.16 9.15
N LYS A 185 -40.33 20.20 8.75
CA LYS A 185 -41.69 20.11 9.26
C LYS A 185 -42.15 18.67 9.34
N GLY A 186 -42.92 18.36 10.39
CA GLY A 186 -43.56 17.07 10.53
C GLY A 186 -44.80 17.19 11.39
N TYR A 187 -45.67 16.18 11.27
CA TYR A 187 -46.94 16.17 11.99
C TYR A 187 -47.25 14.76 12.46
N GLN A 188 -47.82 14.67 13.67
CA GLN A 188 -48.25 13.40 14.24
C GLN A 188 -49.50 13.62 15.08
N PRO A 189 -50.52 12.77 14.94
CA PRO A 189 -51.67 12.87 15.84
C PRO A 189 -51.35 12.23 17.19
N ILE A 190 -51.84 12.87 18.25
CA ILE A 190 -51.54 12.44 19.62
C ILE A 190 -52.80 12.54 20.47
N ASP A 191 -52.71 11.99 21.68
CA ASP A 191 -53.74 12.13 22.69
C ASP A 191 -53.17 12.49 24.05
N VAL A 192 -51.84 12.59 24.17
CA VAL A 192 -51.21 12.87 25.46
C VAL A 192 -51.79 14.15 26.04
N VAL A 193 -52.01 14.15 27.36
CA VAL A 193 -52.69 15.27 28.00
C VAL A 193 -51.80 16.52 27.97
N ARG A 194 -50.64 16.46 28.62
CA ARG A 194 -49.83 17.66 28.81
C ARG A 194 -48.33 17.41 28.69
N ASP A 195 -47.90 16.41 27.92
CA ASP A 195 -46.48 16.08 27.81
C ASP A 195 -46.16 15.66 26.39
N LEU A 196 -44.88 15.74 26.05
CA LEU A 196 -44.40 15.35 24.73
C LEU A 196 -44.44 13.83 24.57
N PRO A 197 -45.21 13.29 23.63
CA PRO A 197 -45.18 11.84 23.41
C PRO A 197 -43.80 11.37 22.98
N SER A 198 -43.45 10.16 23.39
CA SER A 198 -42.24 9.51 22.90
C SER A 198 -42.51 8.86 21.56
N GLY A 199 -41.44 8.55 20.84
CA GLY A 199 -41.55 7.88 19.57
C GLY A 199 -40.49 8.37 18.60
N PHE A 200 -40.75 8.12 17.32
CA PHE A 200 -39.80 8.43 16.24
C PHE A 200 -40.58 8.96 15.05
N ASN A 201 -40.15 10.10 14.52
CA ASN A 201 -40.79 10.70 13.36
C ASN A 201 -39.77 11.50 12.57
N THR A 202 -39.80 11.37 11.25
CA THR A 202 -38.85 12.01 10.35
C THR A 202 -39.48 13.26 9.74
N LEU A 203 -38.73 14.36 9.77
CA LEU A 203 -39.19 15.63 9.22
C LEU A 203 -38.74 15.79 7.77
N LYS A 204 -39.43 16.68 7.05
CA LYS A 204 -39.14 16.93 5.65
C LYS A 204 -38.90 18.42 5.42
N PRO A 205 -38.01 18.79 4.49
CA PRO A 205 -37.75 20.21 4.24
C PRO A 205 -38.94 20.89 3.59
N ILE A 206 -39.18 22.14 3.98
CA ILE A 206 -40.23 22.95 3.36
C ILE A 206 -39.77 24.32 2.92
N PHE A 207 -38.67 24.87 3.46
CA PHE A 207 -38.25 26.23 3.13
C PHE A 207 -36.74 26.31 3.16
N LYS A 208 -36.20 27.24 2.38
CA LYS A 208 -34.77 27.57 2.38
C LYS A 208 -34.68 29.07 2.09
N LEU A 209 -34.61 29.87 3.16
CA LEU A 209 -34.78 31.32 3.05
C LEU A 209 -33.43 32.01 2.90
N PRO A 210 -33.20 32.79 1.83
CA PRO A 210 -31.96 33.58 1.73
C PRO A 210 -32.06 34.93 2.46
N LEU A 211 -31.92 34.88 3.79
CA LEU A 211 -32.13 36.07 4.59
C LEU A 211 -30.84 36.83 4.84
N GLY A 212 -29.76 36.12 5.15
CA GLY A 212 -28.48 36.77 5.41
C GLY A 212 -28.48 37.67 6.65
N ILE A 213 -29.19 37.27 7.69
CA ILE A 213 -29.28 38.05 8.92
C ILE A 213 -28.59 37.28 10.04
N ASN A 214 -28.12 38.02 11.04
CA ASN A 214 -27.42 37.47 12.19
C ASN A 214 -28.45 37.13 13.26
N ILE A 215 -28.60 35.85 13.56
CA ILE A 215 -29.66 35.34 14.43
C ILE A 215 -29.02 34.74 15.67
N THR A 216 -29.44 35.21 16.84
CA THR A 216 -29.02 34.65 18.11
C THR A 216 -30.17 34.50 19.11
N ASN A 217 -31.35 35.02 18.80
CA ASN A 217 -32.48 34.96 19.70
C ASN A 217 -33.75 34.74 18.89
N PHE A 218 -34.81 34.30 19.58
CA PHE A 218 -36.11 34.14 18.94
C PHE A 218 -37.18 34.19 20.01
N ARG A 219 -38.43 34.38 19.56
CA ARG A 219 -39.57 34.45 20.44
C ARG A 219 -40.77 33.84 19.73
N ALA A 220 -41.70 33.31 20.52
CA ALA A 220 -42.91 32.71 19.97
C ALA A 220 -44.04 33.74 19.94
N ILE A 221 -44.94 33.58 18.97
CA ILE A 221 -46.12 34.41 18.83
C ILE A 221 -47.33 33.56 19.15
N LEU A 222 -48.01 33.88 20.26
CA LEU A 222 -49.12 33.08 20.77
C LEU A 222 -50.37 33.95 20.81
N THR A 223 -51.50 33.37 20.42
CA THR A 223 -52.76 34.10 20.41
C THR A 223 -53.44 34.00 21.77
N ALA A 224 -54.27 35.00 22.07
CA ALA A 224 -55.04 35.06 23.30
C ALA A 224 -56.53 35.06 22.99
N PHE A 225 -57.32 34.47 23.88
CA PHE A 225 -58.76 34.37 23.67
C PHE A 225 -59.52 35.25 24.67
N GLY A 233 -57.44 36.10 28.41
CA GLY A 233 -56.93 34.80 28.80
C GLY A 233 -56.31 34.04 27.65
N THR A 234 -56.27 32.71 27.77
CA THR A 234 -55.69 31.86 26.73
C THR A 234 -56.27 30.46 26.88
N SER A 235 -56.16 29.69 25.80
CA SER A 235 -56.59 28.30 25.82
C SER A 235 -55.46 27.41 26.33
N ALA A 236 -55.70 26.10 26.29
CA ALA A 236 -54.72 25.13 26.76
C ALA A 236 -53.76 24.78 25.63
N ALA A 237 -52.48 25.10 25.81
CA ALA A 237 -51.47 24.82 24.80
C ALA A 237 -50.10 24.85 25.46
N ALA A 238 -49.13 24.24 24.77
CA ALA A 238 -47.76 24.19 25.26
C ALA A 238 -46.82 23.95 24.08
N TYR A 239 -45.54 24.26 24.29
CA TYR A 239 -44.52 24.02 23.29
C TYR A 239 -43.19 23.75 23.99
N PHE A 240 -42.29 23.10 23.27
CA PHE A 240 -41.02 22.63 23.82
C PHE A 240 -39.88 23.03 22.90
N VAL A 241 -38.68 23.17 23.48
CA VAL A 241 -37.51 23.62 22.75
C VAL A 241 -36.32 22.74 23.12
N GLY A 242 -35.57 22.32 22.10
CA GLY A 242 -34.33 21.60 22.31
C GLY A 242 -33.23 22.17 21.43
N TYR A 243 -32.00 21.79 21.74
CA TYR A 243 -30.83 22.33 21.06
C TYR A 243 -30.11 21.24 20.28
N LEU A 244 -29.54 21.63 19.15
CA LEU A 244 -28.84 20.70 18.25
C LEU A 244 -27.34 20.76 18.50
N LYS A 245 -26.69 19.61 18.33
CA LYS A 245 -25.24 19.50 18.44
C LYS A 245 -24.74 18.62 17.30
N PRO A 246 -23.48 18.81 16.89
CA PRO A 246 -22.92 17.94 15.85
C PRO A 246 -22.79 16.51 16.36
N THR A 247 -23.24 15.56 15.54
CA THR A 247 -23.23 14.16 15.94
C THR A 247 -23.23 13.29 14.69
N THR A 248 -22.81 12.04 14.86
CA THR A 248 -22.81 11.04 13.80
C THR A 248 -24.02 10.13 13.98
N PHE A 249 -24.90 10.10 12.99
CA PHE A 249 -26.11 9.29 13.03
C PHE A 249 -26.04 8.22 11.95
N MET A 250 -26.60 7.05 12.26
CA MET A 250 -26.77 5.97 11.29
C MET A 250 -28.26 5.85 11.00
N LEU A 251 -28.63 6.01 9.72
CA LEU A 251 -30.02 6.08 9.30
C LEU A 251 -30.39 4.82 8.53
N LYS A 252 -31.61 4.34 8.75
CA LYS A 252 -32.12 3.15 8.09
C LYS A 252 -33.21 3.54 7.10
N TYR A 253 -32.97 3.25 5.82
CA TYR A 253 -33.95 3.49 4.77
C TYR A 253 -34.69 2.18 4.49
N ASP A 254 -36.02 2.25 4.48
CA ASP A 254 -36.84 1.08 4.23
C ASP A 254 -36.90 0.81 2.72
N GLU A 255 -37.75 -0.12 2.30
CA GLU A 255 -37.81 -0.50 0.90
C GLU A 255 -38.58 0.50 0.05
N ASN A 256 -39.23 1.49 0.67
CA ASN A 256 -39.90 2.56 -0.05
C ASN A 256 -39.12 3.88 -0.02
N GLY A 257 -37.97 3.91 0.62
CA GLY A 257 -37.20 5.13 0.76
C GLY A 257 -37.49 5.93 2.01
N THR A 258 -38.27 5.38 2.94
CA THR A 258 -38.59 6.09 4.17
C THR A 258 -37.57 5.78 5.25
N ILE A 259 -37.26 6.78 6.07
CA ILE A 259 -36.38 6.62 7.21
C ILE A 259 -37.24 6.16 8.39
N THR A 260 -37.04 4.91 8.82
CA THR A 260 -37.88 4.31 9.84
C THR A 260 -37.17 4.15 11.18
N ASP A 261 -35.84 4.32 11.24
CA ASP A 261 -35.11 4.16 12.48
C ASP A 261 -33.76 4.84 12.34
N ALA A 262 -33.12 5.07 13.50
CA ALA A 262 -31.81 5.69 13.53
C ALA A 262 -31.09 5.28 14.81
N VAL A 263 -29.77 5.41 14.79
CA VAL A 263 -28.92 5.09 15.94
C VAL A 263 -27.96 6.25 16.16
N ASP A 264 -27.91 6.75 17.39
CA ASP A 264 -26.99 7.82 17.77
C ASP A 264 -25.71 7.19 18.29
N CYS A 265 -24.59 7.45 17.62
CA CYS A 265 -23.35 6.75 17.92
C CYS A 265 -22.73 7.21 19.24
N SER A 266 -23.21 8.32 19.81
CA SER A 266 -22.62 8.88 21.01
C SER A 266 -23.46 8.68 22.26
N GLN A 267 -24.51 7.85 22.20
CA GLN A 267 -25.39 7.69 23.35
C GLN A 267 -24.74 6.86 24.45
N ASN A 268 -24.10 5.75 24.09
CA ASN A 268 -23.54 4.83 25.07
C ASN A 268 -22.61 3.88 24.34
N PRO A 269 -21.82 3.08 25.07
CA PRO A 269 -20.85 2.20 24.40
C PRO A 269 -21.49 1.21 23.43
N LEU A 270 -22.68 0.69 23.76
CA LEU A 270 -23.35 -0.22 22.84
C LEU A 270 -23.72 0.48 21.53
N ALA A 271 -24.16 1.74 21.62
CA ALA A 271 -24.50 2.48 20.42
C ALA A 271 -23.28 2.70 19.54
N GLU A 272 -22.12 2.98 20.15
CA GLU A 272 -20.91 3.17 19.37
C GLU A 272 -20.48 1.88 18.69
N LEU A 273 -20.70 0.73 19.32
CA LEU A 273 -20.35 -0.54 18.69
C LEU A 273 -21.18 -0.77 17.44
N LYS A 274 -22.47 -0.42 17.49
CA LYS A 274 -23.33 -0.61 16.32
C LYS A 274 -22.86 0.23 15.15
N CYS A 275 -22.46 1.48 15.41
CA CYS A 275 -22.03 2.36 14.33
C CYS A 275 -20.73 1.87 13.71
N SER A 276 -19.84 1.28 14.51
CA SER A 276 -18.60 0.75 13.96
C SER A 276 -18.85 -0.50 13.13
N VAL A 277 -19.69 -1.42 13.62
CA VAL A 277 -20.02 -2.62 12.88
C VAL A 277 -20.98 -2.34 11.74
N LYS A 278 -21.72 -1.22 11.81
CA LYS A 278 -22.70 -0.86 10.79
C LYS A 278 -23.82 -1.90 10.71
N SER A 279 -24.37 -2.24 11.87
CA SER A 279 -25.47 -3.19 11.95
C SER A 279 -26.34 -2.83 13.15
N PHE A 280 -27.63 -3.11 13.03
CA PHE A 280 -28.58 -2.88 14.11
C PHE A 280 -28.69 -4.07 15.06
N GLU A 281 -27.95 -5.15 14.81
CA GLU A 281 -27.95 -6.32 15.67
C GLU A 281 -26.51 -6.72 15.99
N ILE A 282 -26.32 -7.27 17.19
CA ILE A 282 -25.01 -7.66 17.67
C ILE A 282 -25.10 -9.05 18.28
N ASP A 283 -24.12 -9.90 17.96
CA ASP A 283 -24.08 -11.24 18.49
C ASP A 283 -23.52 -11.25 19.92
N LYS A 284 -23.62 -12.40 20.57
CA LYS A 284 -23.08 -12.55 21.91
C LYS A 284 -21.56 -12.60 21.87
N GLY A 285 -20.93 -12.03 22.88
CA GLY A 285 -19.49 -12.07 22.99
C GLY A 285 -18.96 -10.79 23.61
N ILE A 286 -17.65 -10.60 23.48
CA ILE A 286 -16.96 -9.43 23.99
C ILE A 286 -16.30 -8.71 22.81
N TYR A 287 -16.35 -7.38 22.84
CA TYR A 287 -15.88 -6.57 21.72
C TYR A 287 -14.98 -5.45 22.23
N GLN A 288 -14.02 -5.06 21.40
CA GLN A 288 -13.09 -3.99 21.72
C GLN A 288 -13.60 -2.69 21.09
N THR A 289 -13.90 -1.71 21.94
CA THR A 289 -14.34 -0.40 21.48
C THR A 289 -13.17 0.58 21.53
N SER A 290 -13.46 1.86 21.27
CA SER A 290 -12.41 2.87 21.26
C SER A 290 -11.93 3.15 22.69
N ASN A 291 -10.75 3.76 22.76
CA ASN A 291 -10.15 4.07 24.06
C ASN A 291 -10.98 5.12 24.80
N PHE A 292 -10.73 5.21 26.10
CA PHE A 292 -11.48 6.14 26.94
C PHE A 292 -11.19 7.58 26.52
N ARG A 293 -12.25 8.33 26.25
CA ARG A 293 -12.15 9.68 25.72
C ARG A 293 -12.55 10.70 26.78
N VAL A 294 -11.93 11.88 26.71
CA VAL A 294 -12.23 13.00 27.60
C VAL A 294 -12.31 14.27 26.76
N VAL A 295 -13.25 15.15 27.10
CA VAL A 295 -13.46 16.38 26.35
C VAL A 295 -12.91 17.55 27.17
N PRO A 296 -12.31 18.57 26.53
CA PRO A 296 -11.76 19.67 27.30
C PRO A 296 -12.84 20.49 27.99
N SER A 297 -12.46 21.08 29.13
CA SER A 297 -13.37 21.92 29.92
C SER A 297 -12.73 23.26 30.28
N GLY A 298 -11.97 23.86 29.37
CA GLY A 298 -11.37 25.15 29.65
C GLY A 298 -10.59 25.67 28.46
N ASP A 299 -10.08 26.89 28.61
CA ASP A 299 -9.29 27.55 27.59
C ASP A 299 -8.14 28.29 28.24
N VAL A 300 -6.96 28.20 27.63
CA VAL A 300 -5.75 28.86 28.12
C VAL A 300 -5.09 29.58 26.95
N VAL A 301 -4.88 30.89 27.10
CA VAL A 301 -4.18 31.70 26.11
C VAL A 301 -3.02 32.37 26.81
N ARG A 302 -1.82 32.22 26.25
CA ARG A 302 -0.60 32.76 26.84
C ARG A 302 0.22 33.46 25.78
N PHE A 303 0.27 34.79 25.83
CA PHE A 303 1.10 35.62 24.97
C PHE A 303 2.04 36.43 25.84
N PRO A 304 3.16 36.89 25.27
CA PRO A 304 4.08 37.73 26.06
C PRO A 304 3.49 39.11 26.33
N ASN A 305 4.13 39.84 27.23
CA ASN A 305 3.72 41.20 27.55
C ASN A 305 4.22 42.15 26.48
N ILE A 306 3.31 42.67 25.66
CA ILE A 306 3.61 43.74 24.72
C ILE A 306 2.53 44.81 24.89
N THR A 307 2.93 46.07 24.66
CA THR A 307 2.02 47.20 24.84
C THR A 307 2.06 48.22 23.70
N ASN A 308 3.04 48.15 22.80
CA ASN A 308 3.22 49.16 21.77
C ASN A 308 2.74 48.62 20.43
N LEU A 309 2.02 49.47 19.69
CA LEU A 309 1.64 49.14 18.32
C LEU A 309 2.86 49.14 17.42
N CYS A 310 2.82 48.29 16.39
CA CYS A 310 3.92 48.21 15.46
C CYS A 310 4.00 49.50 14.63
N PRO A 311 5.21 49.87 14.18
CA PRO A 311 5.38 51.16 13.48
C PRO A 311 4.92 51.11 12.02
N PHE A 312 3.61 51.00 11.83
CA PHE A 312 3.06 50.99 10.48
C PHE A 312 3.32 52.31 9.76
N GLY A 313 3.20 53.43 10.47
CA GLY A 313 3.36 54.72 9.83
C GLY A 313 4.77 54.98 9.36
N GLU A 314 5.77 54.61 10.16
CA GLU A 314 7.15 54.90 9.82
C GLU A 314 7.66 54.05 8.66
N VAL A 315 7.00 52.93 8.40
CA VAL A 315 7.44 52.05 7.31
C VAL A 315 6.69 52.37 6.02
N PHE A 316 5.36 52.33 6.08
CA PHE A 316 4.56 52.54 4.88
C PHE A 316 4.50 54.01 4.47
N ASN A 317 4.63 54.94 5.42
CA ASN A 317 4.44 56.36 5.16
C ASN A 317 5.73 57.16 5.28
N ALA A 318 6.89 56.50 5.20
CA ALA A 318 8.16 57.22 5.30
C ALA A 318 8.32 58.17 4.12
N THR A 319 9.00 59.30 4.38
CA THR A 319 9.13 60.32 3.35
C THR A 319 9.92 59.79 2.15
N LYS A 320 10.97 59.00 2.39
CA LYS A 320 11.87 58.54 1.35
C LYS A 320 12.03 57.02 1.39
N PHE A 321 11.95 56.38 0.22
CA PHE A 321 12.37 55.01 0.00
C PHE A 321 13.56 54.95 -0.96
N PRO A 322 14.38 53.90 -0.88
CA PRO A 322 15.59 53.81 -1.71
C PRO A 322 15.30 53.20 -3.07
N SER A 323 16.36 53.15 -3.88
CA SER A 323 16.30 52.49 -5.16
C SER A 323 16.29 50.97 -4.98
N VAL A 324 15.83 50.27 -6.02
CA VAL A 324 15.70 48.82 -5.94
C VAL A 324 17.06 48.16 -5.83
N TYR A 325 18.06 48.68 -6.54
CA TYR A 325 19.37 48.04 -6.52
C TYR A 325 20.03 48.20 -5.15
N ALA A 326 19.91 49.38 -4.54
CA ALA A 326 20.37 49.61 -3.17
C ALA A 326 19.24 49.48 -2.16
N TRP A 327 18.56 48.33 -2.14
CA TRP A 327 17.43 48.16 -1.24
C TRP A 327 17.91 48.07 0.21
N GLU A 328 17.05 48.50 1.12
CA GLU A 328 17.38 48.59 2.54
C GLU A 328 16.53 47.62 3.34
N ARG A 329 17.01 47.27 4.53
CA ARG A 329 16.35 46.32 5.41
C ARG A 329 16.26 46.91 6.81
N LYS A 330 15.18 46.55 7.53
CA LYS A 330 14.90 47.09 8.85
C LYS A 330 14.35 46.00 9.74
N LYS A 331 14.66 46.07 11.03
CA LYS A 331 14.17 45.10 12.01
C LYS A 331 12.94 45.65 12.72
N ILE A 332 12.05 44.75 13.10
CA ILE A 332 10.79 45.08 13.76
C ILE A 332 10.89 44.66 15.22
N SER A 333 10.81 45.62 16.13
CA SER A 333 10.91 45.36 17.55
C SER A 333 9.58 44.89 18.11
N ASN A 334 9.61 44.42 19.36
CA ASN A 334 8.42 43.91 20.03
C ASN A 334 7.26 44.90 19.91
N CYS A 335 6.18 44.45 19.28
CA CYS A 335 5.00 45.30 19.08
C CYS A 335 3.81 44.41 18.77
N VAL A 336 2.65 45.04 18.64
CA VAL A 336 1.39 44.36 18.32
C VAL A 336 1.06 44.65 16.86
N ALA A 337 0.80 43.58 16.10
CA ALA A 337 0.50 43.69 14.67
C ALA A 337 -1.00 43.62 14.49
N ASP A 338 -1.66 44.76 14.54
CA ASP A 338 -3.10 44.86 14.36
C ASP A 338 -3.49 45.10 12.90
N TYR A 339 -2.89 46.10 12.26
CA TYR A 339 -3.02 46.42 10.84
C TYR A 339 -4.48 46.67 10.43
N SER A 340 -5.41 46.65 11.38
CA SER A 340 -6.77 47.08 11.08
C SER A 340 -6.88 48.60 11.08
N VAL A 341 -5.92 49.30 11.70
CA VAL A 341 -5.88 50.75 11.63
C VAL A 341 -5.59 51.21 10.21
N LEU A 342 -4.96 50.34 9.41
CA LEU A 342 -4.70 50.69 8.01
C LEU A 342 -5.99 50.79 7.20
N TYR A 343 -7.06 50.16 7.68
CA TYR A 343 -8.31 50.16 6.93
C TYR A 343 -8.81 51.57 6.69
N ASN A 344 -8.45 52.51 7.57
CA ASN A 344 -8.90 53.89 7.42
C ASN A 344 -8.12 54.63 6.32
N SER A 345 -6.81 54.41 6.25
CA SER A 345 -5.95 55.25 5.42
C SER A 345 -5.32 54.51 4.25
N THR A 346 -4.63 53.40 4.48
CA THR A 346 -3.74 52.80 3.50
C THR A 346 -4.43 51.64 2.79
N PHE A 347 -4.31 51.61 1.46
CA PHE A 347 -4.85 50.53 0.64
C PHE A 347 -3.76 50.03 -0.30
N PHE A 348 -3.77 48.72 -0.55
CA PHE A 348 -2.73 48.06 -1.33
C PHE A 348 -3.34 47.43 -2.58
N SER A 349 -2.65 47.58 -3.71
CA SER A 349 -3.09 46.94 -4.94
C SER A 349 -2.61 45.49 -5.04
N THR A 350 -1.60 45.12 -4.24
CA THR A 350 -1.06 43.77 -4.26
C THR A 350 -0.85 43.30 -2.82
N PHE A 351 -1.18 42.04 -2.56
CA PHE A 351 -0.97 41.43 -1.25
C PHE A 351 -1.00 39.93 -1.41
N LYS A 352 0.08 39.26 -1.02
CA LYS A 352 0.24 37.83 -1.26
C LYS A 352 1.13 37.24 -0.18
N CYS A 353 0.56 36.32 0.61
CA CYS A 353 1.30 35.61 1.63
C CYS A 353 1.55 34.18 1.17
N TYR A 354 2.66 33.60 1.63
CA TYR A 354 3.21 32.40 1.01
C TYR A 354 3.21 31.21 1.96
N GLY A 355 3.78 31.34 3.15
CA GLY A 355 3.89 30.22 4.06
C GLY A 355 2.86 30.24 5.18
N VAL A 356 1.79 31.01 4.98
CA VAL A 356 0.75 31.15 6.01
C VAL A 356 -0.52 31.63 5.31
N SER A 357 -1.65 31.32 5.92
CA SER A 357 -2.95 31.76 5.41
C SER A 357 -3.26 33.17 5.91
N ALA A 358 -4.00 33.92 5.09
CA ALA A 358 -4.27 35.31 5.41
C ALA A 358 -5.27 35.48 6.54
N THR A 359 -6.09 34.46 6.82
CA THR A 359 -7.07 34.53 7.88
C THR A 359 -6.53 34.08 9.23
N LYS A 360 -5.24 33.73 9.29
CA LYS A 360 -4.61 33.27 10.52
C LYS A 360 -3.63 34.27 11.11
N LEU A 361 -3.44 35.43 10.45
CA LEU A 361 -2.41 36.36 10.89
C LEU A 361 -2.71 36.96 12.26
N ASN A 362 -4.00 37.06 12.63
CA ASN A 362 -4.39 37.70 13.87
C ASN A 362 -4.25 36.79 15.09
N ASP A 363 -3.91 35.52 14.89
CA ASP A 363 -3.84 34.57 16.00
C ASP A 363 -2.43 34.01 16.22
N LEU A 364 -1.42 34.52 15.54
CA LEU A 364 -0.07 33.97 15.59
C LEU A 364 0.91 34.94 16.22
N CYS A 365 2.08 34.43 16.54
CA CYS A 365 3.22 35.21 16.99
C CYS A 365 4.39 34.96 16.06
N PHE A 366 5.13 36.00 15.72
CA PHE A 366 6.16 35.95 14.69
C PHE A 366 7.53 36.26 15.27
N SER A 367 8.54 35.57 14.77
CA SER A 367 9.92 35.70 15.23
C SER A 367 10.83 36.07 14.08
N ASN A 368 11.82 36.91 14.36
CA ASN A 368 12.81 37.34 13.39
C ASN A 368 12.14 38.01 12.19
N VAL A 369 11.49 39.13 12.49
CA VAL A 369 10.73 39.89 11.50
C VAL A 369 11.64 40.96 10.89
N TYR A 370 11.65 41.03 9.56
CA TYR A 370 12.41 42.04 8.84
C TYR A 370 11.56 42.60 7.71
N ALA A 371 11.85 43.85 7.35
CA ALA A 371 11.12 44.56 6.30
C ALA A 371 12.10 45.13 5.28
N ASP A 372 11.78 44.98 4.01
CA ASP A 372 12.58 45.50 2.91
C ASP A 372 11.76 46.51 2.12
N SER A 373 12.39 47.60 1.71
CA SER A 373 11.71 48.69 1.00
C SER A 373 12.48 49.08 -0.24
N PHE A 374 11.76 49.41 -1.31
CA PHE A 374 12.35 49.89 -2.55
C PHE A 374 11.21 50.29 -3.49
N VAL A 375 11.59 50.80 -4.67
CA VAL A 375 10.63 51.31 -5.65
C VAL A 375 10.93 50.70 -7.00
N VAL A 376 9.88 50.29 -7.71
CA VAL A 376 9.97 49.79 -9.08
C VAL A 376 8.81 50.37 -9.87
N LYS A 377 8.84 50.16 -11.19
CA LYS A 377 7.74 50.57 -12.05
C LYS A 377 6.66 49.50 -12.05
N GLY A 378 5.48 49.88 -12.55
CA GLY A 378 4.32 49.01 -12.42
C GLY A 378 4.53 47.65 -13.08
N ASP A 379 5.14 47.64 -14.26
CA ASP A 379 5.33 46.38 -14.97
C ASP A 379 6.31 45.44 -14.28
N ASP A 380 7.09 45.92 -13.32
CA ASP A 380 8.09 45.10 -12.65
C ASP A 380 7.60 44.46 -11.36
N VAL A 381 6.40 44.81 -10.90
CA VAL A 381 5.91 44.27 -9.63
C VAL A 381 5.73 42.76 -9.72
N ARG A 382 5.31 42.25 -10.89
CA ARG A 382 5.07 40.82 -11.03
C ARG A 382 6.34 40.00 -10.79
N GLN A 383 7.52 40.62 -10.90
CA GLN A 383 8.78 39.91 -10.69
C GLN A 383 9.13 39.73 -9.22
N ILE A 384 8.41 40.37 -8.31
CA ILE A 384 8.69 40.23 -6.87
C ILE A 384 7.88 39.03 -6.40
N ALA A 385 8.47 37.85 -6.60
CA ALA A 385 7.85 36.59 -6.24
C ALA A 385 8.85 35.45 -6.45
N PRO A 386 8.78 34.37 -5.67
CA PRO A 386 9.75 33.28 -5.86
C PRO A 386 9.60 32.62 -7.23
N GLY A 387 10.74 32.27 -7.82
CA GLY A 387 10.74 31.55 -9.07
C GLY A 387 10.61 32.38 -10.32
N GLN A 388 10.77 33.70 -10.22
CA GLN A 388 10.60 34.60 -11.36
C GLN A 388 11.94 34.88 -12.03
N THR A 389 11.86 35.35 -13.27
CA THR A 389 13.00 35.80 -14.05
C THR A 389 12.74 37.21 -14.54
N GLY A 390 13.81 37.86 -14.99
CA GLY A 390 13.77 39.23 -15.45
C GLY A 390 14.90 40.05 -14.87
N VAL A 391 14.94 41.32 -15.28
CA VAL A 391 16.03 42.19 -14.86
C VAL A 391 16.00 42.42 -13.36
N ILE A 392 14.80 42.60 -12.80
CA ILE A 392 14.68 42.84 -11.36
C ILE A 392 15.09 41.59 -10.58
N ALA A 393 14.57 40.44 -10.98
CA ALA A 393 14.86 39.20 -10.26
C ALA A 393 16.31 38.77 -10.47
N ASP A 394 16.89 39.07 -11.64
CA ASP A 394 18.21 38.56 -11.96
C ASP A 394 19.31 39.35 -11.25
N TYR A 395 19.24 40.69 -11.30
CA TYR A 395 20.36 41.53 -10.93
C TYR A 395 20.09 42.46 -9.75
N ASN A 396 18.84 42.59 -9.31
CA ASN A 396 18.49 43.59 -8.31
C ASN A 396 18.01 42.99 -7.00
N TYR A 397 17.02 42.11 -7.02
CA TYR A 397 16.42 41.61 -5.79
C TYR A 397 15.76 40.27 -6.06
N LYS A 398 16.16 39.24 -5.32
CA LYS A 398 15.69 37.88 -5.54
C LYS A 398 15.15 37.29 -4.24
N LEU A 399 13.98 36.61 -4.33
CA LEU A 399 13.41 35.89 -3.20
C LEU A 399 13.86 34.43 -3.22
N PRO A 400 13.96 33.79 -2.05
CA PRO A 400 14.29 32.35 -2.03
C PRO A 400 13.10 31.50 -2.46
N ASP A 401 13.42 30.27 -2.88
CA ASP A 401 12.37 29.36 -3.31
C ASP A 401 11.43 29.02 -2.16
N ASP A 402 11.98 28.75 -0.99
CA ASP A 402 11.19 28.45 0.21
C ASP A 402 11.00 29.71 1.05
N PHE A 403 10.31 30.68 0.47
CA PHE A 403 10.09 31.98 1.10
C PHE A 403 8.91 31.91 2.06
N MET A 404 9.02 32.64 3.17
CA MET A 404 7.96 32.72 4.18
C MET A 404 7.73 34.20 4.50
N GLY A 405 6.55 34.68 4.19
CA GLY A 405 6.22 36.07 4.42
C GLY A 405 5.14 36.54 3.46
N CYS A 406 5.00 37.86 3.37
CA CYS A 406 4.00 38.49 2.53
C CYS A 406 4.62 39.63 1.75
N VAL A 407 4.05 39.92 0.58
CA VAL A 407 4.55 40.96 -0.32
C VAL A 407 3.44 42.01 -0.48
N LEU A 408 3.81 43.28 -0.31
CA LEU A 408 2.87 44.39 -0.39
C LEU A 408 3.38 45.43 -1.37
N ALA A 409 2.44 46.05 -2.10
CA ALA A 409 2.78 47.10 -3.05
C ALA A 409 1.56 48.00 -3.25
N TRP A 410 1.81 49.28 -3.50
CA TRP A 410 0.75 50.24 -3.76
C TRP A 410 1.27 51.36 -4.67
N ASN A 411 0.38 51.88 -5.51
CA ASN A 411 0.74 52.93 -6.46
C ASN A 411 0.98 54.25 -5.73
N THR A 412 2.06 54.94 -6.10
CA THR A 412 2.47 56.20 -5.46
C THR A 412 2.86 57.23 -6.52
N ARG A 413 2.02 57.40 -7.54
CA ARG A 413 2.35 58.33 -8.62
C ARG A 413 2.20 59.78 -8.19
N ASN A 414 1.41 60.06 -7.14
CA ASN A 414 1.14 61.45 -6.78
C ASN A 414 2.31 62.08 -6.05
N ILE A 415 3.22 61.28 -5.49
CA ILE A 415 4.33 61.81 -4.71
C ILE A 415 5.67 61.56 -5.40
N ASP A 416 5.81 60.40 -6.05
CA ASP A 416 7.09 60.00 -6.63
C ASP A 416 7.25 60.44 -8.08
N ALA A 417 6.27 61.13 -8.65
CA ALA A 417 6.31 61.56 -10.05
C ALA A 417 6.12 63.07 -10.13
N THR A 418 6.82 63.69 -11.08
CA THR A 418 6.73 65.12 -11.30
C THR A 418 6.44 65.38 -12.78
N SER A 419 5.80 66.52 -13.06
CA SER A 419 5.46 66.85 -14.43
C SER A 419 6.70 67.08 -15.28
N THR A 420 7.79 67.54 -14.68
CA THR A 420 9.03 67.70 -15.41
C THR A 420 9.73 66.36 -15.64
N GLY A 421 9.56 65.44 -14.72
CA GLY A 421 10.20 64.14 -14.78
C GLY A 421 11.16 63.94 -13.63
N ASN A 422 11.07 62.79 -12.98
CA ASN A 422 11.91 62.44 -11.83
C ASN A 422 12.85 61.31 -12.23
N TYR A 423 14.14 61.47 -11.91
CA TYR A 423 15.16 60.53 -12.35
C TYR A 423 16.07 60.11 -11.20
N ASN A 424 15.54 60.01 -9.98
CA ASN A 424 16.37 59.64 -8.84
C ASN A 424 16.38 58.14 -8.58
N TYR A 425 15.55 57.37 -9.29
CA TYR A 425 15.45 55.94 -9.08
C TYR A 425 16.18 55.18 -10.17
N LYS A 426 16.94 54.16 -9.79
CA LYS A 426 17.82 53.45 -10.69
C LYS A 426 17.66 51.95 -10.53
N TYR A 427 18.06 51.22 -11.57
CA TYR A 427 18.13 49.76 -11.52
C TYR A 427 19.30 49.30 -12.37
N ARG A 428 19.82 48.12 -12.03
CA ARG A 428 20.96 47.54 -12.73
C ARG A 428 20.47 46.58 -13.81
N TYR A 429 21.11 46.65 -14.98
CA TYR A 429 20.74 45.81 -16.12
C TYR A 429 21.92 45.10 -16.76
N LEU A 430 23.13 45.29 -16.25
CA LEU A 430 24.32 44.59 -16.75
C LEU A 430 25.05 43.97 -15.57
N ARG A 431 25.39 42.69 -15.68
CA ARG A 431 26.08 41.99 -14.61
C ARG A 431 26.64 40.67 -15.15
N HIS A 432 27.69 40.19 -14.49
CA HIS A 432 28.27 38.89 -14.77
C HIS A 432 27.70 37.90 -13.76
N GLY A 433 26.68 37.14 -14.18
CA GLY A 433 26.04 36.19 -13.30
C GLY A 433 24.82 36.77 -12.60
N LYS A 434 24.09 35.88 -11.94
CA LYS A 434 22.85 36.22 -11.25
C LYS A 434 23.08 36.29 -9.75
N LEU A 435 22.18 36.99 -9.08
CA LEU A 435 22.28 37.22 -7.64
C LEU A 435 21.77 36.01 -6.86
N ARG A 436 22.23 35.89 -5.62
CA ARG A 436 21.69 34.93 -4.68
C ARG A 436 20.60 35.58 -3.84
N PRO A 437 19.70 34.80 -3.25
CA PRO A 437 18.57 35.39 -2.53
C PRO A 437 19.02 36.31 -1.40
N PHE A 438 18.32 37.44 -1.26
CA PHE A 438 18.57 38.38 -0.18
C PHE A 438 20.02 38.87 -0.17
N GLU A 439 20.56 39.12 -1.36
CA GLU A 439 21.85 39.76 -1.53
C GLU A 439 21.68 41.01 -2.38
N ARG A 440 22.60 41.96 -2.21
CA ARG A 440 22.56 43.22 -2.95
C ARG A 440 23.95 43.53 -3.49
N ASP A 441 23.97 44.27 -4.59
CA ASP A 441 25.21 44.79 -5.19
C ASP A 441 25.03 46.28 -5.40
N ILE A 442 25.91 47.08 -4.79
CA ILE A 442 25.84 48.53 -4.89
C ILE A 442 27.11 49.09 -5.55
N SER A 443 27.83 48.27 -6.29
CA SER A 443 28.99 48.74 -7.04
C SER A 443 28.54 49.55 -8.26
N ASN A 444 29.46 50.37 -8.77
CA ASN A 444 29.24 51.17 -9.97
C ASN A 444 30.45 51.09 -10.88
N VAL A 445 31.02 49.90 -11.02
CA VAL A 445 32.20 49.67 -11.86
C VAL A 445 31.74 49.56 -13.31
N PRO A 446 32.41 50.19 -14.26
CA PRO A 446 31.99 50.07 -15.67
C PRO A 446 32.04 48.63 -16.14
N PHE A 447 31.11 48.29 -17.03
CA PHE A 447 30.89 46.92 -17.49
C PHE A 447 31.37 46.75 -18.92
N SER A 448 32.09 45.65 -19.16
CA SER A 448 32.46 45.23 -20.50
C SER A 448 32.21 43.72 -20.60
N PRO A 449 31.56 43.26 -21.66
CA PRO A 449 31.25 41.82 -21.74
C PRO A 449 32.52 40.98 -21.71
N ASP A 450 32.44 39.86 -20.99
CA ASP A 450 33.55 38.91 -20.88
C ASP A 450 34.75 39.56 -20.18
N GLY A 451 34.49 40.10 -18.99
CA GLY A 451 35.56 40.67 -18.19
C GLY A 451 36.26 41.80 -18.91
N LYS A 452 37.60 41.71 -18.98
CA LYS A 452 38.43 42.70 -19.65
C LYS A 452 38.03 44.12 -19.24
N PRO A 453 38.38 44.54 -18.01
CA PRO A 453 37.98 45.88 -17.55
C PRO A 453 38.27 46.96 -18.58
N CYS A 454 37.53 48.05 -18.47
CA CYS A 454 37.55 49.13 -19.46
C CYS A 454 37.41 50.48 -18.77
N THR A 455 37.76 51.53 -19.51
CA THR A 455 37.54 52.91 -19.09
C THR A 455 36.25 53.43 -19.71
N PRO A 456 35.51 54.30 -19.03
CA PRO A 456 34.12 54.58 -19.43
C PRO A 456 34.01 54.97 -20.89
N PRO A 457 34.86 55.88 -21.39
CA PRO A 457 34.75 56.26 -22.82
C PRO A 457 35.55 55.33 -23.75
N ALA A 458 34.99 54.16 -24.01
CA ALA A 458 35.68 53.17 -24.83
C ALA A 458 34.65 52.24 -25.47
N LEU A 459 35.10 51.52 -26.50
CA LEU A 459 34.24 50.55 -27.17
C LEU A 459 33.89 49.42 -26.23
N ASN A 460 32.62 48.98 -26.28
CA ASN A 460 32.13 47.88 -25.46
C ASN A 460 32.31 48.17 -23.97
N CYS A 461 32.15 49.43 -23.58
CA CYS A 461 32.26 49.84 -22.18
C CYS A 461 31.00 50.62 -21.83
N TYR A 462 30.29 50.16 -20.79
CA TYR A 462 29.00 50.74 -20.44
C TYR A 462 28.91 50.93 -18.93
N TRP A 463 28.06 51.86 -18.52
CA TRP A 463 27.70 52.00 -17.11
C TRP A 463 26.56 51.03 -16.79
N PRO A 464 26.64 50.28 -15.69
CA PRO A 464 25.68 49.19 -15.46
C PRO A 464 24.31 49.63 -14.95
N LEU A 465 24.08 50.92 -14.71
CA LEU A 465 22.84 51.39 -14.11
C LEU A 465 22.06 52.26 -15.08
N ASN A 466 20.74 52.22 -14.96
CA ASN A 466 19.83 53.03 -15.75
C ASN A 466 18.86 53.75 -14.82
N ASP A 467 18.31 54.86 -15.32
CA ASP A 467 17.32 55.64 -14.59
C ASP A 467 15.92 55.28 -15.06
N TYR A 468 14.94 55.43 -14.16
CA TYR A 468 13.56 55.10 -14.50
C TYR A 468 12.88 56.23 -15.28
N GLY A 469 12.85 57.43 -14.72
CA GLY A 469 12.25 58.55 -15.41
C GLY A 469 10.73 58.55 -15.32
N PHE A 470 10.20 58.66 -14.11
CA PHE A 470 8.75 58.65 -13.88
C PHE A 470 8.16 60.00 -14.25
N TYR A 471 7.02 59.97 -14.93
CA TYR A 471 6.33 61.17 -15.37
C TYR A 471 4.89 61.16 -14.85
N THR A 472 4.27 62.34 -14.88
CA THR A 472 2.90 62.47 -14.40
C THR A 472 1.90 61.89 -15.40
N THR A 473 2.15 62.05 -16.70
CA THR A 473 1.20 61.70 -17.74
C THR A 473 1.49 60.37 -18.41
N THR A 474 2.45 59.60 -17.91
CA THR A 474 2.78 58.32 -18.51
C THR A 474 1.73 57.27 -18.16
N GLY A 475 1.76 56.17 -18.92
CA GLY A 475 0.86 55.07 -18.65
C GLY A 475 1.16 54.39 -17.32
N ILE A 476 0.15 53.72 -16.79
CA ILE A 476 0.29 53.07 -15.49
C ILE A 476 1.37 52.00 -15.50
N GLY A 477 1.66 51.42 -16.67
CA GLY A 477 2.70 50.41 -16.74
C GLY A 477 4.07 50.97 -16.40
N TYR A 478 4.26 52.28 -16.58
CA TYR A 478 5.52 52.94 -16.30
C TYR A 478 5.45 53.83 -15.06
N GLN A 479 4.35 53.78 -14.31
CA GLN A 479 4.21 54.60 -13.13
C GLN A 479 4.93 53.96 -11.93
N PRO A 480 5.37 54.77 -10.97
CA PRO A 480 6.12 54.21 -9.84
C PRO A 480 5.23 53.43 -8.87
N TYR A 481 5.85 52.48 -8.18
CA TYR A 481 5.20 51.69 -7.14
C TYR A 481 6.17 51.49 -5.99
N ARG A 482 5.62 51.55 -4.77
CA ARG A 482 6.38 51.30 -3.55
C ARG A 482 6.09 49.88 -3.07
N VAL A 483 7.14 49.16 -2.67
CA VAL A 483 7.01 47.74 -2.34
C VAL A 483 7.63 47.51 -0.96
N VAL A 484 6.94 46.71 -0.14
CA VAL A 484 7.42 46.30 1.17
C VAL A 484 7.35 44.78 1.24
N VAL A 485 8.44 44.14 1.68
CA VAL A 485 8.52 42.70 1.79
C VAL A 485 8.79 42.35 3.26
N LEU A 486 7.95 41.48 3.82
CA LEU A 486 8.08 41.03 5.20
C LEU A 486 8.45 39.57 5.23
N SER A 487 9.39 39.20 6.10
CA SER A 487 9.83 37.82 6.26
C SER A 487 9.88 37.46 7.73
N PHE A 488 9.72 36.19 8.04
CA PHE A 488 9.70 35.72 9.42
C PHE A 488 9.62 34.20 9.45
N GLU A 489 9.80 33.63 10.64
CA GLU A 489 9.57 32.23 10.92
C GLU A 489 8.40 32.08 11.89
N LEU A 490 7.88 30.86 11.99
CA LEU A 490 6.68 30.59 12.78
C LEU A 490 6.85 29.34 13.63
N LEU A 491 6.49 29.46 14.91
CA LEU A 491 6.32 28.30 15.79
C LEU A 491 7.57 27.44 15.89
N ASN A 492 8.74 28.09 15.98
CA ASN A 492 9.99 27.37 16.18
C ASN A 492 10.94 28.00 17.19
N ALA A 493 10.76 29.27 17.56
CA ALA A 493 11.71 29.95 18.42
C ALA A 493 11.02 31.06 19.18
N PRO A 494 11.70 31.72 20.14
CA PRO A 494 11.05 32.81 20.86
C PRO A 494 10.58 33.91 19.92
N ALA A 495 9.44 34.51 20.24
CA ALA A 495 8.81 35.52 19.41
C ALA A 495 8.53 36.76 20.25
N THR A 496 8.63 37.93 19.62
CA THR A 496 8.34 39.19 20.28
C THR A 496 7.28 40.02 19.57
N VAL A 497 6.81 39.57 18.41
CA VAL A 497 5.76 40.25 17.66
C VAL A 497 4.55 39.33 17.60
N CYS A 498 3.39 39.85 17.98
CA CYS A 498 2.20 39.03 18.11
C CYS A 498 0.97 39.84 17.67
N GLY A 499 -0.08 39.12 17.30
CA GLY A 499 -1.33 39.75 16.95
C GLY A 499 -2.12 40.13 18.17
N PRO A 500 -3.22 40.87 17.95
CA PRO A 500 -4.05 41.32 19.06
C PRO A 500 -4.87 40.18 19.63
N LYS A 501 -4.60 39.83 20.89
CA LYS A 501 -5.33 38.78 21.57
C LYS A 501 -5.18 38.97 23.07
N LEU A 502 -6.12 38.39 23.82
CA LEU A 502 -6.17 38.52 25.27
C LEU A 502 -5.74 37.22 25.92
N SER A 503 -4.87 37.33 26.93
CA SER A 503 -4.37 36.16 27.64
C SER A 503 -5.31 35.77 28.78
N THR A 504 -5.03 34.62 29.38
CA THR A 504 -5.80 34.10 30.50
C THR A 504 -4.85 33.47 31.51
N ASP A 505 -5.42 33.08 32.66
CA ASP A 505 -4.64 32.41 33.69
C ASP A 505 -4.37 30.96 33.29
N LEU A 506 -3.29 30.41 33.84
CA LEU A 506 -2.96 29.01 33.59
C LEU A 506 -3.91 28.10 34.37
N ILE A 507 -4.31 27.02 33.75
CA ILE A 507 -5.07 25.94 34.39
C ILE A 507 -4.25 24.67 34.28
N LYS A 508 -3.92 24.09 35.43
CA LYS A 508 -3.05 22.93 35.51
C LYS A 508 -3.81 21.72 36.03
N ASN A 509 -3.38 20.53 35.62
CA ASN A 509 -4.01 19.28 36.04
C ASN A 509 -5.46 19.20 35.55
N GLN A 510 -5.67 19.48 34.26
CA GLN A 510 -7.01 19.47 33.70
C GLN A 510 -6.90 19.57 32.19
N CYS A 511 -7.81 18.87 31.50
CA CYS A 511 -7.82 18.88 30.05
C CYS A 511 -8.43 20.19 29.54
N VAL A 512 -7.67 20.92 28.72
CA VAL A 512 -8.08 22.23 28.25
C VAL A 512 -7.61 22.43 26.82
N ASN A 513 -8.17 23.46 26.18
CA ASN A 513 -7.63 23.98 24.93
C ASN A 513 -6.62 25.07 25.27
N PHE A 514 -5.44 25.01 24.64
CA PHE A 514 -4.36 25.93 24.95
C PHE A 514 -3.87 26.58 23.68
N ASN A 515 -3.27 27.76 23.84
CA ASN A 515 -2.67 28.49 22.72
C ASN A 515 -1.42 29.18 23.26
N PHE A 516 -0.26 28.63 22.96
CA PHE A 516 1.03 29.14 23.44
C PHE A 516 1.76 29.79 22.28
N ASN A 517 1.73 31.12 22.22
CA ASN A 517 2.44 31.89 21.20
C ASN A 517 2.03 31.46 19.79
N GLY A 518 0.76 31.10 19.63
CA GLY A 518 0.22 30.74 18.34
C GLY A 518 0.06 29.26 18.10
N LEU A 519 0.63 28.41 18.96
CA LEU A 519 0.51 26.96 18.83
C LEU A 519 -0.67 26.50 19.68
N THR A 520 -1.63 25.82 19.05
CA THR A 520 -2.87 25.42 19.69
C THR A 520 -2.97 23.91 19.76
N GLY A 521 -3.80 23.44 20.69
CA GLY A 521 -4.01 22.01 20.86
C GLY A 521 -4.87 21.74 22.07
N THR A 522 -4.95 20.46 22.43
CA THR A 522 -5.71 20.00 23.57
C THR A 522 -4.85 19.03 24.38
N GLY A 523 -4.86 19.19 25.69
CA GLY A 523 -4.06 18.33 26.54
C GLY A 523 -4.13 18.76 27.99
N VAL A 524 -3.21 18.23 28.78
CA VAL A 524 -3.11 18.50 30.21
C VAL A 524 -1.75 19.11 30.50
N LEU A 525 -1.74 20.14 31.34
CA LEU A 525 -0.53 20.90 31.65
C LEU A 525 -0.09 20.59 33.08
N THR A 526 1.19 20.26 33.22
CA THR A 526 1.80 19.99 34.52
C THR A 526 3.20 20.58 34.54
N PRO A 527 3.72 20.92 35.72
CA PRO A 527 5.09 21.45 35.79
C PRO A 527 6.12 20.41 35.38
N SER A 528 7.23 20.88 34.82
CA SER A 528 8.25 20.01 34.26
C SER A 528 9.58 20.24 34.97
N SER A 529 10.41 19.22 34.96
CA SER A 529 11.77 19.30 35.48
C SER A 529 12.81 19.50 34.39
N LYS A 530 12.40 19.54 33.12
CA LYS A 530 13.34 19.78 32.04
C LYS A 530 13.88 21.21 32.13
N ARG A 531 15.10 21.39 31.61
CA ARG A 531 15.76 22.69 31.61
C ARG A 531 15.98 23.14 30.17
N PHE A 532 15.48 24.34 29.85
CA PHE A 532 15.57 24.91 28.52
C PHE A 532 16.65 25.97 28.49
N GLN A 533 17.42 26.00 27.40
CA GLN A 533 18.39 27.05 27.20
C GLN A 533 17.70 28.30 26.66
N PRO A 534 18.35 29.47 26.80
CA PRO A 534 17.65 30.73 26.47
C PRO A 534 17.10 30.78 25.05
N PHE A 535 17.76 30.14 24.09
CA PHE A 535 17.29 30.18 22.71
C PHE A 535 16.28 29.07 22.39
N GLN A 536 15.89 28.27 23.37
CA GLN A 536 14.91 27.21 23.17
C GLN A 536 13.55 27.64 23.72
N GLN A 537 12.49 27.33 22.97
CA GLN A 537 11.14 27.67 23.35
C GLN A 537 10.19 26.48 23.39
N PHE A 538 10.42 25.45 22.57
CA PHE A 538 9.55 24.29 22.52
C PHE A 538 10.39 23.02 22.64
N GLY A 539 9.77 21.96 23.15
CA GLY A 539 10.38 20.66 23.21
C GLY A 539 9.57 19.64 22.42
N ARG A 540 10.25 18.61 21.92
CA ARG A 540 9.61 17.58 21.11
C ARG A 540 10.19 16.21 21.46
N ASP A 541 9.38 15.18 21.19
CA ASP A 541 9.76 13.81 21.45
C ASP A 541 10.09 13.11 20.12
N VAL A 542 10.36 11.80 20.19
CA VAL A 542 10.74 11.07 18.99
C VAL A 542 9.61 11.07 17.97
N SER A 543 8.35 11.05 18.43
CA SER A 543 7.22 11.12 17.53
C SER A 543 7.03 12.50 16.93
N ASP A 544 7.82 13.49 17.34
CA ASP A 544 7.74 14.90 16.94
C ASP A 544 6.54 15.58 17.56
N PHE A 545 5.87 14.94 18.51
CA PHE A 545 4.83 15.62 19.29
C PHE A 545 5.47 16.71 20.15
N THR A 546 4.76 17.82 20.32
CA THR A 546 5.23 18.94 21.14
C THR A 546 4.82 18.65 22.58
N ASP A 547 5.77 18.21 23.39
CA ASP A 547 5.49 17.77 24.75
C ASP A 547 6.05 18.70 25.81
N SER A 548 6.48 19.90 25.46
CA SER A 548 6.99 20.84 26.43
C SER A 548 6.93 22.25 25.86
N VAL A 549 6.79 23.23 26.75
CA VAL A 549 6.71 24.64 26.35
C VAL A 549 7.10 25.51 27.55
N ARG A 550 7.78 26.61 27.25
CA ARG A 550 8.12 27.60 28.26
C ARG A 550 7.02 28.66 28.28
N ASP A 551 6.46 28.90 29.47
CA ASP A 551 5.43 29.92 29.60
C ASP A 551 6.03 31.29 29.27
N PRO A 552 5.42 32.07 28.37
CA PRO A 552 6.05 33.35 27.99
C PRO A 552 6.11 34.35 29.13
N LYS A 553 5.01 34.47 29.89
CA LYS A 553 4.94 35.50 30.92
C LYS A 553 5.86 35.20 32.10
N THR A 554 5.83 33.96 32.59
CA THR A 554 6.55 33.59 33.80
C THR A 554 7.79 32.74 33.53
N SER A 555 8.00 32.30 32.29
CA SER A 555 9.19 31.52 31.93
C SER A 555 9.28 30.21 32.71
N GLU A 556 8.14 29.59 33.00
CA GLU A 556 8.09 28.30 33.68
C GLU A 556 7.86 27.20 32.66
N ILE A 557 8.66 26.14 32.76
CA ILE A 557 8.58 25.03 31.81
C ILE A 557 7.40 24.13 32.20
N LEU A 558 6.60 23.75 31.20
CA LEU A 558 5.42 22.93 31.41
C LEU A 558 5.45 21.72 30.49
N ASP A 559 4.82 20.64 30.93
CA ASP A 559 4.67 19.43 30.14
C ASP A 559 3.25 19.33 29.59
N ILE A 560 3.13 18.72 28.41
CA ILE A 560 1.86 18.59 27.71
C ILE A 560 1.62 17.11 27.44
N SER A 561 0.46 16.60 27.83
CA SER A 561 0.12 15.20 27.64
C SER A 561 -1.30 15.09 27.08
N PRO A 562 -1.60 14.01 26.36
CA PRO A 562 -2.96 13.84 25.83
C PRO A 562 -3.98 13.57 26.94
N CYS A 563 -5.25 13.65 26.56
CA CYS A 563 -6.33 13.49 27.53
C CYS A 563 -6.97 12.11 27.44
N SER A 564 -6.90 11.47 26.28
CA SER A 564 -7.51 10.15 26.08
C SER A 564 -6.49 9.07 26.36
N PHE A 565 -6.88 8.08 27.16
CA PHE A 565 -5.97 7.03 27.59
C PHE A 565 -6.77 5.91 28.24
N GLY A 566 -6.42 4.67 27.91
CA GLY A 566 -7.06 3.52 28.50
C GLY A 566 -7.92 2.76 27.52
N GLY A 567 -7.88 1.43 27.61
CA GLY A 567 -8.65 0.56 26.75
C GLY A 567 -10.01 0.25 27.34
N VAL A 568 -10.97 -0.04 26.46
CA VAL A 568 -12.33 -0.37 26.85
C VAL A 568 -12.83 -1.54 26.02
N SER A 569 -13.81 -2.27 26.57
CA SER A 569 -14.45 -3.38 25.86
C SER A 569 -15.86 -3.55 26.40
N VAL A 570 -16.73 -4.11 25.57
CA VAL A 570 -18.15 -4.24 25.86
C VAL A 570 -18.53 -5.72 25.84
N ILE A 571 -19.21 -6.17 26.88
CA ILE A 571 -19.71 -7.54 26.98
C ILE A 571 -21.23 -7.49 26.86
N THR A 572 -21.78 -8.25 25.92
CA THR A 572 -23.23 -8.30 25.69
C THR A 572 -23.68 -9.73 25.49
N PRO A 573 -24.88 -10.09 25.93
CA PRO A 573 -25.44 -11.41 25.62
C PRO A 573 -26.17 -11.48 24.29
N GLY A 574 -26.11 -10.43 23.48
CA GLY A 574 -26.85 -10.37 22.23
C GLY A 574 -28.02 -9.42 22.32
N THR A 575 -28.20 -8.58 21.29
CA THR A 575 -29.29 -7.61 21.31
C THR A 575 -30.64 -8.31 21.33
N ASN A 576 -30.77 -9.42 20.60
CA ASN A 576 -32.04 -10.14 20.59
C ASN A 576 -32.41 -10.64 21.97
N ALA A 577 -31.41 -10.87 22.83
CA ALA A 577 -31.69 -11.38 24.17
C ALA A 577 -31.95 -10.24 25.14
N SER A 578 -31.12 -9.20 25.10
CA SER A 578 -31.26 -8.08 26.01
C SER A 578 -30.52 -6.88 25.45
N SER A 579 -30.75 -5.73 26.07
CA SER A 579 -30.06 -4.49 25.72
C SER A 579 -29.05 -4.06 26.76
N GLU A 580 -29.06 -4.65 27.95
CA GLU A 580 -28.09 -4.33 28.98
C GLU A 580 -26.74 -4.94 28.65
N VAL A 581 -25.67 -4.22 29.01
CA VAL A 581 -24.31 -4.66 28.74
C VAL A 581 -23.44 -4.34 29.95
N ALA A 582 -22.29 -5.01 30.02
CA ALA A 582 -21.26 -4.74 31.00
C ALA A 582 -20.02 -4.22 30.31
N VAL A 583 -19.27 -3.37 30.99
CA VAL A 583 -18.13 -2.68 30.42
C VAL A 583 -16.90 -2.97 31.27
N LEU A 584 -15.81 -3.38 30.62
CA LEU A 584 -14.56 -3.69 31.28
C LEU A 584 -13.54 -2.58 31.02
N TYR A 585 -12.95 -2.06 32.08
CA TYR A 585 -11.90 -1.05 31.99
C TYR A 585 -10.57 -1.69 32.37
N GLN A 586 -9.64 -1.74 31.42
CA GLN A 586 -8.38 -2.45 31.63
C GLN A 586 -7.41 -1.68 32.52
N ASP A 587 -7.49 -0.34 32.53
CA ASP A 587 -6.47 0.49 33.15
C ASP A 587 -6.99 1.29 34.33
N VAL A 588 -8.08 0.86 34.96
CA VAL A 588 -8.67 1.53 36.11
C VAL A 588 -8.63 0.58 37.31
N ASN A 589 -8.34 1.13 38.49
CA ASN A 589 -8.36 0.39 39.75
C ASN A 589 -9.47 0.96 40.61
N CYS A 590 -10.65 0.36 40.53
CA CYS A 590 -11.80 0.76 41.35
C CYS A 590 -11.81 -0.04 42.65
N THR A 591 -10.88 0.34 43.54
CA THR A 591 -10.67 -0.34 44.81
C THR A 591 -10.79 -1.85 44.68
N ALA A 605 -11.76 9.63 41.84
CA ALA A 605 -11.25 10.02 40.53
C ALA A 605 -11.16 8.82 39.60
N TRP A 606 -12.30 8.19 39.34
CA TRP A 606 -12.36 7.03 38.45
C TRP A 606 -12.60 7.47 37.02
N ARG A 607 -11.83 6.90 36.09
CA ARG A 607 -11.97 7.22 34.68
C ARG A 607 -12.91 6.22 34.01
N ILE A 608 -14.20 6.39 34.31
CA ILE A 608 -15.25 5.54 33.77
C ILE A 608 -16.37 6.44 33.25
N TYR A 609 -17.10 5.92 32.26
CA TYR A 609 -18.18 6.71 31.65
C TYR A 609 -19.35 6.86 32.61
N SER A 610 -19.71 5.78 33.32
CA SER A 610 -20.82 5.83 34.26
C SER A 610 -20.78 4.56 35.10
N THR A 611 -21.20 4.71 36.36
CA THR A 611 -21.22 3.61 37.34
C THR A 611 -22.68 3.32 37.70
N GLY A 612 -23.31 2.43 36.92
CA GLY A 612 -24.66 2.03 37.24
C GLY A 612 -24.71 1.19 38.51
N ASN A 613 -24.04 0.03 38.48
CA ASN A 613 -23.96 -0.84 39.65
C ASN A 613 -23.00 -2.00 39.38
N ASN A 614 -22.81 -2.85 40.38
CA ASN A 614 -22.03 -4.08 40.23
C ASN A 614 -20.58 -3.76 39.82
N VAL A 615 -20.00 -2.77 40.48
CA VAL A 615 -18.62 -2.37 40.24
C VAL A 615 -17.71 -3.14 41.21
N PHE A 616 -16.75 -3.87 40.66
CA PHE A 616 -15.76 -4.57 41.48
C PHE A 616 -14.52 -4.82 40.63
N GLN A 617 -13.41 -5.12 41.31
CA GLN A 617 -12.11 -5.26 40.65
C GLN A 617 -11.81 -6.73 40.37
N THR A 618 -11.40 -7.00 39.13
CA THR A 618 -10.99 -8.33 38.71
C THR A 618 -9.53 -8.30 38.27
N GLN A 619 -9.02 -9.48 37.93
CA GLN A 619 -7.65 -9.58 37.42
C GLN A 619 -7.54 -8.93 36.04
N ALA A 620 -8.65 -8.80 35.33
CA ALA A 620 -8.62 -8.21 34.00
C ALA A 620 -8.82 -6.70 34.03
N GLY A 621 -9.46 -6.19 35.07
CA GLY A 621 -9.70 -4.76 35.18
C GLY A 621 -10.94 -4.48 35.99
N CYS A 622 -11.38 -3.23 35.93
CA CYS A 622 -12.59 -2.80 36.62
C CYS A 622 -13.81 -3.13 35.78
N LEU A 623 -14.68 -4.00 36.29
CA LEU A 623 -15.87 -4.46 35.58
C LEU A 623 -17.11 -3.83 36.22
N ILE A 624 -17.98 -3.28 35.38
CA ILE A 624 -19.20 -2.61 35.82
C ILE A 624 -20.38 -3.21 35.08
N GLY A 625 -21.35 -3.73 35.83
CA GLY A 625 -22.58 -4.23 35.26
C GLY A 625 -22.76 -5.74 35.31
N ALA A 626 -21.96 -6.46 36.10
CA ALA A 626 -22.05 -7.91 36.19
C ALA A 626 -22.02 -8.34 37.64
N GLU A 627 -22.84 -9.32 37.98
CA GLU A 627 -22.86 -9.90 39.32
C GLU A 627 -21.72 -10.90 39.46
N HIS A 628 -21.11 -10.92 40.65
CA HIS A 628 -20.02 -11.85 40.93
C HIS A 628 -20.56 -13.05 41.70
N VAL A 629 -20.33 -14.25 41.16
CA VAL A 629 -20.73 -15.49 41.80
C VAL A 629 -19.46 -16.27 42.15
N ASP A 630 -19.58 -17.15 43.14
CA ASP A 630 -18.40 -17.88 43.63
C ASP A 630 -18.22 -19.22 42.93
N THR A 631 -19.30 -19.83 42.45
CA THR A 631 -19.18 -21.12 41.77
C THR A 631 -18.51 -20.93 40.41
N SER A 632 -17.82 -21.98 39.96
CA SER A 632 -17.15 -21.96 38.67
C SER A 632 -17.99 -22.68 37.63
N TYR A 633 -17.75 -22.36 36.36
CA TYR A 633 -18.52 -22.91 35.25
C TYR A 633 -17.60 -23.06 34.05
N GLU A 634 -18.18 -23.24 32.87
CA GLU A 634 -17.48 -23.63 31.66
C GLU A 634 -17.02 -22.45 30.80
N CYS A 635 -16.98 -21.23 31.36
CA CYS A 635 -16.43 -20.08 30.66
C CYS A 635 -17.18 -19.81 29.35
N ASP A 636 -18.45 -19.45 29.50
CA ASP A 636 -19.28 -19.16 28.34
C ASP A 636 -18.64 -18.08 27.47
N ILE A 637 -18.25 -16.97 28.06
CA ILE A 637 -17.63 -15.85 27.34
C ILE A 637 -16.28 -15.58 28.00
N PRO A 638 -15.16 -15.60 27.25
CA PRO A 638 -13.84 -15.39 27.86
C PRO A 638 -13.55 -13.92 28.06
N ILE A 639 -13.42 -13.50 29.31
CA ILE A 639 -13.04 -12.12 29.62
C ILE A 639 -11.52 -11.98 29.61
N GLY A 640 -10.81 -12.89 30.29
CA GLY A 640 -9.37 -12.84 30.35
C GLY A 640 -8.84 -12.98 31.76
N ALA A 641 -7.58 -13.40 31.89
CA ALA A 641 -6.95 -13.57 33.19
C ALA A 641 -7.75 -14.52 34.08
N GLY A 642 -8.31 -15.55 33.46
CA GLY A 642 -9.06 -16.57 34.19
C GLY A 642 -10.47 -16.18 34.58
N ILE A 643 -11.00 -15.09 34.02
CA ILE A 643 -12.35 -14.63 34.31
C ILE A 643 -13.22 -14.83 33.08
N CYS A 644 -14.47 -15.20 33.30
CA CYS A 644 -15.42 -15.45 32.23
C CYS A 644 -16.78 -14.91 32.63
N ALA A 645 -17.64 -14.72 31.63
CA ALA A 645 -18.96 -14.13 31.84
C ALA A 645 -20.03 -14.97 31.17
N SER A 646 -21.25 -14.87 31.69
CA SER A 646 -22.38 -15.62 31.17
C SER A 646 -23.66 -14.86 31.49
N TYR A 647 -24.77 -15.35 30.95
CA TYR A 647 -26.08 -14.72 31.09
C TYR A 647 -27.01 -15.71 31.80
N HIS A 648 -27.04 -15.65 33.13
CA HIS A 648 -27.93 -16.49 33.91
C HIS A 648 -29.09 -15.68 34.48
N LYS A 659 -32.39 -12.84 35.53
CA LYS A 659 -31.59 -12.80 34.31
C LYS A 659 -30.65 -11.60 34.33
N SER A 660 -29.37 -11.86 34.59
CA SER A 660 -28.37 -10.81 34.61
C SER A 660 -27.02 -11.41 34.22
N ILE A 661 -26.11 -10.54 33.79
CA ILE A 661 -24.76 -10.98 33.42
C ILE A 661 -23.97 -11.26 34.70
N VAL A 662 -23.31 -12.41 34.74
CA VAL A 662 -22.56 -12.85 35.90
C VAL A 662 -21.12 -13.15 35.49
N ALA A 663 -20.19 -12.82 36.38
CA ALA A 663 -18.76 -13.02 36.17
C ALA A 663 -18.23 -13.99 37.20
N TYR A 664 -17.46 -14.99 36.75
CA TYR A 664 -16.99 -16.05 37.61
C TYR A 664 -15.60 -16.49 37.18
N THR A 665 -14.89 -17.12 38.12
CA THR A 665 -13.60 -17.74 37.80
C THR A 665 -13.81 -19.04 37.03
N MET A 666 -12.88 -19.34 36.13
CA MET A 666 -13.02 -20.49 35.27
C MET A 666 -12.50 -21.76 35.94
N SER A 667 -13.16 -22.88 35.65
CA SER A 667 -12.80 -24.18 36.19
C SER A 667 -11.90 -24.91 35.20
N LEU A 668 -10.97 -25.70 35.73
CA LEU A 668 -10.02 -26.40 34.86
C LEU A 668 -10.56 -27.76 34.43
N GLY A 669 -11.30 -28.44 35.30
CA GLY A 669 -11.87 -29.72 34.95
C GLY A 669 -12.24 -30.50 36.20
N ALA A 670 -12.62 -31.76 35.96
CA ALA A 670 -12.99 -32.65 37.06
C ALA A 670 -11.77 -33.04 37.87
N ASP A 671 -11.95 -33.13 39.19
CA ASP A 671 -10.85 -33.40 40.12
C ASP A 671 -10.98 -34.81 40.66
N SER A 672 -9.84 -35.46 40.89
CA SER A 672 -9.80 -36.80 41.46
C SER A 672 -8.41 -37.08 41.99
N SER A 673 -8.26 -38.22 42.66
CA SER A 673 -6.99 -38.64 43.23
C SER A 673 -6.71 -40.09 42.84
N ILE A 674 -5.48 -40.36 42.42
CA ILE A 674 -5.06 -41.70 42.01
C ILE A 674 -4.23 -42.29 43.14
N ALA A 675 -4.70 -43.41 43.70
CA ALA A 675 -3.96 -44.11 44.73
C ALA A 675 -2.80 -44.88 44.12
N TYR A 676 -1.61 -44.71 44.68
CA TYR A 676 -0.41 -45.38 44.21
C TYR A 676 -0.09 -46.54 45.15
N SER A 677 0.13 -47.72 44.57
CA SER A 677 0.46 -48.91 45.34
C SER A 677 1.58 -49.66 44.63
N ASN A 678 2.55 -50.15 45.41
CA ASN A 678 3.69 -50.85 44.82
C ASN A 678 3.39 -52.32 44.56
N ASN A 679 2.18 -52.78 44.90
CA ASN A 679 1.84 -54.20 44.80
C ASN A 679 0.49 -54.45 44.15
N THR A 680 -0.16 -53.42 43.58
CA THR A 680 -1.49 -53.55 43.04
C THR A 680 -1.52 -53.11 41.58
N ILE A 681 -2.49 -53.66 40.83
CA ILE A 681 -2.69 -53.34 39.43
C ILE A 681 -4.15 -53.56 39.08
N ALA A 682 -4.66 -52.74 38.17
CA ALA A 682 -6.06 -52.80 37.72
C ALA A 682 -6.11 -53.17 36.24
N ILE A 683 -6.97 -54.12 35.90
CA ILE A 683 -7.12 -54.61 34.54
C ILE A 683 -8.58 -54.54 34.16
N PRO A 684 -8.95 -53.95 33.03
CA PRO A 684 -10.36 -53.93 32.63
C PRO A 684 -10.88 -55.32 32.30
N THR A 685 -12.19 -55.49 32.47
CA THR A 685 -12.86 -56.74 32.12
C THR A 685 -13.98 -56.54 31.11
N ASN A 686 -14.20 -55.31 30.63
CA ASN A 686 -15.29 -54.99 29.72
C ASN A 686 -14.79 -53.99 28.68
N PHE A 687 -15.58 -53.83 27.62
CA PHE A 687 -15.22 -52.91 26.55
C PHE A 687 -16.47 -52.48 25.80
N SER A 688 -16.35 -51.37 25.08
CA SER A 688 -17.44 -50.84 24.27
C SER A 688 -16.87 -50.23 23.00
N ILE A 689 -17.71 -50.12 21.98
CA ILE A 689 -17.33 -49.58 20.67
C ILE A 689 -17.81 -48.14 20.59
N SER A 690 -16.93 -47.25 20.15
CA SER A 690 -17.20 -45.83 20.07
C SER A 690 -16.96 -45.32 18.66
N ILE A 691 -17.83 -44.42 18.20
CA ILE A 691 -17.71 -43.78 16.90
C ILE A 691 -17.73 -42.28 17.10
N THR A 692 -16.73 -41.61 16.51
CA THR A 692 -16.61 -40.15 16.59
C THR A 692 -16.41 -39.58 15.19
N THR A 693 -16.68 -38.29 15.07
CA THR A 693 -16.61 -37.60 13.78
C THR A 693 -15.58 -36.47 13.85
N GLU A 694 -14.89 -36.26 12.73
CA GLU A 694 -13.91 -35.19 12.60
C GLU A 694 -14.15 -34.46 11.28
N VAL A 695 -14.12 -33.13 11.32
CA VAL A 695 -14.43 -32.28 10.18
C VAL A 695 -13.19 -31.46 9.83
N MET A 696 -12.93 -31.30 8.53
CA MET A 696 -11.75 -30.58 8.07
C MET A 696 -12.08 -29.82 6.78
N PRO A 697 -11.71 -28.54 6.67
CA PRO A 697 -11.77 -27.88 5.37
C PRO A 697 -10.77 -28.48 4.39
N VAL A 698 -11.13 -28.45 3.11
CA VAL A 698 -10.27 -29.00 2.06
C VAL A 698 -9.94 -27.94 1.02
N SER A 699 -10.97 -27.21 0.57
CA SER A 699 -10.80 -26.25 -0.52
C SER A 699 -11.65 -25.03 -0.25
N MET A 700 -11.33 -23.94 -0.96
CA MET A 700 -12.04 -22.69 -0.86
C MET A 700 -12.46 -22.23 -2.25
N ALA A 701 -13.21 -21.13 -2.28
CA ALA A 701 -13.77 -20.65 -3.54
C ALA A 701 -12.68 -20.04 -4.43
N LYS A 702 -12.89 -20.16 -5.74
CA LYS A 702 -11.99 -19.60 -6.74
C LYS A 702 -12.62 -18.35 -7.33
N THR A 703 -11.84 -17.26 -7.41
CA THR A 703 -12.35 -15.98 -7.85
C THR A 703 -11.42 -15.37 -8.89
N SER A 704 -11.95 -14.39 -9.62
CA SER A 704 -11.20 -13.64 -10.62
C SER A 704 -11.68 -12.20 -10.61
N VAL A 705 -10.82 -11.30 -11.08
CA VAL A 705 -11.08 -9.86 -11.03
C VAL A 705 -10.77 -9.26 -12.39
N ASP A 706 -11.66 -8.39 -12.88
CA ASP A 706 -11.42 -7.57 -14.06
C ASP A 706 -11.12 -6.16 -13.56
N CYS A 707 -9.83 -5.82 -13.51
CA CYS A 707 -9.41 -4.56 -12.89
C CYS A 707 -9.94 -3.35 -13.66
N ASN A 708 -10.14 -3.48 -14.97
CA ASN A 708 -10.63 -2.35 -15.74
C ASN A 708 -12.12 -2.13 -15.52
N MET A 709 -12.83 -3.12 -14.97
CA MET A 709 -14.23 -2.92 -14.63
C MET A 709 -14.41 -2.45 -13.20
N TYR A 710 -13.61 -2.99 -12.26
CA TYR A 710 -13.65 -2.47 -10.90
C TYR A 710 -13.19 -1.02 -10.85
N ILE A 711 -12.18 -0.68 -11.64
CA ILE A 711 -11.67 0.68 -11.77
C ILE A 711 -12.11 1.23 -13.11
N CYS A 712 -12.72 2.42 -13.09
CA CYS A 712 -13.17 3.20 -14.25
C CYS A 712 -14.46 2.67 -14.86
N GLY A 713 -15.00 1.56 -14.38
CA GLY A 713 -16.28 1.11 -14.89
C GLY A 713 -16.28 1.01 -16.41
N ASP A 714 -17.23 1.70 -17.04
CA ASP A 714 -17.34 1.77 -18.48
C ASP A 714 -16.77 3.07 -19.06
N SER A 715 -16.07 3.85 -18.25
CA SER A 715 -15.51 5.12 -18.71
C SER A 715 -14.31 4.87 -19.61
N THR A 716 -14.26 5.60 -20.73
CA THR A 716 -13.18 5.45 -21.69
C THR A 716 -11.95 6.26 -21.31
N GLU A 717 -12.14 7.55 -21.01
CA GLU A 717 -10.99 8.39 -20.67
C GLU A 717 -10.33 7.93 -19.38
N CYS A 718 -11.12 7.47 -18.42
CA CYS A 718 -10.54 6.90 -17.21
C CYS A 718 -9.73 5.66 -17.53
N ALA A 719 -10.21 4.84 -18.48
CA ALA A 719 -9.44 3.67 -18.90
C ALA A 719 -8.11 4.09 -19.52
N ASN A 720 -8.12 5.19 -20.27
CA ASN A 720 -6.88 5.68 -20.87
C ASN A 720 -5.89 6.11 -19.79
N LEU A 721 -6.39 6.73 -18.71
CA LEU A 721 -5.52 7.15 -17.62
C LEU A 721 -4.92 5.94 -16.91
N LEU A 722 -5.68 4.86 -16.79
CA LEU A 722 -5.17 3.65 -16.17
C LEU A 722 -4.00 3.08 -16.97
N LEU A 723 -4.10 3.11 -18.30
CA LEU A 723 -2.99 2.65 -19.13
C LEU A 723 -1.73 3.46 -18.88
N GLN A 724 -1.87 4.78 -18.78
CA GLN A 724 -0.74 5.64 -18.50
C GLN A 724 -0.24 5.50 -17.07
N TYR A 725 -1.04 4.90 -16.18
CA TYR A 725 -0.69 4.77 -14.78
C TYR A 725 0.19 3.56 -14.50
N GLY A 726 0.49 2.73 -15.49
CA GLY A 726 1.17 1.48 -15.24
C GLY A 726 0.20 0.32 -15.10
N SER A 727 -0.70 0.39 -14.12
CA SER A 727 -1.77 -0.60 -14.03
C SER A 727 -1.23 -2.01 -13.85
N PHE A 728 -0.60 -2.29 -12.71
CA PHE A 728 0.02 -3.59 -12.48
C PHE A 728 -1.03 -4.67 -12.22
N CYS A 729 -1.99 -4.80 -13.13
CA CYS A 729 -3.05 -5.79 -12.98
C CYS A 729 -2.64 -7.19 -13.39
N THR A 730 -1.57 -7.33 -14.18
CA THR A 730 -1.15 -8.66 -14.63
C THR A 730 -0.70 -9.53 -13.46
N GLN A 731 0.04 -8.94 -12.52
CA GLN A 731 0.53 -9.72 -11.38
C GLN A 731 -0.58 -10.01 -10.39
N LEU A 732 -1.59 -9.15 -10.30
CA LEU A 732 -2.74 -9.45 -9.46
C LEU A 732 -3.47 -10.71 -9.93
N ASN A 733 -3.63 -10.85 -11.25
CA ASN A 733 -4.36 -12.00 -11.78
C ASN A 733 -3.51 -13.27 -11.71
N ARG A 734 -2.19 -13.14 -11.85
CA ARG A 734 -1.34 -14.32 -11.74
C ARG A 734 -1.41 -14.90 -10.33
N ALA A 735 -1.47 -14.06 -9.31
CA ALA A 735 -1.61 -14.53 -7.95
C ALA A 735 -2.94 -15.26 -7.76
N LEU A 736 -4.01 -14.70 -8.31
CA LEU A 736 -5.34 -15.30 -8.12
C LEU A 736 -5.49 -16.58 -8.94
N SER A 737 -4.91 -16.59 -10.15
CA SER A 737 -4.99 -17.80 -10.97
C SER A 737 -4.18 -18.93 -10.36
N GLY A 738 -3.11 -18.59 -9.64
CA GLY A 738 -2.35 -19.63 -8.94
C GLY A 738 -3.15 -20.25 -7.81
N ILE A 739 -3.90 -19.43 -7.07
CA ILE A 739 -4.71 -19.95 -5.97
C ILE A 739 -5.80 -20.87 -6.50
N ALA A 740 -6.42 -20.48 -7.62
CA ALA A 740 -7.54 -21.27 -8.16
C ALA A 740 -7.09 -22.67 -8.51
N ALA A 741 -5.92 -22.80 -9.15
CA ALA A 741 -5.43 -24.12 -9.53
C ALA A 741 -5.09 -24.95 -8.30
N GLU A 742 -4.64 -24.30 -7.23
CA GLU A 742 -4.30 -25.02 -6.01
C GLU A 742 -5.52 -25.72 -5.42
N GLN A 743 -6.69 -25.07 -5.50
CA GLN A 743 -7.90 -25.64 -4.90
C GLN A 743 -8.26 -26.95 -5.57
N ASP A 744 -8.13 -27.02 -6.89
CA ASP A 744 -8.40 -28.27 -7.60
C ASP A 744 -7.40 -29.34 -7.21
N ARG A 745 -6.14 -28.94 -6.95
CA ARG A 745 -5.15 -29.90 -6.50
C ARG A 745 -5.47 -30.41 -5.10
N ASN A 746 -5.99 -29.53 -4.24
CA ASN A 746 -6.30 -29.92 -2.86
C ASN A 746 -7.35 -31.03 -2.83
N THR A 747 -8.43 -30.87 -3.59
CA THR A 747 -9.49 -31.88 -3.60
C THR A 747 -9.00 -33.18 -4.20
N ARG A 748 -8.19 -33.10 -5.26
CA ARG A 748 -7.69 -34.31 -5.91
C ARG A 748 -6.80 -35.12 -4.96
N GLU A 749 -5.93 -34.44 -4.21
CA GLU A 749 -4.98 -35.15 -3.36
C GLU A 749 -5.67 -35.88 -2.21
N VAL A 750 -6.92 -35.51 -1.91
CA VAL A 750 -7.62 -36.10 -0.77
C VAL A 750 -8.48 -37.28 -1.21
N PHE A 751 -9.30 -37.07 -2.24
CA PHE A 751 -10.34 -38.02 -2.61
C PHE A 751 -9.93 -39.00 -3.70
N ALA A 752 -8.89 -38.69 -4.48
CA ALA A 752 -8.54 -39.48 -5.67
C ALA A 752 -7.34 -40.38 -5.42
N GLN A 753 -7.22 -40.94 -4.22
CA GLN A 753 -6.10 -41.84 -3.92
C GLN A 753 -6.32 -43.23 -4.48
N VAL A 754 -7.56 -43.68 -4.60
CA VAL A 754 -7.85 -45.03 -5.09
C VAL A 754 -7.77 -45.02 -6.62
N LYS A 755 -6.95 -45.92 -7.17
CA LYS A 755 -6.76 -45.98 -8.61
C LYS A 755 -7.91 -46.72 -9.29
N GLN A 756 -8.69 -47.49 -8.54
CA GLN A 756 -9.67 -48.41 -9.10
C GLN A 756 -11.03 -48.17 -8.45
N MET A 757 -12.03 -47.89 -9.28
CA MET A 757 -13.39 -47.70 -8.78
C MET A 757 -14.04 -49.06 -8.55
N TYR A 758 -14.68 -49.21 -7.38
CA TYR A 758 -15.30 -50.45 -6.97
C TYR A 758 -16.81 -50.28 -6.91
N LYS A 759 -17.53 -51.20 -7.53
CA LYS A 759 -18.99 -51.15 -7.54
C LYS A 759 -19.55 -51.39 -6.14
N THR A 760 -20.67 -50.75 -5.86
CA THR A 760 -21.33 -50.90 -4.56
C THR A 760 -22.01 -52.27 -4.47
N PRO A 761 -21.72 -53.08 -3.45
CA PRO A 761 -22.41 -54.36 -3.33
C PRO A 761 -23.87 -54.17 -2.94
N THR A 762 -24.70 -55.09 -3.43
CA THR A 762 -26.15 -55.05 -3.14
C THR A 762 -26.45 -55.92 -1.93
N LEU A 763 -25.68 -55.70 -0.87
CA LEU A 763 -25.90 -56.41 0.39
C LEU A 763 -26.16 -55.42 1.53
N LYS A 764 -25.27 -54.43 1.68
CA LYS A 764 -25.40 -53.43 2.73
C LYS A 764 -25.38 -54.07 4.12
N TYR A 765 -24.99 -55.34 4.20
CA TYR A 765 -25.05 -56.11 5.44
C TYR A 765 -23.93 -57.14 5.41
N PHE A 766 -23.09 -57.15 6.45
CA PHE A 766 -21.92 -58.02 6.49
C PHE A 766 -21.69 -58.48 7.92
N GLY A 767 -22.03 -59.74 8.20
CA GLY A 767 -21.71 -60.35 9.48
C GLY A 767 -22.33 -59.64 10.67
N GLY A 768 -23.57 -59.18 10.51
CA GLY A 768 -24.26 -58.47 11.58
C GLY A 768 -24.06 -56.98 11.59
N PHE A 769 -23.17 -56.45 10.75
CA PHE A 769 -22.88 -55.02 10.70
C PHE A 769 -23.71 -54.39 9.59
N ASN A 770 -24.54 -53.42 9.96
CA ASN A 770 -25.46 -52.77 9.03
C ASN A 770 -24.73 -51.59 8.40
N PHE A 771 -24.19 -51.80 7.20
CA PHE A 771 -23.40 -50.79 6.52
C PHE A 771 -24.23 -49.81 5.70
N SER A 772 -25.53 -50.02 5.59
CA SER A 772 -26.37 -49.01 4.99
C SER A 772 -26.31 -47.73 5.81
N GLN A 773 -26.85 -46.66 5.24
CA GLN A 773 -26.84 -45.29 5.78
C GLN A 773 -25.47 -44.63 5.60
N ILE A 774 -24.46 -45.35 5.13
CA ILE A 774 -23.19 -44.75 4.71
C ILE A 774 -22.81 -45.16 3.30
N LEU A 775 -23.66 -45.90 2.61
CA LEU A 775 -23.48 -46.28 1.21
C LEU A 775 -24.70 -45.82 0.42
N PRO A 776 -24.54 -45.58 -0.87
CA PRO A 776 -25.72 -45.18 -1.67
C PRO A 776 -26.79 -46.26 -1.66
N ASP A 777 -28.04 -45.82 -1.58
CA ASP A 777 -29.17 -46.75 -1.58
C ASP A 777 -29.76 -46.81 -2.97
N PRO A 778 -29.82 -47.99 -3.62
CA PRO A 778 -30.34 -48.03 -4.99
C PRO A 778 -31.75 -47.49 -5.12
N LEU A 779 -32.59 -47.69 -4.11
CA LEU A 779 -33.97 -47.24 -4.19
C LEU A 779 -34.06 -45.72 -4.32
N LYS A 780 -33.34 -45.00 -3.47
CA LYS A 780 -33.46 -43.54 -3.47
C LYS A 780 -32.89 -42.96 -4.76
N PRO A 781 -33.52 -41.94 -5.34
CA PRO A 781 -32.93 -41.30 -6.53
C PRO A 781 -31.58 -40.67 -6.25
N THR A 782 -31.38 -40.17 -5.03
CA THR A 782 -30.14 -39.49 -4.69
C THR A 782 -28.94 -40.44 -4.81
N LYS A 783 -27.84 -39.92 -5.36
CA LYS A 783 -26.64 -40.74 -5.51
C LYS A 783 -25.80 -40.77 -4.25
N ARG A 784 -25.88 -39.74 -3.42
CA ARG A 784 -25.12 -39.71 -2.18
C ARG A 784 -25.88 -40.45 -1.07
N SER A 785 -25.15 -40.82 -0.03
CA SER A 785 -25.72 -41.60 1.06
C SER A 785 -26.64 -40.73 1.92
N PHE A 786 -27.23 -41.34 2.94
CA PHE A 786 -28.19 -40.63 3.78
C PHE A 786 -27.48 -39.68 4.75
N ILE A 787 -26.32 -40.10 5.27
CA ILE A 787 -25.54 -39.21 6.14
C ILE A 787 -25.02 -38.01 5.35
N GLU A 788 -24.63 -38.22 4.10
CA GLU A 788 -24.18 -37.11 3.28
C GLU A 788 -25.32 -36.15 2.99
N ASP A 789 -26.56 -36.67 2.87
CA ASP A 789 -27.71 -35.80 2.70
C ASP A 789 -27.89 -34.89 3.90
N LEU A 790 -27.55 -35.38 5.10
CA LEU A 790 -27.72 -34.57 6.30
C LEU A 790 -26.66 -33.49 6.39
N LEU A 791 -25.41 -33.82 6.04
CA LEU A 791 -24.33 -32.84 6.13
C LEU A 791 -24.54 -31.68 5.16
N PHE A 792 -24.97 -31.99 3.93
CA PHE A 792 -25.10 -30.94 2.93
C PHE A 792 -26.19 -29.94 3.29
N ASN A 793 -27.21 -30.39 4.04
CA ASN A 793 -28.28 -29.48 4.44
C ASN A 793 -27.81 -28.48 5.48
N LYS A 794 -26.83 -28.86 6.31
CA LYS A 794 -26.46 -28.04 7.45
C LYS A 794 -25.67 -26.80 7.03
N VAL A 795 -24.99 -26.87 5.88
CA VAL A 795 -24.11 -25.79 5.45
C VAL A 795 -24.82 -24.98 4.37
N THR A 796 -25.29 -23.79 4.74
CA THR A 796 -25.89 -22.88 3.78
C THR A 796 -24.85 -22.40 2.78
N LEU A 797 -25.20 -22.40 1.50
CA LEU A 797 -24.32 -21.97 0.43
C LEU A 797 -24.91 -20.75 -0.26
N ALA A 798 -24.08 -19.75 -0.51
CA ALA A 798 -24.56 -18.48 -1.03
C ALA A 798 -25.23 -18.64 -2.39
N ASP A 799 -24.55 -19.32 -3.32
CA ASP A 799 -25.05 -19.46 -4.69
C ASP A 799 -24.91 -20.91 -5.10
N ALA A 800 -26.05 -21.59 -5.29
CA ALA A 800 -26.02 -22.99 -5.69
C ALA A 800 -25.32 -23.17 -7.03
N GLY A 801 -25.71 -22.37 -8.02
CA GLY A 801 -25.11 -22.46 -9.35
C GLY A 801 -24.20 -21.28 -9.64
N PHE A 802 -23.30 -21.46 -10.61
CA PHE A 802 -22.35 -20.42 -10.99
C PHE A 802 -22.74 -19.73 -12.29
N MET A 803 -24.03 -19.54 -12.54
CA MET A 803 -24.51 -18.97 -13.78
C MET A 803 -25.57 -17.90 -13.45
N LYS A 804 -25.30 -16.66 -13.89
CA LYS A 804 -26.20 -15.53 -13.66
C LYS A 804 -26.33 -14.79 -14.99
N GLN A 805 -27.55 -14.73 -15.53
CA GLN A 805 -27.77 -14.14 -16.83
C GLN A 805 -27.99 -12.64 -16.73
N TYR A 806 -27.63 -11.94 -17.81
CA TYR A 806 -27.78 -10.48 -17.83
C TYR A 806 -29.24 -10.07 -17.69
N GLY A 807 -30.14 -10.79 -18.36
CA GLY A 807 -31.55 -10.43 -18.28
C GLY A 807 -32.11 -10.58 -16.88
N GLU A 808 -31.67 -11.61 -16.15
CA GLU A 808 -32.22 -11.86 -14.82
C GLU A 808 -31.88 -10.73 -13.86
N CYS A 809 -30.65 -10.22 -13.91
CA CYS A 809 -30.30 -9.09 -13.04
C CYS A 809 -31.13 -7.87 -13.37
N LEU A 810 -31.41 -7.65 -14.67
CA LEU A 810 -32.29 -6.56 -15.06
C LEU A 810 -33.70 -6.74 -14.52
N GLY A 811 -34.21 -7.98 -14.56
CA GLY A 811 -35.57 -8.22 -14.08
C GLY A 811 -35.70 -8.00 -12.59
N ASP A 812 -34.69 -8.41 -11.82
CA ASP A 812 -34.72 -8.35 -10.37
C ASP A 812 -33.99 -7.14 -9.80
N ILE A 813 -34.05 -6.00 -10.49
CA ILE A 813 -33.35 -4.81 -10.03
C ILE A 813 -33.85 -4.39 -8.65
N ASN A 814 -35.16 -4.47 -8.43
CA ASN A 814 -35.73 -3.96 -7.18
C ASN A 814 -35.09 -4.64 -5.97
N ALA A 815 -34.89 -5.96 -6.04
CA ALA A 815 -34.13 -6.64 -5.01
C ALA A 815 -32.67 -6.22 -5.10
N ARG A 816 -32.08 -5.88 -3.95
CA ARG A 816 -30.68 -5.47 -3.89
C ARG A 816 -29.80 -6.72 -3.78
N ASP A 817 -29.86 -7.51 -4.84
CA ASP A 817 -29.14 -8.77 -4.87
C ASP A 817 -27.63 -8.52 -4.73
N LEU A 818 -26.98 -9.31 -3.89
CA LEU A 818 -25.55 -9.12 -3.64
C LEU A 818 -24.71 -9.65 -4.80
N ILE A 819 -25.20 -10.69 -5.49
CA ILE A 819 -24.41 -11.30 -6.55
C ILE A 819 -24.40 -10.41 -7.80
N CYS A 820 -25.56 -9.87 -8.18
CA CYS A 820 -25.59 -8.99 -9.34
C CYS A 820 -24.70 -7.77 -9.15
N ALA A 821 -24.53 -7.33 -7.90
CA ALA A 821 -23.66 -6.19 -7.63
C ALA A 821 -22.19 -6.56 -7.80
N GLN A 822 -21.80 -7.76 -7.34
CA GLN A 822 -20.44 -8.22 -7.54
C GLN A 822 -20.13 -8.38 -9.02
N LYS A 823 -21.08 -8.95 -9.78
CA LYS A 823 -20.84 -9.21 -11.19
C LYS A 823 -20.63 -7.91 -11.97
N PHE A 824 -21.43 -6.88 -11.67
CA PHE A 824 -21.35 -5.63 -12.41
C PHE A 824 -20.05 -4.87 -12.16
N ASN A 825 -19.33 -5.18 -11.07
CA ASN A 825 -18.10 -4.50 -10.72
C ASN A 825 -16.86 -5.34 -11.03
N GLY A 826 -17.01 -6.41 -11.81
CA GLY A 826 -15.87 -7.15 -12.31
C GLY A 826 -15.37 -8.27 -11.42
N LEU A 827 -16.19 -8.76 -10.49
CA LEU A 827 -15.80 -9.88 -9.64
C LEU A 827 -16.54 -11.14 -10.07
N THR A 828 -15.79 -12.22 -10.26
CA THR A 828 -16.32 -13.47 -10.78
C THR A 828 -15.92 -14.63 -9.88
N VAL A 829 -16.80 -15.62 -9.77
CA VAL A 829 -16.54 -16.85 -9.04
C VAL A 829 -16.59 -18.01 -10.02
N LEU A 830 -15.54 -18.85 -10.01
CA LEU A 830 -15.41 -19.93 -10.99
C LEU A 830 -15.88 -21.25 -10.39
N PRO A 831 -16.35 -22.18 -11.22
CA PRO A 831 -16.86 -23.45 -10.70
C PRO A 831 -15.73 -24.43 -10.41
N PRO A 832 -15.89 -25.31 -9.43
CA PRO A 832 -14.88 -26.35 -9.20
C PRO A 832 -14.84 -27.34 -10.35
N LEU A 833 -13.65 -27.95 -10.53
CA LEU A 833 -13.49 -28.92 -11.60
C LEU A 833 -14.30 -30.19 -11.33
N LEU A 834 -14.29 -30.67 -10.09
CA LEU A 834 -15.01 -31.87 -9.71
C LEU A 834 -16.37 -31.49 -9.14
N THR A 835 -17.42 -32.12 -9.65
CA THR A 835 -18.76 -31.84 -9.16
C THR A 835 -19.06 -32.68 -7.92
N ASP A 836 -20.17 -32.34 -7.25
CA ASP A 836 -20.52 -33.03 -6.02
C ASP A 836 -20.82 -34.50 -6.26
N ASP A 837 -21.18 -34.87 -7.48
CA ASP A 837 -21.47 -36.27 -7.78
C ASP A 837 -20.18 -37.09 -7.87
N MET A 838 -19.13 -36.53 -8.46
CA MET A 838 -17.88 -37.25 -8.58
C MET A 838 -17.21 -37.45 -7.23
N ILE A 839 -17.30 -36.45 -6.34
CA ILE A 839 -16.76 -36.61 -5.00
C ILE A 839 -17.51 -37.70 -4.26
N ALA A 840 -18.84 -37.68 -4.33
CA ALA A 840 -19.64 -38.73 -3.70
C ALA A 840 -19.33 -40.09 -4.31
N ALA A 841 -18.98 -40.12 -5.60
CA ALA A 841 -18.61 -41.38 -6.24
C ALA A 841 -17.32 -41.92 -5.66
N TYR A 842 -16.37 -41.04 -5.37
CA TYR A 842 -15.09 -41.48 -4.79
C TYR A 842 -15.31 -42.08 -3.41
N THR A 843 -16.11 -41.42 -2.57
CA THR A 843 -16.34 -41.92 -1.22
C THR A 843 -17.07 -43.26 -1.24
N ALA A 844 -18.02 -43.43 -2.17
CA ALA A 844 -18.72 -44.70 -2.27
C ALA A 844 -17.76 -45.83 -2.61
N ALA A 845 -16.75 -45.54 -3.42
CA ALA A 845 -15.74 -46.56 -3.74
C ALA A 845 -14.85 -46.84 -2.54
N LEU A 846 -14.50 -45.80 -1.79
CA LEU A 846 -13.64 -45.99 -0.62
C LEU A 846 -14.33 -46.85 0.43
N VAL A 847 -15.60 -46.53 0.74
CA VAL A 847 -16.33 -47.30 1.75
C VAL A 847 -16.54 -48.72 1.27
N SER A 848 -16.89 -48.89 -0.01
CA SER A 848 -17.09 -50.24 -0.54
C SER A 848 -15.82 -51.07 -0.45
N GLY A 849 -14.68 -50.47 -0.79
CA GLY A 849 -13.42 -51.18 -0.69
C GLY A 849 -13.09 -51.59 0.73
N THR A 850 -13.45 -50.75 1.71
CA THR A 850 -13.20 -51.08 3.10
C THR A 850 -13.98 -52.32 3.52
N ALA A 851 -15.24 -52.43 3.10
CA ALA A 851 -16.09 -53.54 3.52
C ALA A 851 -15.62 -54.84 2.88
N THR A 852 -15.69 -54.93 1.55
CA THR A 852 -15.21 -56.10 0.82
C THR A 852 -13.73 -55.90 0.53
N ALA A 853 -12.91 -56.88 0.93
CA ALA A 853 -11.47 -56.79 0.76
C ALA A 853 -10.90 -55.64 1.60
N ALA A 861 -4.04 -54.38 -4.94
CA ALA A 861 -5.19 -54.31 -4.04
C ALA A 861 -6.17 -55.43 -4.35
N ALA A 862 -7.41 -55.28 -3.88
CA ALA A 862 -8.48 -56.24 -4.12
C ALA A 862 -8.08 -57.63 -3.62
N LEU A 863 -7.86 -57.71 -2.30
CA LEU A 863 -7.61 -58.98 -1.62
C LEU A 863 -8.86 -59.34 -0.83
N GLN A 864 -9.75 -60.08 -1.50
CA GLN A 864 -11.07 -60.39 -0.95
C GLN A 864 -10.95 -61.08 0.41
N ILE A 865 -11.74 -60.65 1.41
CA ILE A 865 -11.75 -61.18 2.80
C ILE A 865 -13.06 -60.71 3.44
N PRO A 866 -13.90 -61.58 4.03
CA PRO A 866 -15.17 -61.13 4.62
C PRO A 866 -15.09 -60.44 5.99
N PHE A 867 -16.16 -59.74 6.37
CA PHE A 867 -16.31 -59.05 7.67
C PHE A 867 -16.46 -60.13 8.76
N ALA A 868 -15.88 -59.93 9.97
CA ALA A 868 -15.73 -60.75 11.20
C ALA A 868 -14.37 -61.47 11.26
N MET A 869 -13.63 -61.52 10.14
CA MET A 869 -12.28 -62.07 10.04
C MET A 869 -11.32 -60.90 9.84
N GLN A 870 -11.78 -59.89 9.10
CA GLN A 870 -11.07 -58.62 9.06
C GLN A 870 -11.10 -57.95 10.43
N MET A 871 -12.24 -58.04 11.11
CA MET A 871 -12.45 -57.48 12.47
C MET A 871 -11.49 -58.20 13.43
N ALA A 872 -11.28 -59.51 13.26
CA ALA A 872 -10.34 -60.27 14.09
C ALA A 872 -8.91 -59.82 13.85
N TYR A 873 -8.59 -59.42 12.62
CA TYR A 873 -7.26 -58.90 12.23
C TYR A 873 -7.00 -57.57 12.95
N ARG A 874 -8.03 -56.73 13.09
CA ARG A 874 -7.97 -55.40 13.74
C ARG A 874 -7.73 -55.56 15.25
N PHE A 875 -8.41 -56.52 15.89
CA PHE A 875 -8.28 -56.81 17.34
C PHE A 875 -6.85 -57.29 17.64
N ASN A 876 -6.25 -58.04 16.72
CA ASN A 876 -4.86 -58.56 16.81
C ASN A 876 -3.89 -57.37 16.85
N GLY A 877 -4.17 -56.31 16.09
CA GLY A 877 -3.34 -55.08 15.99
C GLY A 877 -3.42 -54.22 17.23
N ILE A 878 -4.48 -54.40 18.03
CA ILE A 878 -4.74 -53.67 19.31
C ILE A 878 -4.19 -54.47 20.51
N GLY A 879 -3.75 -55.71 20.32
CA GLY A 879 -3.17 -56.56 21.39
C GLY A 879 -4.21 -57.43 22.07
N VAL A 880 -5.36 -57.65 21.44
CA VAL A 880 -6.47 -58.48 21.98
C VAL A 880 -6.50 -59.81 21.22
N THR A 881 -6.71 -60.94 21.91
CA THR A 881 -6.75 -62.30 21.31
C THR A 881 -7.96 -62.39 20.37
N GLN A 882 -7.84 -63.11 19.24
CA GLN A 882 -8.87 -63.24 18.19
C GLN A 882 -10.19 -63.84 18.71
N ASN A 883 -10.15 -64.63 19.80
CA ASN A 883 -11.34 -65.27 20.33
C ASN A 883 -12.31 -64.26 20.94
N VAL A 884 -11.80 -63.10 21.36
CA VAL A 884 -12.68 -62.10 21.98
C VAL A 884 -13.77 -61.66 21.00
N LEU A 885 -13.40 -61.45 19.74
CA LEU A 885 -14.39 -61.05 18.74
C LEU A 885 -15.39 -62.17 18.48
N TYR A 886 -14.88 -63.38 18.22
CA TYR A 886 -15.75 -64.48 17.82
C TYR A 886 -16.71 -64.89 18.92
N GLU A 887 -16.24 -64.96 20.17
CA GLU A 887 -17.11 -65.35 21.28
C GLU A 887 -18.14 -64.27 21.58
N ASN A 888 -17.96 -63.07 21.06
CA ASN A 888 -18.84 -61.94 21.36
C ASN A 888 -19.15 -61.14 20.10
N GLN A 889 -19.22 -61.83 18.96
CA GLN A 889 -19.45 -61.14 17.70
C GLN A 889 -20.77 -60.37 17.70
N LYS A 890 -21.79 -60.92 18.36
CA LYS A 890 -23.12 -60.32 18.25
C LYS A 890 -23.22 -58.99 18.99
N GLN A 891 -22.71 -58.92 20.23
CA GLN A 891 -22.81 -57.66 20.96
C GLN A 891 -22.04 -56.56 20.25
N ILE A 892 -20.86 -56.88 19.72
CA ILE A 892 -20.05 -55.88 19.02
C ILE A 892 -20.82 -55.32 17.83
N ALA A 893 -21.52 -56.18 17.10
CA ALA A 893 -22.36 -55.71 16.00
C ALA A 893 -23.46 -54.78 16.51
N ASN A 894 -24.11 -55.15 17.61
CA ASN A 894 -25.11 -54.28 18.20
C ASN A 894 -24.50 -52.97 18.69
N GLN A 895 -23.31 -53.05 19.29
CA GLN A 895 -22.59 -51.85 19.67
C GLN A 895 -22.34 -50.95 18.45
N PHE A 896 -21.87 -51.56 17.36
CA PHE A 896 -21.55 -50.78 16.17
C PHE A 896 -22.80 -50.15 15.57
N ASN A 897 -23.90 -50.91 15.49
CA ASN A 897 -25.10 -50.39 14.85
C ASN A 897 -25.70 -49.22 15.62
N LYS A 898 -25.75 -49.33 16.95
CA LYS A 898 -26.31 -48.24 17.75
C LYS A 898 -25.45 -46.98 17.64
N ALA A 899 -24.14 -47.14 17.47
CA ALA A 899 -23.27 -45.98 17.33
C ALA A 899 -23.60 -45.19 16.06
N ILE A 900 -23.89 -45.91 14.97
CA ILE A 900 -24.27 -45.23 13.73
C ILE A 900 -25.56 -44.45 13.92
N SER A 901 -26.52 -45.03 14.66
CA SER A 901 -27.80 -44.37 14.86
C SER A 901 -27.64 -43.07 15.63
N GLN A 902 -26.80 -43.06 16.67
CA GLN A 902 -26.61 -41.85 17.46
C GLN A 902 -25.98 -40.75 16.62
N ILE A 903 -25.09 -41.11 15.69
CA ILE A 903 -24.49 -40.11 14.81
C ILE A 903 -25.58 -39.45 13.97
N GLN A 904 -26.51 -40.25 13.44
CA GLN A 904 -27.58 -39.70 12.61
C GLN A 904 -28.41 -38.69 13.38
N GLU A 905 -28.82 -39.04 14.60
CA GLU A 905 -29.68 -38.15 15.39
C GLU A 905 -28.95 -36.85 15.73
N SER A 906 -27.67 -36.94 16.03
CA SER A 906 -26.90 -35.73 16.34
C SER A 906 -26.88 -34.78 15.15
N LEU A 907 -26.62 -35.33 13.95
CA LEU A 907 -26.56 -34.49 12.76
C LEU A 907 -27.92 -33.86 12.46
N THR A 908 -29.00 -34.62 12.64
CA THR A 908 -30.33 -34.09 12.35
C THR A 908 -30.64 -32.87 13.20
N THR A 909 -30.27 -32.92 14.48
CA THR A 909 -30.48 -31.78 15.36
C THR A 909 -29.69 -30.57 14.85
N THR A 910 -30.28 -29.39 15.01
CA THR A 910 -29.68 -28.15 14.49
C THR A 910 -28.49 -27.78 15.38
N SER A 911 -27.39 -28.51 15.18
CA SER A 911 -26.17 -28.27 15.93
C SER A 911 -25.25 -27.35 15.12
N THR A 912 -24.02 -27.19 15.59
CA THR A 912 -23.00 -26.39 14.91
C THR A 912 -21.69 -27.18 14.83
N ALA A 913 -21.79 -28.47 14.53
CA ALA A 913 -20.62 -29.31 14.38
C ALA A 913 -19.87 -29.06 13.08
N LEU A 914 -20.51 -28.43 12.09
CA LEU A 914 -19.89 -28.06 10.84
C LEU A 914 -19.54 -26.57 10.80
N GLY A 915 -19.29 -25.98 11.96
CA GLY A 915 -18.99 -24.57 12.01
C GLY A 915 -17.72 -24.21 11.26
N LYS A 916 -16.77 -25.14 11.17
CA LYS A 916 -15.54 -24.88 10.44
C LYS A 916 -15.81 -24.72 8.95
N LEU A 917 -16.71 -25.54 8.40
CA LEU A 917 -17.07 -25.41 7.00
C LEU A 917 -17.88 -24.14 6.75
N GLN A 918 -18.78 -23.80 7.68
CA GLN A 918 -19.53 -22.57 7.55
C GLN A 918 -18.62 -21.35 7.61
N ASP A 919 -17.57 -21.42 8.42
CA ASP A 919 -16.64 -20.30 8.51
C ASP A 919 -15.99 -20.00 7.16
N VAL A 920 -15.54 -21.05 6.47
CA VAL A 920 -14.89 -20.84 5.17
C VAL A 920 -15.83 -20.15 4.20
N VAL A 921 -17.11 -20.54 4.23
CA VAL A 921 -18.09 -19.91 3.33
C VAL A 921 -18.26 -18.44 3.69
N ASN A 922 -18.40 -18.14 4.98
CA ASN A 922 -18.65 -16.76 5.41
C ASN A 922 -17.45 -15.87 5.12
N GLN A 923 -16.23 -16.38 5.32
CA GLN A 923 -15.05 -15.56 5.08
C GLN A 923 -14.95 -15.14 3.62
N ASN A 924 -15.26 -16.07 2.70
CA ASN A 924 -15.19 -15.74 1.28
C ASN A 924 -16.22 -14.69 0.91
N ALA A 925 -17.42 -14.78 1.49
CA ALA A 925 -18.50 -13.86 1.12
C ALA A 925 -18.18 -12.43 1.58
N GLN A 926 -17.70 -12.28 2.80
CA GLN A 926 -17.46 -10.94 3.33
C GLN A 926 -16.38 -10.21 2.55
N ALA A 927 -15.35 -10.93 2.10
CA ALA A 927 -14.24 -10.28 1.41
C ALA A 927 -14.72 -9.63 0.11
N LEU A 928 -15.55 -10.34 -0.66
CA LEU A 928 -16.03 -9.79 -1.92
C LEU A 928 -16.99 -8.62 -1.68
N ASN A 929 -17.85 -8.73 -0.68
CA ASN A 929 -18.80 -7.65 -0.40
C ASN A 929 -18.09 -6.42 0.14
N THR A 930 -16.95 -6.60 0.83
CA THR A 930 -16.19 -5.45 1.30
C THR A 930 -15.65 -4.64 0.14
N LEU A 931 -15.20 -5.32 -0.92
CA LEU A 931 -14.69 -4.61 -2.10
C LEU A 931 -15.78 -3.76 -2.74
N VAL A 932 -17.00 -4.29 -2.81
CA VAL A 932 -18.11 -3.55 -3.42
C VAL A 932 -18.40 -2.28 -2.60
N LYS A 933 -18.41 -2.40 -1.27
CA LYS A 933 -18.72 -1.24 -0.43
C LYS A 933 -17.60 -0.21 -0.46
N GLN A 934 -16.36 -0.65 -0.62
CA GLN A 934 -15.22 0.27 -0.59
C GLN A 934 -15.20 1.22 -1.78
N LEU A 935 -16.00 0.98 -2.80
CA LEU A 935 -16.05 1.88 -3.95
C LEU A 935 -16.69 3.22 -3.61
N SER A 936 -17.31 3.34 -2.44
CA SER A 936 -18.00 4.58 -2.07
C SER A 936 -17.10 5.57 -1.34
N SER A 937 -15.82 5.26 -1.17
CA SER A 937 -14.94 6.09 -0.37
C SER A 937 -14.13 7.03 -1.24
N ASN A 938 -14.12 8.31 -0.86
CA ASN A 938 -13.22 9.28 -1.47
C ASN A 938 -11.80 9.03 -0.99
N PHE A 939 -10.84 9.23 -1.88
CA PHE A 939 -9.42 9.02 -1.59
C PHE A 939 -8.67 10.34 -1.68
N GLY A 940 -9.24 11.40 -1.10
CA GLY A 940 -8.70 12.73 -1.23
C GLY A 940 -9.26 13.52 -2.38
N ALA A 941 -10.09 12.91 -3.23
CA ALA A 941 -10.70 13.62 -4.35
C ALA A 941 -11.97 14.34 -3.90
N ILE A 942 -12.57 15.07 -4.83
CA ILE A 942 -13.77 15.83 -4.52
C ILE A 942 -14.99 14.92 -4.44
N SER A 943 -14.99 13.82 -5.18
CA SER A 943 -16.14 12.91 -5.19
C SER A 943 -15.66 11.50 -5.50
N SER A 944 -16.48 10.52 -5.12
CA SER A 944 -16.22 9.12 -5.44
C SER A 944 -16.90 8.67 -6.72
N VAL A 945 -17.75 9.50 -7.31
CA VAL A 945 -18.47 9.17 -8.53
C VAL A 945 -17.66 9.70 -9.71
N LEU A 946 -17.26 8.80 -10.61
CA LEU A 946 -16.47 9.22 -11.77
C LEU A 946 -17.31 10.01 -12.76
N ASN A 947 -18.61 9.74 -12.82
CA ASN A 947 -19.47 10.46 -13.76
C ASN A 947 -19.73 11.89 -13.29
N ASP A 948 -19.64 12.14 -11.98
CA ASP A 948 -19.84 13.49 -11.47
C ASP A 948 -18.64 14.37 -11.77
N ILE A 949 -17.43 13.83 -11.58
CA ILE A 949 -16.22 14.60 -11.85
C ILE A 949 -16.12 14.94 -13.32
N LEU A 950 -16.38 13.95 -14.18
CA LEU A 950 -16.21 14.14 -15.62
C LEU A 950 -17.24 15.12 -16.18
N SER A 951 -18.34 15.34 -15.47
CA SER A 951 -19.42 16.19 -16.00
C SER A 951 -19.07 17.67 -15.90
N ARG A 952 -18.41 18.08 -14.82
CA ARG A 952 -18.21 19.49 -14.52
C ARG A 952 -16.75 19.92 -14.47
N LEU A 953 -15.80 19.01 -14.72
CA LEU A 953 -14.39 19.35 -14.76
C LEU A 953 -13.81 18.95 -16.11
N ASP A 954 -12.96 19.82 -16.66
CA ASP A 954 -12.33 19.57 -17.94
C ASP A 954 -11.17 18.58 -17.78
N LYS A 955 -10.46 18.33 -18.88
CA LYS A 955 -9.50 17.23 -18.90
C LYS A 955 -8.39 17.42 -17.87
N VAL A 956 -7.82 18.62 -17.80
CA VAL A 956 -6.70 18.84 -16.88
C VAL A 956 -7.17 18.73 -15.43
N GLU A 957 -8.26 19.42 -15.11
CA GLU A 957 -8.78 19.37 -13.74
C GLU A 957 -9.25 17.97 -13.37
N ALA A 958 -9.92 17.28 -14.30
CA ALA A 958 -10.41 15.94 -14.02
C ALA A 958 -9.26 14.96 -13.79
N GLU A 959 -8.17 15.09 -14.55
CA GLU A 959 -7.07 14.14 -14.41
C GLU A 959 -6.48 14.17 -13.01
N VAL A 960 -6.53 15.31 -12.35
CA VAL A 960 -6.00 15.41 -10.98
C VAL A 960 -6.82 14.53 -10.04
N GLN A 961 -8.14 14.60 -10.14
CA GLN A 961 -8.99 13.85 -9.22
C GLN A 961 -9.01 12.36 -9.58
N ILE A 962 -9.03 12.04 -10.87
CA ILE A 962 -9.17 10.65 -11.28
C ILE A 962 -7.95 9.85 -10.84
N ASP A 963 -6.77 10.47 -10.87
CA ASP A 963 -5.57 9.76 -10.42
C ASP A 963 -5.66 9.40 -8.95
N ARG A 964 -6.28 10.27 -8.14
CA ARG A 964 -6.45 9.98 -6.72
C ARG A 964 -7.32 8.75 -6.53
N LEU A 965 -8.38 8.62 -7.33
CA LEU A 965 -9.28 7.47 -7.21
C LEU A 965 -8.60 6.19 -7.70
N ILE A 966 -7.78 6.30 -8.74
CA ILE A 966 -7.08 5.13 -9.26
C ILE A 966 -6.14 4.57 -8.20
N THR A 967 -5.40 5.43 -7.51
CA THR A 967 -4.45 4.97 -6.51
C THR A 967 -5.16 4.24 -5.39
N GLY A 968 -6.28 4.79 -4.91
CA GLY A 968 -6.98 4.16 -3.80
C GLY A 968 -7.63 2.85 -4.19
N ARG A 969 -8.20 2.78 -5.39
CA ARG A 969 -8.91 1.57 -5.81
C ARG A 969 -7.93 0.45 -6.14
N LEU A 970 -6.76 0.79 -6.69
CA LEU A 970 -5.72 -0.22 -6.88
C LEU A 970 -5.25 -0.77 -5.55
N GLN A 971 -5.16 0.09 -4.54
CA GLN A 971 -4.72 -0.36 -3.21
C GLN A 971 -5.74 -1.32 -2.60
N SER A 972 -7.03 -1.07 -2.83
CA SER A 972 -8.06 -1.97 -2.33
C SER A 972 -7.92 -3.36 -2.94
N LEU A 973 -7.64 -3.43 -4.24
CA LEU A 973 -7.48 -4.73 -4.89
C LEU A 973 -6.26 -5.46 -4.34
N GLN A 974 -5.17 -4.74 -4.09
CA GLN A 974 -3.95 -5.39 -3.61
C GLN A 974 -4.14 -5.98 -2.22
N THR A 975 -4.91 -5.30 -1.36
CA THR A 975 -5.16 -5.83 -0.03
C THR A 975 -6.00 -7.10 -0.09
N TYR A 976 -6.97 -7.15 -1.01
CA TYR A 976 -7.79 -8.36 -1.14
C TYR A 976 -6.95 -9.55 -1.58
N VAL A 977 -6.01 -9.33 -2.50
CA VAL A 977 -5.19 -10.43 -2.99
C VAL A 977 -4.27 -10.95 -1.90
N THR A 978 -3.70 -10.05 -1.09
CA THR A 978 -2.79 -10.47 -0.04
C THR A 978 -3.50 -11.33 1.00
N GLN A 979 -4.72 -10.94 1.37
CA GLN A 979 -5.48 -11.74 2.34
C GLN A 979 -5.82 -13.11 1.78
N GLN A 980 -6.15 -13.18 0.49
CA GLN A 980 -6.50 -14.46 -0.11
C GLN A 980 -5.32 -15.43 -0.08
N LEU A 981 -4.11 -14.93 -0.36
CA LEU A 981 -2.94 -15.79 -0.34
C LEU A 981 -2.71 -16.39 1.05
N ILE A 982 -2.84 -15.58 2.09
CA ILE A 982 -2.64 -16.08 3.45
C ILE A 982 -3.74 -17.08 3.81
N ARG A 983 -4.99 -16.78 3.42
CA ARG A 983 -6.08 -17.70 3.69
C ARG A 983 -5.87 -19.04 2.96
N ALA A 984 -5.35 -18.98 1.74
CA ALA A 984 -5.14 -20.21 0.98
C ALA A 984 -4.06 -21.07 1.61
N ALA A 985 -3.05 -20.43 2.22
CA ALA A 985 -1.99 -21.18 2.88
C ALA A 985 -2.56 -21.99 4.05
N GLU A 986 -3.48 -21.40 4.82
CA GLU A 986 -4.08 -22.12 5.93
C GLU A 986 -4.88 -23.33 5.44
N ILE A 987 -5.62 -23.15 4.34
CA ILE A 987 -6.44 -24.25 3.82
C ILE A 987 -5.53 -25.37 3.30
N ARG A 988 -4.42 -25.01 2.66
CA ARG A 988 -3.53 -26.02 2.12
C ARG A 988 -2.98 -26.92 3.23
N ALA A 989 -2.64 -26.33 4.37
CA ALA A 989 -2.15 -27.13 5.49
C ALA A 989 -3.23 -28.09 5.97
N SER A 990 -4.48 -27.64 6.04
CA SER A 990 -5.58 -28.52 6.42
C SER A 990 -5.76 -29.63 5.39
N ALA A 991 -5.65 -29.30 4.10
CA ALA A 991 -5.81 -30.30 3.06
C ALA A 991 -4.74 -31.39 3.16
N ASN A 992 -3.50 -31.00 3.45
CA ASN A 992 -2.43 -31.98 3.57
C ASN A 992 -2.69 -32.94 4.71
N LEU A 993 -3.16 -32.43 5.85
CA LEU A 993 -3.47 -33.29 6.98
C LEU A 993 -4.64 -34.22 6.67
N ALA A 994 -5.61 -33.74 5.89
CA ALA A 994 -6.72 -34.61 5.50
C ALA A 994 -6.26 -35.74 4.60
N ALA A 995 -5.27 -35.48 3.74
CA ALA A 995 -4.75 -36.53 2.88
C ALA A 995 -3.94 -37.55 3.68
N THR A 996 -3.26 -37.09 4.73
CA THR A 996 -2.48 -38.01 5.55
C THR A 996 -3.38 -38.97 6.33
N LYS A 997 -4.52 -38.47 6.83
CA LYS A 997 -5.43 -39.32 7.58
C LYS A 997 -6.16 -40.30 6.66
N MET A 998 -6.40 -39.90 5.41
CA MET A 998 -7.01 -40.82 4.46
C MET A 998 -6.12 -42.04 4.23
N SER A 999 -4.81 -41.82 4.14
CA SER A 999 -3.89 -42.92 3.89
C SER A 999 -3.70 -43.78 5.14
N GLU A 1000 -3.60 -43.14 6.31
CA GLU A 1000 -3.20 -43.83 7.53
C GLU A 1000 -4.37 -44.28 8.39
N CYS A 1001 -5.51 -43.57 8.35
CA CYS A 1001 -6.65 -43.94 9.17
C CYS A 1001 -7.69 -44.74 8.40
N VAL A 1002 -7.80 -44.52 7.09
CA VAL A 1002 -8.86 -45.14 6.30
C VAL A 1002 -8.36 -46.35 5.52
N LEU A 1003 -7.13 -46.29 5.01
CA LEU A 1003 -6.56 -47.38 4.24
C LEU A 1003 -5.63 -48.27 5.06
N GLY A 1004 -5.62 -48.11 6.39
CA GLY A 1004 -4.81 -48.95 7.24
C GLY A 1004 -5.11 -48.67 8.70
N GLN A 1005 -4.46 -49.45 9.56
CA GLN A 1005 -4.60 -49.29 10.99
C GLN A 1005 -3.41 -48.49 11.53
N SER A 1006 -3.72 -47.48 12.33
CA SER A 1006 -2.71 -46.54 12.83
C SER A 1006 -2.42 -46.81 14.29
N LYS A 1007 -1.14 -46.76 14.65
CA LYS A 1007 -0.69 -46.91 16.02
C LYS A 1007 -0.41 -45.58 16.70
N ARG A 1008 -0.41 -44.47 15.94
CA ARG A 1008 -0.20 -43.16 16.53
C ARG A 1008 -1.35 -42.83 17.47
N VAL A 1009 -1.01 -42.36 18.66
CA VAL A 1009 -2.01 -42.11 19.70
C VAL A 1009 -2.77 -40.84 19.35
N ASP A 1010 -4.11 -40.92 19.39
CA ASP A 1010 -5.02 -39.81 19.18
C ASP A 1010 -5.02 -39.28 17.75
N PHE A 1011 -4.38 -39.97 16.81
CA PHE A 1011 -4.36 -39.49 15.43
C PHE A 1011 -5.68 -39.79 14.73
N CYS A 1012 -6.23 -40.99 14.95
CA CYS A 1012 -7.46 -41.41 14.30
C CYS A 1012 -8.57 -41.64 15.33
N GLY A 1013 -8.69 -40.75 16.30
CA GLY A 1013 -9.67 -40.85 17.35
C GLY A 1013 -9.04 -41.06 18.72
N LYS A 1014 -9.89 -41.02 19.74
CA LYS A 1014 -9.42 -41.02 21.11
C LYS A 1014 -8.98 -42.41 21.55
N GLY A 1015 -9.87 -43.39 21.49
CA GLY A 1015 -9.55 -44.73 21.93
C GLY A 1015 -8.56 -45.39 20.99
N TYR A 1016 -8.51 -46.72 21.08
CA TYR A 1016 -7.66 -47.50 20.18
C TYR A 1016 -8.34 -47.63 18.82
N HIS A 1017 -7.62 -47.22 17.78
CA HIS A 1017 -8.21 -47.13 16.45
C HIS A 1017 -8.45 -48.51 15.86
N LEU A 1018 -9.61 -48.68 15.22
CA LEU A 1018 -9.95 -49.90 14.50
C LEU A 1018 -10.07 -49.67 12.99
N MET A 1019 -10.90 -48.73 12.57
CA MET A 1019 -11.02 -48.38 11.16
C MET A 1019 -11.75 -47.03 11.08
N SER A 1020 -11.83 -46.50 9.85
CA SER A 1020 -12.43 -45.21 9.61
C SER A 1020 -13.20 -45.24 8.30
N PHE A 1021 -14.18 -44.34 8.18
CA PHE A 1021 -14.99 -44.20 6.98
C PHE A 1021 -15.10 -42.73 6.61
N PRO A 1022 -14.76 -42.36 5.38
CA PRO A 1022 -14.92 -40.96 4.96
C PRO A 1022 -16.29 -40.69 4.36
N GLN A 1023 -16.75 -39.46 4.57
CA GLN A 1023 -18.00 -38.98 4.00
C GLN A 1023 -17.80 -37.56 3.48
N ALA A 1024 -18.35 -37.29 2.31
CA ALA A 1024 -18.14 -35.99 1.66
C ALA A 1024 -19.03 -34.92 2.26
N ALA A 1025 -18.50 -33.70 2.31
CA ALA A 1025 -19.21 -32.53 2.80
C ALA A 1025 -18.84 -31.34 1.93
N PRO A 1026 -19.62 -30.27 1.99
CA PRO A 1026 -19.31 -29.09 1.17
C PRO A 1026 -17.99 -28.46 1.57
N HIS A 1027 -17.06 -28.43 0.62
CA HIS A 1027 -15.74 -27.83 0.83
C HIS A 1027 -14.97 -28.51 1.97
N GLY A 1028 -15.19 -29.80 2.14
CA GLY A 1028 -14.52 -30.51 3.22
C GLY A 1028 -14.81 -32.00 3.17
N VAL A 1029 -14.42 -32.67 4.25
CA VAL A 1029 -14.59 -34.11 4.39
C VAL A 1029 -14.77 -34.43 5.86
N VAL A 1030 -15.57 -35.46 6.14
CA VAL A 1030 -15.89 -35.89 7.50
C VAL A 1030 -15.41 -37.32 7.67
N PHE A 1031 -14.67 -37.57 8.75
CA PHE A 1031 -14.13 -38.89 9.06
C PHE A 1031 -14.90 -39.49 10.23
N LEU A 1032 -15.28 -40.76 10.10
CA LEU A 1032 -15.95 -41.50 11.17
C LEU A 1032 -14.97 -42.55 11.68
N HIS A 1033 -14.44 -42.32 12.89
CA HIS A 1033 -13.44 -43.20 13.48
C HIS A 1033 -14.11 -44.17 14.44
N VAL A 1034 -13.79 -45.45 14.29
CA VAL A 1034 -14.28 -46.50 15.18
C VAL A 1034 -13.13 -46.91 16.10
N THR A 1035 -13.37 -46.90 17.41
CA THR A 1035 -12.33 -47.14 18.38
C THR A 1035 -12.78 -48.14 19.43
N TYR A 1036 -11.79 -48.74 20.09
CA TYR A 1036 -12.01 -49.70 21.16
C TYR A 1036 -11.75 -49.04 22.51
N VAL A 1037 -12.71 -49.18 23.42
CA VAL A 1037 -12.68 -48.49 24.71
C VAL A 1037 -12.78 -49.54 25.82
N PRO A 1038 -11.74 -49.77 26.60
CA PRO A 1038 -11.86 -50.70 27.73
C PRO A 1038 -12.73 -50.13 28.83
N SER A 1039 -13.18 -51.02 29.73
CA SER A 1039 -14.06 -50.63 30.81
C SER A 1039 -14.01 -51.67 31.92
N GLN A 1040 -14.59 -51.31 33.07
CA GLN A 1040 -14.78 -52.22 34.20
C GLN A 1040 -13.43 -52.70 34.75
N GLU A 1041 -12.64 -51.76 35.26
CA GLU A 1041 -11.37 -52.10 35.88
C GLU A 1041 -11.59 -52.80 37.22
N ARG A 1042 -10.75 -53.80 37.50
CA ARG A 1042 -10.76 -54.52 38.76
C ARG A 1042 -9.34 -54.70 39.25
N ASN A 1043 -9.15 -54.61 40.57
CA ASN A 1043 -7.83 -54.62 41.17
C ASN A 1043 -7.37 -56.04 41.49
N PHE A 1044 -6.08 -56.29 41.30
CA PHE A 1044 -5.47 -57.56 41.66
C PHE A 1044 -4.10 -57.30 42.28
N THR A 1045 -3.65 -58.27 43.08
CA THR A 1045 -2.27 -58.26 43.56
C THR A 1045 -1.35 -58.82 42.48
N THR A 1046 -0.18 -58.22 42.34
CA THR A 1046 0.74 -58.53 41.25
C THR A 1046 2.15 -58.69 41.78
N ALA A 1047 2.95 -59.49 41.05
CA ALA A 1047 4.34 -59.70 41.36
C ALA A 1047 5.18 -59.59 40.09
N PRO A 1048 6.44 -59.17 40.19
CA PRO A 1048 7.25 -59.04 38.96
C PRO A 1048 7.80 -60.36 38.46
N ALA A 1049 8.13 -61.30 39.36
CA ALA A 1049 8.78 -62.54 38.96
C ALA A 1049 8.26 -63.68 39.83
N ILE A 1050 8.48 -64.91 39.35
CA ILE A 1050 8.06 -66.11 40.03
C ILE A 1050 9.16 -67.15 39.89
N CYS A 1051 9.19 -68.10 40.82
CA CYS A 1051 10.22 -69.15 40.86
C CYS A 1051 9.74 -70.47 40.29
N HIS A 1052 8.70 -71.05 40.88
CA HIS A 1052 8.10 -72.35 40.56
C HIS A 1052 8.98 -73.52 40.98
N GLU A 1053 10.31 -73.32 41.05
CA GLU A 1053 11.26 -74.20 41.74
C GLU A 1053 12.56 -73.41 41.87
N GLY A 1054 12.78 -72.79 43.03
CA GLY A 1054 14.03 -72.12 43.32
C GLY A 1054 14.69 -71.46 42.11
N LYS A 1055 13.94 -70.66 41.38
CA LYS A 1055 14.38 -70.12 40.09
C LYS A 1055 13.75 -68.73 39.94
N ALA A 1056 13.94 -68.10 38.77
CA ALA A 1056 13.28 -66.84 38.48
C ALA A 1056 12.65 -66.93 37.10
N TYR A 1057 11.34 -66.67 37.04
CA TYR A 1057 10.59 -66.64 35.79
C TYR A 1057 9.90 -65.29 35.64
N PHE A 1058 9.88 -64.78 34.41
CA PHE A 1058 9.30 -63.49 34.08
C PHE A 1058 8.11 -63.63 33.15
N PRO A 1059 7.18 -62.67 33.17
CA PRO A 1059 5.90 -62.89 32.47
C PRO A 1059 6.03 -63.14 30.98
N ARG A 1060 7.09 -62.64 30.33
CA ARG A 1060 7.28 -62.82 28.89
C ARG A 1060 6.10 -62.22 28.12
N GLU A 1061 6.05 -60.88 28.18
CA GLU A 1061 4.95 -60.10 27.59
C GLU A 1061 3.62 -60.46 28.26
N GLY A 1062 3.57 -60.17 29.55
CA GLY A 1062 2.37 -60.39 30.33
C GLY A 1062 2.53 -59.79 31.72
N VAL A 1063 1.66 -60.22 32.63
CA VAL A 1063 1.71 -59.75 34.01
C VAL A 1063 1.09 -60.81 34.91
N PHE A 1064 1.74 -61.06 36.04
CA PHE A 1064 1.25 -62.03 37.01
C PHE A 1064 0.18 -61.39 37.90
N VAL A 1065 -0.94 -62.07 38.05
CA VAL A 1065 -2.08 -61.57 38.81
C VAL A 1065 -2.51 -62.63 39.81
N PHE A 1066 -2.79 -62.21 41.04
CA PHE A 1066 -3.27 -63.10 42.10
C PHE A 1066 -4.77 -62.91 42.23
N ASN A 1067 -5.54 -63.89 41.76
CA ASN A 1067 -7.00 -63.81 41.84
C ASN A 1067 -7.50 -64.10 43.25
N GLY A 1068 -6.83 -65.00 43.98
CA GLY A 1068 -7.27 -65.42 45.29
C GLY A 1068 -7.15 -66.92 45.44
N THR A 1069 -7.32 -67.65 44.34
CA THR A 1069 -7.13 -69.08 44.33
C THR A 1069 -5.71 -69.45 43.94
N SER A 1070 -5.16 -68.80 42.92
CA SER A 1070 -3.79 -69.05 42.47
C SER A 1070 -3.36 -67.90 41.58
N TRP A 1071 -2.06 -67.87 41.28
CA TRP A 1071 -1.53 -66.87 40.38
C TRP A 1071 -1.90 -67.20 38.94
N PHE A 1072 -2.02 -66.15 38.12
CA PHE A 1072 -2.37 -66.30 36.71
C PHE A 1072 -1.57 -65.32 35.87
N ILE A 1073 -1.50 -65.61 34.57
CA ILE A 1073 -0.90 -64.74 33.57
C ILE A 1073 -2.01 -64.24 32.66
N THR A 1074 -1.96 -62.95 32.33
CA THR A 1074 -3.04 -62.33 31.58
C THR A 1074 -2.51 -61.15 30.78
N GLN A 1075 -3.31 -60.73 29.80
CA GLN A 1075 -2.98 -59.56 29.00
C GLN A 1075 -3.23 -58.28 29.80
N ARG A 1076 -2.63 -57.19 29.33
CA ARG A 1076 -2.81 -55.90 29.99
C ARG A 1076 -4.21 -55.35 29.77
N ASN A 1077 -4.96 -55.89 28.81
CA ASN A 1077 -6.34 -55.48 28.55
C ASN A 1077 -7.23 -56.70 28.45
N PHE A 1078 -8.48 -56.54 28.88
CA PHE A 1078 -9.46 -57.63 28.84
C PHE A 1078 -8.98 -58.82 29.66
N PHE A 1079 -8.93 -58.65 30.98
CA PHE A 1079 -8.58 -59.72 31.90
C PHE A 1079 -9.10 -61.07 31.42
N SER A 1080 -8.20 -62.04 31.29
CA SER A 1080 -8.54 -63.37 30.82
C SER A 1080 -7.59 -64.37 31.46
N PRO A 1081 -7.95 -64.95 32.59
CA PRO A 1081 -7.04 -65.84 33.31
C PRO A 1081 -6.46 -66.93 32.41
N GLN A 1082 -5.14 -67.11 32.51
CA GLN A 1082 -4.45 -68.24 31.89
C GLN A 1082 -3.51 -68.85 32.92
N ILE A 1083 -3.47 -70.18 32.96
CA ILE A 1083 -2.60 -70.87 33.92
C ILE A 1083 -1.15 -70.69 33.50
N ILE A 1084 -0.29 -70.42 34.48
CA ILE A 1084 1.11 -70.19 34.21
C ILE A 1084 1.74 -71.46 33.66
N THR A 1085 2.75 -71.30 32.81
CA THR A 1085 3.39 -72.44 32.16
C THR A 1085 4.78 -72.02 31.71
N THR A 1086 5.60 -73.01 31.38
CA THR A 1086 6.95 -72.73 30.90
C THR A 1086 6.93 -71.90 29.62
N ASP A 1087 6.03 -72.23 28.70
CA ASP A 1087 5.95 -71.49 27.44
C ASP A 1087 5.55 -70.03 27.69
N ASN A 1088 4.63 -69.81 28.63
CA ASN A 1088 4.14 -68.45 28.89
C ASN A 1088 5.23 -67.55 29.44
N THR A 1089 6.35 -68.11 29.90
CA THR A 1089 7.39 -67.36 30.57
C THR A 1089 8.77 -67.74 30.04
N PHE A 1090 9.72 -66.83 30.23
CA PHE A 1090 11.13 -67.08 29.93
C PHE A 1090 11.92 -67.05 31.23
N VAL A 1091 12.83 -68.00 31.39
CA VAL A 1091 13.64 -68.11 32.60
C VAL A 1091 14.93 -67.34 32.41
N SER A 1092 15.50 -66.88 33.52
CA SER A 1092 16.76 -66.14 33.49
C SER A 1092 17.66 -66.58 34.65
N TYR B 17 -16.75 1.17 -56.56
CA TYR B 17 -16.37 1.20 -55.15
C TYR B 17 -16.11 -0.21 -54.64
N THR B 18 -15.18 -0.91 -55.29
CA THR B 18 -14.85 -2.26 -54.87
C THR B 18 -14.28 -2.26 -53.46
N GLN B 19 -14.63 -3.29 -52.69
CA GLN B 19 -14.16 -3.43 -51.32
C GLN B 19 -12.98 -4.39 -51.26
N HIS B 20 -12.03 -4.08 -50.39
CA HIS B 20 -10.84 -4.90 -50.20
C HIS B 20 -10.51 -4.95 -48.72
N THR B 21 -9.35 -5.52 -48.40
CA THR B 21 -8.90 -5.68 -47.02
C THR B 21 -7.48 -5.15 -46.88
N SER B 22 -7.17 -4.65 -45.68
CA SER B 22 -5.82 -4.21 -45.33
C SER B 22 -5.33 -5.15 -44.23
N SER B 23 -4.66 -6.22 -44.64
CA SER B 23 -4.28 -7.28 -43.72
C SER B 23 -3.44 -6.77 -42.55
N MET B 24 -2.24 -6.27 -42.84
CA MET B 24 -1.33 -5.79 -41.80
C MET B 24 -0.82 -4.37 -42.08
N ARG B 25 -1.39 -3.69 -43.05
CA ARG B 25 -0.86 -2.40 -43.50
C ARG B 25 -1.21 -1.29 -42.51
N GLY B 26 -0.38 -0.26 -42.49
CA GLY B 26 -0.70 0.98 -41.80
C GLY B 26 0.05 1.25 -40.52
N VAL B 27 1.13 0.53 -40.23
CA VAL B 27 1.92 0.77 -39.02
C VAL B 27 2.97 1.84 -39.33
N TYR B 28 3.16 2.76 -38.38
CA TYR B 28 4.15 3.81 -38.51
C TYR B 28 4.81 4.07 -37.16
N TYR B 29 5.96 4.70 -37.20
CA TYR B 29 6.72 4.99 -35.98
C TYR B 29 5.95 5.95 -35.09
N PRO B 30 5.72 5.64 -33.81
CA PRO B 30 4.91 6.55 -33.00
C PRO B 30 5.64 7.81 -32.56
N ASP B 31 6.93 7.71 -32.24
CA ASP B 31 7.65 8.83 -31.66
C ASP B 31 9.06 8.87 -32.26
N GLU B 32 9.92 9.70 -31.67
CA GLU B 32 11.28 9.90 -32.16
C GLU B 32 12.33 9.20 -31.31
N ILE B 33 11.93 8.38 -30.35
CA ILE B 33 12.89 7.70 -29.49
C ILE B 33 13.38 6.43 -30.17
N PHE B 34 14.65 6.09 -29.92
CA PHE B 34 15.25 4.88 -30.47
C PHE B 34 15.07 3.73 -29.49
N ARG B 35 14.55 2.61 -30.00
CA ARG B 35 14.31 1.43 -29.20
C ARG B 35 14.81 0.21 -29.96
N SER B 36 15.18 -0.84 -29.23
CA SER B 36 15.75 -2.03 -29.84
C SER B 36 15.46 -3.24 -28.98
N ASP B 37 15.16 -4.36 -29.65
CA ASP B 37 14.94 -5.65 -29.00
C ASP B 37 14.03 -5.52 -27.79
N THR B 38 12.80 -5.08 -28.05
CA THR B 38 11.83 -4.87 -26.98
C THR B 38 10.42 -4.86 -27.55
N LEU B 39 9.45 -5.00 -26.67
CA LEU B 39 8.04 -4.85 -26.99
C LEU B 39 7.55 -3.57 -26.37
N TYR B 40 6.95 -2.69 -27.18
CA TYR B 40 6.47 -1.40 -26.71
C TYR B 40 4.99 -1.29 -27.03
N LEU B 41 4.18 -1.06 -26.01
CA LEU B 41 2.73 -1.00 -26.12
C LEU B 41 2.29 0.46 -26.06
N THR B 42 1.52 0.89 -27.05
CA THR B 42 1.12 2.28 -27.16
C THR B 42 -0.30 2.37 -27.72
N GLN B 43 -0.92 3.53 -27.52
CA GLN B 43 -2.28 3.79 -27.97
C GLN B 43 -2.31 5.06 -28.80
N ASP B 44 -2.85 4.96 -30.01
CA ASP B 44 -2.85 6.08 -30.95
C ASP B 44 -3.87 5.78 -32.05
N LEU B 45 -3.86 6.61 -33.08
CA LEU B 45 -4.74 6.42 -34.24
C LEU B 45 -4.07 5.48 -35.22
N PHE B 46 -4.64 4.29 -35.41
CA PHE B 46 -4.09 3.27 -36.28
C PHE B 46 -5.17 2.75 -37.20
N LEU B 47 -4.73 1.99 -38.21
CA LEU B 47 -5.65 1.29 -39.09
C LEU B 47 -5.83 -0.13 -38.58
N PRO B 48 -7.02 -0.52 -38.12
CA PRO B 48 -7.18 -1.87 -37.55
C PRO B 48 -6.87 -2.94 -38.58
N PHE B 49 -6.30 -4.04 -38.09
CA PHE B 49 -5.95 -5.15 -38.96
C PHE B 49 -7.21 -5.70 -39.65
N TYR B 50 -7.07 -5.98 -40.94
CA TYR B 50 -8.16 -6.55 -41.74
C TYR B 50 -9.39 -5.66 -41.72
N SER B 51 -9.19 -4.39 -42.08
CA SER B 51 -10.28 -3.43 -42.20
C SER B 51 -10.72 -3.30 -43.65
N ASN B 52 -11.81 -2.59 -43.86
CA ASN B 52 -12.35 -2.38 -45.20
C ASN B 52 -11.74 -1.14 -45.84
N VAL B 53 -11.33 -1.28 -47.10
CA VAL B 53 -10.75 -0.19 -47.87
C VAL B 53 -11.44 -0.14 -49.23
N THR B 54 -11.84 1.05 -49.64
CA THR B 54 -12.50 1.23 -50.93
C THR B 54 -11.46 1.31 -52.04
N GLY B 55 -11.79 0.76 -53.20
CA GLY B 55 -10.90 0.74 -54.35
C GLY B 55 -11.40 1.68 -55.43
N PHE B 56 -10.57 2.65 -55.78
CA PHE B 56 -10.86 3.60 -56.84
C PHE B 56 -9.92 3.33 -58.01
N HIS B 57 -10.50 3.04 -59.18
CA HIS B 57 -9.75 2.69 -60.38
C HIS B 57 -9.88 3.83 -61.38
N THR B 58 -8.76 4.45 -61.72
CA THR B 58 -8.72 5.52 -62.71
C THR B 58 -8.03 5.01 -63.96
N ILE B 59 -8.77 4.96 -65.06
CA ILE B 59 -8.27 4.47 -66.34
C ILE B 59 -8.95 5.27 -67.45
N ASN B 60 -8.58 4.96 -68.70
CA ASN B 60 -9.20 5.63 -69.83
C ASN B 60 -10.71 5.45 -69.81
N HIS B 61 -11.17 4.22 -69.58
CA HIS B 61 -12.60 3.94 -69.60
C HIS B 61 -13.34 4.70 -68.50
N THR B 62 -12.85 4.58 -67.26
CA THR B 62 -13.47 5.20 -66.10
C THR B 62 -12.43 6.04 -65.36
N PHE B 63 -12.84 7.21 -64.89
CA PHE B 63 -11.95 8.16 -64.24
C PHE B 63 -12.56 8.54 -62.90
N ASP B 64 -11.96 8.06 -61.80
CA ASP B 64 -12.50 8.24 -60.46
C ASP B 64 -11.71 9.34 -59.75
N ASN B 65 -12.40 10.43 -59.39
CA ASN B 65 -11.82 11.46 -58.54
C ASN B 65 -12.91 12.18 -57.78
N PRO B 66 -13.72 11.48 -56.99
CA PRO B 66 -14.77 12.14 -56.21
C PRO B 66 -14.18 12.75 -54.93
N VAL B 67 -15.08 13.31 -54.12
CA VAL B 67 -14.70 13.91 -52.85
C VAL B 67 -14.95 12.90 -51.74
N ILE B 68 -13.89 12.51 -51.04
CA ILE B 68 -13.97 11.51 -49.98
C ILE B 68 -13.87 12.23 -48.64
N PRO B 69 -14.57 11.79 -47.60
CA PRO B 69 -14.42 12.41 -46.28
C PRO B 69 -13.06 12.11 -45.67
N PHE B 70 -12.65 12.97 -44.73
CA PHE B 70 -11.39 12.77 -44.03
C PHE B 70 -11.58 11.87 -42.82
N LYS B 71 -12.48 12.24 -41.91
CA LYS B 71 -12.89 11.41 -40.78
C LYS B 71 -11.69 10.98 -39.94
N ASP B 72 -11.04 11.97 -39.31
CA ASP B 72 -10.01 11.76 -38.31
C ASP B 72 -8.72 11.19 -38.87
N GLY B 73 -8.57 11.17 -40.19
CA GLY B 73 -7.37 10.67 -40.82
C GLY B 73 -7.66 9.50 -41.77
N ILE B 74 -6.72 9.25 -42.66
CA ILE B 74 -6.86 8.23 -43.69
C ILE B 74 -5.54 7.51 -43.90
N TYR B 75 -5.64 6.33 -44.51
CA TYR B 75 -4.51 5.60 -45.06
C TYR B 75 -4.67 5.53 -46.57
N PHE B 76 -3.67 6.00 -47.31
CA PHE B 76 -3.75 6.13 -48.75
C PHE B 76 -2.64 5.31 -49.39
N ALA B 77 -3.03 4.43 -50.32
CA ALA B 77 -2.09 3.55 -51.00
C ALA B 77 -2.38 3.57 -52.49
N ALA B 78 -1.33 3.63 -53.31
CA ALA B 78 -1.46 3.67 -54.76
C ALA B 78 -0.57 2.60 -55.38
N THR B 79 -1.19 1.65 -56.08
CA THR B 79 -0.49 0.66 -56.89
C THR B 79 -0.64 1.07 -58.35
N GLU B 80 0.38 1.70 -58.90
CA GLU B 80 0.27 2.26 -60.24
C GLU B 80 1.66 2.47 -60.82
N LYS B 81 1.74 2.34 -62.14
CA LYS B 81 2.93 2.64 -62.91
C LYS B 81 2.67 3.88 -63.76
N SER B 82 3.76 4.52 -64.20
CA SER B 82 3.76 5.73 -65.00
C SER B 82 3.40 6.96 -64.17
N ASN B 83 3.22 6.82 -62.85
CA ASN B 83 2.94 7.95 -61.97
C ASN B 83 1.63 8.63 -62.35
N VAL B 84 0.55 7.85 -62.33
CA VAL B 84 -0.77 8.41 -62.61
C VAL B 84 -1.21 9.31 -61.46
N VAL B 85 -1.03 8.85 -60.23
CA VAL B 85 -1.39 9.64 -59.05
C VAL B 85 -0.29 10.67 -58.81
N ARG B 86 -0.69 11.93 -58.62
CA ARG B 86 0.25 13.03 -58.53
C ARG B 86 0.21 13.78 -57.20
N GLY B 87 -0.96 13.90 -56.57
CA GLY B 87 -1.05 14.67 -55.34
C GLY B 87 -2.47 14.72 -54.82
N TRP B 88 -2.69 15.64 -53.88
CA TRP B 88 -3.97 15.72 -53.18
C TRP B 88 -4.35 17.18 -53.02
N VAL B 89 -5.61 17.40 -52.64
CA VAL B 89 -6.10 18.69 -52.18
C VAL B 89 -6.96 18.43 -50.94
N PHE B 90 -6.71 19.19 -49.88
CA PHE B 90 -7.43 19.04 -48.62
C PHE B 90 -8.17 20.33 -48.30
N GLY B 91 -9.41 20.20 -47.84
CA GLY B 91 -10.20 21.37 -47.51
C GLY B 91 -11.55 20.95 -46.97
N SER B 92 -12.34 21.96 -46.59
CA SER B 92 -13.68 21.74 -46.04
C SER B 92 -14.76 21.93 -47.10
N THR B 93 -14.80 23.11 -47.72
CA THR B 93 -15.79 23.40 -48.76
C THR B 93 -15.28 23.15 -50.17
N MET B 94 -13.97 23.01 -50.34
CA MET B 94 -13.37 22.73 -51.64
C MET B 94 -13.76 23.81 -52.67
N ASN B 95 -13.78 25.05 -52.23
CA ASN B 95 -14.05 26.18 -53.11
C ASN B 95 -13.39 27.43 -52.51
N ASN B 96 -13.48 28.54 -53.24
CA ASN B 96 -12.75 29.75 -52.84
C ASN B 96 -13.36 30.44 -51.63
N LYS B 97 -14.34 29.86 -50.94
CA LYS B 97 -14.88 30.48 -49.73
C LYS B 97 -14.08 30.12 -48.48
N SER B 98 -13.14 29.17 -48.59
CA SER B 98 -12.40 28.70 -47.44
C SER B 98 -11.00 28.25 -47.87
N GLN B 99 -10.12 28.12 -46.88
CA GLN B 99 -8.74 27.75 -47.14
C GLN B 99 -8.62 26.29 -47.54
N SER B 100 -7.65 26.00 -48.40
CA SER B 100 -7.30 24.64 -48.79
C SER B 100 -5.80 24.55 -48.98
N VAL B 101 -5.29 23.31 -48.95
CA VAL B 101 -3.87 23.04 -49.12
C VAL B 101 -3.71 22.01 -50.23
N ILE B 102 -2.71 22.22 -51.09
CA ILE B 102 -2.45 21.36 -52.24
C ILE B 102 -1.04 20.82 -52.13
N ILE B 103 -0.90 19.50 -52.24
CA ILE B 103 0.39 18.82 -52.25
C ILE B 103 0.46 18.02 -53.54
N ILE B 104 1.48 18.30 -54.37
CA ILE B 104 1.60 17.68 -55.68
C ILE B 104 3.08 17.55 -56.05
N ASN B 105 3.36 16.55 -56.88
CA ASN B 105 4.65 16.43 -57.55
C ASN B 105 4.45 16.78 -59.03
N ASN B 106 5.04 17.88 -59.46
CA ASN B 106 4.80 18.43 -60.79
C ASN B 106 5.89 18.05 -61.79
N SER B 107 6.42 16.83 -61.68
CA SER B 107 7.40 16.29 -62.63
C SER B 107 8.77 16.94 -62.45
N THR B 108 8.88 17.90 -61.54
CA THR B 108 10.15 18.58 -61.25
C THR B 108 10.49 18.56 -59.76
N ASN B 109 9.51 18.81 -58.91
CA ASN B 109 9.73 18.88 -57.47
C ASN B 109 8.38 19.02 -56.79
N VAL B 110 8.37 18.86 -55.47
CA VAL B 110 7.16 18.89 -54.65
C VAL B 110 6.83 20.34 -54.31
N VAL B 111 5.54 20.69 -54.39
CA VAL B 111 5.06 22.02 -54.07
C VAL B 111 3.90 21.88 -53.09
N ILE B 112 3.94 22.69 -52.02
CA ILE B 112 2.87 22.73 -51.02
C ILE B 112 2.47 24.19 -50.85
N ARG B 113 1.18 24.48 -50.97
CA ARG B 113 0.67 25.84 -50.94
C ARG B 113 -0.71 25.86 -50.30
N ALA B 114 -0.90 26.75 -49.33
CA ALA B 114 -2.18 26.93 -48.65
C ALA B 114 -2.73 28.31 -49.01
N CYS B 115 -3.85 28.34 -49.71
CA CYS B 115 -4.44 29.58 -50.19
C CYS B 115 -5.95 29.41 -50.30
N ASN B 116 -6.61 30.48 -50.72
CA ASN B 116 -8.01 30.42 -51.11
C ASN B 116 -8.06 30.09 -52.60
N PHE B 117 -8.27 28.82 -52.91
CA PHE B 117 -8.16 28.32 -54.27
C PHE B 117 -9.52 28.28 -54.94
N GLU B 118 -9.53 28.66 -56.21
CA GLU B 118 -10.71 28.48 -57.08
C GLU B 118 -10.64 27.11 -57.74
N LEU B 119 -10.78 26.08 -56.91
CA LEU B 119 -10.51 24.71 -57.33
C LEU B 119 -11.40 24.30 -58.49
N CYS B 120 -10.81 23.65 -59.48
CA CYS B 120 -11.55 23.11 -60.60
C CYS B 120 -12.37 21.90 -60.16
N ASP B 121 -13.48 21.67 -60.86
CA ASP B 121 -14.30 20.50 -60.58
C ASP B 121 -13.57 19.21 -60.97
N ASN B 122 -12.77 19.27 -62.03
CA ASN B 122 -12.00 18.13 -62.51
C ASN B 122 -10.54 18.54 -62.64
N PRO B 123 -9.76 18.44 -61.57
CA PRO B 123 -8.34 18.78 -61.64
C PRO B 123 -7.48 17.60 -62.06
N PHE B 124 -6.51 17.88 -62.92
CA PHE B 124 -5.62 16.83 -63.42
C PHE B 124 -4.41 17.49 -64.07
N PHE B 125 -3.37 16.68 -64.25
CA PHE B 125 -2.19 17.05 -65.03
C PHE B 125 -2.37 16.59 -66.46
N ALA B 126 -1.80 17.35 -67.40
CA ALA B 126 -1.92 17.06 -68.82
C ALA B 126 -0.60 16.50 -69.33
N VAL B 127 -0.67 15.33 -69.98
CA VAL B 127 0.51 14.69 -70.54
C VAL B 127 0.24 14.27 -71.98
N THR B 137 -0.84 22.07 -66.89
CA THR B 137 -1.60 21.53 -65.77
C THR B 137 -2.69 22.50 -65.33
N MET B 138 -3.93 22.01 -65.30
CA MET B 138 -5.10 22.81 -64.91
C MET B 138 -5.62 22.24 -63.60
N ILE B 139 -5.09 22.74 -62.49
CA ILE B 139 -5.50 22.31 -61.16
C ILE B 139 -6.48 23.32 -60.58
N PHE B 140 -6.08 24.59 -60.56
CA PHE B 140 -6.89 25.66 -60.02
C PHE B 140 -6.89 26.83 -61.00
N ASP B 141 -7.71 27.84 -60.70
CA ASP B 141 -7.83 29.04 -61.52
C ASP B 141 -7.19 30.25 -60.86
N ASN B 142 -7.53 30.53 -59.60
CA ASN B 142 -7.03 31.69 -58.88
C ASN B 142 -6.52 31.26 -57.51
N ALA B 143 -5.53 31.99 -57.02
CA ALA B 143 -4.91 31.72 -55.72
C ALA B 143 -4.61 33.07 -55.05
N PHE B 144 -5.35 33.36 -53.99
CA PHE B 144 -5.18 34.59 -53.22
C PHE B 144 -5.32 34.29 -51.73
N ASN B 145 -4.84 35.22 -50.91
CA ASN B 145 -4.86 35.08 -49.46
C ASN B 145 -4.03 33.86 -49.03
N CYS B 146 -2.83 33.75 -49.59
CA CYS B 146 -1.95 32.63 -49.31
C CYS B 146 -1.28 32.81 -47.95
N THR B 147 -1.16 31.72 -47.20
CA THR B 147 -0.59 31.75 -45.86
C THR B 147 0.61 30.84 -45.68
N PHE B 148 0.81 29.86 -46.56
CA PHE B 148 1.93 28.93 -46.44
C PHE B 148 2.45 28.59 -47.84
N GLU B 149 3.73 28.22 -47.91
CA GLU B 149 4.34 27.82 -49.16
C GLU B 149 5.65 27.08 -48.87
N TYR B 150 5.90 26.04 -49.67
CA TYR B 150 7.14 25.27 -49.54
C TYR B 150 7.45 24.65 -50.89
N ILE B 151 8.69 24.80 -51.35
CA ILE B 151 9.13 24.29 -52.64
C ILE B 151 10.35 23.42 -52.43
N SER B 152 10.37 22.25 -53.08
CA SER B 152 11.47 21.31 -52.96
C SER B 152 12.46 21.51 -54.11
N ASP B 153 13.64 20.92 -53.94
CA ASP B 153 14.68 21.03 -54.96
C ASP B 153 14.27 20.30 -56.23
N ALA B 154 14.75 20.79 -57.36
CA ALA B 154 14.45 20.18 -58.65
C ALA B 154 15.49 19.12 -59.01
N ASN B 165 -0.05 -5.34 -64.49
CA ASN B 165 1.16 -5.72 -63.77
C ASN B 165 1.80 -4.50 -63.11
N PHE B 166 1.09 -3.90 -62.16
CA PHE B 166 1.63 -2.75 -61.44
C PHE B 166 2.90 -3.13 -60.69
N LYS B 167 3.84 -2.20 -60.62
CA LYS B 167 5.17 -2.47 -60.10
C LYS B 167 5.53 -1.68 -58.85
N HIS B 168 4.91 -0.51 -58.64
CA HIS B 168 5.27 0.37 -57.53
C HIS B 168 4.09 0.51 -56.58
N LEU B 169 4.35 0.27 -55.29
CA LEU B 169 3.37 0.49 -54.24
C LEU B 169 3.83 1.66 -53.38
N ARG B 170 2.99 2.69 -53.28
CA ARG B 170 3.27 3.86 -52.46
C ARG B 170 2.24 3.93 -51.35
N GLU B 171 2.70 4.13 -50.12
CA GLU B 171 1.85 4.15 -48.94
C GLU B 171 2.00 5.47 -48.21
N PHE B 172 0.87 6.05 -47.78
CA PHE B 172 0.87 7.30 -47.04
C PHE B 172 -0.13 7.22 -45.90
N VAL B 173 0.12 8.02 -44.87
CA VAL B 173 -0.81 8.20 -43.76
C VAL B 173 -0.91 9.69 -43.49
N PHE B 174 -2.14 10.18 -43.32
CA PHE B 174 -2.40 11.59 -43.04
C PHE B 174 -3.22 11.71 -41.78
N LYS B 175 -2.79 12.59 -40.87
CA LYS B 175 -3.56 12.95 -39.69
C LYS B 175 -3.41 14.43 -39.43
N ASN B 176 -4.47 15.04 -38.89
CA ASN B 176 -4.50 16.46 -38.59
C ASN B 176 -4.84 16.64 -37.12
N LYS B 177 -3.95 17.30 -36.38
CA LYS B 177 -4.12 17.42 -34.94
C LYS B 177 -3.35 18.64 -34.44
N ASP B 178 -4.02 19.48 -33.66
CA ASP B 178 -3.41 20.66 -33.04
C ASP B 178 -2.73 21.54 -34.08
N GLY B 179 -3.44 21.77 -35.18
CA GLY B 179 -2.94 22.67 -36.20
C GLY B 179 -1.76 22.14 -36.98
N PHE B 180 -1.56 20.82 -36.98
CA PHE B 180 -0.46 20.19 -37.68
C PHE B 180 -0.97 19.06 -38.55
N LEU B 181 -0.53 19.02 -39.80
CA LEU B 181 -0.83 17.93 -40.71
C LEU B 181 0.41 17.04 -40.82
N TYR B 182 0.29 15.80 -40.36
CA TYR B 182 1.39 14.85 -40.37
C TYR B 182 1.32 14.02 -41.65
N VAL B 183 2.49 13.64 -42.18
CA VAL B 183 2.59 12.79 -43.36
C VAL B 183 3.63 11.71 -43.07
N TYR B 184 3.25 10.46 -43.35
CA TYR B 184 4.16 9.33 -43.25
C TYR B 184 4.26 8.65 -44.62
N LYS B 185 5.42 8.12 -44.93
CA LYS B 185 5.71 7.61 -46.27
C LYS B 185 6.36 6.23 -46.20
N GLY B 186 6.04 5.40 -47.19
CA GLY B 186 6.68 4.10 -47.32
C GLY B 186 6.59 3.63 -48.76
N TYR B 187 7.48 2.69 -49.11
CA TYR B 187 7.59 2.19 -50.47
C TYR B 187 7.81 0.68 -50.44
N GLN B 188 7.34 0.00 -51.47
CA GLN B 188 7.47 -1.46 -51.58
C GLN B 188 7.29 -1.88 -53.03
N PRO B 189 8.22 -2.65 -53.60
CA PRO B 189 7.99 -3.21 -54.94
C PRO B 189 7.02 -4.39 -54.89
N ILE B 190 6.19 -4.50 -55.94
CA ILE B 190 5.16 -5.51 -55.99
C ILE B 190 5.12 -6.11 -57.40
N ASP B 191 4.26 -7.13 -57.55
CA ASP B 191 3.99 -7.74 -58.85
C ASP B 191 2.51 -8.01 -59.06
N VAL B 192 1.66 -7.71 -58.07
CA VAL B 192 0.24 -8.02 -58.16
C VAL B 192 -0.38 -7.27 -59.34
N VAL B 193 -1.46 -7.83 -59.89
CA VAL B 193 -2.08 -7.26 -61.07
C VAL B 193 -2.96 -6.07 -60.71
N ARG B 194 -4.03 -6.31 -59.92
CA ARG B 194 -5.04 -5.29 -59.74
C ARG B 194 -5.57 -5.16 -58.31
N ASP B 195 -4.86 -5.64 -57.29
CA ASP B 195 -5.37 -5.61 -55.92
C ASP B 195 -4.25 -5.22 -54.97
N LEU B 196 -4.66 -4.81 -53.77
CA LEU B 196 -3.70 -4.43 -52.74
C LEU B 196 -2.99 -5.67 -52.20
N PRO B 197 -1.66 -5.76 -52.32
CA PRO B 197 -0.98 -6.94 -51.77
C PRO B 197 -1.07 -6.99 -50.26
N SER B 198 -1.07 -8.21 -49.73
CA SER B 198 -1.04 -8.42 -48.29
C SER B 198 0.41 -8.43 -47.80
N GLY B 199 0.59 -8.00 -46.56
CA GLY B 199 1.90 -7.99 -45.94
C GLY B 199 1.99 -6.89 -44.90
N PHE B 200 3.18 -6.77 -44.33
CA PHE B 200 3.45 -5.84 -43.24
C PHE B 200 4.54 -4.87 -43.67
N ASN B 201 4.29 -3.58 -43.46
CA ASN B 201 5.27 -2.54 -43.78
C ASN B 201 5.12 -1.41 -42.77
N THR B 202 6.21 -0.68 -42.56
CA THR B 202 6.27 0.41 -41.60
C THR B 202 6.63 1.70 -42.30
N LEU B 203 5.85 2.76 -42.03
CA LEU B 203 6.06 4.07 -42.64
C LEU B 203 6.92 4.94 -41.75
N LYS B 204 7.46 6.01 -42.34
CA LYS B 204 8.34 6.94 -41.64
C LYS B 204 7.83 8.37 -41.80
N PRO B 205 8.07 9.24 -40.81
CA PRO B 205 7.58 10.62 -40.91
C PRO B 205 8.45 11.46 -41.84
N ILE B 206 7.80 12.28 -42.66
CA ILE B 206 8.52 13.12 -43.62
C ILE B 206 8.12 14.59 -43.49
N PHE B 207 6.91 14.85 -42.97
CA PHE B 207 6.39 16.22 -42.93
C PHE B 207 5.56 16.43 -41.67
N LYS B 208 5.66 17.65 -41.13
CA LYS B 208 4.83 18.10 -40.00
C LYS B 208 4.47 19.55 -40.33
N LEU B 209 3.35 19.75 -41.02
CA LEU B 209 3.04 21.04 -41.63
C LEU B 209 2.19 21.88 -40.69
N PRO B 210 2.61 23.11 -40.33
CA PRO B 210 1.77 23.99 -39.49
C PRO B 210 0.78 24.81 -40.31
N LEU B 211 -0.25 24.14 -40.82
CA LEU B 211 -1.23 24.82 -41.68
C LEU B 211 -2.34 25.46 -40.85
N GLY B 212 -2.81 24.77 -39.81
CA GLY B 212 -3.85 25.33 -38.97
C GLY B 212 -5.16 25.58 -39.69
N ILE B 213 -5.59 24.65 -40.53
CA ILE B 213 -6.84 24.79 -41.28
C ILE B 213 -7.75 23.63 -40.93
N ASN B 214 -9.03 23.80 -41.26
CA ASN B 214 -10.08 22.84 -40.90
C ASN B 214 -10.31 21.92 -42.10
N ILE B 215 -9.93 20.65 -41.94
CA ILE B 215 -9.94 19.67 -43.02
C ILE B 215 -11.09 18.69 -42.76
N THR B 216 -11.95 18.53 -43.76
CA THR B 216 -13.03 17.55 -43.71
C THR B 216 -13.20 16.77 -45.00
N ASN B 217 -12.48 17.13 -46.06
CA ASN B 217 -12.59 16.45 -47.34
C ASN B 217 -11.23 16.43 -48.03
N PHE B 218 -11.07 15.51 -48.98
CA PHE B 218 -9.89 15.48 -49.81
C PHE B 218 -10.24 14.88 -51.16
N ARG B 219 -9.42 15.21 -52.16
CA ARG B 219 -9.59 14.72 -53.51
C ARG B 219 -8.23 14.44 -54.12
N ALA B 220 -8.15 13.36 -54.90
CA ALA B 220 -6.91 12.97 -55.54
C ALA B 220 -6.68 13.78 -56.82
N ILE B 221 -5.40 13.96 -57.16
CA ILE B 221 -4.99 14.66 -58.37
C ILE B 221 -4.30 13.65 -59.26
N LEU B 222 -4.80 13.48 -60.49
CA LEU B 222 -4.33 12.45 -61.41
C LEU B 222 -3.93 13.08 -62.72
N THR B 223 -3.17 12.35 -63.52
CA THR B 223 -2.73 12.82 -64.83
C THR B 223 -3.51 12.10 -65.92
N ALA B 224 -3.79 12.82 -67.01
CA ALA B 224 -4.55 12.29 -68.14
C ALA B 224 -3.63 12.10 -69.33
N PHE B 225 -3.69 10.93 -69.95
CA PHE B 225 -2.90 10.64 -71.13
C PHE B 225 -3.72 10.84 -72.40
N GLY B 233 -7.07 8.43 -73.19
CA GLY B 233 -7.69 8.97 -71.98
C GLY B 233 -6.74 8.99 -70.81
N THR B 234 -6.52 7.83 -70.20
CA THR B 234 -5.65 7.70 -69.04
C THR B 234 -5.07 6.30 -69.00
N SER B 235 -3.93 6.17 -68.33
CA SER B 235 -3.29 4.87 -68.18
C SER B 235 -3.96 4.08 -67.06
N ALA B 236 -3.41 2.89 -66.79
CA ALA B 236 -3.98 2.00 -65.78
C ALA B 236 -3.38 2.31 -64.41
N ALA B 237 -4.26 2.63 -63.45
CA ALA B 237 -3.82 2.94 -62.10
C ALA B 237 -5.00 2.77 -61.16
N ALA B 238 -4.69 2.66 -59.87
CA ALA B 238 -5.69 2.54 -58.83
C ALA B 238 -5.11 3.01 -57.50
N TYR B 239 -5.99 3.37 -56.57
CA TYR B 239 -5.60 3.76 -55.22
C TYR B 239 -6.70 3.36 -54.24
N PHE B 240 -6.32 3.23 -52.98
CA PHE B 240 -7.19 2.70 -51.94
C PHE B 240 -7.16 3.61 -50.73
N VAL B 241 -8.28 3.66 -50.01
CA VAL B 241 -8.44 4.57 -48.88
C VAL B 241 -8.97 3.78 -47.68
N GLY B 242 -8.39 4.04 -46.50
CA GLY B 242 -8.88 3.48 -45.27
C GLY B 242 -8.97 4.57 -44.20
N TYR B 243 -9.67 4.25 -43.12
CA TYR B 243 -9.93 5.19 -42.05
C TYR B 243 -9.29 4.71 -40.75
N LEU B 244 -8.71 5.65 -40.00
CA LEU B 244 -8.01 5.37 -38.77
C LEU B 244 -8.95 5.49 -37.58
N LYS B 245 -8.73 4.64 -36.59
CA LYS B 245 -9.49 4.64 -35.35
C LYS B 245 -8.53 4.55 -34.18
N PRO B 246 -8.92 5.06 -33.00
CA PRO B 246 -8.06 4.92 -31.82
C PRO B 246 -8.04 3.48 -31.33
N THR B 247 -6.83 2.92 -31.22
CA THR B 247 -6.67 1.55 -30.76
C THR B 247 -5.36 1.43 -30.00
N THR B 248 -5.21 0.29 -29.31
CA THR B 248 -3.97 -0.04 -28.61
C THR B 248 -3.20 -1.08 -29.41
N PHE B 249 -1.92 -0.83 -29.61
CA PHE B 249 -1.06 -1.70 -30.42
C PHE B 249 0.17 -2.09 -29.62
N MET B 250 0.66 -3.30 -29.90
CA MET B 250 1.89 -3.80 -29.31
C MET B 250 2.92 -3.92 -30.42
N LEU B 251 3.97 -3.11 -30.35
CA LEU B 251 4.99 -3.04 -31.39
C LEU B 251 6.22 -3.84 -30.97
N LYS B 252 6.89 -4.43 -31.94
CA LYS B 252 8.08 -5.24 -31.72
C LYS B 252 9.27 -4.59 -32.42
N TYR B 253 10.28 -4.22 -31.64
CA TYR B 253 11.51 -3.65 -32.16
C TYR B 253 12.58 -4.73 -32.24
N ASP B 254 13.26 -4.81 -33.38
CA ASP B 254 14.30 -5.81 -33.58
C ASP B 254 15.63 -5.24 -33.10
N GLU B 255 16.73 -5.96 -33.40
CA GLU B 255 18.03 -5.59 -32.85
C GLU B 255 18.61 -4.34 -33.51
N ASN B 256 18.22 -4.03 -34.75
CA ASN B 256 18.72 -2.83 -35.41
C ASN B 256 17.86 -1.60 -35.14
N GLY B 257 16.75 -1.75 -34.41
CA GLY B 257 15.84 -0.66 -34.17
C GLY B 257 14.69 -0.56 -35.15
N THR B 258 14.47 -1.58 -35.96
CA THR B 258 13.40 -1.58 -36.96
C THR B 258 12.18 -2.33 -36.42
N ILE B 259 11.00 -1.80 -36.71
CA ILE B 259 9.76 -2.43 -36.29
C ILE B 259 9.40 -3.49 -37.33
N THR B 260 9.36 -4.75 -36.90
CA THR B 260 9.16 -5.87 -37.81
C THR B 260 7.82 -6.57 -37.65
N ASP B 261 7.12 -6.33 -36.55
CA ASP B 261 5.86 -7.03 -36.29
C ASP B 261 4.98 -6.16 -35.40
N ALA B 262 3.75 -6.61 -35.19
CA ALA B 262 2.80 -5.88 -34.38
C ALA B 262 1.61 -6.78 -34.06
N VAL B 263 0.85 -6.38 -33.04
CA VAL B 263 -0.37 -7.08 -32.64
C VAL B 263 -1.43 -6.03 -32.33
N ASP B 264 -2.64 -6.24 -32.85
CA ASP B 264 -3.77 -5.35 -32.60
C ASP B 264 -4.63 -6.00 -31.52
N CYS B 265 -4.68 -5.37 -30.34
CA CYS B 265 -5.29 -6.01 -29.18
C CYS B 265 -6.81 -6.10 -29.30
N SER B 266 -7.40 -5.38 -30.25
CA SER B 266 -8.86 -5.35 -30.39
C SER B 266 -9.37 -6.28 -31.49
N GLN B 267 -8.50 -7.07 -32.11
CA GLN B 267 -8.92 -7.88 -33.26
C GLN B 267 -9.81 -9.04 -32.82
N ASN B 268 -9.41 -9.76 -31.78
CA ASN B 268 -10.10 -10.98 -31.37
C ASN B 268 -9.61 -11.36 -29.99
N PRO B 269 -10.27 -12.32 -29.33
CA PRO B 269 -9.87 -12.67 -27.95
C PRO B 269 -8.43 -13.11 -27.83
N LEU B 270 -7.90 -13.84 -28.81
CA LEU B 270 -6.51 -14.27 -28.75
C LEU B 270 -5.56 -13.08 -28.76
N ALA B 271 -5.86 -12.07 -29.60
CA ALA B 271 -5.00 -10.89 -29.65
C ALA B 271 -5.01 -10.16 -28.30
N GLU B 272 -6.16 -10.05 -27.67
CA GLU B 272 -6.24 -9.39 -26.37
C GLU B 272 -5.41 -10.14 -25.33
N LEU B 273 -5.42 -11.47 -25.38
CA LEU B 273 -4.62 -12.24 -24.45
C LEU B 273 -3.14 -11.95 -24.61
N LYS B 274 -2.67 -11.84 -25.85
CA LYS B 274 -1.25 -11.55 -26.10
C LYS B 274 -0.85 -10.22 -25.48
N CYS B 275 -1.69 -9.19 -25.66
CA CYS B 275 -1.33 -7.86 -25.19
C CYS B 275 -1.25 -7.80 -23.68
N SER B 276 -2.18 -8.47 -22.98
CA SER B 276 -2.17 -8.44 -21.53
C SER B 276 -0.89 -9.05 -20.96
N VAL B 277 -0.48 -10.20 -21.48
CA VAL B 277 0.75 -10.84 -21.03
C VAL B 277 1.99 -10.26 -21.70
N LYS B 278 1.83 -9.49 -22.77
CA LYS B 278 2.94 -8.81 -23.43
C LYS B 278 3.92 -9.82 -24.02
N SER B 279 3.39 -10.76 -24.80
CA SER B 279 4.21 -11.78 -25.44
C SER B 279 3.53 -12.25 -26.71
N PHE B 280 4.34 -12.53 -27.73
CA PHE B 280 3.85 -13.07 -29.00
C PHE B 280 3.61 -14.57 -28.95
N GLU B 281 4.03 -15.25 -27.90
CA GLU B 281 3.86 -16.68 -27.75
C GLU B 281 2.99 -16.97 -26.55
N ILE B 282 2.12 -17.98 -26.67
CA ILE B 282 1.22 -18.39 -25.60
C ILE B 282 1.36 -19.89 -25.40
N ASP B 283 1.31 -20.32 -24.14
CA ASP B 283 1.39 -21.73 -23.79
C ASP B 283 0.00 -22.34 -23.72
N LYS B 284 -0.05 -23.67 -23.85
CA LYS B 284 -1.32 -24.37 -23.82
C LYS B 284 -2.00 -24.22 -22.47
N GLY B 285 -3.31 -24.09 -22.49
CA GLY B 285 -4.08 -23.98 -21.27
C GLY B 285 -5.35 -23.18 -21.51
N ILE B 286 -5.96 -22.77 -20.40
CA ILE B 286 -7.16 -21.95 -20.41
C ILE B 286 -6.88 -20.69 -19.60
N TYR B 287 -7.28 -19.54 -20.15
CA TYR B 287 -6.94 -18.25 -19.57
C TYR B 287 -8.20 -17.43 -19.35
N GLN B 288 -8.16 -16.59 -18.32
CA GLN B 288 -9.25 -15.67 -18.00
C GLN B 288 -8.98 -14.33 -18.68
N THR B 289 -9.97 -13.82 -19.38
CA THR B 289 -9.86 -12.54 -20.07
C THR B 289 -10.91 -11.56 -19.56
N SER B 290 -10.97 -10.39 -20.19
CA SER B 290 -11.86 -9.35 -19.74
C SER B 290 -13.32 -9.77 -19.93
N ASN B 291 -14.20 -9.14 -19.14
CA ASN B 291 -15.61 -9.44 -19.20
C ASN B 291 -16.21 -8.97 -20.52
N PHE B 292 -17.31 -9.62 -20.91
CA PHE B 292 -17.95 -9.32 -22.19
C PHE B 292 -18.31 -7.84 -22.26
N ARG B 293 -17.93 -7.20 -23.36
CA ARG B 293 -18.07 -5.76 -23.53
C ARG B 293 -19.15 -5.43 -24.56
N VAL B 294 -19.91 -4.38 -24.27
CA VAL B 294 -20.89 -3.82 -25.20
C VAL B 294 -20.63 -2.33 -25.33
N VAL B 295 -20.58 -1.84 -26.56
CA VAL B 295 -20.29 -0.43 -26.82
C VAL B 295 -21.60 0.31 -27.08
N PRO B 296 -21.72 1.57 -26.67
CA PRO B 296 -22.98 2.29 -26.89
C PRO B 296 -23.26 2.50 -28.37
N SER B 297 -24.55 2.53 -28.72
CA SER B 297 -24.98 2.77 -30.09
C SER B 297 -26.16 3.73 -30.13
N GLY B 298 -26.12 4.79 -29.34
CA GLY B 298 -27.20 5.77 -29.34
C GLY B 298 -26.82 6.98 -28.52
N ASP B 299 -27.72 7.97 -28.55
CA ASP B 299 -27.53 9.22 -27.82
C ASP B 299 -28.87 9.67 -27.25
N VAL B 300 -28.86 10.07 -25.99
CA VAL B 300 -30.06 10.52 -25.29
C VAL B 300 -29.73 11.81 -24.55
N VAL B 301 -30.50 12.86 -24.82
CA VAL B 301 -30.38 14.14 -24.11
C VAL B 301 -31.76 14.56 -23.67
N ARG B 302 -31.92 14.84 -22.37
CA ARG B 302 -33.20 15.20 -21.79
C ARG B 302 -33.00 16.41 -20.88
N PHE B 303 -33.60 17.53 -21.25
CA PHE B 303 -33.56 18.77 -20.49
C PHE B 303 -34.98 19.25 -20.25
N PRO B 304 -35.19 20.11 -19.25
CA PRO B 304 -36.53 20.64 -19.01
C PRO B 304 -36.97 21.60 -20.10
N ASN B 305 -38.28 21.81 -20.18
CA ASN B 305 -38.86 22.75 -21.13
C ASN B 305 -38.56 24.17 -20.65
N ILE B 306 -37.80 24.92 -21.45
CA ILE B 306 -37.54 26.33 -21.18
C ILE B 306 -37.59 27.09 -22.50
N THR B 307 -38.22 28.26 -22.48
CA THR B 307 -38.39 29.07 -23.68
C THR B 307 -37.94 30.51 -23.50
N ASN B 308 -37.56 30.92 -22.30
CA ASN B 308 -37.21 32.31 -22.02
C ASN B 308 -35.72 32.43 -21.75
N LEU B 309 -35.12 33.50 -22.29
CA LEU B 309 -33.71 33.80 -22.03
C LEU B 309 -33.54 34.38 -20.64
N CYS B 310 -32.38 34.12 -20.04
CA CYS B 310 -32.09 34.66 -18.72
C CYS B 310 -31.94 36.18 -18.79
N PRO B 311 -32.27 36.89 -17.71
CA PRO B 311 -32.28 38.37 -17.75
C PRO B 311 -30.89 38.98 -17.63
N PHE B 312 -30.06 38.75 -18.66
CA PHE B 312 -28.73 39.33 -18.69
C PHE B 312 -28.79 40.85 -18.69
N GLY B 313 -29.69 41.43 -19.49
CA GLY B 313 -29.76 42.88 -19.59
C GLY B 313 -30.23 43.53 -18.31
N GLU B 314 -31.20 42.93 -17.63
CA GLU B 314 -31.75 43.54 -16.42
C GLU B 314 -30.76 43.49 -15.26
N VAL B 315 -29.91 42.47 -15.21
CA VAL B 315 -28.96 42.34 -14.11
C VAL B 315 -27.73 43.20 -14.35
N PHE B 316 -27.02 42.94 -15.45
CA PHE B 316 -25.77 43.66 -15.73
C PHE B 316 -26.01 45.11 -16.09
N ASN B 317 -27.08 45.40 -16.82
CA ASN B 317 -27.33 46.74 -17.35
C ASN B 317 -28.31 47.53 -16.48
N ALA B 318 -28.48 47.15 -15.22
CA ALA B 318 -29.38 47.88 -14.34
C ALA B 318 -28.86 49.30 -14.12
N THR B 319 -29.79 50.24 -13.95
CA THR B 319 -29.41 51.64 -13.83
C THR B 319 -28.64 51.92 -12.54
N LYS B 320 -28.96 51.20 -11.47
CA LYS B 320 -28.39 51.48 -10.16
C LYS B 320 -28.02 50.19 -9.45
N PHE B 321 -26.85 50.19 -8.80
CA PHE B 321 -26.45 49.15 -7.87
C PHE B 321 -26.27 49.72 -6.47
N PRO B 322 -26.36 48.89 -5.43
CA PRO B 322 -26.24 49.39 -4.06
C PRO B 322 -24.79 49.45 -3.61
N SER B 323 -24.61 49.97 -2.40
CA SER B 323 -23.29 49.98 -1.77
C SER B 323 -22.91 48.57 -1.32
N VAL B 324 -21.62 48.38 -1.09
CA VAL B 324 -21.11 47.05 -0.75
C VAL B 324 -21.66 46.58 0.58
N TYR B 325 -21.76 47.49 1.56
CA TYR B 325 -22.24 47.08 2.88
C TYR B 325 -23.70 46.68 2.84
N ALA B 326 -24.52 47.41 2.09
CA ALA B 326 -25.93 47.06 1.88
C ALA B 326 -26.12 46.31 0.56
N TRP B 327 -25.41 45.19 0.42
CA TRP B 327 -25.49 44.43 -0.81
C TRP B 327 -26.83 43.70 -0.91
N GLU B 328 -27.28 43.49 -2.15
CA GLU B 328 -28.59 42.90 -2.41
C GLU B 328 -28.43 41.58 -3.16
N ARG B 329 -29.42 40.72 -3.02
CA ARG B 329 -29.42 39.40 -3.66
C ARG B 329 -30.72 39.21 -4.44
N LYS B 330 -30.62 38.56 -5.60
CA LYS B 330 -31.75 38.31 -6.48
C LYS B 330 -31.77 36.85 -6.89
N LYS B 331 -32.97 36.26 -6.91
CA LYS B 331 -33.13 34.88 -7.32
C LYS B 331 -33.27 34.80 -8.84
N ILE B 332 -32.65 33.78 -9.43
CA ILE B 332 -32.68 33.54 -10.87
C ILE B 332 -33.60 32.36 -11.12
N SER B 333 -34.63 32.56 -11.93
CA SER B 333 -35.65 31.55 -12.18
C SER B 333 -35.39 30.82 -13.50
N ASN B 334 -36.36 30.00 -13.89
CA ASN B 334 -36.23 29.18 -15.09
C ASN B 334 -35.92 30.05 -16.32
N CYS B 335 -34.77 29.79 -16.93
CA CYS B 335 -34.35 30.51 -18.13
C CYS B 335 -33.19 29.74 -18.75
N VAL B 336 -32.69 30.26 -19.86
CA VAL B 336 -31.59 29.64 -20.61
C VAL B 336 -30.35 30.50 -20.44
N ALA B 337 -29.25 29.89 -20.03
CA ALA B 337 -27.98 30.58 -19.80
C ALA B 337 -27.13 30.43 -21.05
N ASP B 338 -27.24 31.41 -21.96
CA ASP B 338 -26.48 31.43 -23.20
C ASP B 338 -25.20 32.24 -23.09
N TYR B 339 -25.32 33.51 -22.68
CA TYR B 339 -24.20 34.41 -22.38
C TYR B 339 -23.27 34.62 -23.57
N SER B 340 -23.57 34.04 -24.73
CA SER B 340 -22.89 34.43 -25.94
C SER B 340 -23.49 35.69 -26.55
N VAL B 341 -24.66 36.10 -26.08
CA VAL B 341 -25.24 37.38 -26.50
C VAL B 341 -24.40 38.53 -25.96
N LEU B 342 -23.69 38.31 -24.85
CA LEU B 342 -22.87 39.37 -24.28
C LEU B 342 -21.60 39.60 -25.09
N TYR B 343 -21.29 38.71 -26.04
CA TYR B 343 -20.09 38.88 -26.86
C TYR B 343 -20.16 40.14 -27.71
N ASN B 344 -21.35 40.73 -27.86
CA ASN B 344 -21.50 41.92 -28.69
C ASN B 344 -21.31 43.21 -27.89
N SER B 345 -21.84 43.26 -26.66
CA SER B 345 -21.88 44.51 -25.91
C SER B 345 -21.06 44.44 -24.62
N THR B 346 -21.27 43.44 -23.77
CA THR B 346 -20.71 43.45 -22.43
C THR B 346 -19.37 42.71 -22.40
N PHE B 347 -18.39 43.29 -21.71
CA PHE B 347 -17.07 42.72 -21.56
C PHE B 347 -16.60 42.91 -20.13
N PHE B 348 -15.97 41.88 -19.57
CA PHE B 348 -15.57 41.87 -18.17
C PHE B 348 -14.06 41.85 -18.05
N SER B 349 -13.53 42.64 -17.12
CA SER B 349 -12.10 42.62 -16.82
C SER B 349 -11.73 41.54 -15.82
N THR B 350 -12.73 40.89 -15.20
CA THR B 350 -12.49 39.83 -14.22
C THR B 350 -13.56 38.76 -14.39
N PHE B 351 -13.12 37.51 -14.58
CA PHE B 351 -14.02 36.37 -14.61
C PHE B 351 -13.31 35.19 -13.97
N LYS B 352 -13.97 34.59 -12.97
CA LYS B 352 -13.37 33.51 -12.19
C LYS B 352 -14.48 32.61 -11.70
N CYS B 353 -14.29 31.30 -11.83
CA CYS B 353 -15.29 30.31 -11.44
C CYS B 353 -14.69 29.31 -10.47
N TYR B 354 -15.55 28.75 -9.63
CA TYR B 354 -15.13 27.88 -8.54
C TYR B 354 -15.99 26.63 -8.53
N GLY B 355 -15.35 25.47 -8.46
CA GLY B 355 -16.06 24.20 -8.46
C GLY B 355 -16.55 23.75 -9.81
N VAL B 356 -16.14 24.41 -10.89
CA VAL B 356 -16.60 24.06 -12.23
C VAL B 356 -15.62 24.68 -13.22
N SER B 357 -15.49 24.04 -14.38
CA SER B 357 -14.63 24.55 -15.44
C SER B 357 -15.42 25.46 -16.36
N ALA B 358 -14.76 26.52 -16.83
CA ALA B 358 -15.44 27.51 -17.66
C ALA B 358 -15.89 26.92 -18.99
N THR B 359 -15.25 25.84 -19.45
CA THR B 359 -15.58 25.23 -20.73
C THR B 359 -16.67 24.17 -20.61
N LYS B 360 -17.20 23.94 -19.40
CA LYS B 360 -18.27 22.98 -19.19
C LYS B 360 -19.61 23.62 -18.91
N LEU B 361 -19.70 24.96 -18.89
CA LEU B 361 -20.94 25.62 -18.49
C LEU B 361 -22.06 25.36 -19.50
N ASN B 362 -21.73 25.24 -20.78
CA ASN B 362 -22.76 25.13 -21.81
C ASN B 362 -23.51 23.80 -21.78
N ASP B 363 -22.99 22.81 -21.06
CA ASP B 363 -23.59 21.48 -21.02
C ASP B 363 -24.25 21.17 -19.67
N LEU B 364 -24.39 22.16 -18.80
CA LEU B 364 -24.85 21.94 -17.44
C LEU B 364 -26.24 22.54 -17.21
N CYS B 365 -26.87 22.11 -16.13
CA CYS B 365 -28.08 22.71 -15.61
C CYS B 365 -27.85 23.07 -14.15
N PHE B 366 -28.37 24.23 -13.74
CA PHE B 366 -28.01 24.84 -12.46
C PHE B 366 -29.24 24.96 -11.57
N SER B 367 -29.05 24.66 -10.29
CA SER B 367 -30.11 24.70 -9.29
C SER B 367 -29.75 25.68 -8.19
N ASN B 368 -30.76 26.36 -7.65
CA ASN B 368 -30.60 27.30 -6.54
C ASN B 368 -29.62 28.42 -6.92
N VAL B 369 -29.99 29.17 -7.95
CA VAL B 369 -29.13 30.21 -8.51
C VAL B 369 -29.49 31.55 -7.87
N TYR B 370 -28.47 32.27 -7.39
CA TYR B 370 -28.65 33.58 -6.81
C TYR B 370 -27.56 34.52 -7.33
N ALA B 371 -27.87 35.81 -7.37
CA ALA B 371 -26.96 36.84 -7.85
C ALA B 371 -26.89 37.97 -6.85
N ASP B 372 -25.67 38.39 -6.52
CA ASP B 372 -25.43 39.51 -5.61
C ASP B 372 -24.73 40.64 -6.36
N SER B 373 -25.12 41.88 -6.05
CA SER B 373 -24.61 43.06 -6.75
C SER B 373 -24.15 44.10 -5.76
N PHE B 374 -23.02 44.74 -6.06
CA PHE B 374 -22.51 45.85 -5.25
C PHE B 374 -21.40 46.53 -6.04
N VAL B 375 -20.89 47.63 -5.47
CA VAL B 375 -19.87 48.46 -6.10
C VAL B 375 -18.70 48.61 -5.14
N VAL B 376 -17.49 48.35 -5.66
CA VAL B 376 -16.25 48.57 -4.93
C VAL B 376 -15.27 49.29 -5.84
N LYS B 377 -14.20 49.80 -5.25
CA LYS B 377 -13.15 50.44 -6.05
C LYS B 377 -12.21 49.39 -6.62
N GLY B 378 -11.37 49.83 -7.57
CA GLY B 378 -10.55 48.89 -8.32
C GLY B 378 -9.63 48.07 -7.43
N ASP B 379 -9.09 48.69 -6.39
CA ASP B 379 -8.15 47.98 -5.51
C ASP B 379 -8.84 46.98 -4.60
N ASP B 380 -10.15 47.10 -4.40
CA ASP B 380 -10.89 46.19 -3.54
C ASP B 380 -11.42 44.96 -4.28
N VAL B 381 -11.29 44.91 -5.60
CA VAL B 381 -11.83 43.78 -6.36
C VAL B 381 -11.09 42.50 -6.00
N ARG B 382 -9.79 42.58 -5.73
CA ARG B 382 -9.02 41.39 -5.42
C ARG B 382 -9.48 40.70 -4.14
N GLN B 383 -10.24 41.41 -3.29
CA GLN B 383 -10.69 40.85 -2.03
C GLN B 383 -11.96 40.03 -2.16
N ILE B 384 -12.58 40.00 -3.33
CA ILE B 384 -13.81 39.21 -3.53
C ILE B 384 -13.34 37.82 -3.95
N ALA B 385 -13.01 37.00 -2.96
CA ALA B 385 -12.55 35.63 -3.19
C ALA B 385 -12.45 34.90 -1.87
N PRO B 386 -12.62 33.58 -1.84
CA PRO B 386 -12.53 32.85 -0.58
C PRO B 386 -11.12 32.93 0.01
N GLY B 387 -11.07 33.00 1.34
CA GLY B 387 -9.80 32.98 2.03
C GLY B 387 -9.02 34.28 1.97
N GLN B 388 -9.73 35.41 1.84
CA GLN B 388 -9.10 36.73 1.75
C GLN B 388 -9.34 37.52 3.03
N THR B 389 -8.39 38.39 3.35
CA THR B 389 -8.50 39.32 4.45
C THR B 389 -8.49 40.75 3.91
N GLY B 390 -9.02 41.67 4.71
CA GLY B 390 -9.13 43.06 4.31
C GLY B 390 -10.39 43.72 4.81
N VAL B 391 -10.57 45.00 4.50
CA VAL B 391 -11.72 45.74 5.04
C VAL B 391 -13.01 45.23 4.43
N ILE B 392 -13.01 44.97 3.12
CA ILE B 392 -14.24 44.49 2.46
C ILE B 392 -14.58 43.09 2.94
N ALA B 393 -13.59 42.18 2.94
CA ALA B 393 -13.86 40.80 3.32
C ALA B 393 -14.23 40.67 4.79
N ASP B 394 -13.60 41.46 5.66
CA ASP B 394 -13.79 41.31 7.09
C ASP B 394 -15.12 41.86 7.58
N TYR B 395 -15.57 42.99 7.03
CA TYR B 395 -16.69 43.73 7.59
C TYR B 395 -17.89 43.89 6.66
N ASN B 396 -17.73 43.68 5.35
CA ASN B 396 -18.79 44.02 4.39
C ASN B 396 -19.35 42.80 3.68
N TYR B 397 -18.50 41.99 3.04
CA TYR B 397 -18.99 40.89 2.23
C TYR B 397 -17.95 39.76 2.24
N LYS B 398 -18.38 38.57 2.66
CA LYS B 398 -17.49 37.43 2.82
C LYS B 398 -18.04 36.23 2.08
N LEU B 399 -17.15 35.49 1.36
CA LEU B 399 -17.52 34.27 0.66
C LEU B 399 -17.17 33.05 1.52
N PRO B 400 -17.96 31.98 1.44
CA PRO B 400 -17.64 30.77 2.20
C PRO B 400 -16.41 30.06 1.64
N ASP B 401 -15.79 29.24 2.49
CA ASP B 401 -14.58 28.54 2.08
C ASP B 401 -14.85 27.60 0.91
N ASP B 402 -15.92 26.80 1.00
CA ASP B 402 -16.29 25.88 -0.06
C ASP B 402 -17.36 26.53 -0.94
N PHE B 403 -16.93 27.55 -1.67
CA PHE B 403 -17.83 28.33 -2.51
C PHE B 403 -17.87 27.75 -3.92
N MET B 404 -19.08 27.60 -4.45
CA MET B 404 -19.30 27.15 -5.82
C MET B 404 -20.01 28.26 -6.57
N GLY B 405 -19.40 28.73 -7.65
CA GLY B 405 -19.99 29.83 -8.41
C GLY B 405 -18.93 30.52 -9.26
N CYS B 406 -19.24 31.75 -9.65
CA CYS B 406 -18.34 32.57 -10.44
C CYS B 406 -18.43 34.01 -9.99
N VAL B 407 -17.36 34.77 -10.23
CA VAL B 407 -17.25 36.17 -9.84
C VAL B 407 -16.96 37.00 -11.09
N LEU B 408 -17.71 38.08 -11.28
CA LEU B 408 -17.55 38.96 -12.43
C LEU B 408 -17.38 40.40 -11.96
N ALA B 409 -16.58 41.17 -12.69
CA ALA B 409 -16.39 42.59 -12.41
C ALA B 409 -16.00 43.31 -13.69
N TRP B 410 -16.50 44.55 -13.84
CA TRP B 410 -16.16 45.38 -14.97
C TRP B 410 -16.11 46.85 -14.53
N ASN B 411 -15.37 47.64 -15.30
CA ASN B 411 -15.17 49.05 -14.97
C ASN B 411 -16.33 49.89 -15.48
N THR B 412 -16.89 50.72 -14.59
CA THR B 412 -18.01 51.60 -14.91
C THR B 412 -17.69 53.03 -14.49
N ARG B 413 -16.48 53.50 -14.83
CA ARG B 413 -16.09 54.86 -14.47
C ARG B 413 -16.91 55.90 -15.22
N ASN B 414 -17.39 55.57 -16.42
CA ASN B 414 -18.12 56.55 -17.22
C ASN B 414 -19.44 56.93 -16.56
N ILE B 415 -20.11 55.98 -15.90
CA ILE B 415 -21.44 56.22 -15.37
C ILE B 415 -21.41 56.52 -13.88
N ASP B 416 -20.50 55.89 -13.14
CA ASP B 416 -20.48 55.99 -11.68
C ASP B 416 -19.58 57.10 -11.17
N ALA B 417 -18.90 57.84 -12.05
CA ALA B 417 -17.98 58.90 -11.64
C ALA B 417 -18.38 60.21 -12.31
N THR B 418 -18.13 61.31 -11.62
CA THR B 418 -18.43 62.65 -12.11
C THR B 418 -17.25 63.56 -11.84
N SER B 419 -17.20 64.67 -12.59
CA SER B 419 -16.11 65.63 -12.42
C SER B 419 -16.11 66.20 -11.01
N THR B 420 -17.29 66.56 -10.50
CA THR B 420 -17.37 67.10 -9.14
C THR B 420 -16.94 66.08 -8.11
N GLY B 421 -17.36 64.83 -8.28
CA GLY B 421 -17.07 63.76 -7.34
C GLY B 421 -18.36 63.16 -6.81
N ASN B 422 -18.42 61.83 -6.83
CA ASN B 422 -19.60 61.08 -6.41
C ASN B 422 -19.36 60.52 -5.02
N TYR B 423 -20.29 60.79 -4.09
CA TYR B 423 -20.19 60.35 -2.71
C TYR B 423 -21.39 59.54 -2.26
N ASN B 424 -22.00 58.77 -3.17
CA ASN B 424 -23.18 58.00 -2.82
C ASN B 424 -22.85 56.60 -2.32
N TYR B 425 -21.63 56.14 -2.55
CA TYR B 425 -21.24 54.77 -2.17
C TYR B 425 -20.46 54.78 -0.87
N LYS B 426 -20.77 53.82 0.00
CA LYS B 426 -20.22 53.76 1.35
C LYS B 426 -19.69 52.37 1.64
N TYR B 427 -18.87 52.27 2.68
CA TYR B 427 -18.36 51.01 3.17
C TYR B 427 -18.02 51.14 4.65
N ARG B 428 -18.16 50.04 5.37
CA ARG B 428 -17.91 50.02 6.81
C ARG B 428 -16.44 49.68 7.08
N TYR B 429 -15.83 50.41 8.01
CA TYR B 429 -14.44 50.19 8.38
C TYR B 429 -14.24 50.02 9.89
N LEU B 430 -15.32 50.04 10.68
CA LEU B 430 -15.25 49.83 12.12
C LEU B 430 -16.32 48.83 12.51
N ARG B 431 -15.92 47.76 13.20
CA ARG B 431 -16.87 46.74 13.63
C ARG B 431 -16.27 45.94 14.77
N HIS B 432 -17.15 45.40 15.61
CA HIS B 432 -16.75 44.50 16.70
C HIS B 432 -16.88 43.07 16.19
N GLY B 433 -15.75 42.48 15.79
CA GLY B 433 -15.77 41.14 15.23
C GLY B 433 -15.94 41.14 13.73
N LYS B 434 -15.86 39.94 13.16
CA LYS B 434 -15.91 39.74 11.72
C LYS B 434 -17.25 39.14 11.31
N LEU B 435 -17.57 39.30 10.03
CA LEU B 435 -18.83 38.80 9.48
C LEU B 435 -18.72 37.32 9.16
N ARG B 436 -19.88 36.65 9.14
CA ARG B 436 -19.96 35.29 8.66
C ARG B 436 -20.29 35.29 7.17
N PRO B 437 -20.04 34.19 6.46
CA PRO B 437 -20.28 34.16 5.02
C PRO B 437 -21.72 34.50 4.67
N PHE B 438 -21.89 35.30 3.62
CA PHE B 438 -23.20 35.63 3.07
C PHE B 438 -24.13 36.22 4.14
N GLU B 439 -23.58 37.08 4.99
CA GLU B 439 -24.36 37.82 5.98
C GLU B 439 -24.01 39.30 5.86
N ARG B 440 -25.02 40.15 6.04
CA ARG B 440 -24.87 41.59 5.88
C ARG B 440 -25.22 42.32 7.17
N ASP B 441 -24.65 43.50 7.32
CA ASP B 441 -24.93 44.40 8.44
C ASP B 441 -25.19 45.79 7.88
N ILE B 442 -26.39 46.30 8.12
CA ILE B 442 -26.77 47.63 7.64
C ILE B 442 -27.04 48.58 8.80
N SER B 443 -26.53 48.28 9.99
CA SER B 443 -26.68 49.17 11.11
C SER B 443 -25.82 50.42 10.93
N ASN B 444 -26.15 51.47 11.68
CA ASN B 444 -25.42 52.74 11.65
C ASN B 444 -25.24 53.28 13.04
N VAL B 445 -25.14 52.40 14.03
CA VAL B 445 -24.97 52.83 15.42
C VAL B 445 -23.60 53.50 15.56
N PRO B 446 -23.48 54.58 16.33
CA PRO B 446 -22.14 55.14 16.57
C PRO B 446 -21.25 54.13 17.27
N PHE B 447 -19.97 54.15 16.92
CA PHE B 447 -19.03 53.12 17.33
C PHE B 447 -18.00 53.69 18.30
N SER B 448 -17.72 52.93 19.35
CA SER B 448 -16.63 53.20 20.27
C SER B 448 -15.88 51.90 20.54
N PRO B 449 -14.54 51.94 20.60
CA PRO B 449 -13.80 50.70 20.86
C PRO B 449 -14.16 50.12 22.23
N ASP B 450 -14.20 48.79 22.29
CA ASP B 450 -14.48 48.07 23.52
C ASP B 450 -15.83 48.48 24.11
N GLY B 451 -16.88 48.25 23.32
CA GLY B 451 -18.23 48.51 23.80
C GLY B 451 -18.41 49.96 24.21
N LYS B 452 -18.93 50.15 25.43
CA LYS B 452 -19.15 51.47 26.03
C LYS B 452 -19.88 52.41 25.05
N PRO B 453 -21.19 52.22 24.86
CA PRO B 453 -21.91 53.05 23.90
C PRO B 453 -21.69 54.53 24.15
N CYS B 454 -21.50 55.28 23.06
CA CYS B 454 -21.13 56.69 23.11
C CYS B 454 -22.14 57.53 22.34
N THR B 455 -22.03 58.85 22.53
CA THR B 455 -22.81 59.82 21.79
C THR B 455 -21.91 60.49 20.75
N PRO B 456 -22.39 60.73 19.52
CA PRO B 456 -21.47 60.94 18.39
C PRO B 456 -20.46 62.05 18.65
N PRO B 457 -20.89 63.19 19.21
CA PRO B 457 -19.89 64.25 19.49
C PRO B 457 -19.21 64.07 20.84
N ALA B 458 -18.34 63.06 20.92
CA ALA B 458 -17.60 62.79 22.14
C ALA B 458 -16.28 62.12 21.78
N LEU B 459 -15.34 62.16 22.71
CA LEU B 459 -14.05 61.54 22.50
C LEU B 459 -14.21 60.02 22.36
N ASN B 460 -13.47 59.44 21.41
CA ASN B 460 -13.50 58.00 21.16
C ASN B 460 -14.88 57.55 20.68
N CYS B 461 -15.55 58.40 19.90
CA CYS B 461 -16.85 58.08 19.32
C CYS B 461 -16.79 58.37 17.83
N TYR B 462 -17.12 57.36 17.01
CA TYR B 462 -16.92 57.44 15.57
C TYR B 462 -18.13 56.91 14.83
N TRP B 463 -18.42 57.51 13.68
CA TRP B 463 -19.39 56.94 12.76
C TRP B 463 -18.73 55.81 11.97
N PRO B 464 -19.38 54.64 11.85
CA PRO B 464 -18.66 53.47 11.32
C PRO B 464 -18.56 53.40 9.80
N LEU B 465 -19.17 54.32 9.06
CA LEU B 465 -19.18 54.26 7.60
C LEU B 465 -18.37 55.39 6.99
N ASN B 466 -17.73 55.09 5.86
CA ASN B 466 -16.95 56.06 5.09
C ASN B 466 -17.54 56.19 3.70
N ASP B 467 -16.96 57.09 2.91
CA ASP B 467 -17.40 57.36 1.55
C ASP B 467 -16.26 57.11 0.57
N TYR B 468 -16.61 56.69 -0.65
CA TYR B 468 -15.60 56.34 -1.64
C TYR B 468 -15.06 57.59 -2.34
N GLY B 469 -15.95 58.46 -2.83
CA GLY B 469 -15.50 59.65 -3.51
C GLY B 469 -14.87 59.39 -4.86
N PHE B 470 -15.67 58.94 -5.82
CA PHE B 470 -15.17 58.56 -7.14
C PHE B 470 -15.10 59.78 -8.04
N TYR B 471 -13.98 59.93 -8.75
CA TYR B 471 -13.73 61.09 -9.61
C TYR B 471 -13.38 60.63 -11.03
N THR B 472 -13.61 61.54 -11.98
CA THR B 472 -13.24 61.26 -13.37
C THR B 472 -11.73 61.22 -13.55
N THR B 473 -11.01 62.08 -12.84
CA THR B 473 -9.57 62.25 -13.04
C THR B 473 -8.73 61.39 -12.11
N THR B 474 -9.34 60.54 -11.30
CA THR B 474 -8.58 59.72 -10.37
C THR B 474 -7.93 58.54 -11.09
N GLY B 475 -7.00 57.89 -10.40
CA GLY B 475 -6.30 56.77 -10.97
C GLY B 475 -7.17 55.52 -11.06
N ILE B 476 -6.69 54.55 -11.84
CA ILE B 476 -7.46 53.33 -12.06
C ILE B 476 -7.68 52.59 -10.75
N GLY B 477 -6.77 52.75 -9.79
CA GLY B 477 -6.94 52.07 -8.51
C GLY B 477 -8.16 52.53 -7.75
N TYR B 478 -8.53 53.80 -7.90
CA TYR B 478 -9.66 54.37 -7.18
C TYR B 478 -10.89 54.57 -8.07
N GLN B 479 -10.89 54.01 -9.28
CA GLN B 479 -12.06 54.11 -10.14
C GLN B 479 -13.11 53.09 -9.71
N PRO B 480 -14.39 53.37 -9.97
CA PRO B 480 -15.45 52.47 -9.50
C PRO B 480 -15.57 51.22 -10.35
N TYR B 481 -15.99 50.14 -9.69
CA TYR B 481 -16.19 48.85 -10.36
C TYR B 481 -17.47 48.22 -9.85
N ARG B 482 -18.17 47.53 -10.76
CA ARG B 482 -19.37 46.78 -10.43
C ARG B 482 -19.05 45.29 -10.39
N VAL B 483 -19.67 44.59 -9.46
CA VAL B 483 -19.35 43.18 -9.19
C VAL B 483 -20.64 42.38 -9.12
N VAL B 484 -20.66 41.23 -9.78
CA VAL B 484 -21.76 40.28 -9.71
C VAL B 484 -21.21 38.93 -9.27
N VAL B 485 -21.85 38.33 -8.27
CA VAL B 485 -21.44 37.02 -7.75
C VAL B 485 -22.60 36.06 -7.96
N LEU B 486 -22.32 34.95 -8.64
CA LEU B 486 -23.31 33.92 -8.93
C LEU B 486 -22.96 32.67 -8.13
N SER B 487 -23.95 32.14 -7.40
CA SER B 487 -23.80 30.91 -6.63
C SER B 487 -24.88 29.92 -7.03
N PHE B 488 -24.53 28.64 -6.99
CA PHE B 488 -25.44 27.59 -7.45
C PHE B 488 -24.93 26.24 -6.96
N GLU B 489 -25.76 25.21 -7.15
CA GLU B 489 -25.41 23.83 -6.89
C GLU B 489 -25.52 23.02 -8.18
N LEU B 490 -24.85 21.88 -8.22
CA LEU B 490 -24.73 21.10 -9.45
C LEU B 490 -25.00 19.63 -9.20
N LEU B 491 -25.82 19.03 -10.08
CA LEU B 491 -25.99 17.58 -10.15
C LEU B 491 -26.37 16.98 -8.81
N ASN B 492 -27.26 17.65 -8.08
CA ASN B 492 -27.73 17.16 -6.79
C ASN B 492 -29.24 17.26 -6.57
N ALA B 493 -29.95 18.13 -7.29
CA ALA B 493 -31.35 18.36 -7.03
C ALA B 493 -32.04 18.89 -8.28
N PRO B 494 -33.36 19.11 -8.26
CA PRO B 494 -34.03 19.65 -9.45
C PRO B 494 -33.44 21.00 -9.85
N ALA B 495 -33.36 21.23 -11.15
CA ALA B 495 -32.77 22.44 -11.71
C ALA B 495 -33.71 23.03 -12.74
N THR B 496 -33.81 24.37 -12.76
CA THR B 496 -34.66 25.06 -13.72
C THR B 496 -33.88 25.99 -14.64
N VAL B 497 -32.59 26.19 -14.39
CA VAL B 497 -31.72 27.02 -15.23
C VAL B 497 -30.77 26.09 -15.96
N CYS B 498 -30.81 26.13 -17.29
CA CYS B 498 -30.09 25.16 -18.11
C CYS B 498 -29.39 25.86 -19.25
N GLY B 499 -28.30 25.25 -19.72
CA GLY B 499 -27.59 25.74 -20.87
C GLY B 499 -28.30 25.41 -22.16
N PRO B 500 -27.91 26.05 -23.26
CA PRO B 500 -28.57 25.81 -24.55
C PRO B 500 -28.15 24.47 -25.13
N LYS B 501 -29.11 23.56 -25.24
CA LYS B 501 -28.84 22.24 -25.79
C LYS B 501 -30.15 21.63 -26.26
N LEU B 502 -30.06 20.83 -27.32
CA LEU B 502 -31.23 20.20 -27.94
C LEU B 502 -31.49 18.84 -27.31
N SER B 503 -32.74 18.57 -26.98
CA SER B 503 -33.12 17.29 -26.39
C SER B 503 -33.49 16.29 -27.50
N THR B 504 -33.66 15.04 -27.10
CA THR B 504 -34.02 13.96 -28.01
C THR B 504 -35.06 13.06 -27.35
N ASP B 505 -35.41 11.98 -28.05
CA ASP B 505 -36.39 11.03 -27.53
C ASP B 505 -35.71 9.98 -26.66
N LEU B 506 -36.46 9.46 -25.70
CA LEU B 506 -35.95 8.40 -24.84
C LEU B 506 -35.78 7.12 -25.64
N ILE B 507 -34.64 6.45 -25.45
CA ILE B 507 -34.36 5.15 -26.04
C ILE B 507 -34.17 4.17 -24.89
N LYS B 508 -34.92 3.07 -24.93
CA LYS B 508 -35.01 2.13 -23.82
C LYS B 508 -34.56 0.75 -24.26
N ASN B 509 -34.01 -0.01 -23.31
CA ASN B 509 -33.53 -1.36 -23.57
C ASN B 509 -32.45 -1.37 -24.65
N GLN B 510 -31.44 -0.53 -24.49
CA GLN B 510 -30.33 -0.45 -25.42
C GLN B 510 -29.24 0.40 -24.81
N CYS B 511 -27.98 0.00 -25.04
CA CYS B 511 -26.85 0.73 -24.49
C CYS B 511 -26.65 2.03 -25.27
N VAL B 512 -26.56 3.14 -24.54
CA VAL B 512 -26.52 4.46 -25.15
C VAL B 512 -25.67 5.39 -24.30
N ASN B 513 -25.37 6.57 -24.85
CA ASN B 513 -24.79 7.66 -24.09
C ASN B 513 -25.89 8.64 -23.74
N PHE B 514 -26.04 8.93 -22.45
CA PHE B 514 -27.14 9.75 -21.97
C PHE B 514 -26.61 11.02 -21.32
N ASN B 515 -27.52 11.98 -21.12
CA ASN B 515 -27.21 13.22 -20.43
C ASN B 515 -28.51 13.73 -19.82
N PHE B 516 -28.68 13.51 -18.52
CA PHE B 516 -29.89 13.90 -17.79
C PHE B 516 -29.56 15.11 -16.92
N ASN B 517 -30.01 16.29 -17.35
CA ASN B 517 -29.83 17.52 -16.59
C ASN B 517 -28.35 17.77 -16.30
N GLY B 518 -27.49 17.42 -17.26
CA GLY B 518 -26.07 17.68 -17.15
C GLY B 518 -25.24 16.51 -16.68
N LEU B 519 -25.87 15.44 -16.18
CA LEU B 519 -25.14 14.26 -15.73
C LEU B 519 -25.04 13.27 -16.88
N THR B 520 -23.81 12.94 -17.27
CA THR B 520 -23.55 12.11 -18.43
C THR B 520 -23.07 10.73 -18.00
N GLY B 521 -23.15 9.78 -18.94
CA GLY B 521 -22.71 8.43 -18.67
C GLY B 521 -23.16 7.50 -19.77
N THR B 522 -22.98 6.20 -19.52
CA THR B 522 -23.39 5.16 -20.46
C THR B 522 -24.09 4.04 -19.69
N GLY B 523 -25.11 3.46 -20.31
CA GLY B 523 -25.85 2.39 -19.66
C GLY B 523 -27.12 2.08 -20.41
N VAL B 524 -27.95 1.25 -19.79
CA VAL B 524 -29.21 0.81 -20.35
C VAL B 524 -30.34 1.38 -19.49
N LEU B 525 -31.33 1.98 -20.14
CA LEU B 525 -32.44 2.63 -19.45
C LEU B 525 -33.68 1.76 -19.55
N THR B 526 -34.28 1.47 -18.40
CA THR B 526 -35.50 0.69 -18.31
C THR B 526 -36.44 1.33 -17.29
N PRO B 527 -37.74 1.11 -17.43
CA PRO B 527 -38.68 1.68 -16.45
C PRO B 527 -38.45 1.10 -15.06
N SER B 528 -38.74 1.91 -14.05
CA SER B 528 -38.50 1.55 -12.66
C SER B 528 -39.79 1.67 -11.86
N SER B 529 -39.81 1.01 -10.71
CA SER B 529 -40.94 1.08 -9.78
C SER B 529 -40.63 1.90 -8.54
N LYS B 530 -39.43 2.48 -8.43
CA LYS B 530 -39.11 3.33 -7.30
C LYS B 530 -39.99 4.57 -7.31
N ARG B 531 -40.31 5.06 -6.11
CA ARG B 531 -41.22 6.19 -5.94
C ARG B 531 -40.46 7.34 -5.30
N PHE B 532 -40.14 8.35 -6.10
CA PHE B 532 -39.38 9.50 -5.67
C PHE B 532 -40.31 10.52 -5.02
N GLN B 533 -39.86 11.11 -3.91
CA GLN B 533 -40.58 12.23 -3.33
C GLN B 533 -40.35 13.49 -4.15
N PRO B 534 -41.22 14.49 -4.00
CA PRO B 534 -41.15 15.65 -4.91
C PRO B 534 -39.80 16.34 -4.93
N PHE B 535 -39.09 16.39 -3.80
CA PHE B 535 -37.83 17.13 -3.75
C PHE B 535 -36.65 16.30 -4.25
N GLN B 536 -36.87 15.09 -4.73
CA GLN B 536 -35.80 14.20 -5.15
C GLN B 536 -35.70 14.14 -6.67
N GLN B 537 -34.48 14.08 -7.18
CA GLN B 537 -34.21 14.02 -8.61
C GLN B 537 -33.36 12.81 -9.01
N PHE B 538 -32.38 12.43 -8.19
CA PHE B 538 -31.49 11.33 -8.50
C PHE B 538 -31.53 10.28 -7.39
N GLY B 539 -31.12 9.07 -7.75
CA GLY B 539 -30.98 8.00 -6.78
C GLY B 539 -29.63 7.34 -6.90
N ARG B 540 -29.14 6.83 -5.78
CA ARG B 540 -27.83 6.21 -5.71
C ARG B 540 -27.88 4.95 -4.87
N ASP B 541 -26.98 4.02 -5.15
CA ASP B 541 -26.89 2.75 -4.45
C ASP B 541 -25.79 2.81 -3.40
N VAL B 542 -25.49 1.66 -2.79
CA VAL B 542 -24.50 1.62 -1.71
C VAL B 542 -23.12 2.01 -2.24
N SER B 543 -22.78 1.61 -3.46
CA SER B 543 -21.49 1.96 -4.03
C SER B 543 -21.41 3.42 -4.46
N ASP B 544 -22.48 4.19 -4.26
CA ASP B 544 -22.62 5.59 -4.67
C ASP B 544 -22.78 5.72 -6.18
N PHE B 545 -22.87 4.60 -6.91
CA PHE B 545 -23.21 4.66 -8.32
C PHE B 545 -24.61 5.23 -8.51
N THR B 546 -24.78 6.03 -9.56
CA THR B 546 -26.07 6.62 -9.88
C THR B 546 -26.87 5.59 -10.66
N ASP B 547 -28.03 5.19 -10.11
CA ASP B 547 -28.81 4.10 -10.66
C ASP B 547 -30.28 4.43 -10.89
N SER B 548 -30.69 5.68 -10.65
CA SER B 548 -32.07 6.08 -10.88
C SER B 548 -32.11 7.57 -11.22
N VAL B 549 -33.10 7.95 -12.01
CA VAL B 549 -33.24 9.33 -12.47
C VAL B 549 -34.69 9.58 -12.86
N ARG B 550 -35.19 10.77 -12.52
CA ARG B 550 -36.52 11.20 -12.95
C ARG B 550 -36.40 11.97 -14.24
N ASP B 551 -37.23 11.62 -15.22
CA ASP B 551 -37.16 12.27 -16.52
C ASP B 551 -37.63 13.73 -16.39
N PRO B 552 -36.85 14.70 -16.86
CA PRO B 552 -37.28 16.11 -16.68
C PRO B 552 -38.60 16.43 -17.37
N LYS B 553 -38.90 15.80 -18.50
CA LYS B 553 -40.06 16.19 -19.28
C LYS B 553 -41.33 15.46 -18.84
N THR B 554 -41.26 14.14 -18.67
CA THR B 554 -42.42 13.33 -18.35
C THR B 554 -42.48 12.93 -16.87
N SER B 555 -41.42 13.19 -16.11
CA SER B 555 -41.40 12.90 -14.68
C SER B 555 -41.49 11.39 -14.39
N GLU B 556 -41.08 10.57 -15.34
CA GLU B 556 -41.07 9.13 -15.17
C GLU B 556 -39.75 8.70 -14.53
N ILE B 557 -39.83 7.69 -13.66
CA ILE B 557 -38.64 7.19 -12.97
C ILE B 557 -38.01 6.07 -13.79
N LEU B 558 -36.73 6.23 -14.09
CA LEU B 558 -35.99 5.31 -14.96
C LEU B 558 -34.84 4.69 -14.19
N ASP B 559 -34.57 3.41 -14.48
CA ASP B 559 -33.45 2.69 -13.88
C ASP B 559 -32.27 2.68 -14.84
N ILE B 560 -31.06 2.81 -14.29
CA ILE B 560 -29.83 2.87 -15.07
C ILE B 560 -28.95 1.70 -14.65
N SER B 561 -28.49 0.93 -15.64
CA SER B 561 -27.60 -0.19 -15.40
C SER B 561 -26.48 -0.19 -16.43
N PRO B 562 -25.30 -0.70 -16.07
CA PRO B 562 -24.19 -0.72 -17.03
C PRO B 562 -24.47 -1.62 -18.22
N CYS B 563 -23.53 -1.62 -19.16
CA CYS B 563 -23.67 -2.37 -20.41
C CYS B 563 -22.80 -3.63 -20.44
N SER B 564 -21.70 -3.64 -19.69
CA SER B 564 -20.76 -4.76 -19.70
C SER B 564 -21.07 -5.71 -18.53
N PHE B 565 -21.13 -7.00 -18.84
CA PHE B 565 -21.49 -8.00 -17.85
C PHE B 565 -21.21 -9.39 -18.43
N GLY B 566 -20.66 -10.26 -17.60
CA GLY B 566 -20.42 -11.64 -17.99
C GLY B 566 -18.94 -12.00 -17.98
N GLY B 567 -18.67 -13.27 -17.72
CA GLY B 567 -17.30 -13.78 -17.70
C GLY B 567 -16.95 -14.48 -19.00
N VAL B 568 -15.67 -14.37 -19.38
CA VAL B 568 -15.16 -14.95 -20.62
C VAL B 568 -13.78 -15.55 -20.36
N SER B 569 -13.51 -16.68 -20.99
CA SER B 569 -12.20 -17.33 -20.94
C SER B 569 -11.89 -17.92 -22.31
N VAL B 570 -10.59 -18.10 -22.57
CA VAL B 570 -10.11 -18.53 -23.88
C VAL B 570 -9.29 -19.81 -23.71
N ILE B 571 -9.60 -20.82 -24.54
CA ILE B 571 -8.89 -22.09 -24.55
C ILE B 571 -8.02 -22.13 -25.80
N THR B 572 -6.75 -22.49 -25.62
CA THR B 572 -5.80 -22.53 -26.72
C THR B 572 -4.99 -23.82 -26.64
N PRO B 573 -4.60 -24.40 -27.77
CA PRO B 573 -3.66 -25.53 -27.77
C PRO B 573 -2.19 -25.13 -27.90
N GLY B 574 -1.88 -23.84 -27.83
CA GLY B 574 -0.52 -23.35 -28.02
C GLY B 574 -0.37 -22.75 -29.39
N THR B 575 0.19 -21.54 -29.44
CA THR B 575 0.34 -20.85 -30.72
C THR B 575 1.27 -21.61 -31.66
N ASN B 576 2.23 -22.35 -31.11
CA ASN B 576 3.12 -23.14 -31.96
C ASN B 576 2.35 -24.22 -32.71
N ALA B 577 1.46 -24.92 -32.01
CA ALA B 577 0.71 -26.00 -32.63
C ALA B 577 -0.36 -25.46 -33.57
N SER B 578 -1.11 -24.45 -33.14
CA SER B 578 -2.22 -23.93 -33.92
C SER B 578 -2.52 -22.51 -33.49
N SER B 579 -3.17 -21.76 -34.39
CA SER B 579 -3.63 -20.42 -34.11
C SER B 579 -5.11 -20.34 -33.78
N GLU B 580 -5.80 -21.47 -33.74
CA GLU B 580 -7.23 -21.49 -33.44
C GLU B 580 -7.46 -21.59 -31.93
N VAL B 581 -8.63 -21.13 -31.49
CA VAL B 581 -8.97 -21.09 -30.08
C VAL B 581 -10.46 -21.36 -29.92
N ALA B 582 -10.86 -21.64 -28.67
CA ALA B 582 -12.25 -21.80 -28.29
C ALA B 582 -12.55 -20.85 -27.13
N VAL B 583 -13.79 -20.37 -27.08
CA VAL B 583 -14.20 -19.35 -26.12
C VAL B 583 -15.36 -19.89 -25.29
N LEU B 584 -15.27 -19.74 -23.98
CA LEU B 584 -16.28 -20.19 -23.03
C LEU B 584 -16.98 -18.97 -22.44
N TYR B 585 -18.31 -18.94 -22.55
CA TYR B 585 -19.14 -17.88 -21.98
C TYR B 585 -19.88 -18.44 -20.78
N GLN B 586 -19.49 -18.00 -19.58
CA GLN B 586 -20.03 -18.58 -18.35
C GLN B 586 -21.50 -18.25 -18.18
N ASP B 587 -21.92 -17.04 -18.55
CA ASP B 587 -23.24 -16.53 -18.21
C ASP B 587 -24.19 -16.50 -19.41
N VAL B 588 -24.02 -17.39 -20.38
CA VAL B 588 -24.89 -17.44 -21.55
C VAL B 588 -25.43 -18.86 -21.70
N ASN B 589 -26.73 -18.98 -21.92
CA ASN B 589 -27.39 -20.26 -22.14
C ASN B 589 -27.78 -20.33 -23.62
N CYS B 590 -26.93 -20.96 -24.42
CA CYS B 590 -27.20 -21.12 -25.85
C CYS B 590 -27.99 -22.41 -26.08
N THR B 591 -29.17 -22.45 -25.46
CA THR B 591 -30.06 -23.60 -25.55
C THR B 591 -29.32 -24.89 -25.17
N ALA B 605 -30.05 -12.95 -29.96
CA ALA B 605 -29.88 -12.08 -28.79
C ALA B 605 -28.76 -12.59 -27.89
N TRP B 606 -27.99 -13.57 -28.38
CA TRP B 606 -26.91 -14.16 -27.62
C TRP B 606 -25.81 -13.12 -27.39
N ARG B 607 -25.26 -13.12 -26.17
CA ARG B 607 -24.21 -12.18 -25.80
C ARG B 607 -22.84 -12.84 -26.01
N ILE B 608 -22.51 -13.04 -27.28
CA ILE B 608 -21.24 -13.63 -27.68
C ILE B 608 -20.58 -12.74 -28.71
N TYR B 609 -19.26 -12.86 -28.81
CA TYR B 609 -18.51 -12.06 -29.78
C TYR B 609 -18.80 -12.53 -31.21
N SER B 610 -18.79 -13.84 -31.43
CA SER B 610 -19.13 -14.40 -32.72
C SER B 610 -19.41 -15.89 -32.54
N THR B 611 -20.15 -16.46 -33.50
CA THR B 611 -20.44 -17.88 -33.53
C THR B 611 -19.93 -18.44 -34.85
N GLY B 612 -18.65 -18.81 -34.86
CA GLY B 612 -18.09 -19.41 -36.07
C GLY B 612 -18.74 -20.74 -36.40
N ASN B 613 -18.75 -21.67 -35.44
CA ASN B 613 -19.42 -22.95 -35.60
C ASN B 613 -19.31 -23.77 -34.31
N ASN B 614 -20.00 -24.92 -34.28
CA ASN B 614 -19.89 -25.86 -33.17
C ASN B 614 -20.23 -25.19 -31.84
N VAL B 615 -21.48 -24.74 -31.70
CA VAL B 615 -21.98 -24.12 -30.49
C VAL B 615 -22.87 -25.12 -29.79
N PHE B 616 -22.58 -25.40 -28.52
CA PHE B 616 -23.36 -26.34 -27.74
C PHE B 616 -23.16 -26.06 -26.25
N GLN B 617 -24.25 -26.19 -25.50
CA GLN B 617 -24.26 -25.88 -24.07
C GLN B 617 -23.54 -26.96 -23.29
N THR B 618 -22.74 -26.54 -22.31
CA THR B 618 -22.06 -27.45 -21.40
C THR B 618 -22.42 -27.08 -19.97
N GLN B 619 -21.83 -27.81 -19.02
CA GLN B 619 -22.12 -27.56 -17.60
C GLN B 619 -21.43 -26.29 -17.12
N ALA B 620 -20.32 -25.89 -17.76
CA ALA B 620 -19.60 -24.70 -17.33
C ALA B 620 -20.07 -23.45 -18.06
N GLY B 621 -20.78 -23.60 -19.17
CA GLY B 621 -21.26 -22.46 -19.91
C GLY B 621 -21.42 -22.81 -21.38
N CYS B 622 -21.51 -21.76 -22.19
CA CYS B 622 -21.66 -21.93 -23.63
C CYS B 622 -20.29 -21.93 -24.30
N LEU B 623 -19.93 -23.05 -24.90
CA LEU B 623 -18.63 -23.24 -25.53
C LEU B 623 -18.76 -23.11 -27.05
N ILE B 624 -17.82 -22.39 -27.67
CA ILE B 624 -17.83 -22.15 -29.10
C ILE B 624 -16.43 -22.44 -29.63
N GLY B 625 -16.36 -23.21 -30.71
CA GLY B 625 -15.10 -23.52 -31.36
C GLY B 625 -14.53 -24.89 -31.04
N ALA B 626 -15.28 -25.74 -30.35
CA ALA B 626 -14.81 -27.07 -29.99
C ALA B 626 -15.86 -28.11 -30.34
N GLU B 627 -15.39 -29.32 -30.64
CA GLU B 627 -16.27 -30.45 -30.95
C GLU B 627 -16.52 -31.27 -29.70
N HIS B 628 -17.67 -31.94 -29.66
CA HIS B 628 -18.04 -32.75 -28.52
C HIS B 628 -17.96 -34.23 -28.88
N VAL B 629 -17.28 -35.00 -28.03
CA VAL B 629 -17.11 -36.44 -28.23
C VAL B 629 -17.66 -37.15 -27.00
N ASP B 630 -18.29 -38.31 -27.23
CA ASP B 630 -18.90 -39.07 -26.15
C ASP B 630 -17.88 -39.90 -25.37
N THR B 631 -16.66 -40.03 -25.88
CA THR B 631 -15.63 -40.79 -25.17
C THR B 631 -15.05 -39.95 -24.04
N SER B 632 -14.54 -40.63 -23.02
CA SER B 632 -13.89 -39.97 -21.89
C SER B 632 -12.39 -40.17 -21.97
N TYR B 633 -11.65 -39.26 -21.35
CA TYR B 633 -10.20 -39.22 -21.47
C TYR B 633 -9.61 -38.70 -20.16
N GLU B 634 -8.34 -38.32 -20.19
CA GLU B 634 -7.58 -37.96 -19.00
C GLU B 634 -7.62 -36.46 -18.70
N CYS B 635 -8.55 -35.71 -19.30
CA CYS B 635 -8.71 -34.30 -18.95
C CYS B 635 -7.43 -33.51 -19.18
N ASP B 636 -7.01 -33.40 -20.45
CA ASP B 636 -5.78 -32.68 -20.75
C ASP B 636 -5.84 -31.23 -20.25
N ILE B 637 -6.91 -30.52 -20.58
CA ILE B 637 -7.07 -29.12 -20.16
C ILE B 637 -8.34 -29.01 -19.32
N PRO B 638 -8.26 -28.60 -18.06
CA PRO B 638 -9.46 -28.56 -17.20
C PRO B 638 -10.31 -27.34 -17.51
N ILE B 639 -11.54 -27.59 -17.96
CA ILE B 639 -12.47 -26.49 -18.25
C ILE B 639 -13.28 -26.13 -17.01
N GLY B 640 -13.85 -27.13 -16.34
CA GLY B 640 -14.64 -26.90 -15.15
C GLY B 640 -15.94 -27.66 -15.15
N ALA B 641 -16.49 -27.92 -13.96
CA ALA B 641 -17.75 -28.64 -13.82
C ALA B 641 -17.70 -30.00 -14.52
N GLY B 642 -16.56 -30.66 -14.42
CA GLY B 642 -16.41 -32.00 -14.96
C GLY B 642 -16.11 -32.08 -16.44
N ILE B 643 -15.81 -30.96 -17.10
CA ILE B 643 -15.54 -30.93 -18.53
C ILE B 643 -14.06 -30.58 -18.74
N CYS B 644 -13.48 -31.14 -19.80
CA CYS B 644 -12.09 -30.90 -20.15
C CYS B 644 -11.96 -30.90 -21.67
N ALA B 645 -10.86 -30.35 -22.16
CA ALA B 645 -10.62 -30.21 -23.58
C ALA B 645 -9.22 -30.67 -23.94
N SER B 646 -9.05 -31.06 -25.21
CA SER B 646 -7.77 -31.53 -25.71
C SER B 646 -7.70 -31.25 -27.21
N TYR B 647 -6.49 -31.35 -27.76
CA TYR B 647 -6.23 -31.07 -29.17
C TYR B 647 -5.93 -32.38 -29.87
N HIS B 648 -6.94 -32.97 -30.49
CA HIS B 648 -6.78 -34.21 -31.25
C HIS B 648 -6.92 -33.95 -32.74
N LYS B 659 -6.98 -32.42 -36.91
CA LYS B 659 -6.48 -31.74 -35.72
C LYS B 659 -7.40 -30.60 -35.33
N SER B 660 -8.27 -30.85 -34.35
CA SER B 660 -9.23 -29.86 -33.88
C SER B 660 -9.43 -30.01 -32.39
N ILE B 661 -9.92 -28.95 -31.76
CA ILE B 661 -10.20 -28.97 -30.33
C ILE B 661 -11.46 -29.77 -30.06
N VAL B 662 -11.41 -30.63 -29.05
CA VAL B 662 -12.54 -31.47 -28.67
C VAL B 662 -12.82 -31.27 -27.18
N ALA B 663 -14.07 -31.53 -26.80
CA ALA B 663 -14.52 -31.43 -25.41
C ALA B 663 -15.18 -32.74 -25.02
N TYR B 664 -14.91 -33.19 -23.79
CA TYR B 664 -15.40 -34.47 -23.32
C TYR B 664 -15.61 -34.40 -21.80
N THR B 665 -16.37 -35.38 -21.29
CA THR B 665 -16.56 -35.52 -19.86
C THR B 665 -15.41 -36.34 -19.26
N MET B 666 -14.88 -35.86 -18.14
CA MET B 666 -13.74 -36.50 -17.51
C MET B 666 -14.12 -37.86 -16.95
N SER B 667 -13.15 -38.77 -16.96
CA SER B 667 -13.31 -40.10 -16.39
C SER B 667 -12.64 -40.15 -15.02
N LEU B 668 -13.37 -40.67 -14.02
CA LEU B 668 -12.82 -40.75 -12.68
C LEU B 668 -11.71 -41.80 -12.60
N GLY B 669 -11.89 -42.93 -13.27
CA GLY B 669 -10.89 -43.97 -13.27
C GLY B 669 -11.46 -45.27 -13.80
N ALA B 670 -10.69 -46.34 -13.59
CA ALA B 670 -11.10 -47.66 -14.03
C ALA B 670 -12.22 -48.19 -13.16
N ASP B 671 -13.16 -48.91 -13.78
CA ASP B 671 -14.30 -49.49 -13.10
C ASP B 671 -14.09 -50.99 -12.95
N SER B 672 -14.33 -51.50 -11.74
CA SER B 672 -14.16 -52.93 -11.46
C SER B 672 -15.10 -53.31 -10.32
N SER B 673 -15.24 -54.62 -10.11
CA SER B 673 -16.13 -55.16 -9.10
C SER B 673 -15.37 -56.16 -8.24
N ILE B 674 -15.64 -56.14 -6.94
CA ILE B 674 -15.05 -57.08 -5.98
C ILE B 674 -16.13 -58.04 -5.52
N ALA B 675 -15.84 -59.34 -5.59
CA ALA B 675 -16.76 -60.35 -5.10
C ALA B 675 -16.66 -60.46 -3.58
N TYR B 676 -17.78 -60.84 -2.97
CA TYR B 676 -17.85 -61.02 -1.52
C TYR B 676 -18.33 -62.43 -1.22
N SER B 677 -17.59 -63.13 -0.35
CA SER B 677 -17.93 -64.47 0.08
C SER B 677 -17.50 -64.65 1.52
N ASN B 678 -18.32 -65.36 2.30
CA ASN B 678 -18.02 -65.56 3.71
C ASN B 678 -17.09 -66.75 3.93
N ASN B 679 -16.68 -67.44 2.86
CA ASN B 679 -15.89 -68.65 2.97
C ASN B 679 -14.71 -68.67 2.00
N THR B 680 -14.28 -67.53 1.48
CA THR B 680 -13.20 -67.46 0.52
C THR B 680 -12.22 -66.36 0.91
N ILE B 681 -10.94 -66.57 0.58
CA ILE B 681 -9.89 -65.62 0.85
C ILE B 681 -8.85 -65.68 -0.26
N ALA B 682 -8.26 -64.53 -0.58
CA ALA B 682 -7.24 -64.41 -1.61
C ALA B 682 -5.91 -64.09 -0.94
N ILE B 683 -4.87 -64.83 -1.29
CA ILE B 683 -3.54 -64.71 -0.69
C ILE B 683 -2.52 -64.67 -1.81
N PRO B 684 -1.62 -63.68 -1.85
CA PRO B 684 -0.58 -63.68 -2.89
C PRO B 684 0.39 -64.84 -2.75
N THR B 685 0.93 -65.27 -3.89
CA THR B 685 1.94 -66.30 -3.94
C THR B 685 3.25 -65.82 -4.56
N ASN B 686 3.37 -64.53 -4.88
CA ASN B 686 4.55 -63.97 -5.51
C ASN B 686 4.69 -62.51 -5.12
N PHE B 687 5.88 -61.97 -5.37
CA PHE B 687 6.18 -60.58 -5.02
C PHE B 687 7.20 -60.02 -6.01
N SER B 688 7.31 -58.69 -6.01
CA SER B 688 8.27 -58.00 -6.87
C SER B 688 8.77 -56.75 -6.13
N ILE B 689 9.91 -56.26 -6.58
CA ILE B 689 10.58 -55.11 -5.98
C ILE B 689 10.36 -53.90 -6.88
N SER B 690 9.98 -52.78 -6.27
CA SER B 690 9.70 -51.54 -6.99
C SER B 690 10.52 -50.40 -6.41
N ILE B 691 10.93 -49.47 -7.27
CA ILE B 691 11.69 -48.29 -6.87
C ILE B 691 11.05 -47.06 -7.50
N THR B 692 10.66 -46.10 -6.67
CA THR B 692 10.01 -44.88 -7.13
C THR B 692 10.77 -43.68 -6.58
N THR B 693 10.51 -42.52 -7.18
CA THR B 693 11.20 -41.28 -6.84
C THR B 693 10.22 -40.24 -6.33
N GLU B 694 10.68 -39.41 -5.39
CA GLU B 694 9.90 -38.31 -4.85
C GLU B 694 10.79 -37.08 -4.75
N VAL B 695 10.29 -35.94 -5.22
CA VAL B 695 11.05 -34.70 -5.30
C VAL B 695 10.46 -33.70 -4.32
N MET B 696 11.34 -33.08 -3.51
CA MET B 696 10.92 -32.14 -2.49
C MET B 696 11.76 -30.87 -2.59
N PRO B 697 11.14 -29.70 -2.79
CA PRO B 697 11.90 -28.44 -2.69
C PRO B 697 12.38 -28.21 -1.27
N VAL B 698 13.56 -27.58 -1.15
CA VAL B 698 14.19 -27.35 0.13
C VAL B 698 14.44 -25.87 0.39
N SER B 699 15.00 -25.16 -0.58
CA SER B 699 15.41 -23.77 -0.36
C SER B 699 15.19 -22.97 -1.63
N MET B 700 15.15 -21.65 -1.48
CA MET B 700 14.98 -20.72 -2.58
C MET B 700 16.07 -19.66 -2.51
N ALA B 701 16.10 -18.82 -3.54
CA ALA B 701 17.18 -17.84 -3.68
C ALA B 701 17.10 -16.77 -2.59
N LYS B 702 18.27 -16.29 -2.18
CA LYS B 702 18.38 -15.22 -1.20
C LYS B 702 18.68 -13.91 -1.92
N THR B 703 18.05 -12.82 -1.47
CA THR B 703 18.11 -11.55 -2.17
C THR B 703 18.28 -10.41 -1.18
N SER B 704 18.67 -9.25 -1.71
CA SER B 704 18.79 -8.02 -0.94
C SER B 704 18.54 -6.84 -1.88
N VAL B 705 18.11 -5.73 -1.29
CA VAL B 705 17.70 -4.55 -2.06
C VAL B 705 18.39 -3.33 -1.48
N ASP B 706 18.91 -2.47 -2.36
CA ASP B 706 19.42 -1.15 -1.99
C ASP B 706 18.35 -0.13 -2.39
N CYS B 707 17.53 0.27 -1.41
CA CYS B 707 16.40 1.15 -1.72
C CYS B 707 16.86 2.49 -2.29
N ASN B 708 18.07 2.94 -1.93
CA ASN B 708 18.54 4.22 -2.43
C ASN B 708 18.95 4.12 -3.90
N MET B 709 19.34 2.93 -4.36
CA MET B 709 19.68 2.77 -5.77
C MET B 709 18.43 2.49 -6.62
N TYR B 710 17.48 1.72 -6.08
CA TYR B 710 16.24 1.47 -6.81
C TYR B 710 15.40 2.75 -6.91
N ILE B 711 15.45 3.58 -5.87
CA ILE B 711 14.74 4.86 -5.84
C ILE B 711 15.78 5.97 -5.84
N CYS B 712 15.66 6.90 -6.78
CA CYS B 712 16.52 8.06 -6.98
C CYS B 712 17.84 7.72 -7.67
N GLY B 713 18.10 6.45 -7.97
CA GLY B 713 19.32 6.09 -8.68
C GLY B 713 20.55 6.76 -8.13
N ASP B 714 21.20 7.59 -8.96
CA ASP B 714 22.40 8.33 -8.58
C ASP B 714 22.09 9.79 -8.27
N SER B 715 20.83 10.18 -8.17
CA SER B 715 20.46 11.57 -7.96
C SER B 715 20.64 11.97 -6.50
N THR B 716 21.49 12.96 -6.26
CA THR B 716 21.69 13.45 -4.90
C THR B 716 20.48 14.21 -4.37
N GLU B 717 19.88 15.07 -5.20
CA GLU B 717 18.73 15.86 -4.75
C GLU B 717 17.52 14.98 -4.46
N CYS B 718 17.31 13.94 -5.26
CA CYS B 718 16.24 12.98 -4.94
C CYS B 718 16.58 12.18 -3.70
N ALA B 719 17.88 11.92 -3.45
CA ALA B 719 18.27 11.23 -2.23
C ALA B 719 17.88 12.03 -1.00
N ASN B 720 18.06 13.35 -1.05
CA ASN B 720 17.69 14.20 0.08
C ASN B 720 16.19 14.13 0.34
N LEU B 721 15.39 14.12 -0.72
CA LEU B 721 13.94 14.02 -0.55
C LEU B 721 13.56 12.69 0.09
N LEU B 722 14.22 11.61 -0.29
CA LEU B 722 13.93 10.31 0.31
C LEU B 722 14.19 10.33 1.81
N LEU B 723 15.25 11.02 2.24
CA LEU B 723 15.51 11.17 3.68
C LEU B 723 14.41 12.00 4.32
N GLN B 724 13.93 13.05 3.63
CA GLN B 724 12.83 13.84 4.15
C GLN B 724 11.54 13.05 4.21
N TYR B 725 11.40 12.04 3.35
CA TYR B 725 10.17 11.26 3.28
C TYR B 725 10.03 10.30 4.45
N GLY B 726 10.98 9.39 4.61
CA GLY B 726 10.88 8.38 5.64
C GLY B 726 11.97 7.34 5.50
N SER B 727 12.02 6.48 6.51
CA SER B 727 13.06 5.46 6.61
C SER B 727 12.46 4.05 6.65
N PHE B 728 11.51 3.78 5.76
CA PHE B 728 10.94 2.44 5.68
C PHE B 728 11.91 1.41 5.10
N CYS B 729 13.07 1.86 4.61
CA CYS B 729 14.02 0.94 4.01
C CYS B 729 14.54 -0.06 5.03
N THR B 730 14.78 0.38 6.26
CA THR B 730 15.27 -0.52 7.29
C THR B 730 14.29 -1.65 7.55
N GLN B 731 12.99 -1.35 7.56
CA GLN B 731 11.99 -2.38 7.79
C GLN B 731 12.02 -3.44 6.70
N LEU B 732 12.22 -3.02 5.44
CA LEU B 732 12.26 -3.97 4.34
C LEU B 732 13.47 -4.88 4.44
N ASN B 733 14.64 -4.32 4.76
CA ASN B 733 15.86 -5.12 4.79
C ASN B 733 15.81 -6.17 5.89
N ARG B 734 15.22 -5.84 7.04
CA ARG B 734 15.11 -6.81 8.12
C ARG B 734 14.30 -8.02 7.68
N ALA B 735 13.21 -7.79 6.95
CA ALA B 735 12.40 -8.90 6.47
C ALA B 735 13.21 -9.80 5.53
N LEU B 736 13.97 -9.19 4.62
CA LEU B 736 14.70 -9.99 3.63
C LEU B 736 15.87 -10.72 4.27
N SER B 737 16.53 -10.10 5.25
CA SER B 737 17.65 -10.77 5.90
C SER B 737 17.18 -11.95 6.74
N GLY B 738 15.98 -11.85 7.32
CA GLY B 738 15.42 -12.99 8.03
C GLY B 738 15.16 -14.16 7.11
N ILE B 739 14.62 -13.90 5.93
CA ILE B 739 14.39 -14.96 4.96
C ILE B 739 15.69 -15.61 4.55
N ALA B 740 16.73 -14.79 4.33
CA ALA B 740 17.99 -15.32 3.83
C ALA B 740 18.61 -16.31 4.80
N ALA B 741 18.57 -16.00 6.10
CA ALA B 741 19.12 -16.91 7.09
C ALA B 741 18.32 -18.21 7.16
N GLU B 742 17.00 -18.13 7.01
CA GLU B 742 16.17 -19.31 7.07
C GLU B 742 16.53 -20.31 5.98
N GLN B 743 16.95 -19.81 4.82
CA GLN B 743 17.26 -20.70 3.70
C GLN B 743 18.43 -21.62 4.04
N ASP B 744 19.47 -21.06 4.66
CA ASP B 744 20.60 -21.90 5.08
C ASP B 744 20.18 -22.87 6.17
N ARG B 745 19.29 -22.44 7.07
CA ARG B 745 18.80 -23.34 8.11
C ARG B 745 18.02 -24.51 7.51
N ASN B 746 17.24 -24.25 6.47
CA ASN B 746 16.47 -25.32 5.83
C ASN B 746 17.38 -26.42 5.29
N THR B 747 18.44 -26.03 4.58
CA THR B 747 19.38 -27.01 4.05
C THR B 747 20.11 -27.74 5.18
N ARG B 748 20.46 -27.01 6.24
CA ARG B 748 21.20 -27.61 7.34
C ARG B 748 20.39 -28.71 8.02
N GLU B 749 19.08 -28.50 8.19
CA GLU B 749 18.28 -29.45 8.95
C GLU B 749 18.00 -30.72 8.17
N VAL B 750 18.16 -30.69 6.84
CA VAL B 750 17.83 -31.85 6.03
C VAL B 750 19.06 -32.72 5.81
N PHE B 751 20.17 -32.12 5.40
CA PHE B 751 21.33 -32.87 4.95
C PHE B 751 22.37 -33.11 6.04
N ALA B 752 22.34 -32.36 7.13
CA ALA B 752 23.34 -32.46 8.19
C ALA B 752 22.86 -33.31 9.36
N GLN B 753 22.03 -34.33 9.10
CA GLN B 753 21.59 -35.20 10.18
C GLN B 753 22.70 -36.18 10.58
N VAL B 754 23.49 -36.64 9.62
CA VAL B 754 24.59 -37.55 9.92
C VAL B 754 25.68 -36.77 10.65
N LYS B 755 26.03 -37.24 11.84
CA LYS B 755 27.01 -36.52 12.67
C LYS B 755 28.44 -36.82 12.23
N GLN B 756 28.66 -37.99 11.61
CA GLN B 756 29.99 -38.47 11.31
C GLN B 756 30.06 -38.90 9.85
N MET B 757 31.08 -38.41 9.13
CA MET B 757 31.20 -38.68 7.71
C MET B 757 31.87 -40.03 7.48
N TYR B 758 31.24 -40.86 6.67
CA TYR B 758 31.71 -42.21 6.38
C TYR B 758 32.27 -42.27 4.96
N LYS B 759 33.45 -42.87 4.82
CA LYS B 759 34.09 -42.96 3.51
C LYS B 759 33.30 -43.89 2.59
N THR B 760 33.40 -43.62 1.30
CA THR B 760 32.73 -44.46 0.31
C THR B 760 33.51 -45.77 0.13
N PRO B 761 32.90 -46.93 0.39
CA PRO B 761 33.64 -48.18 0.18
C PRO B 761 33.98 -48.37 -1.29
N THR B 762 35.15 -48.99 -1.54
CA THR B 762 35.61 -49.24 -2.91
C THR B 762 35.17 -50.63 -3.35
N LEU B 763 33.90 -50.94 -3.07
CA LEU B 763 33.32 -52.21 -3.50
C LEU B 763 32.15 -51.97 -4.44
N LYS B 764 31.18 -51.17 -4.01
CA LYS B 764 29.99 -50.84 -4.79
C LYS B 764 29.18 -52.08 -5.18
N TYR B 765 29.51 -53.24 -4.63
CA TYR B 765 28.87 -54.50 -5.01
C TYR B 765 28.78 -55.38 -3.76
N PHE B 766 27.62 -55.38 -3.11
CA PHE B 766 27.42 -56.09 -1.86
C PHE B 766 26.33 -57.13 -2.03
N GLY B 767 26.66 -58.40 -1.78
CA GLY B 767 25.68 -59.46 -1.78
C GLY B 767 24.90 -59.58 -3.06
N GLY B 768 25.50 -59.19 -4.18
CA GLY B 768 24.84 -59.21 -5.46
C GLY B 768 24.10 -57.93 -5.81
N PHE B 769 24.04 -56.97 -4.89
CA PHE B 769 23.36 -55.70 -5.12
C PHE B 769 24.38 -54.68 -5.63
N ASN B 770 24.04 -54.01 -6.72
CA ASN B 770 24.94 -53.08 -7.40
C ASN B 770 24.61 -51.66 -6.96
N PHE B 771 25.47 -51.09 -6.11
CA PHE B 771 25.29 -49.75 -5.57
C PHE B 771 26.02 -48.67 -6.36
N SER B 772 26.63 -49.02 -7.49
CA SER B 772 27.15 -47.99 -8.38
C SER B 772 26.00 -47.16 -8.93
N GLN B 773 26.33 -45.99 -9.47
CA GLN B 773 25.44 -44.98 -10.03
C GLN B 773 24.73 -44.17 -8.95
N ILE B 774 24.87 -44.52 -7.67
CA ILE B 774 24.40 -43.70 -6.57
C ILE B 774 25.52 -43.34 -5.60
N LEU B 775 26.75 -43.73 -5.88
CA LEU B 775 27.92 -43.41 -5.09
C LEU B 775 28.96 -42.76 -5.98
N PRO B 776 29.87 -41.96 -5.41
CA PRO B 776 30.90 -41.33 -6.25
C PRO B 776 31.78 -42.36 -6.92
N ASP B 777 32.15 -42.08 -8.17
CA ASP B 777 33.03 -42.95 -8.93
C ASP B 777 34.45 -42.44 -8.80
N PRO B 778 35.35 -43.17 -8.12
CA PRO B 778 36.73 -42.67 -8.02
C PRO B 778 37.40 -42.49 -9.37
N LEU B 779 37.07 -43.33 -10.35
CA LEU B 779 37.67 -43.21 -11.68
C LEU B 779 37.32 -41.88 -12.33
N LYS B 780 36.04 -41.52 -12.31
CA LYS B 780 35.59 -40.31 -12.99
C LYS B 780 36.05 -39.08 -12.21
N PRO B 781 36.37 -37.97 -12.88
CA PRO B 781 36.79 -36.77 -12.15
C PRO B 781 35.71 -36.20 -11.25
N THR B 782 34.44 -36.32 -11.65
CA THR B 782 33.37 -35.69 -10.90
C THR B 782 33.22 -36.31 -9.53
N LYS B 783 32.79 -35.49 -8.55
CA LYS B 783 32.59 -35.99 -7.20
C LYS B 783 31.18 -36.53 -6.99
N ARG B 784 30.18 -35.87 -7.56
CA ARG B 784 28.81 -36.35 -7.44
C ARG B 784 28.61 -37.61 -8.27
N SER B 785 27.55 -38.34 -7.95
CA SER B 785 27.31 -39.66 -8.54
C SER B 785 26.69 -39.53 -9.92
N PHE B 786 26.57 -40.68 -10.60
CA PHE B 786 26.02 -40.70 -11.95
C PHE B 786 24.56 -40.23 -11.97
N ILE B 787 23.75 -40.69 -11.01
CA ILE B 787 22.36 -40.26 -10.97
C ILE B 787 22.27 -38.77 -10.66
N GLU B 788 23.16 -38.26 -9.82
CA GLU B 788 23.14 -36.84 -9.49
C GLU B 788 23.53 -35.99 -10.70
N ASP B 789 24.32 -36.55 -11.61
CA ASP B 789 24.68 -35.81 -12.82
C ASP B 789 23.46 -35.55 -13.69
N LEU B 790 22.58 -36.55 -13.82
CA LEU B 790 21.39 -36.39 -14.66
C LEU B 790 20.42 -35.37 -14.06
N LEU B 791 20.27 -35.39 -12.74
CA LEU B 791 19.35 -34.45 -12.09
C LEU B 791 19.78 -33.00 -12.30
N PHE B 792 21.09 -32.74 -12.16
CA PHE B 792 21.56 -31.36 -12.27
C PHE B 792 21.43 -30.83 -13.69
N ASN B 793 21.57 -31.71 -14.69
CA ASN B 793 21.43 -31.28 -16.07
C ASN B 793 19.97 -31.03 -16.44
N LYS B 794 19.04 -31.59 -15.68
CA LYS B 794 17.62 -31.50 -16.03
C LYS B 794 16.99 -30.19 -15.62
N VAL B 795 17.65 -29.40 -14.77
CA VAL B 795 17.10 -28.14 -14.27
C VAL B 795 17.92 -26.99 -14.84
N THR B 796 17.26 -26.09 -15.55
CA THR B 796 17.94 -24.93 -16.12
C THR B 796 18.09 -23.83 -15.06
N LEU B 797 19.32 -23.35 -14.89
CA LEU B 797 19.63 -22.29 -13.95
C LEU B 797 19.95 -21.01 -14.71
N ALA B 798 19.55 -19.87 -14.13
CA ALA B 798 19.76 -18.59 -14.80
C ALA B 798 21.22 -18.15 -14.71
N ASP B 799 21.72 -17.96 -13.49
CA ASP B 799 23.08 -17.52 -13.26
C ASP B 799 23.89 -18.69 -12.71
N ALA B 800 24.94 -19.08 -13.43
CA ALA B 800 25.77 -20.19 -12.99
C ALA B 800 26.52 -19.84 -11.71
N GLY B 801 27.14 -18.66 -11.67
CA GLY B 801 27.87 -18.19 -10.51
C GLY B 801 27.14 -17.05 -9.81
N PHE B 802 27.87 -16.35 -8.95
CA PHE B 802 27.34 -15.21 -8.22
C PHE B 802 28.30 -14.02 -8.25
N MET B 803 29.09 -13.90 -9.31
CA MET B 803 29.99 -12.76 -9.50
C MET B 803 29.76 -12.17 -10.88
N LYS B 804 29.69 -10.84 -10.95
CA LYS B 804 29.46 -10.13 -12.20
C LYS B 804 30.26 -8.84 -12.14
N GLN B 805 31.38 -8.79 -12.85
CA GLN B 805 32.29 -7.66 -12.76
C GLN B 805 31.75 -6.44 -13.50
N TYR B 806 32.14 -5.26 -13.02
CA TYR B 806 31.66 -4.01 -13.63
C TYR B 806 32.07 -3.90 -15.09
N GLY B 807 33.32 -4.26 -15.41
CA GLY B 807 33.77 -4.16 -16.79
C GLY B 807 32.98 -5.05 -17.72
N GLU B 808 32.59 -6.24 -17.24
CA GLU B 808 31.90 -7.19 -18.11
C GLU B 808 30.54 -6.65 -18.56
N CYS B 809 29.81 -5.99 -17.66
CA CYS B 809 28.51 -5.43 -18.05
C CYS B 809 28.68 -4.35 -19.11
N LEU B 810 29.68 -3.48 -18.93
CA LEU B 810 29.95 -2.45 -19.93
C LEU B 810 30.44 -3.06 -21.24
N GLY B 811 31.22 -4.13 -21.17
CA GLY B 811 31.71 -4.76 -22.39
C GLY B 811 30.65 -5.58 -23.09
N ASP B 812 29.48 -5.75 -22.46
CA ASP B 812 28.37 -6.51 -23.03
C ASP B 812 27.09 -5.67 -23.07
N ILE B 813 27.23 -4.37 -23.37
CA ILE B 813 26.07 -3.49 -23.39
C ILE B 813 25.10 -3.91 -24.50
N ASN B 814 25.63 -4.28 -25.66
CA ASN B 814 24.77 -4.59 -26.81
C ASN B 814 23.70 -5.61 -26.43
N ALA B 815 24.10 -6.72 -25.80
CA ALA B 815 23.13 -7.67 -25.30
C ALA B 815 22.39 -7.09 -24.09
N ARG B 816 21.08 -7.26 -24.07
CA ARG B 816 20.24 -6.73 -22.99
C ARG B 816 20.19 -7.76 -21.86
N ASP B 817 21.37 -7.98 -21.26
CA ASP B 817 21.49 -8.95 -20.18
C ASP B 817 20.53 -8.60 -19.05
N LEU B 818 19.83 -9.61 -18.54
CA LEU B 818 18.86 -9.36 -17.48
C LEU B 818 19.55 -9.13 -16.14
N ILE B 819 20.70 -9.78 -15.92
CA ILE B 819 21.39 -9.65 -14.65
C ILE B 819 22.00 -8.26 -14.50
N CYS B 820 22.65 -7.75 -15.54
CA CYS B 820 23.24 -6.42 -15.47
C CYS B 820 22.16 -5.38 -15.19
N ALA B 821 20.95 -5.58 -15.70
CA ALA B 821 19.87 -4.65 -15.44
C ALA B 821 19.47 -4.66 -13.97
N GLN B 822 19.41 -5.84 -13.36
CA GLN B 822 19.09 -5.94 -11.94
C GLN B 822 20.17 -5.28 -11.09
N LYS B 823 21.43 -5.52 -11.44
CA LYS B 823 22.53 -5.01 -10.63
C LYS B 823 22.59 -3.49 -10.67
N PHE B 824 22.35 -2.89 -11.85
CA PHE B 824 22.38 -1.44 -11.96
C PHE B 824 21.22 -0.78 -11.23
N ASN B 825 20.22 -1.56 -10.81
CA ASN B 825 19.07 -1.02 -10.09
C ASN B 825 19.04 -1.42 -8.62
N GLY B 826 20.14 -1.96 -8.10
CA GLY B 826 20.26 -2.22 -6.68
C GLY B 826 19.66 -3.54 -6.20
N LEU B 827 19.45 -4.50 -7.08
CA LEU B 827 18.93 -5.81 -6.71
C LEU B 827 20.06 -6.83 -6.78
N THR B 828 20.22 -7.60 -5.70
CA THR B 828 21.35 -8.51 -5.55
C THR B 828 20.86 -9.89 -5.16
N VAL B 829 21.62 -10.90 -5.56
CA VAL B 829 21.37 -12.30 -5.19
C VAL B 829 22.61 -12.81 -4.47
N LEU B 830 22.41 -13.47 -3.33
CA LEU B 830 23.52 -13.89 -2.49
C LEU B 830 23.76 -15.40 -2.61
N PRO B 831 25.00 -15.85 -2.48
CA PRO B 831 25.27 -17.28 -2.66
C PRO B 831 24.86 -18.07 -1.44
N PRO B 832 24.45 -19.33 -1.62
CA PRO B 832 24.18 -20.18 -0.45
C PRO B 832 25.45 -20.48 0.33
N LEU B 833 25.27 -20.70 1.63
CA LEU B 833 26.42 -21.00 2.50
C LEU B 833 27.04 -22.34 2.13
N LEU B 834 26.21 -23.38 1.96
CA LEU B 834 26.71 -24.72 1.67
C LEU B 834 26.85 -24.89 0.16
N THR B 835 28.05 -25.23 -0.29
CA THR B 835 28.33 -25.41 -1.70
C THR B 835 27.72 -26.73 -2.19
N ASP B 836 27.49 -26.80 -3.50
CA ASP B 836 26.93 -28.02 -4.09
C ASP B 836 27.82 -29.22 -3.82
N ASP B 837 29.13 -29.02 -3.85
CA ASP B 837 30.06 -30.11 -3.56
C ASP B 837 29.88 -30.61 -2.13
N MET B 838 29.67 -29.69 -1.18
CA MET B 838 29.46 -30.08 0.21
C MET B 838 28.18 -30.89 0.36
N ILE B 839 27.11 -30.49 -0.34
CA ILE B 839 25.85 -31.22 -0.25
C ILE B 839 26.01 -32.62 -0.81
N ALA B 840 26.81 -32.77 -1.87
CA ALA B 840 27.04 -34.09 -2.44
C ALA B 840 27.82 -34.97 -1.49
N ALA B 841 28.67 -34.36 -0.66
CA ALA B 841 29.42 -35.14 0.33
C ALA B 841 28.50 -35.73 1.38
N TYR B 842 27.50 -34.97 1.82
CA TYR B 842 26.58 -35.45 2.85
C TYR B 842 25.79 -36.66 2.35
N THR B 843 25.29 -36.59 1.11
CA THR B 843 24.49 -37.69 0.59
C THR B 843 25.35 -38.93 0.36
N ALA B 844 26.63 -38.73 0.04
CA ALA B 844 27.52 -39.88 -0.12
C ALA B 844 27.73 -40.61 1.21
N ALA B 845 27.84 -39.85 2.30
CA ALA B 845 28.00 -40.47 3.61
C ALA B 845 26.74 -41.24 4.03
N LEU B 846 25.57 -40.66 3.76
CA LEU B 846 24.33 -41.32 4.15
C LEU B 846 24.15 -42.63 3.39
N VAL B 847 24.46 -42.64 2.09
CA VAL B 847 24.37 -43.88 1.31
C VAL B 847 25.38 -44.89 1.82
N SER B 848 26.61 -44.45 2.11
CA SER B 848 27.61 -45.36 2.62
C SER B 848 27.20 -45.97 3.96
N GLY B 849 26.65 -45.14 4.85
CA GLY B 849 26.21 -45.65 6.14
C GLY B 849 25.14 -46.71 6.01
N THR B 850 24.15 -46.46 5.15
CA THR B 850 23.08 -47.45 4.96
C THR B 850 23.62 -48.75 4.38
N ALA B 851 24.62 -48.68 3.51
CA ALA B 851 25.10 -49.88 2.84
C ALA B 851 25.96 -50.75 3.76
N THR B 852 26.60 -50.14 4.75
CA THR B 852 27.53 -50.85 5.63
C THR B 852 27.14 -50.69 7.09
N ALA B 853 25.84 -50.53 7.36
CA ALA B 853 25.34 -50.44 8.73
C ALA B 853 23.82 -50.43 8.74
N ALA B 861 26.42 -44.81 17.27
CA ALA B 861 26.88 -46.18 17.10
C ALA B 861 27.16 -46.47 15.62
N ALA B 862 27.90 -47.55 15.37
CA ALA B 862 28.21 -47.96 14.00
C ALA B 862 27.51 -49.27 13.65
N LEU B 863 27.72 -50.33 14.42
CA LEU B 863 26.99 -51.58 14.27
C LEU B 863 27.00 -52.06 12.82
N GLN B 864 28.20 -52.31 12.33
CA GLN B 864 28.37 -52.74 10.94
C GLN B 864 27.77 -54.12 10.74
N ILE B 865 26.95 -54.33 9.69
CA ILE B 865 26.23 -55.62 9.43
C ILE B 865 26.19 -55.90 7.91
N PRO B 866 26.46 -57.13 7.43
CA PRO B 866 26.38 -57.46 5.99
C PRO B 866 25.07 -57.04 5.28
N PHE B 867 25.17 -56.63 4.01
CA PHE B 867 24.03 -56.18 3.15
C PHE B 867 23.40 -57.42 2.51
N ALA B 868 22.64 -58.17 3.31
CA ALA B 868 22.00 -59.48 3.01
C ALA B 868 21.28 -59.96 4.29
N MET B 869 22.02 -60.12 5.40
CA MET B 869 21.50 -60.43 6.75
C MET B 869 20.60 -59.26 7.20
N GLN B 870 20.98 -58.02 6.85
CA GLN B 870 20.23 -56.77 7.14
C GLN B 870 18.91 -56.77 6.36
N MET B 871 18.96 -56.98 5.04
CA MET B 871 17.78 -57.02 4.14
C MET B 871 16.76 -58.01 4.72
N ALA B 872 17.24 -59.13 5.29
CA ALA B 872 16.42 -60.11 5.98
C ALA B 872 15.70 -59.48 7.17
N TYR B 873 16.38 -58.56 7.87
CA TYR B 873 15.73 -57.84 8.96
C TYR B 873 14.57 -56.99 8.43
N ARG B 874 14.76 -56.35 7.28
CA ARG B 874 13.68 -55.54 6.70
C ARG B 874 12.48 -56.41 6.35
N PHE B 875 12.71 -57.59 5.77
CA PHE B 875 11.61 -58.49 5.47
C PHE B 875 10.90 -58.92 6.75
N ASN B 876 11.67 -59.17 7.82
CA ASN B 876 11.05 -59.56 9.08
C ASN B 876 10.13 -58.47 9.62
N GLY B 877 10.38 -57.21 9.24
CA GLY B 877 9.50 -56.14 9.66
C GLY B 877 8.25 -56.04 8.82
N ILE B 878 8.29 -56.58 7.59
CA ILE B 878 7.14 -56.51 6.71
C ILE B 878 6.14 -57.61 7.03
N GLY B 879 6.51 -58.53 7.92
CA GLY B 879 5.71 -59.71 8.20
C GLY B 879 6.10 -60.93 7.42
N VAL B 880 6.98 -60.79 6.42
CA VAL B 880 7.47 -61.95 5.68
C VAL B 880 8.57 -62.64 6.48
N THR B 881 8.70 -63.94 6.25
CA THR B 881 9.70 -64.74 6.94
C THR B 881 11.07 -64.58 6.28
N GLN B 882 12.11 -64.65 7.11
CA GLN B 882 13.46 -64.39 6.60
C GLN B 882 13.87 -65.41 5.56
N ASN B 883 13.42 -66.66 5.71
CA ASN B 883 13.83 -67.71 4.78
C ASN B 883 13.43 -67.37 3.34
N VAL B 884 12.43 -66.50 3.16
CA VAL B 884 12.02 -66.11 1.82
C VAL B 884 13.16 -65.40 1.10
N LEU B 885 13.85 -64.51 1.82
CA LEU B 885 14.95 -63.76 1.21
C LEU B 885 16.13 -64.67 0.90
N TYR B 886 16.55 -65.49 1.86
CA TYR B 886 17.74 -66.31 1.68
C TYR B 886 17.57 -67.31 0.55
N GLU B 887 16.38 -67.87 0.40
CA GLU B 887 16.13 -68.84 -0.67
C GLU B 887 16.01 -68.17 -2.03
N ASN B 888 15.57 -66.91 -2.07
CA ASN B 888 15.33 -66.18 -3.31
C ASN B 888 16.23 -64.96 -3.46
N GLN B 889 17.38 -64.96 -2.80
CA GLN B 889 18.23 -63.77 -2.81
C GLN B 889 18.64 -63.37 -4.21
N LYS B 890 18.96 -64.35 -5.06
CA LYS B 890 19.51 -64.04 -6.37
C LYS B 890 18.51 -63.26 -7.22
N GLN B 891 17.26 -63.71 -7.28
CA GLN B 891 16.31 -63.06 -8.17
C GLN B 891 15.81 -61.75 -7.57
N ILE B 892 15.92 -61.60 -6.25
CA ILE B 892 15.62 -60.31 -5.63
C ILE B 892 16.66 -59.28 -6.03
N ALA B 893 17.94 -59.68 -6.03
CA ALA B 893 19.00 -58.78 -6.48
C ALA B 893 18.82 -58.41 -7.94
N ASN B 894 18.42 -59.38 -8.76
CA ASN B 894 18.19 -59.09 -10.17
C ASN B 894 17.06 -58.09 -10.36
N GLN B 895 15.98 -58.23 -9.58
CA GLN B 895 14.90 -57.26 -9.62
C GLN B 895 15.39 -55.88 -9.15
N PHE B 896 16.19 -55.85 -8.09
CA PHE B 896 16.67 -54.58 -7.57
C PHE B 896 17.55 -53.87 -8.60
N ASN B 897 18.54 -54.56 -9.15
CA ASN B 897 19.45 -53.93 -10.09
C ASN B 897 18.71 -53.43 -11.32
N LYS B 898 17.76 -54.23 -11.82
CA LYS B 898 16.99 -53.81 -12.99
C LYS B 898 16.15 -52.57 -12.68
N ALA B 899 15.64 -52.47 -11.45
CA ALA B 899 14.84 -51.31 -11.08
C ALA B 899 15.67 -50.04 -11.16
N ILE B 900 16.93 -50.09 -10.72
CA ILE B 900 17.81 -48.92 -10.82
C ILE B 900 18.01 -48.53 -12.27
N SER B 901 18.22 -49.51 -13.14
CA SER B 901 18.51 -49.22 -14.54
C SER B 901 17.35 -48.51 -15.22
N GLN B 902 16.12 -48.77 -14.77
CA GLN B 902 14.96 -48.11 -15.36
C GLN B 902 14.87 -46.66 -14.91
N ILE B 903 15.34 -46.36 -13.71
CA ILE B 903 15.33 -44.98 -13.22
C ILE B 903 16.25 -44.11 -14.08
N GLN B 904 17.48 -44.58 -14.33
CA GLN B 904 18.43 -43.76 -15.05
C GLN B 904 18.05 -43.63 -16.52
N GLU B 905 17.26 -44.57 -17.05
CA GLU B 905 16.72 -44.41 -18.39
C GLU B 905 15.68 -43.29 -18.42
N SER B 906 14.79 -43.27 -17.43
CA SER B 906 13.75 -42.25 -17.40
C SER B 906 14.36 -40.85 -17.28
N LEU B 907 15.34 -40.69 -16.39
CA LEU B 907 15.96 -39.38 -16.21
C LEU B 907 16.74 -38.96 -17.44
N THR B 908 17.19 -39.92 -18.24
CA THR B 908 17.92 -39.57 -19.45
C THR B 908 17.06 -38.76 -20.41
N THR B 909 15.79 -39.12 -20.54
CA THR B 909 14.87 -38.35 -21.35
C THR B 909 14.36 -37.14 -20.56
N THR B 910 13.35 -36.47 -21.12
CA THR B 910 12.77 -35.31 -20.47
C THR B 910 11.62 -35.72 -19.57
N SER B 911 11.79 -35.51 -18.27
CA SER B 911 10.81 -35.91 -17.27
C SER B 911 10.35 -34.69 -16.49
N THR B 912 9.04 -34.63 -16.22
CA THR B 912 8.46 -33.57 -15.42
C THR B 912 8.67 -33.80 -13.93
N ALA B 913 9.30 -34.90 -13.53
CA ALA B 913 9.54 -35.16 -12.12
C ALA B 913 10.28 -34.01 -11.45
N LEU B 914 11.13 -33.31 -12.19
CA LEU B 914 11.88 -32.17 -11.66
C LEU B 914 11.17 -30.85 -11.89
N GLY B 915 9.90 -30.87 -12.30
CA GLY B 915 9.20 -29.63 -12.59
C GLY B 915 9.03 -28.75 -11.36
N LYS B 916 8.83 -29.35 -10.20
CA LYS B 916 8.61 -28.56 -8.99
C LYS B 916 9.84 -27.72 -8.66
N LEU B 917 11.03 -28.30 -8.82
CA LEU B 917 12.26 -27.53 -8.61
C LEU B 917 12.42 -26.48 -9.71
N GLN B 918 12.01 -26.82 -10.93
CA GLN B 918 12.09 -25.86 -12.02
C GLN B 918 11.18 -24.66 -11.77
N ASP B 919 10.04 -24.88 -11.10
CA ASP B 919 9.11 -23.78 -10.85
C ASP B 919 9.69 -22.80 -9.85
N VAL B 920 10.40 -23.28 -8.83
CA VAL B 920 10.97 -22.38 -7.83
C VAL B 920 11.93 -21.40 -8.48
N VAL B 921 12.72 -21.88 -9.45
CA VAL B 921 13.65 -21.01 -10.15
C VAL B 921 12.90 -19.93 -10.93
N ASN B 922 11.84 -20.34 -11.63
CA ASN B 922 11.12 -19.41 -12.50
C ASN B 922 10.45 -18.30 -11.70
N GLN B 923 9.85 -18.63 -10.56
CA GLN B 923 9.14 -17.62 -9.78
C GLN B 923 10.11 -16.58 -9.24
N ASN B 924 11.31 -17.01 -8.82
CA ASN B 924 12.29 -16.06 -8.30
C ASN B 924 12.71 -15.07 -9.38
N ALA B 925 12.97 -15.56 -10.59
CA ALA B 925 13.41 -14.69 -11.67
C ALA B 925 12.31 -13.72 -12.08
N GLN B 926 11.06 -14.21 -12.14
CA GLN B 926 9.96 -13.35 -12.56
C GLN B 926 9.75 -12.20 -11.59
N ALA B 927 9.88 -12.46 -10.29
CA ALA B 927 9.68 -11.40 -9.31
C ALA B 927 10.69 -10.28 -9.48
N LEU B 928 11.97 -10.64 -9.71
CA LEU B 928 13.00 -9.63 -9.86
C LEU B 928 12.83 -8.85 -11.17
N ASN B 929 12.48 -9.55 -12.25
CA ASN B 929 12.33 -8.87 -13.54
C ASN B 929 11.06 -8.03 -13.59
N THR B 930 10.11 -8.28 -12.70
CA THR B 930 8.92 -7.44 -12.63
C THR B 930 9.23 -6.11 -11.98
N LEU B 931 10.14 -6.11 -10.99
CA LEU B 931 10.53 -4.86 -10.34
C LEU B 931 11.19 -3.90 -11.32
N VAL B 932 12.05 -4.43 -12.19
CA VAL B 932 12.76 -3.58 -13.14
C VAL B 932 11.78 -2.93 -14.12
N LYS B 933 10.83 -3.70 -14.62
CA LYS B 933 9.90 -3.18 -15.62
C LYS B 933 8.93 -2.16 -15.03
N GLN B 934 8.66 -2.23 -13.72
CA GLN B 934 7.75 -1.30 -13.09
C GLN B 934 8.36 0.09 -12.88
N LEU B 935 9.63 0.28 -13.21
CA LEU B 935 10.24 1.59 -13.07
C LEU B 935 9.84 2.53 -14.21
N SER B 936 9.17 2.02 -15.24
CA SER B 936 8.75 2.85 -16.36
C SER B 936 7.35 3.41 -16.19
N SER B 937 6.69 3.17 -15.06
CA SER B 937 5.31 3.56 -14.87
C SER B 937 5.22 4.93 -14.21
N ASN B 938 4.34 5.78 -14.74
CA ASN B 938 3.99 7.02 -14.07
C ASN B 938 3.04 6.73 -12.92
N PHE B 939 3.22 7.44 -11.81
CA PHE B 939 2.42 7.30 -10.62
C PHE B 939 1.64 8.58 -10.33
N GLY B 940 1.06 9.16 -11.39
CA GLY B 940 0.44 10.45 -11.31
C GLY B 940 1.34 11.62 -11.63
N ALA B 941 2.61 11.37 -11.93
CA ALA B 941 3.55 12.41 -12.31
C ALA B 941 3.55 12.59 -13.82
N ILE B 942 4.08 13.73 -14.26
CA ILE B 942 4.10 14.04 -15.69
C ILE B 942 5.04 13.09 -16.43
N SER B 943 6.15 12.72 -15.81
CA SER B 943 7.13 11.84 -16.43
C SER B 943 7.66 10.86 -15.38
N SER B 944 8.08 9.69 -15.87
CA SER B 944 8.68 8.67 -15.01
C SER B 944 10.20 8.77 -14.93
N VAL B 945 10.81 9.64 -15.72
CA VAL B 945 12.27 9.75 -15.78
C VAL B 945 12.68 10.91 -14.87
N LEU B 946 13.49 10.59 -13.86
CA LEU B 946 13.89 11.62 -12.88
C LEU B 946 14.71 12.71 -13.55
N ASN B 947 15.62 12.35 -14.45
CA ASN B 947 16.46 13.35 -15.09
C ASN B 947 15.63 14.32 -15.94
N ASP B 948 14.59 13.82 -16.59
CA ASP B 948 13.73 14.70 -17.39
C ASP B 948 13.04 15.74 -16.53
N ILE B 949 12.52 15.33 -15.37
CA ILE B 949 11.81 16.27 -14.51
C ILE B 949 12.77 17.34 -13.99
N LEU B 950 13.95 16.91 -13.52
CA LEU B 950 14.90 17.84 -12.93
C LEU B 950 15.49 18.78 -13.96
N SER B 951 15.42 18.42 -15.24
CA SER B 951 16.05 19.23 -16.28
C SER B 951 15.28 20.52 -16.53
N ARG B 952 13.94 20.46 -16.50
CA ARG B 952 13.12 21.58 -16.93
C ARG B 952 12.21 22.13 -15.84
N LEU B 953 12.25 21.59 -14.62
CA LEU B 953 11.49 22.11 -13.50
C LEU B 953 12.43 22.56 -12.39
N ASP B 954 12.03 23.61 -11.69
CA ASP B 954 12.81 24.14 -10.58
C ASP B 954 12.56 23.30 -9.32
N LYS B 955 13.18 23.72 -8.22
CA LYS B 955 13.19 22.89 -7.01
C LYS B 955 11.78 22.65 -6.48
N VAL B 956 10.97 23.70 -6.40
CA VAL B 956 9.66 23.58 -5.77
C VAL B 956 8.72 22.75 -6.63
N GLU B 957 8.70 23.01 -7.93
CA GLU B 957 7.80 22.28 -8.82
C GLU B 957 8.26 20.85 -9.05
N ALA B 958 9.56 20.59 -8.93
CA ALA B 958 10.04 19.22 -9.03
C ALA B 958 9.73 18.44 -7.76
N GLU B 959 9.68 19.12 -6.61
CA GLU B 959 9.44 18.40 -5.36
C GLU B 959 8.03 17.82 -5.32
N VAL B 960 7.09 18.40 -6.06
CA VAL B 960 5.75 17.82 -6.16
C VAL B 960 5.79 16.52 -6.95
N GLN B 961 6.48 16.52 -8.09
CA GLN B 961 6.46 15.34 -8.96
C GLN B 961 7.30 14.21 -8.40
N ILE B 962 8.46 14.52 -7.82
CA ILE B 962 9.35 13.48 -7.32
C ILE B 962 8.69 12.73 -6.16
N ASP B 963 7.88 13.43 -5.36
CA ASP B 963 7.17 12.78 -4.27
C ASP B 963 6.23 11.70 -4.81
N ARG B 964 5.57 11.98 -5.93
CA ARG B 964 4.66 11.00 -6.52
C ARG B 964 5.42 9.74 -6.93
N LEU B 965 6.65 9.91 -7.44
CA LEU B 965 7.44 8.76 -7.85
C LEU B 965 7.98 8.00 -6.65
N ILE B 966 8.33 8.72 -5.57
CA ILE B 966 8.85 8.05 -4.38
C ILE B 966 7.78 7.16 -3.75
N THR B 967 6.56 7.66 -3.64
CA THR B 967 5.49 6.87 -3.03
C THR B 967 5.19 5.62 -3.86
N GLY B 968 5.15 5.77 -5.19
CA GLY B 968 4.84 4.65 -6.04
C GLY B 968 5.91 3.56 -6.01
N ARG B 969 7.17 3.97 -6.04
CA ARG B 969 8.26 2.99 -6.09
C ARG B 969 8.43 2.31 -4.73
N LEU B 970 8.16 3.02 -3.64
CA LEU B 970 8.16 2.38 -2.33
C LEU B 970 7.08 1.31 -2.25
N GLN B 971 5.92 1.57 -2.85
CA GLN B 971 4.83 0.59 -2.84
C GLN B 971 5.22 -0.66 -3.62
N SER B 972 5.99 -0.49 -4.70
CA SER B 972 6.46 -1.65 -5.46
C SER B 972 7.37 -2.52 -4.61
N LEU B 973 8.29 -1.91 -3.87
CA LEU B 973 9.21 -2.68 -3.05
C LEU B 973 8.47 -3.44 -1.95
N GLN B 974 7.49 -2.80 -1.32
CA GLN B 974 6.77 -3.46 -0.23
C GLN B 974 6.00 -4.67 -0.74
N THR B 975 5.39 -4.56 -1.92
CA THR B 975 4.68 -5.70 -2.49
C THR B 975 5.61 -6.86 -2.75
N TYR B 976 6.82 -6.58 -3.25
CA TYR B 976 7.79 -7.64 -3.51
C TYR B 976 8.17 -8.34 -2.21
N VAL B 977 8.41 -7.58 -1.15
CA VAL B 977 8.82 -8.18 0.12
C VAL B 977 7.71 -9.06 0.68
N THR B 978 6.46 -8.59 0.61
CA THR B 978 5.35 -9.36 1.16
C THR B 978 5.20 -10.69 0.44
N GLN B 979 5.34 -10.69 -0.89
CA GLN B 979 5.27 -11.94 -1.65
C GLN B 979 6.38 -12.89 -1.25
N GLN B 980 7.58 -12.37 -0.99
CA GLN B 980 8.70 -13.21 -0.61
C GLN B 980 8.42 -13.91 0.73
N LEU B 981 7.80 -13.19 1.67
CA LEU B 981 7.50 -13.81 2.96
C LEU B 981 6.51 -14.95 2.81
N ILE B 982 5.50 -14.78 1.96
CA ILE B 982 4.50 -15.82 1.78
C ILE B 982 5.10 -17.03 1.07
N ARG B 983 5.94 -16.79 0.06
CA ARG B 983 6.62 -17.89 -0.60
C ARG B 983 7.57 -18.60 0.35
N ALA B 984 8.24 -17.85 1.23
CA ALA B 984 9.21 -18.46 2.14
C ALA B 984 8.53 -19.43 3.10
N ALA B 985 7.31 -19.09 3.54
CA ALA B 985 6.61 -19.97 4.47
C ALA B 985 6.26 -21.31 3.82
N GLU B 986 6.00 -21.30 2.51
CA GLU B 986 5.66 -22.54 1.82
C GLU B 986 6.88 -23.43 1.66
N ILE B 987 8.03 -22.84 1.36
CA ILE B 987 9.26 -23.62 1.24
C ILE B 987 9.62 -24.25 2.58
N ARG B 988 9.39 -23.53 3.68
CA ARG B 988 9.72 -24.04 4.99
C ARG B 988 8.92 -25.29 5.32
N ALA B 989 7.65 -25.33 4.91
CA ALA B 989 6.84 -26.52 5.16
C ALA B 989 7.38 -27.73 4.41
N SER B 990 7.81 -27.52 3.16
CA SER B 990 8.41 -28.60 2.40
C SER B 990 9.72 -29.06 3.05
N ALA B 991 10.53 -28.10 3.53
CA ALA B 991 11.78 -28.45 4.18
C ALA B 991 11.53 -29.24 5.46
N ASN B 992 10.50 -28.87 6.23
CA ASN B 992 10.19 -29.59 7.45
C ASN B 992 9.77 -31.03 7.14
N LEU B 993 8.99 -31.22 6.08
CA LEU B 993 8.55 -32.57 5.73
C LEU B 993 9.70 -33.37 5.13
N ALA B 994 10.57 -32.72 4.36
CA ALA B 994 11.73 -33.42 3.81
C ALA B 994 12.65 -33.93 4.92
N ALA B 995 12.84 -33.12 5.97
CA ALA B 995 13.67 -33.55 7.08
C ALA B 995 13.06 -34.75 7.79
N THR B 996 11.73 -34.77 7.92
CA THR B 996 11.08 -35.90 8.57
C THR B 996 11.28 -37.19 7.77
N LYS B 997 11.15 -37.11 6.44
CA LYS B 997 11.33 -38.29 5.61
C LYS B 997 12.76 -38.82 5.69
N MET B 998 13.74 -37.93 5.85
CA MET B 998 15.12 -38.38 6.00
C MET B 998 15.28 -39.21 7.27
N SER B 999 14.62 -38.79 8.36
CA SER B 999 14.76 -39.51 9.62
C SER B 999 14.00 -40.83 9.60
N GLU B 1000 12.78 -40.83 9.07
CA GLU B 1000 11.91 -41.99 9.21
C GLU B 1000 11.97 -42.94 8.01
N CYS B 1001 12.44 -42.49 6.85
CA CYS B 1001 12.51 -43.35 5.67
C CYS B 1001 13.94 -43.77 5.35
N VAL B 1002 14.94 -42.94 5.64
CA VAL B 1002 16.31 -43.26 5.29
C VAL B 1002 17.07 -43.85 6.48
N LEU B 1003 16.82 -43.34 7.69
CA LEU B 1003 17.49 -43.82 8.90
C LEU B 1003 16.69 -44.88 9.63
N GLY B 1004 15.63 -45.40 9.01
CA GLY B 1004 14.83 -46.44 9.65
C GLY B 1004 13.79 -46.98 8.70
N GLN B 1005 13.01 -47.92 9.20
CA GLN B 1005 11.92 -48.52 8.44
C GLN B 1005 10.59 -48.03 9.01
N SER B 1006 9.77 -47.45 8.14
CA SER B 1006 8.53 -46.81 8.54
C SER B 1006 7.35 -47.75 8.32
N LYS B 1007 6.38 -47.70 9.24
CA LYS B 1007 5.15 -48.45 9.12
C LYS B 1007 3.95 -47.57 8.78
N ARG B 1008 4.13 -46.25 8.71
CA ARG B 1008 3.05 -45.38 8.28
C ARG B 1008 2.72 -45.67 6.82
N VAL B 1009 1.43 -45.75 6.52
CA VAL B 1009 0.98 -46.14 5.19
C VAL B 1009 1.18 -44.98 4.23
N ASP B 1010 1.84 -45.25 3.10
CA ASP B 1010 2.04 -44.32 2.00
C ASP B 1010 2.98 -43.16 2.35
N PHE B 1011 3.78 -43.29 3.41
CA PHE B 1011 4.69 -42.21 3.77
C PHE B 1011 6.00 -42.29 3.00
N CYS B 1012 6.60 -43.48 2.93
CA CYS B 1012 7.86 -43.68 2.23
C CYS B 1012 7.69 -44.59 1.01
N GLY B 1013 6.61 -44.41 0.26
CA GLY B 1013 6.33 -45.21 -0.91
C GLY B 1013 4.93 -45.80 -0.87
N LYS B 1014 4.60 -46.52 -1.94
CA LYS B 1014 3.26 -47.06 -2.09
C LYS B 1014 3.11 -48.41 -1.42
N GLY B 1015 4.04 -49.33 -1.65
CA GLY B 1015 3.97 -50.66 -1.08
C GLY B 1015 4.42 -50.68 0.37
N TYR B 1016 5.01 -51.81 0.75
CA TYR B 1016 5.56 -51.96 2.09
C TYR B 1016 7.01 -51.52 2.08
N HIS B 1017 7.31 -50.47 2.85
CA HIS B 1017 8.61 -49.80 2.76
C HIS B 1017 9.72 -50.73 3.23
N LEU B 1018 10.84 -50.72 2.50
CA LEU B 1018 12.05 -51.44 2.86
C LEU B 1018 13.20 -50.52 3.23
N MET B 1019 13.55 -49.56 2.37
CA MET B 1019 14.58 -48.57 2.69
C MET B 1019 14.52 -47.47 1.64
N SER B 1020 15.23 -46.38 1.91
CA SER B 1020 15.26 -45.23 1.01
C SER B 1020 16.68 -44.69 0.90
N PHE B 1021 16.99 -44.10 -0.25
CA PHE B 1021 18.30 -43.48 -0.49
C PHE B 1021 18.09 -42.04 -0.95
N PRO B 1022 18.78 -41.07 -0.35
CA PRO B 1022 18.65 -39.68 -0.78
C PRO B 1022 19.65 -39.30 -1.87
N GLN B 1023 19.20 -38.41 -2.74
CA GLN B 1023 20.04 -37.86 -3.81
C GLN B 1023 19.83 -36.36 -3.89
N ALA B 1024 20.93 -35.61 -3.89
CA ALA B 1024 20.86 -34.16 -3.92
C ALA B 1024 20.46 -33.68 -5.31
N ALA B 1025 19.73 -32.57 -5.33
CA ALA B 1025 19.27 -31.93 -6.56
C ALA B 1025 19.33 -30.42 -6.37
N PRO B 1026 19.29 -29.65 -7.46
CA PRO B 1026 19.34 -28.18 -7.32
C PRO B 1026 18.16 -27.67 -6.51
N HIS B 1027 18.47 -27.05 -5.37
CA HIS B 1027 17.47 -26.43 -4.50
C HIS B 1027 16.48 -27.46 -3.97
N GLY B 1028 16.88 -28.72 -3.90
CA GLY B 1028 15.98 -29.74 -3.39
C GLY B 1028 16.71 -31.05 -3.21
N VAL B 1029 15.92 -32.08 -2.88
CA VAL B 1029 16.43 -33.43 -2.67
C VAL B 1029 15.48 -34.40 -3.37
N VAL B 1030 16.01 -35.57 -3.71
CA VAL B 1030 15.25 -36.63 -4.37
C VAL B 1030 15.42 -37.91 -3.57
N PHE B 1031 14.31 -38.61 -3.33
CA PHE B 1031 14.30 -39.85 -2.56
C PHE B 1031 14.00 -41.02 -3.48
N LEU B 1032 14.67 -42.15 -3.24
CA LEU B 1032 14.40 -43.40 -3.94
C LEU B 1032 13.94 -44.43 -2.91
N HIS B 1033 12.68 -44.85 -3.02
CA HIS B 1033 12.07 -45.77 -2.06
C HIS B 1033 11.99 -47.16 -2.64
N VAL B 1034 12.44 -48.16 -1.88
CA VAL B 1034 12.35 -49.57 -2.25
C VAL B 1034 11.21 -50.19 -1.46
N THR B 1035 10.27 -50.82 -2.16
CA THR B 1035 9.05 -51.32 -1.53
C THR B 1035 8.78 -52.75 -1.97
N TYR B 1036 7.92 -53.42 -1.20
CA TYR B 1036 7.52 -54.80 -1.45
C TYR B 1036 6.09 -54.81 -1.97
N VAL B 1037 5.87 -55.50 -3.07
CA VAL B 1037 4.58 -55.50 -3.77
C VAL B 1037 4.10 -56.95 -3.92
N PRO B 1038 3.03 -57.36 -3.26
CA PRO B 1038 2.52 -58.73 -3.47
C PRO B 1038 1.91 -58.90 -4.85
N SER B 1039 1.82 -60.15 -5.28
CA SER B 1039 1.33 -60.47 -6.61
C SER B 1039 0.81 -61.90 -6.65
N GLN B 1040 0.03 -62.20 -7.68
CA GLN B 1040 -0.42 -63.56 -7.98
C GLN B 1040 -1.24 -64.15 -6.82
N GLU B 1041 -2.40 -63.54 -6.59
CA GLU B 1041 -3.29 -64.00 -5.55
C GLU B 1041 -4.10 -65.21 -6.02
N ARG B 1042 -4.30 -66.17 -5.11
CA ARG B 1042 -5.10 -67.34 -5.38
C ARG B 1042 -6.14 -67.52 -4.28
N ASN B 1043 -7.27 -68.14 -4.64
CA ASN B 1043 -8.41 -68.26 -3.75
C ASN B 1043 -8.34 -69.57 -2.95
N PHE B 1044 -8.68 -69.48 -1.67
CA PHE B 1044 -8.73 -70.65 -0.80
C PHE B 1044 -10.01 -70.60 0.03
N THR B 1045 -10.40 -71.77 0.54
CA THR B 1045 -11.46 -71.84 1.53
C THR B 1045 -10.88 -71.60 2.92
N THR B 1046 -11.57 -70.79 3.73
CA THR B 1046 -11.06 -70.35 5.01
C THR B 1046 -12.11 -70.57 6.09
N ALA B 1047 -11.63 -70.84 7.31
CA ALA B 1047 -12.49 -71.03 8.47
C ALA B 1047 -11.96 -70.25 9.66
N PRO B 1048 -12.83 -69.80 10.57
CA PRO B 1048 -12.34 -69.00 11.72
C PRO B 1048 -11.63 -69.84 12.77
N ALA B 1049 -12.04 -71.10 12.97
CA ALA B 1049 -11.45 -71.91 14.01
C ALA B 1049 -11.68 -73.38 13.69
N ILE B 1050 -10.88 -74.23 14.32
CA ILE B 1050 -10.98 -75.69 14.20
C ILE B 1050 -10.99 -76.27 15.60
N CYS B 1051 -11.59 -77.45 15.73
CA CYS B 1051 -11.72 -78.12 17.03
C CYS B 1051 -10.63 -79.16 17.25
N HIS B 1052 -10.63 -80.18 16.39
CA HIS B 1052 -9.71 -81.33 16.39
C HIS B 1052 -9.98 -82.32 17.51
N GLU B 1053 -10.62 -81.87 18.61
CA GLU B 1053 -11.19 -82.75 19.64
C GLU B 1053 -12.14 -81.88 20.47
N GLY B 1054 -13.43 -81.94 20.15
CA GLY B 1054 -14.46 -81.36 21.00
C GLY B 1054 -14.08 -80.07 21.70
N LYS B 1055 -13.29 -79.22 21.04
CA LYS B 1055 -12.77 -78.00 21.64
C LYS B 1055 -12.70 -76.93 20.56
N ALA B 1056 -12.01 -75.82 20.86
CA ALA B 1056 -11.81 -74.73 19.93
C ALA B 1056 -10.33 -74.39 19.85
N TYR B 1057 -9.81 -74.28 18.63
CA TYR B 1057 -8.41 -73.94 18.38
C TYR B 1057 -8.41 -72.75 17.43
N PHE B 1058 -7.69 -71.66 17.82
CA PHE B 1058 -7.81 -70.43 17.04
C PHE B 1058 -6.49 -70.08 16.36
N PRO B 1059 -6.55 -69.27 15.28
CA PRO B 1059 -5.38 -69.04 14.44
C PRO B 1059 -4.06 -68.81 15.17
N ARG B 1060 -4.00 -67.82 16.06
CA ARG B 1060 -2.75 -67.35 16.65
C ARG B 1060 -1.78 -66.86 15.56
N GLU B 1061 -2.19 -65.75 14.94
CA GLU B 1061 -1.39 -65.06 13.92
C GLU B 1061 -1.15 -65.96 12.70
N GLY B 1062 -2.25 -66.25 12.02
CA GLY B 1062 -2.19 -66.93 10.74
C GLY B 1062 -3.49 -67.63 10.38
N VAL B 1063 -3.98 -67.40 9.17
CA VAL B 1063 -5.31 -67.84 8.77
C VAL B 1063 -5.28 -69.30 8.38
N PHE B 1064 -6.41 -69.97 8.54
CA PHE B 1064 -6.57 -71.36 8.11
C PHE B 1064 -6.93 -71.39 6.63
N VAL B 1065 -6.33 -72.33 5.89
CA VAL B 1065 -6.57 -72.47 4.46
C VAL B 1065 -6.74 -73.95 4.13
N PHE B 1066 -7.67 -74.23 3.22
CA PHE B 1066 -7.93 -75.59 2.75
C PHE B 1066 -7.42 -75.70 1.33
N ASN B 1067 -6.19 -76.21 1.17
CA ASN B 1067 -5.59 -76.33 -0.15
C ASN B 1067 -6.39 -77.28 -1.04
N GLY B 1068 -6.95 -78.34 -0.44
CA GLY B 1068 -7.62 -79.36 -1.21
C GLY B 1068 -7.31 -80.74 -0.66
N THR B 1069 -6.13 -80.88 -0.05
CA THR B 1069 -5.73 -82.13 0.58
C THR B 1069 -6.00 -82.11 2.08
N SER B 1070 -5.75 -80.96 2.73
CA SER B 1070 -5.97 -80.84 4.17
C SER B 1070 -6.06 -79.36 4.52
N TRP B 1071 -6.09 -79.09 5.83
CA TRP B 1071 -6.13 -77.72 6.32
C TRP B 1071 -4.74 -77.29 6.78
N PHE B 1072 -4.39 -76.05 6.43
CA PHE B 1072 -3.07 -75.50 6.76
C PHE B 1072 -3.25 -74.13 7.39
N ILE B 1073 -2.15 -73.63 7.97
CA ILE B 1073 -2.10 -72.28 8.54
C ILE B 1073 -1.03 -71.50 7.79
N THR B 1074 -1.37 -70.27 7.41
CA THR B 1074 -0.51 -69.48 6.56
C THR B 1074 -0.52 -68.03 7.01
N GLN B 1075 0.53 -67.30 6.61
CA GLN B 1075 0.60 -65.87 6.85
C GLN B 1075 -0.25 -65.13 5.82
N ARG B 1076 -0.57 -63.87 6.14
CA ARG B 1076 -1.45 -63.10 5.26
C ARG B 1076 -0.77 -62.78 3.93
N ASN B 1077 0.55 -62.59 3.95
CA ASN B 1077 1.31 -62.26 2.74
C ASN B 1077 2.22 -63.42 2.38
N PHE B 1078 2.41 -63.64 1.08
CA PHE B 1078 3.27 -64.73 0.60
C PHE B 1078 2.77 -66.07 1.13
N PHE B 1079 1.60 -66.50 0.66
CA PHE B 1079 1.06 -67.80 1.03
C PHE B 1079 2.16 -68.84 1.16
N SER B 1080 2.16 -69.55 2.29
CA SER B 1080 3.17 -70.56 2.59
C SER B 1080 2.56 -71.63 3.49
N PRO B 1081 2.27 -72.82 2.98
CA PRO B 1081 1.57 -73.83 3.80
C PRO B 1081 2.34 -74.17 5.06
N GLN B 1082 1.60 -74.37 6.16
CA GLN B 1082 2.13 -74.94 7.38
C GLN B 1082 1.10 -75.89 7.96
N ILE B 1083 1.57 -76.93 8.63
CA ILE B 1083 0.68 -77.95 9.18
C ILE B 1083 0.20 -77.52 10.55
N ILE B 1084 -1.11 -77.62 10.78
CA ILE B 1084 -1.70 -77.15 12.03
C ILE B 1084 -1.07 -77.93 13.19
N THR B 1085 -0.64 -77.21 14.22
CA THR B 1085 0.00 -77.81 15.38
C THR B 1085 -0.39 -77.01 16.61
N THR B 1086 -0.23 -77.65 17.78
CA THR B 1086 -0.57 -76.98 19.03
C THR B 1086 0.23 -75.70 19.21
N ASP B 1087 1.43 -75.63 18.65
CA ASP B 1087 2.21 -74.40 18.71
C ASP B 1087 1.61 -73.35 17.78
N ASN B 1088 1.14 -73.75 16.61
CA ASN B 1088 0.58 -72.80 15.66
C ASN B 1088 -0.67 -72.12 16.21
N THR B 1089 -1.54 -72.89 16.87
CA THR B 1089 -2.83 -72.40 17.35
C THR B 1089 -2.88 -72.43 18.86
N PHE B 1090 -3.70 -71.55 19.42
CA PHE B 1090 -3.92 -71.46 20.86
C PHE B 1090 -5.34 -71.91 21.17
N VAL B 1091 -5.47 -72.77 22.19
CA VAL B 1091 -6.76 -73.31 22.57
C VAL B 1091 -7.47 -72.32 23.49
N SER B 1092 -8.76 -72.12 23.25
CA SER B 1092 -9.57 -71.24 24.08
C SER B 1092 -11.01 -71.74 24.16
N TYR C 17 52.32 26.55 6.70
CA TYR C 17 51.17 25.82 6.18
C TYR C 17 51.19 24.37 6.65
N THR C 18 51.43 24.17 7.93
CA THR C 18 51.44 22.82 8.49
C THR C 18 50.05 22.20 8.38
N GLN C 19 50.02 20.89 8.15
CA GLN C 19 48.78 20.14 8.02
C GLN C 19 48.47 19.39 9.31
N HIS C 20 47.22 19.45 9.74
CA HIS C 20 46.78 18.80 10.97
C HIS C 20 45.45 18.12 10.71
N THR C 21 44.99 17.36 11.71
CA THR C 21 43.73 16.63 11.63
C THR C 21 42.79 17.13 12.73
N SER C 22 41.49 17.15 12.42
CA SER C 22 40.44 17.51 13.38
C SER C 22 39.71 16.23 13.76
N SER C 23 40.01 15.72 14.95
CA SER C 23 39.47 14.43 15.37
C SER C 23 37.95 14.41 15.36
N MET C 24 37.33 15.21 16.22
CA MET C 24 35.87 15.23 16.33
C MET C 24 35.32 16.64 16.50
N ARG C 25 36.10 17.67 16.19
CA ARG C 25 35.69 19.04 16.45
C ARG C 25 34.65 19.49 15.42
N GLY C 26 33.89 20.52 15.80
CA GLY C 26 33.03 21.22 14.86
C GLY C 26 31.58 20.80 14.81
N VAL C 27 30.97 20.49 15.94
CA VAL C 27 29.55 20.15 15.99
C VAL C 27 28.79 21.29 16.69
N TYR C 28 27.65 21.66 16.13
CA TYR C 28 26.84 22.73 16.68
C TYR C 28 25.38 22.30 16.72
N TYR C 29 24.59 23.02 17.50
CA TYR C 29 23.18 22.69 17.68
C TYR C 29 22.41 22.98 16.39
N PRO C 30 21.77 21.99 15.76
CA PRO C 30 21.11 22.28 14.48
C PRO C 30 19.98 23.29 14.55
N ASP C 31 19.20 23.30 15.63
CA ASP C 31 17.99 24.10 15.69
C ASP C 31 17.72 24.50 17.14
N GLU C 32 16.57 25.13 17.35
CA GLU C 32 16.17 25.65 18.65
C GLU C 32 15.22 24.73 19.40
N ILE C 33 14.98 23.52 18.91
CA ILE C 33 14.08 22.60 19.60
C ILE C 33 14.84 21.86 20.69
N PHE C 34 14.17 21.61 21.81
CA PHE C 34 14.75 20.91 22.94
C PHE C 34 14.55 19.41 22.78
N ARG C 35 15.60 18.63 23.02
CA ARG C 35 15.56 17.19 22.91
C ARG C 35 16.39 16.57 24.01
N SER C 36 15.98 15.40 24.48
CA SER C 36 16.71 14.69 25.52
C SER C 36 16.47 13.19 25.39
N ASP C 37 17.49 12.41 25.76
CA ASP C 37 17.42 10.94 25.72
C ASP C 37 16.93 10.45 24.36
N THR C 38 17.65 10.86 23.32
CA THR C 38 17.24 10.52 21.97
C THR C 38 18.43 10.58 21.02
N LEU C 39 18.25 9.97 19.86
CA LEU C 39 19.16 10.11 18.73
C LEU C 39 18.42 10.84 17.62
N TYR C 40 19.07 11.83 17.02
CA TYR C 40 18.44 12.66 15.99
C TYR C 40 19.34 12.68 14.76
N LEU C 41 18.78 12.30 13.62
CA LEU C 41 19.50 12.21 12.37
C LEU C 41 19.19 13.43 11.52
N THR C 42 20.23 14.13 11.08
CA THR C 42 20.06 15.37 10.34
C THR C 42 21.12 15.48 9.26
N GLN C 43 20.84 16.35 8.29
CA GLN C 43 21.75 16.62 7.17
C GLN C 43 21.95 18.12 7.08
N ASP C 44 23.21 18.55 7.06
CA ASP C 44 23.55 19.97 7.08
C ASP C 44 25.03 20.11 6.75
N LEU C 45 25.52 21.35 6.82
CA LEU C 45 26.93 21.63 6.59
C LEU C 45 27.72 21.32 7.85
N PHE C 46 28.59 20.31 7.78
CA PHE C 46 29.37 19.87 8.92
C PHE C 46 30.83 19.72 8.52
N LEU C 47 31.71 19.73 9.52
CA LEU C 47 33.11 19.46 9.30
C LEU C 47 33.33 17.95 9.38
N PRO C 48 33.70 17.28 8.29
CA PRO C 48 33.87 15.82 8.36
C PRO C 48 34.94 15.44 9.37
N PHE C 49 34.72 14.31 10.03
CA PHE C 49 35.65 13.84 11.05
C PHE C 49 36.99 13.50 10.43
N TYR C 50 38.07 13.85 11.14
CA TYR C 50 39.43 13.57 10.67
C TYR C 50 39.70 14.20 9.32
N SER C 51 39.23 15.44 9.14
CA SER C 51 39.54 16.21 7.96
C SER C 51 40.90 16.89 8.09
N ASN C 52 41.36 17.48 6.99
CA ASN C 52 42.62 18.20 6.99
C ASN C 52 42.38 19.67 7.31
N VAL C 53 43.01 20.15 8.39
CA VAL C 53 42.96 21.54 8.80
C VAL C 53 44.35 22.13 8.67
N THR C 54 44.42 23.40 8.26
CA THR C 54 45.69 24.08 8.09
C THR C 54 45.96 24.99 9.27
N GLY C 55 47.17 24.91 9.81
CA GLY C 55 47.59 25.70 10.95
C GLY C 55 48.33 26.94 10.50
N PHE C 56 48.07 28.06 11.19
CA PHE C 56 48.73 29.32 10.94
C PHE C 56 49.32 29.81 12.25
N HIS C 57 50.63 30.07 12.25
CA HIS C 57 51.36 30.44 13.45
C HIS C 57 51.77 31.90 13.36
N THR C 58 51.34 32.70 14.33
CA THR C 58 51.66 34.12 14.40
C THR C 58 52.55 34.36 15.61
N ILE C 59 53.77 34.83 15.37
CA ILE C 59 54.75 35.08 16.42
C ILE C 59 55.56 36.31 16.03
N ASN C 60 56.51 36.68 16.88
CA ASN C 60 57.36 37.82 16.60
C ASN C 60 58.17 37.60 15.32
N HIS C 61 58.74 36.41 15.16
CA HIS C 61 59.57 36.13 13.99
C HIS C 61 58.76 36.17 12.71
N THR C 62 57.56 35.62 12.71
CA THR C 62 56.76 35.46 11.51
C THR C 62 55.33 35.93 11.77
N PHE C 63 54.74 36.58 10.76
CA PHE C 63 53.42 37.19 10.86
C PHE C 63 52.59 36.70 9.68
N ASP C 64 51.91 35.56 9.88
CA ASP C 64 51.14 34.92 8.81
C ASP C 64 49.69 35.39 8.89
N ASN C 65 49.30 36.32 7.99
CA ASN C 65 47.89 36.81 7.87
C ASN C 65 47.51 36.90 6.38
N PRO C 66 47.51 35.80 5.58
CA PRO C 66 47.12 35.87 4.17
C PRO C 66 45.60 35.84 3.96
N VAL C 67 45.14 36.14 2.74
CA VAL C 67 43.70 36.09 2.35
C VAL C 67 43.34 34.60 2.20
N ILE C 68 42.33 34.09 2.92
CA ILE C 68 41.93 32.66 2.90
C ILE C 68 40.52 32.54 2.29
N PRO C 69 40.30 31.73 1.22
CA PRO C 69 38.94 31.54 0.66
C PRO C 69 37.89 31.05 1.68
N PHE C 70 36.62 31.46 1.51
CA PHE C 70 35.48 31.11 2.40
C PHE C 70 34.96 29.70 2.07
N LYS C 71 34.63 29.39 0.81
CA LYS C 71 34.24 28.07 0.33
C LYS C 71 33.13 27.46 1.20
N ASP C 72 31.97 28.10 1.19
CA ASP C 72 30.76 27.54 1.79
C ASP C 72 30.93 27.29 3.29
N GLY C 73 31.59 28.21 3.97
CA GLY C 73 31.70 28.11 5.42
C GLY C 73 33.03 27.52 5.86
N ILE C 74 33.44 27.87 7.07
CA ILE C 74 34.73 27.45 7.63
C ILE C 74 34.55 27.07 9.09
N TYR C 75 35.52 26.31 9.59
CA TYR C 75 35.70 26.07 11.02
C TYR C 75 36.97 26.78 11.46
N PHE C 76 36.88 27.58 12.52
CA PHE C 76 37.99 28.42 12.98
C PHE C 76 38.23 28.16 14.46
N ALA C 77 39.47 27.83 14.79
CA ALA C 77 39.88 27.55 16.15
C ALA C 77 41.19 28.28 16.46
N ALA C 78 41.33 28.75 17.69
CA ALA C 78 42.50 29.49 18.12
C ALA C 78 43.01 28.93 19.44
N THR C 79 44.18 28.32 19.40
CA THR C 79 44.90 27.89 20.61
C THR C 79 45.98 28.92 20.88
N GLU C 80 45.73 29.82 21.83
CA GLU C 80 46.66 30.90 22.09
C GLU C 80 46.37 31.50 23.46
N LYS C 81 47.41 32.09 24.04
CA LYS C 81 47.32 32.88 25.25
C LYS C 81 47.68 34.32 24.92
N SER C 82 47.35 35.22 25.85
CA SER C 82 47.58 36.66 25.76
C SER C 82 46.64 37.31 24.74
N ASN C 83 45.68 36.58 24.20
CA ASN C 83 44.65 37.14 23.32
C ASN C 83 45.27 37.85 22.12
N VAL C 84 45.95 37.07 21.28
CA VAL C 84 46.56 37.63 20.07
C VAL C 84 45.51 37.85 19.00
N VAL C 85 44.69 36.83 18.73
CA VAL C 85 43.66 36.93 17.69
C VAL C 85 42.52 37.79 18.22
N ARG C 86 42.14 38.81 17.45
CA ARG C 86 41.15 39.78 17.90
C ARG C 86 39.86 39.78 17.08
N GLY C 87 39.91 39.43 15.80
CA GLY C 87 38.71 39.47 14.99
C GLY C 87 38.99 39.05 13.56
N TRP C 88 38.01 39.31 12.69
CA TRP C 88 38.09 38.92 11.30
C TRP C 88 37.56 40.05 10.43
N VAL C 89 37.85 39.95 9.13
CA VAL C 89 37.24 40.79 8.11
C VAL C 89 36.81 39.87 6.96
N PHE C 90 35.52 39.89 6.64
CA PHE C 90 34.96 39.05 5.59
C PHE C 90 34.55 39.92 4.39
N GLY C 91 34.85 39.42 3.20
CA GLY C 91 34.49 40.16 2.00
C GLY C 91 34.74 39.31 0.77
N SER C 92 34.73 39.97 -0.39
CA SER C 92 34.93 39.33 -1.68
C SER C 92 36.20 39.82 -2.37
N THR C 93 36.35 41.14 -2.50
CA THR C 93 37.49 41.73 -3.19
C THR C 93 38.49 42.38 -2.23
N MET C 94 38.10 42.65 -1.00
CA MET C 94 39.01 43.13 0.04
C MET C 94 39.56 44.51 -0.31
N ASN C 95 38.70 45.39 -0.81
CA ASN C 95 39.05 46.77 -1.09
C ASN C 95 37.77 47.60 -1.05
N ASN C 96 37.90 48.90 -1.37
CA ASN C 96 36.74 49.78 -1.29
C ASN C 96 35.84 49.68 -2.51
N LYS C 97 35.96 48.64 -3.32
CA LYS C 97 35.05 48.42 -4.44
C LYS C 97 33.86 47.57 -4.08
N SER C 98 33.89 46.89 -2.93
CA SER C 98 32.82 45.99 -2.51
C SER C 98 32.56 46.14 -1.02
N GLN C 99 31.36 45.72 -0.61
CA GLN C 99 31.01 45.73 0.80
C GLN C 99 31.82 44.71 1.57
N SER C 100 32.25 45.08 2.77
CA SER C 100 32.96 44.17 3.66
C SER C 100 32.44 44.36 5.07
N VAL C 101 32.56 43.31 5.88
CA VAL C 101 32.09 43.31 7.27
C VAL C 101 33.27 43.03 8.18
N ILE C 102 33.37 43.80 9.26
CA ILE C 102 34.46 43.70 10.21
C ILE C 102 33.89 43.31 11.57
N ILE C 103 34.44 42.25 12.15
CA ILE C 103 34.09 41.80 13.49
C ILE C 103 35.37 41.80 14.32
N ILE C 104 35.36 42.54 15.42
CA ILE C 104 36.55 42.71 16.25
C ILE C 104 36.16 42.90 17.70
N ASN C 105 37.09 42.59 18.60
CA ASN C 105 37.01 42.92 20.01
C ASN C 105 38.15 43.88 20.31
N ASN C 106 37.83 45.14 20.57
CA ASN C 106 38.82 46.20 20.71
C ASN C 106 39.18 46.46 22.17
N SER C 107 39.18 45.42 23.00
CA SER C 107 39.63 45.51 24.39
C SER C 107 38.63 46.24 25.27
N THR C 108 37.55 46.74 24.67
CA THR C 108 36.49 47.40 25.43
C THR C 108 35.13 46.72 25.21
N ASN C 109 34.84 46.35 23.97
CA ASN C 109 33.59 45.66 23.64
C ASN C 109 33.68 45.19 22.19
N VAL C 110 32.67 44.46 21.75
CA VAL C 110 32.62 43.89 20.41
C VAL C 110 31.96 44.91 19.47
N VAL C 111 32.53 45.07 18.28
CA VAL C 111 32.04 46.02 17.29
C VAL C 111 31.89 45.31 15.95
N ILE C 112 30.73 45.46 15.32
CA ILE C 112 30.46 44.91 14.00
C ILE C 112 30.03 46.05 13.09
N ARG C 113 30.71 46.18 11.95
CA ARG C 113 30.41 47.21 10.98
C ARG C 113 30.64 46.66 9.58
N ALA C 114 29.71 46.93 8.67
CA ALA C 114 29.74 46.40 7.31
C ALA C 114 29.73 47.57 6.34
N CYS C 115 30.91 48.13 6.06
CA CYS C 115 31.00 49.31 5.21
C CYS C 115 32.00 49.07 4.09
N ASN C 116 31.99 49.99 3.12
CA ASN C 116 32.98 49.99 2.05
C ASN C 116 34.31 50.47 2.63
N PHE C 117 35.09 49.52 3.14
CA PHE C 117 36.30 49.84 3.88
C PHE C 117 37.50 49.91 2.93
N GLU C 118 38.40 50.84 3.24
CA GLU C 118 39.70 50.89 2.56
C GLU C 118 40.68 50.03 3.33
N LEU C 119 40.51 48.73 3.19
CA LEU C 119 41.23 47.76 4.02
C LEU C 119 42.73 47.91 3.80
N CYS C 120 43.48 47.80 4.90
CA CYS C 120 44.92 47.90 4.86
C CYS C 120 45.54 46.58 4.40
N ASP C 121 46.80 46.65 4.00
CA ASP C 121 47.52 45.44 3.60
C ASP C 121 47.64 44.45 4.75
N ASN C 122 47.94 44.96 5.95
CA ASN C 122 48.12 44.12 7.13
C ASN C 122 47.39 44.76 8.31
N PRO C 123 46.19 44.29 8.65
CA PRO C 123 45.48 44.86 9.80
C PRO C 123 45.94 44.26 11.12
N PHE C 124 46.05 45.11 12.13
CA PHE C 124 46.49 44.66 13.44
C PHE C 124 46.27 45.76 14.46
N PHE C 125 46.07 45.35 15.71
CA PHE C 125 46.04 46.27 16.84
C PHE C 125 47.45 46.50 17.36
N ALA C 126 47.63 47.63 18.05
CA ALA C 126 48.91 48.01 18.62
C ALA C 126 48.92 47.72 20.12
N VAL C 127 50.02 47.15 20.59
CA VAL C 127 50.18 46.80 22.00
C VAL C 127 51.55 47.24 22.48
N THR C 137 43.30 52.65 15.25
CA THR C 137 43.99 51.38 15.08
C THR C 137 44.32 51.13 13.61
N MET C 138 45.10 50.09 13.35
CA MET C 138 45.56 49.78 11.99
C MET C 138 44.65 48.70 11.39
N ILE C 139 43.46 49.14 10.97
CA ILE C 139 42.51 48.28 10.29
C ILE C 139 42.11 48.91 8.96
N PHE C 140 41.64 50.15 9.00
CA PHE C 140 41.14 50.84 7.82
C PHE C 140 41.38 52.33 7.96
N ASP C 141 41.20 53.05 6.86
CA ASP C 141 41.42 54.49 6.81
C ASP C 141 40.12 55.25 6.57
N ASN C 142 39.32 54.82 5.61
CA ASN C 142 38.05 55.47 5.28
C ASN C 142 36.91 54.46 5.37
N ALA C 143 35.69 55.00 5.36
CA ALA C 143 34.49 54.15 5.44
C ALA C 143 33.29 54.98 5.02
N PHE C 144 32.54 54.55 4.01
CA PHE C 144 31.38 55.27 3.45
C PHE C 144 30.38 54.21 2.96
N ASN C 145 29.16 54.62 2.60
CA ASN C 145 28.13 53.70 2.08
C ASN C 145 27.95 52.57 3.12
N CYS C 146 27.77 52.94 4.39
CA CYS C 146 27.60 52.02 5.57
C CYS C 146 26.14 51.58 5.70
N THR C 147 25.88 50.35 6.15
CA THR C 147 24.52 49.77 6.25
C THR C 147 24.22 49.26 7.68
N PHE C 148 24.96 48.27 8.19
CA PHE C 148 24.71 47.62 9.50
C PHE C 148 25.75 48.05 10.55
N GLU C 149 25.38 48.08 11.84
CA GLU C 149 26.27 48.40 12.94
C GLU C 149 25.74 47.76 14.22
N TYR C 150 26.64 47.18 15.01
CA TYR C 150 26.29 46.61 16.30
C TYR C 150 27.41 46.86 17.29
N ILE C 151 27.05 47.37 18.46
CA ILE C 151 28.00 47.68 19.53
C ILE C 151 27.55 46.95 20.79
N SER C 152 28.50 46.36 21.49
CA SER C 152 28.22 45.59 22.69
C SER C 152 28.41 46.44 23.94
N ASP C 153 27.96 45.90 25.08
CA ASP C 153 28.11 46.60 26.34
C ASP C 153 29.57 46.76 26.70
N ALA C 154 29.93 47.96 27.17
CA ALA C 154 31.30 48.26 27.55
C ALA C 154 31.73 47.42 28.75
N ASN C 165 53.17 26.99 26.06
CA ASN C 165 52.13 26.21 26.71
C ASN C 165 50.80 26.95 26.65
N PHE C 166 50.04 26.73 25.57
CA PHE C 166 48.77 27.40 25.41
C PHE C 166 47.78 26.95 26.45
N LYS C 167 46.87 27.86 26.85
CA LYS C 167 45.94 27.61 27.93
C LYS C 167 44.48 27.84 27.56
N HIS C 168 44.21 28.39 26.38
CA HIS C 168 42.84 28.70 25.96
C HIS C 168 42.60 28.16 24.56
N LEU C 169 41.43 27.55 24.36
CA LEU C 169 40.97 27.12 23.04
C LEU C 169 39.61 27.75 22.78
N ARG C 170 39.54 28.60 21.75
CA ARG C 170 38.30 29.24 21.34
C ARG C 170 37.92 28.73 19.97
N GLU C 171 36.65 28.39 19.80
CA GLU C 171 36.15 27.75 18.59
C GLU C 171 34.99 28.54 18.00
N PHE C 172 35.00 28.70 16.68
CA PHE C 172 33.94 29.40 15.97
C PHE C 172 33.58 28.64 14.71
N VAL C 173 32.34 28.82 14.26
CA VAL C 173 31.86 28.30 12.97
C VAL C 173 31.09 29.39 12.28
N PHE C 174 31.40 29.63 11.01
CA PHE C 174 30.76 30.67 10.20
C PHE C 174 30.14 30.03 8.97
N LYS C 175 28.91 30.43 8.66
CA LYS C 175 28.23 29.98 7.45
C LYS C 175 27.32 31.10 6.96
N ASN C 176 27.28 31.29 5.64
CA ASN C 176 26.54 32.37 5.00
C ASN C 176 25.44 31.75 4.14
N LYS C 177 24.19 31.98 4.52
CA LYS C 177 23.05 31.42 3.78
C LYS C 177 21.89 32.41 3.81
N ASP C 178 21.30 32.64 2.64
CA ASP C 178 20.09 33.46 2.51
C ASP C 178 20.30 34.85 3.11
N GLY C 179 21.48 35.42 2.86
CA GLY C 179 21.77 36.76 3.33
C GLY C 179 22.00 36.86 4.82
N PHE C 180 22.30 35.75 5.48
CA PHE C 180 22.53 35.72 6.91
C PHE C 180 23.91 35.11 7.18
N LEU C 181 24.65 35.74 8.09
CA LEU C 181 25.94 35.21 8.54
C LEU C 181 25.75 34.63 9.94
N TYR C 182 25.77 33.31 10.03
CA TYR C 182 25.63 32.62 11.31
C TYR C 182 26.98 32.55 12.01
N VAL C 183 26.95 32.58 13.34
CA VAL C 183 28.15 32.41 14.16
C VAL C 183 27.81 31.50 15.32
N TYR C 184 28.65 30.50 15.56
CA TYR C 184 28.54 29.60 16.70
C TYR C 184 29.83 29.68 17.50
N LYS C 185 29.71 29.58 18.83
CA LYS C 185 30.83 29.81 19.72
C LYS C 185 30.94 28.72 20.78
N GLY C 186 32.17 28.41 21.18
CA GLY C 186 32.42 27.49 22.26
C GLY C 186 33.79 27.76 22.88
N TYR C 187 34.00 27.19 24.07
CA TYR C 187 35.24 27.38 24.80
C TYR C 187 35.67 26.08 25.47
N GLN C 188 36.98 25.88 25.59
CA GLN C 188 37.53 24.69 26.24
C GLN C 188 38.92 25.04 26.79
N PRO C 189 39.18 24.83 28.08
CA PRO C 189 40.55 25.00 28.59
C PRO C 189 41.44 23.85 28.15
N ILE C 190 42.68 24.18 27.77
CA ILE C 190 43.61 23.21 27.24
C ILE C 190 44.95 23.33 27.98
N ASP C 191 45.83 22.37 27.72
CA ASP C 191 47.19 22.39 28.24
C ASP C 191 48.23 21.99 27.20
N VAL C 192 47.80 21.64 25.98
CA VAL C 192 48.75 21.23 24.95
C VAL C 192 49.71 22.36 24.64
N VAL C 193 50.88 22.02 24.11
CA VAL C 193 51.93 23.01 23.88
C VAL C 193 51.62 23.82 22.63
N ARG C 194 51.61 23.16 21.45
CA ARG C 194 51.54 23.91 20.20
C ARG C 194 50.66 23.27 19.12
N ASP C 195 49.69 22.44 19.47
CA ASP C 195 48.86 21.77 18.47
C ASP C 195 47.41 21.75 18.93
N LEU C 196 46.53 21.43 17.98
CA LEU C 196 45.10 21.35 18.26
C LEU C 196 44.80 20.08 19.04
N PRO C 197 44.32 20.15 20.27
CA PRO C 197 44.04 18.91 21.02
C PRO C 197 42.85 18.15 20.44
N SER C 198 42.83 16.85 20.71
CA SER C 198 41.69 16.03 20.34
C SER C 198 40.58 16.17 21.38
N GLY C 199 39.37 15.89 20.96
CA GLY C 199 38.23 15.99 21.84
C GLY C 199 36.95 16.26 21.07
N PHE C 200 35.87 16.43 21.82
CA PHE C 200 34.55 16.67 21.27
C PHE C 200 33.89 17.80 22.04
N ASN C 201 33.39 18.80 21.32
CA ASN C 201 32.75 19.96 21.93
C ASN C 201 31.67 20.48 21.01
N THR C 202 30.56 20.91 21.60
CA THR C 202 29.40 21.41 20.85
C THR C 202 29.36 22.93 20.92
N LEU C 203 29.10 23.56 19.78
CA LEU C 203 29.07 25.01 19.69
C LEU C 203 27.63 25.51 19.78
N LYS C 204 27.46 26.72 20.33
CA LYS C 204 26.14 27.31 20.49
C LYS C 204 26.01 28.56 19.63
N PRO C 205 24.80 28.86 19.16
CA PRO C 205 24.61 30.07 18.33
C PRO C 205 24.62 31.34 19.16
N ILE C 206 25.29 32.37 18.64
CA ILE C 206 25.35 33.65 19.33
C ILE C 206 24.90 34.79 18.42
N PHE C 207 25.02 34.61 17.10
CA PHE C 207 24.74 35.68 16.16
C PHE C 207 24.05 35.14 14.92
N LYS C 208 23.13 35.95 14.38
CA LYS C 208 22.48 35.70 13.08
C LYS C 208 22.37 37.06 12.40
N LEU C 209 23.42 37.43 11.65
CA LEU C 209 23.58 38.80 11.16
C LEU C 209 22.95 38.95 9.77
N PRO C 210 22.05 39.93 9.57
CA PRO C 210 21.48 40.18 8.23
C PRO C 210 22.33 41.16 7.41
N LEU C 211 23.48 40.67 6.92
CA LEU C 211 24.37 41.54 6.15
C LEU C 211 23.96 41.62 4.69
N GLY C 212 23.60 40.49 4.08
CA GLY C 212 23.21 40.48 2.68
C GLY C 212 24.32 40.89 1.73
N ILE C 213 25.52 40.33 1.90
CA ILE C 213 26.66 40.66 1.06
C ILE C 213 27.31 39.37 0.56
N ASN C 214 28.12 39.52 -0.48
CA ASN C 214 28.76 38.39 -1.15
C ASN C 214 30.12 38.13 -0.52
N ILE C 215 30.28 36.95 0.09
CA ILE C 215 31.47 36.61 0.86
C ILE C 215 32.18 35.46 0.15
N THR C 216 33.44 35.68 -0.23
CA THR C 216 34.27 34.65 -0.81
C THR C 216 35.67 34.61 -0.22
N ASN C 217 36.00 35.50 0.71
CA ASN C 217 37.34 35.58 1.28
C ASN C 217 37.26 36.13 2.69
N PHE C 218 38.30 35.93 3.47
CA PHE C 218 38.41 36.44 4.86
C PHE C 218 39.89 36.51 5.25
N ARG C 219 40.23 37.39 6.18
CA ARG C 219 41.60 37.61 6.69
C ARG C 219 41.50 37.76 8.21
N ALA C 220 42.44 37.20 8.97
CA ALA C 220 42.43 37.27 10.44
C ALA C 220 43.10 38.58 10.91
N ILE C 221 42.60 39.18 11.99
CA ILE C 221 43.17 40.38 12.60
C ILE C 221 43.98 39.94 13.81
N LEU C 222 45.27 40.24 13.80
CA LEU C 222 46.21 39.78 14.82
C LEU C 222 46.94 40.98 15.40
N THR C 223 46.99 41.08 16.72
CA THR C 223 47.67 42.18 17.38
C THR C 223 49.17 41.90 17.44
N ALA C 224 49.95 42.98 17.50
CA ALA C 224 51.41 42.91 17.49
C ALA C 224 51.95 43.56 18.76
N PHE C 225 53.00 42.96 19.32
CA PHE C 225 53.65 43.49 20.51
C PHE C 225 54.98 44.14 20.16
N GLY C 233 57.64 41.86 18.31
CA GLY C 233 56.80 41.71 17.14
C GLY C 233 55.41 41.19 17.48
N THR C 234 55.36 40.03 18.13
CA THR C 234 54.10 39.41 18.48
C THR C 234 54.37 38.23 19.41
N SER C 235 53.43 37.97 20.31
CA SER C 235 53.54 36.86 21.23
C SER C 235 53.21 35.55 20.50
N ALA C 236 53.44 34.43 21.20
CA ALA C 236 53.19 33.13 20.61
C ALA C 236 51.69 32.86 20.53
N ALA C 237 51.23 32.42 19.36
CA ALA C 237 49.83 32.10 19.15
C ALA C 237 49.69 31.33 17.85
N ALA C 238 48.52 30.71 17.68
CA ALA C 238 48.22 29.96 16.48
C ALA C 238 46.71 29.89 16.28
N TYR C 239 46.30 29.70 15.03
CA TYR C 239 44.90 29.50 14.69
C TYR C 239 44.80 28.51 13.55
N PHE C 240 43.66 27.82 13.46
CA PHE C 240 43.48 26.70 12.54
C PHE C 240 42.18 26.88 11.79
N VAL C 241 42.14 26.38 10.55
CA VAL C 241 41.02 26.61 9.64
C VAL C 241 40.60 25.29 9.03
N GLY C 242 39.28 25.07 8.95
CA GLY C 242 38.73 23.92 8.29
C GLY C 242 37.57 24.32 7.40
N TYR C 243 37.13 23.37 6.57
CA TYR C 243 36.08 23.61 5.59
C TYR C 243 34.89 22.70 5.84
N LEU C 244 33.69 23.25 5.67
CA LEU C 244 32.45 22.53 5.87
C LEU C 244 31.98 21.88 4.57
N LYS C 245 31.28 20.76 4.69
CA LYS C 245 30.72 20.08 3.54
C LYS C 245 29.36 19.50 3.92
N PRO C 246 28.45 19.34 2.96
CA PRO C 246 27.15 18.74 3.29
C PRO C 246 27.30 17.28 3.67
N THR C 247 26.80 16.93 4.85
CA THR C 247 26.98 15.59 5.38
C THR C 247 25.78 15.24 6.26
N THR C 248 25.62 13.95 6.51
CA THR C 248 24.59 13.43 7.39
C THR C 248 25.22 13.03 8.71
N PHE C 249 24.61 13.44 9.82
CA PHE C 249 25.14 13.19 11.15
C PHE C 249 24.03 12.66 12.06
N MET C 250 24.42 11.78 12.97
CA MET C 250 23.54 11.30 14.03
C MET C 250 24.03 11.84 15.36
N LEU C 251 23.17 12.55 16.07
CA LEU C 251 23.54 13.26 17.28
C LEU C 251 22.90 12.61 18.49
N LYS C 252 23.63 12.57 19.60
CA LYS C 252 23.20 11.90 20.82
C LYS C 252 22.88 12.94 21.88
N TYR C 253 21.64 12.90 22.39
CA TYR C 253 21.17 13.81 23.43
C TYR C 253 21.10 13.06 24.75
N ASP C 254 21.63 13.68 25.81
CA ASP C 254 21.57 13.09 27.14
C ASP C 254 20.35 13.61 27.89
N GLU C 255 20.22 13.21 29.15
CA GLU C 255 19.00 13.52 29.90
C GLU C 255 18.86 15.01 30.16
N ASN C 256 19.96 15.77 30.14
CA ASN C 256 19.90 17.21 30.33
C ASN C 256 19.79 17.97 29.02
N GLY C 257 19.68 17.27 27.90
CA GLY C 257 19.56 17.92 26.61
C GLY C 257 20.85 18.30 25.94
N THR C 258 22.00 17.97 26.55
CA THR C 258 23.28 18.31 25.97
C THR C 258 23.71 17.24 24.98
N ILE C 259 24.37 17.66 23.90
CA ILE C 259 24.89 16.74 22.90
C ILE C 259 26.26 16.24 23.36
N THR C 260 26.40 14.93 23.50
CA THR C 260 27.61 14.33 24.04
C THR C 260 28.40 13.51 23.02
N ASP C 261 27.78 13.08 21.92
CA ASP C 261 28.48 12.24 20.95
C ASP C 261 27.82 12.41 19.59
N ALA C 262 28.55 12.03 18.55
CA ALA C 262 28.06 12.14 17.19
C ALA C 262 28.74 11.09 16.32
N VAL C 263 28.12 10.79 15.18
CA VAL C 263 28.64 9.82 14.21
C VAL C 263 28.55 10.44 12.83
N ASP C 264 29.68 10.47 12.12
CA ASP C 264 29.73 10.90 10.72
C ASP C 264 29.50 9.67 9.86
N CYS C 265 28.37 9.65 9.14
CA CYS C 265 27.96 8.45 8.42
C CYS C 265 28.83 8.18 7.19
N SER C 266 29.58 9.16 6.71
CA SER C 266 30.43 8.98 5.54
C SER C 266 31.87 8.62 5.90
N GLN C 267 32.18 8.45 7.18
CA GLN C 267 33.57 8.23 7.58
C GLN C 267 34.11 6.90 7.05
N ASN C 268 33.33 5.83 7.15
CA ASN C 268 33.80 4.51 6.75
C ASN C 268 32.59 3.58 6.67
N PRO C 269 32.76 2.37 6.13
CA PRO C 269 31.61 1.46 6.04
C PRO C 269 30.97 1.15 7.39
N LEU C 270 31.76 1.04 8.44
CA LEU C 270 31.20 0.76 9.76
C LEU C 270 30.32 1.91 10.23
N ALA C 271 30.75 3.15 10.00
CA ALA C 271 29.93 4.30 10.38
C ALA C 271 28.61 4.31 9.62
N GLU C 272 28.65 3.93 8.34
CA GLU C 272 27.42 3.86 7.56
C GLU C 272 26.43 2.89 8.19
N LEU C 273 26.91 1.74 8.66
CA LEU C 273 26.02 0.75 9.25
C LEU C 273 25.34 1.28 10.50
N LYS C 274 26.08 1.98 11.35
CA LYS C 274 25.49 2.53 12.58
C LYS C 274 24.38 3.51 12.26
N CYS C 275 24.57 4.36 11.25
CA CYS C 275 23.56 5.35 10.90
C CYS C 275 22.31 4.67 10.35
N SER C 276 22.49 3.58 9.60
CA SER C 276 21.34 2.89 9.03
C SER C 276 20.47 2.26 10.11
N VAL C 277 21.08 1.50 11.03
CA VAL C 277 20.32 0.88 12.11
C VAL C 277 20.00 1.85 13.23
N LYS C 278 20.59 3.05 13.21
CA LYS C 278 20.29 4.09 14.20
C LYS C 278 20.66 3.61 15.61
N SER C 279 21.93 3.26 15.79
CA SER C 279 22.41 2.80 17.09
C SER C 279 23.93 2.97 17.13
N PHE C 280 24.45 3.12 18.35
CA PHE C 280 25.89 3.22 18.56
C PHE C 280 26.56 1.88 18.84
N GLU C 281 25.79 0.80 18.95
CA GLU C 281 26.32 -0.51 19.26
C GLU C 281 25.86 -1.51 18.20
N ILE C 282 26.77 -2.38 17.79
CA ILE C 282 26.51 -3.39 16.77
C ILE C 282 26.87 -4.76 17.34
N ASP C 283 25.98 -5.73 17.15
CA ASP C 283 26.25 -7.09 17.58
C ASP C 283 27.06 -7.83 16.52
N LYS C 284 27.76 -8.88 16.97
CA LYS C 284 28.58 -9.68 16.07
C LYS C 284 27.73 -10.29 14.97
N GLY C 285 28.25 -10.27 13.75
CA GLY C 285 27.57 -10.84 12.61
C GLY C 285 28.10 -10.24 11.32
N ILE C 286 27.36 -10.52 10.25
CA ILE C 286 27.64 -9.96 8.93
C ILE C 286 26.41 -9.20 8.46
N TYR C 287 26.64 -7.99 7.94
CA TYR C 287 25.55 -7.08 7.60
C TYR C 287 25.72 -6.61 6.16
N GLN C 288 24.59 -6.45 5.48
CA GLN C 288 24.57 -6.01 4.08
C GLN C 288 24.47 -4.50 4.04
N THR C 289 25.48 -3.85 3.48
CA THR C 289 25.51 -2.39 3.37
C THR C 289 25.20 -1.98 1.93
N SER C 290 25.23 -0.67 1.69
CA SER C 290 24.87 -0.15 0.38
C SER C 290 25.86 -0.58 -0.69
N ASN C 291 25.43 -0.49 -1.94
CA ASN C 291 26.28 -0.86 -3.07
C ASN C 291 27.43 0.13 -3.22
N PHE C 292 28.46 -0.31 -3.95
CA PHE C 292 29.65 0.51 -4.11
C PHE C 292 29.30 1.82 -4.81
N ARG C 293 29.77 2.93 -4.24
CA ARG C 293 29.44 4.27 -4.71
C ARG C 293 30.65 4.90 -5.41
N VAL C 294 30.37 5.68 -6.45
CA VAL C 294 31.38 6.46 -7.16
C VAL C 294 30.83 7.87 -7.35
N VAL C 295 31.70 8.87 -7.22
CA VAL C 295 31.31 10.27 -7.35
C VAL C 295 31.90 10.82 -8.65
N PRO C 296 31.17 11.66 -9.39
CA PRO C 296 31.70 12.19 -10.64
C PRO C 296 32.94 13.04 -10.41
N SER C 297 33.85 13.01 -11.39
CA SER C 297 35.10 13.77 -11.33
C SER C 297 35.30 14.66 -12.54
N GLY C 298 34.23 15.05 -13.23
CA GLY C 298 34.36 15.91 -14.40
C GLY C 298 33.01 16.39 -14.87
N ASP C 299 33.06 17.34 -15.81
CA ASP C 299 31.86 17.94 -16.39
C ASP C 299 31.97 17.90 -17.91
N VAL C 300 30.83 17.64 -18.56
CA VAL C 300 30.76 17.59 -20.02
C VAL C 300 29.53 18.36 -20.46
N VAL C 301 29.72 19.31 -21.38
CA VAL C 301 28.63 20.10 -21.95
C VAL C 301 28.78 20.05 -23.46
N ARG C 302 27.70 19.65 -24.15
CA ARG C 302 27.72 19.48 -25.61
C ARG C 302 26.46 20.09 -26.20
N PHE C 303 26.61 21.21 -26.88
CA PHE C 303 25.53 21.90 -27.58
C PHE C 303 25.89 22.02 -29.05
N PRO C 304 24.90 22.22 -29.92
CA PRO C 304 25.20 22.35 -31.35
C PRO C 304 25.93 23.65 -31.66
N ASN C 305 26.60 23.66 -32.81
CA ASN C 305 27.31 24.85 -33.28
C ASN C 305 26.29 25.89 -33.73
N ILE C 306 26.12 26.95 -32.94
CA ILE C 306 25.25 28.06 -33.28
C ILE C 306 26.03 29.35 -33.11
N THR C 307 25.79 30.32 -33.99
CA THR C 307 26.52 31.58 -33.97
C THR C 307 25.64 32.82 -34.10
N ASN C 308 24.38 32.68 -34.47
CA ASN C 308 23.50 33.83 -34.70
C ASN C 308 22.54 34.01 -33.52
N LEU C 309 22.30 35.27 -33.17
CA LEU C 309 21.33 35.60 -32.14
C LEU C 309 19.91 35.48 -32.69
N CYS C 310 18.98 35.10 -31.83
CA CYS C 310 17.61 34.93 -32.26
C CYS C 310 17.00 36.27 -32.65
N PRO C 311 16.02 36.28 -33.56
CA PRO C 311 15.49 37.53 -34.12
C PRO C 311 14.51 38.24 -33.19
N PHE C 312 14.98 38.59 -31.99
CA PHE C 312 14.14 39.30 -31.05
C PHE C 312 13.64 40.62 -31.64
N GLY C 313 14.54 41.36 -32.29
CA GLY C 313 14.16 42.67 -32.80
C GLY C 313 13.08 42.60 -33.87
N GLU C 314 13.18 41.63 -34.78
CA GLU C 314 12.24 41.58 -35.90
C GLU C 314 10.85 41.16 -35.45
N VAL C 315 10.77 40.30 -34.44
CA VAL C 315 9.46 39.82 -33.99
C VAL C 315 8.80 40.86 -33.11
N PHE C 316 9.47 41.29 -32.03
CA PHE C 316 8.87 42.20 -31.07
C PHE C 316 8.78 43.63 -31.60
N ASN C 317 9.62 43.99 -32.56
CA ASN C 317 9.66 45.35 -33.09
C ASN C 317 9.12 45.45 -34.51
N ALA C 318 8.31 44.49 -34.93
CA ALA C 318 7.73 44.54 -36.27
C ALA C 318 6.79 45.74 -36.38
N THR C 319 6.75 46.35 -37.57
CA THR C 319 5.97 47.56 -37.76
C THR C 319 4.47 47.27 -37.79
N LYS C 320 4.08 46.11 -38.29
CA LYS C 320 2.68 45.73 -38.40
C LYS C 320 2.41 44.42 -37.67
N PHE C 321 1.24 44.35 -37.04
CA PHE C 321 0.70 43.12 -36.49
C PHE C 321 -0.68 42.85 -37.08
N PRO C 322 -1.09 41.58 -37.18
CA PRO C 322 -2.39 41.27 -37.77
C PRO C 322 -3.51 41.27 -36.73
N SER C 323 -4.73 41.18 -37.24
CA SER C 323 -5.89 41.04 -36.37
C SER C 323 -5.92 39.65 -35.74
N VAL C 324 -6.62 39.55 -34.60
CA VAL C 324 -6.64 38.28 -33.87
C VAL C 324 -7.27 37.19 -34.71
N TYR C 325 -8.31 37.52 -35.47
CA TYR C 325 -8.97 36.50 -36.27
C TYR C 325 -8.07 35.97 -37.37
N ALA C 326 -7.30 36.85 -38.02
CA ALA C 326 -6.30 36.46 -39.01
C ALA C 326 -4.90 36.41 -38.39
N TRP C 327 -4.71 35.63 -37.32
CA TRP C 327 -3.40 35.57 -36.69
C TRP C 327 -2.42 34.83 -37.59
N GLU C 328 -1.13 35.10 -37.38
CA GLU C 328 -0.07 34.58 -38.24
C GLU C 328 0.94 33.83 -37.40
N ARG C 329 1.57 32.82 -38.02
CA ARG C 329 2.55 31.96 -37.37
C ARG C 329 3.86 32.01 -38.14
N LYS C 330 4.97 32.05 -37.41
CA LYS C 330 6.31 32.14 -37.98
C LYS C 330 7.21 31.09 -37.35
N LYS C 331 8.13 30.55 -38.13
CA LYS C 331 9.07 29.53 -37.66
C LYS C 331 10.40 30.17 -37.29
N ILE C 332 10.88 29.85 -36.09
CA ILE C 332 12.13 30.38 -35.56
C ILE C 332 13.24 29.41 -35.92
N SER C 333 14.31 29.93 -36.52
CA SER C 333 15.41 29.12 -37.02
C SER C 333 16.53 29.00 -35.99
N ASN C 334 17.58 28.28 -36.38
CA ASN C 334 18.74 28.07 -35.52
C ASN C 334 19.30 29.40 -35.03
N CYS C 335 19.28 29.60 -33.72
CA CYS C 335 19.77 30.83 -33.13
C CYS C 335 20.00 30.61 -31.64
N VAL C 336 20.52 31.63 -30.97
CA VAL C 336 20.79 31.60 -29.53
C VAL C 336 19.73 32.45 -28.84
N ALA C 337 19.08 31.87 -27.83
CA ALA C 337 18.01 32.54 -27.09
C ALA C 337 18.61 33.16 -25.83
N ASP C 338 19.02 34.43 -25.93
CA ASP C 338 19.62 35.14 -24.80
C ASP C 338 18.57 35.92 -24.00
N TYR C 339 17.83 36.80 -24.68
CA TYR C 339 16.72 37.59 -24.13
C TYR C 339 17.16 38.45 -22.94
N SER C 340 18.45 38.45 -22.60
CA SER C 340 18.97 39.41 -21.64
C SER C 340 19.33 40.74 -22.31
N VAL C 341 19.40 40.75 -23.64
CA VAL C 341 19.56 42.01 -24.36
C VAL C 341 18.28 42.83 -24.29
N LEU C 342 17.14 42.16 -24.08
CA LEU C 342 15.87 42.86 -23.99
C LEU C 342 15.76 43.66 -22.70
N TYR C 343 16.63 43.39 -21.72
CA TYR C 343 16.54 44.09 -20.44
C TYR C 343 16.73 45.59 -20.61
N ASN C 344 17.42 46.02 -21.66
CA ASN C 344 17.69 47.45 -21.85
C ASN C 344 16.46 48.19 -22.38
N SER C 345 15.73 47.59 -23.32
CA SER C 345 14.73 48.34 -24.09
C SER C 345 13.31 47.85 -23.86
N THR C 346 13.04 46.56 -24.02
CA THR C 346 11.68 46.04 -24.09
C THR C 346 11.25 45.45 -22.75
N PHE C 347 10.03 45.79 -22.33
CA PHE C 347 9.47 45.33 -21.06
C PHE C 347 8.05 44.85 -21.29
N PHE C 348 7.69 43.77 -20.61
CA PHE C 348 6.41 43.09 -20.81
C PHE C 348 5.54 43.22 -19.57
N SER C 349 4.22 43.36 -19.78
CA SER C 349 3.29 43.39 -18.66
C SER C 349 2.78 42.00 -18.30
N THR C 350 2.94 41.02 -19.19
CA THR C 350 2.50 39.66 -18.95
C THR C 350 3.57 38.69 -19.42
N PHE C 351 3.94 37.75 -18.54
CA PHE C 351 4.85 36.67 -18.90
C PHE C 351 4.44 35.43 -18.13
N LYS C 352 4.23 34.33 -18.85
CA LYS C 352 3.76 33.08 -18.24
C LYS C 352 4.30 31.92 -19.06
N CYS C 353 4.85 30.92 -18.36
CA CYS C 353 5.36 29.70 -18.98
C CYS C 353 4.69 28.52 -18.31
N TYR C 354 4.38 27.48 -19.11
CA TYR C 354 3.45 26.44 -18.69
C TYR C 354 4.13 25.09 -18.47
N GLY C 355 4.90 24.62 -19.45
CA GLY C 355 5.51 23.32 -19.36
C GLY C 355 6.98 23.36 -18.94
N VAL C 356 7.39 24.46 -18.32
CA VAL C 356 8.79 24.63 -17.93
C VAL C 356 8.90 25.78 -16.92
N SER C 357 9.91 25.72 -16.06
CA SER C 357 10.16 26.79 -15.11
C SER C 357 10.91 27.94 -15.78
N ALA C 358 10.61 29.16 -15.32
CA ALA C 358 11.20 30.34 -15.94
C ALA C 358 12.69 30.47 -15.65
N THR C 359 13.18 29.89 -14.56
CA THR C 359 14.58 30.01 -14.18
C THR C 359 15.48 28.99 -14.85
N LYS C 360 14.92 28.14 -15.71
CA LYS C 360 15.70 27.08 -16.37
C LYS C 360 15.64 27.21 -17.89
N LEU C 361 15.36 28.40 -18.41
CA LEU C 361 15.32 28.61 -19.85
C LEU C 361 16.68 28.88 -20.45
N ASN C 362 17.71 29.11 -19.64
CA ASN C 362 19.05 29.35 -20.14
C ASN C 362 19.84 28.06 -20.35
N ASP C 363 19.44 26.97 -19.71
CA ASP C 363 20.18 25.71 -19.76
C ASP C 363 19.53 24.69 -20.69
N LEU C 364 18.58 25.09 -21.51
CA LEU C 364 17.79 24.18 -22.32
C LEU C 364 18.02 24.42 -23.80
N CYS C 365 17.63 23.43 -24.61
CA CYS C 365 17.58 23.55 -26.06
C CYS C 365 16.18 23.19 -26.52
N PHE C 366 15.64 23.96 -27.45
CA PHE C 366 14.24 23.86 -27.85
C PHE C 366 14.13 23.41 -29.30
N SER C 367 13.09 22.62 -29.58
CA SER C 367 12.85 22.05 -30.89
C SER C 367 11.45 22.43 -31.38
N ASN C 368 11.33 22.61 -32.69
CA ASN C 368 10.07 22.93 -33.34
C ASN C 368 9.45 24.19 -32.72
N VAL C 369 10.17 25.29 -32.85
CA VAL C 369 9.80 26.56 -32.23
C VAL C 369 8.98 27.38 -33.21
N TYR C 370 7.83 27.88 -32.75
CA TYR C 370 6.96 28.72 -33.56
C TYR C 370 6.50 29.91 -32.72
N ALA C 371 6.16 31.00 -33.42
CA ALA C 371 5.70 32.23 -32.77
C ALA C 371 4.46 32.74 -33.49
N ASP C 372 3.44 33.11 -32.72
CA ASP C 372 2.21 33.69 -33.25
C ASP C 372 2.06 35.12 -32.75
N SER C 373 1.39 35.95 -33.55
CA SER C 373 1.26 37.37 -33.24
C SER C 373 -0.13 37.87 -33.60
N PHE C 374 -0.68 38.74 -32.76
CA PHE C 374 -1.95 39.40 -33.02
C PHE C 374 -2.14 40.53 -32.02
N VAL C 375 -3.26 41.23 -32.13
CA VAL C 375 -3.57 42.38 -31.29
C VAL C 375 -4.96 42.22 -30.70
N VAL C 376 -5.08 42.52 -29.41
CA VAL C 376 -6.36 42.55 -28.70
C VAL C 376 -6.36 43.76 -27.78
N LYS C 377 -7.47 43.95 -27.06
CA LYS C 377 -7.57 45.00 -26.07
C LYS C 377 -7.27 44.43 -24.68
N GLY C 378 -7.03 45.33 -23.74
CA GLY C 378 -6.54 44.95 -22.42
C GLY C 378 -7.42 43.94 -21.71
N ASP C 379 -8.73 44.13 -21.74
CA ASP C 379 -9.64 43.23 -21.05
C ASP C 379 -9.65 41.83 -21.65
N ASP C 380 -9.13 41.64 -22.86
CA ASP C 380 -9.15 40.35 -23.52
C ASP C 380 -7.85 39.55 -23.35
N VAL C 381 -6.83 40.13 -22.74
CA VAL C 381 -5.55 39.43 -22.61
C VAL C 381 -5.68 38.20 -21.72
N ARG C 382 -6.50 38.29 -20.68
CA ARG C 382 -6.64 37.17 -19.75
C ARG C 382 -7.20 35.92 -20.42
N GLN C 383 -7.83 36.05 -21.58
CA GLN C 383 -8.38 34.91 -22.30
C GLN C 383 -7.33 34.08 -23.01
N ILE C 384 -6.09 34.56 -23.12
CA ILE C 384 -5.03 33.82 -23.82
C ILE C 384 -4.41 32.89 -22.79
N ALA C 385 -5.04 31.74 -22.59
CA ALA C 385 -4.55 30.72 -21.69
C ALA C 385 -5.40 29.47 -21.88
N PRO C 386 -4.86 28.29 -21.58
CA PRO C 386 -5.66 27.06 -21.75
C PRO C 386 -6.85 27.04 -20.81
N GLY C 387 -7.93 26.42 -21.28
CA GLY C 387 -9.14 26.27 -20.48
C GLY C 387 -9.85 27.58 -20.18
N GLN C 388 -9.99 28.43 -21.19
CA GLN C 388 -10.68 29.71 -21.05
C GLN C 388 -11.89 29.76 -21.99
N THR C 389 -12.92 30.47 -21.55
CA THR C 389 -14.08 30.77 -22.37
C THR C 389 -14.12 32.26 -22.67
N GLY C 390 -14.96 32.63 -23.63
CA GLY C 390 -15.08 34.00 -24.08
C GLY C 390 -15.01 34.12 -25.59
N VAL C 391 -15.19 35.36 -26.05
CA VAL C 391 -15.26 35.61 -27.48
C VAL C 391 -13.95 35.27 -28.16
N ILE C 392 -12.83 35.68 -27.56
CA ILE C 392 -11.52 35.41 -28.17
C ILE C 392 -11.24 33.92 -28.21
N ALA C 393 -11.42 33.25 -27.07
CA ALA C 393 -11.12 31.82 -27.01
C ALA C 393 -12.06 31.00 -27.87
N ASP C 394 -13.34 31.38 -27.92
CA ASP C 394 -14.34 30.55 -28.60
C ASP C 394 -14.19 30.61 -30.11
N TYR C 395 -14.01 31.81 -30.66
CA TYR C 395 -14.13 32.02 -32.10
C TYR C 395 -12.87 32.54 -32.78
N ASN C 396 -11.84 32.94 -32.03
CA ASN C 396 -10.69 33.59 -32.64
C ASN C 396 -9.38 32.83 -32.46
N TYR C 397 -9.04 32.43 -31.23
CA TYR C 397 -7.75 31.81 -30.97
C TYR C 397 -7.83 30.97 -29.72
N LYS C 398 -7.46 29.70 -29.82
CA LYS C 398 -7.54 28.75 -28.72
C LYS C 398 -6.22 28.03 -28.52
N LEU C 399 -5.85 27.81 -27.23
CA LEU C 399 -4.66 27.05 -26.88
C LEU C 399 -5.03 25.63 -26.49
N PRO C 400 -4.16 24.65 -26.73
CA PRO C 400 -4.49 23.27 -26.37
C PRO C 400 -4.44 23.04 -24.86
N ASP C 401 -5.17 22.01 -24.43
CA ASP C 401 -5.23 21.67 -23.01
C ASP C 401 -3.86 21.33 -22.46
N ASP C 402 -2.97 20.82 -23.29
CA ASP C 402 -1.63 20.41 -22.85
C ASP C 402 -0.57 21.30 -23.48
N PHE C 403 -0.83 22.60 -23.52
CA PHE C 403 0.06 23.53 -24.19
C PHE C 403 1.40 23.62 -23.47
N MET C 404 2.47 23.61 -24.26
CA MET C 404 3.83 23.81 -23.76
C MET C 404 4.39 25.06 -24.44
N GLY C 405 4.78 26.04 -23.64
CA GLY C 405 5.31 27.27 -24.18
C GLY C 405 5.11 28.42 -23.20
N CYS C 406 5.14 29.64 -23.74
CA CYS C 406 5.01 30.84 -22.92
C CYS C 406 4.18 31.86 -23.68
N VAL C 407 3.62 32.81 -22.93
CA VAL C 407 2.75 33.86 -23.47
C VAL C 407 3.30 35.21 -23.05
N LEU C 408 3.40 36.13 -24.01
CA LEU C 408 3.95 37.46 -23.76
C LEU C 408 2.99 38.51 -24.30
N ALA C 409 2.88 39.63 -23.59
CA ALA C 409 2.03 40.73 -24.00
C ALA C 409 2.56 42.03 -23.41
N TRP C 410 2.36 43.13 -24.13
CA TRP C 410 2.76 44.45 -23.66
C TRP C 410 1.86 45.51 -24.27
N ASN C 411 1.71 46.62 -23.56
CA ASN C 411 0.85 47.71 -24.00
C ASN C 411 1.47 48.45 -25.18
N THR C 412 0.63 48.83 -26.13
CA THR C 412 1.04 49.56 -27.33
C THR C 412 0.07 50.69 -27.63
N ARG C 413 -0.32 51.45 -26.61
CA ARG C 413 -1.27 52.54 -26.83
C ARG C 413 -0.69 53.62 -27.74
N ASN C 414 0.60 53.93 -27.57
CA ASN C 414 1.19 55.04 -28.31
C ASN C 414 1.22 54.78 -29.81
N ILE C 415 1.55 53.55 -30.21
CA ILE C 415 1.79 53.29 -31.63
C ILE C 415 0.51 52.88 -32.35
N ASP C 416 -0.39 52.19 -31.65
CA ASP C 416 -1.58 51.63 -32.28
C ASP C 416 -2.85 52.43 -32.01
N ALA C 417 -2.75 53.58 -31.37
CA ALA C 417 -3.91 54.43 -31.09
C ALA C 417 -3.69 55.82 -31.64
N THR C 418 -4.78 56.46 -32.04
CA THR C 418 -4.75 57.82 -32.57
C THR C 418 -5.89 58.62 -31.95
N SER C 419 -5.73 59.95 -31.94
CA SER C 419 -6.77 60.81 -31.40
C SER C 419 -8.05 60.71 -32.22
N THR C 420 -7.92 60.49 -33.53
CA THR C 420 -9.10 60.36 -34.38
C THR C 420 -9.75 58.99 -34.23
N GLY C 421 -8.95 57.96 -34.02
CA GLY C 421 -9.46 56.61 -33.88
C GLY C 421 -8.86 55.68 -34.93
N ASN C 422 -8.57 54.45 -34.51
CA ASN C 422 -8.01 53.42 -35.38
C ASN C 422 -8.95 52.22 -35.39
N TYR C 423 -9.43 51.85 -36.58
CA TYR C 423 -10.40 50.78 -36.74
C TYR C 423 -9.87 49.66 -37.64
N ASN C 424 -8.56 49.49 -37.73
CA ASN C 424 -8.01 48.49 -38.64
C ASN C 424 -8.03 47.08 -38.05
N TYR C 425 -8.25 46.96 -36.74
CA TYR C 425 -8.23 45.66 -36.08
C TYR C 425 -9.64 45.16 -35.86
N LYS C 426 -9.82 43.85 -36.03
CA LYS C 426 -11.15 43.24 -36.02
C LYS C 426 -11.11 41.91 -35.28
N TYR C 427 -12.28 41.45 -34.86
CA TYR C 427 -12.44 40.15 -34.24
C TYR C 427 -13.79 39.57 -34.63
N ARG C 428 -13.90 38.24 -34.52
CA ARG C 428 -15.10 37.52 -34.91
C ARG C 428 -15.99 37.30 -33.68
N TYR C 429 -17.26 37.65 -33.79
CA TYR C 429 -18.20 37.53 -32.68
C TYR C 429 -19.44 36.69 -33.02
N LEU C 430 -19.50 36.09 -34.20
CA LEU C 430 -20.60 35.21 -34.58
C LEU C 430 -20.03 34.00 -35.30
N ARG C 431 -20.46 32.80 -34.90
CA ARG C 431 -19.99 31.59 -35.54
C ARG C 431 -20.90 30.42 -35.16
N HIS C 432 -20.93 29.42 -36.02
CA HIS C 432 -21.59 28.15 -35.76
C HIS C 432 -20.54 27.18 -35.23
N GLY C 433 -20.51 27.00 -33.92
CA GLY C 433 -19.54 26.12 -33.30
C GLY C 433 -18.28 26.84 -32.88
N LYS C 434 -17.39 26.09 -32.24
CA LYS C 434 -16.15 26.62 -31.70
C LYS C 434 -14.95 26.07 -32.47
N LEU C 435 -13.86 26.84 -32.44
CA LEU C 435 -12.64 26.45 -33.13
C LEU C 435 -11.89 25.36 -32.36
N ARG C 436 -11.17 24.54 -33.10
CA ARG C 436 -10.24 23.60 -32.49
C ARG C 436 -8.91 24.30 -32.23
N PRO C 437 -8.10 23.79 -31.32
CA PRO C 437 -6.87 24.49 -30.94
C PRO C 437 -5.95 24.73 -32.13
N PHE C 438 -5.33 25.90 -32.16
CA PHE C 438 -4.36 26.27 -33.20
C PHE C 438 -4.96 26.13 -34.60
N GLU C 439 -6.20 26.58 -34.76
CA GLU C 439 -6.83 26.68 -36.06
C GLU C 439 -7.43 28.07 -36.21
N ARG C 440 -7.45 28.57 -37.45
CA ARG C 440 -7.97 29.89 -37.76
C ARG C 440 -9.05 29.81 -38.81
N ASP C 441 -9.97 30.76 -38.75
CA ASP C 441 -11.03 30.92 -39.75
C ASP C 441 -10.99 32.36 -40.24
N ILE C 442 -10.86 32.54 -41.55
CA ILE C 442 -10.78 33.86 -42.15
C ILE C 442 -11.90 34.09 -43.17
N SER C 443 -12.99 33.33 -43.05
CA SER C 443 -14.15 33.55 -43.91
C SER C 443 -14.87 34.83 -43.50
N ASN C 444 -15.62 35.40 -44.45
CA ASN C 444 -16.39 36.60 -44.22
C ASN C 444 -17.78 36.46 -44.83
N VAL C 445 -18.41 35.30 -44.63
CA VAL C 445 -19.74 35.02 -45.16
C VAL C 445 -20.77 35.60 -44.20
N PRO C 446 -21.82 36.27 -44.70
CA PRO C 446 -22.85 36.79 -43.78
C PRO C 446 -23.47 35.67 -42.96
N PHE C 447 -23.80 35.98 -41.71
CA PHE C 447 -24.22 35.01 -40.72
C PHE C 447 -25.73 35.05 -40.54
N SER C 448 -26.35 33.86 -40.56
CA SER C 448 -27.75 33.69 -40.20
C SER C 448 -27.82 32.61 -39.14
N PRO C 449 -28.49 32.86 -38.00
CA PRO C 449 -28.56 31.83 -36.96
C PRO C 449 -29.25 30.57 -37.48
N ASP C 450 -28.74 29.42 -37.04
CA ASP C 450 -29.32 28.13 -37.40
C ASP C 450 -29.38 27.95 -38.92
N GLY C 451 -28.19 27.96 -39.53
CA GLY C 451 -28.08 27.73 -40.95
C GLY C 451 -28.83 28.75 -41.77
N LYS C 452 -29.56 28.27 -42.78
CA LYS C 452 -30.37 29.10 -43.68
C LYS C 452 -29.56 30.30 -44.16
N PRO C 453 -28.62 30.10 -45.10
CA PRO C 453 -27.76 31.20 -45.54
C PRO C 453 -28.57 32.39 -46.03
N CYS C 454 -28.09 33.59 -45.71
CA CYS C 454 -28.79 34.82 -45.99
C CYS C 454 -27.94 35.75 -46.85
N THR C 455 -28.61 36.69 -47.51
CA THR C 455 -27.95 37.76 -48.24
C THR C 455 -27.90 39.00 -47.33
N PRO C 456 -26.76 39.69 -47.28
CA PRO C 456 -26.46 40.57 -46.13
C PRO C 456 -27.63 41.45 -45.74
N PRO C 457 -28.22 42.22 -46.67
CA PRO C 457 -29.29 43.14 -46.27
C PRO C 457 -30.64 42.43 -46.14
N ALA C 458 -30.78 41.64 -45.08
CA ALA C 458 -32.00 40.88 -44.85
C ALA C 458 -32.21 40.71 -43.35
N LEU C 459 -33.45 40.38 -42.99
CA LEU C 459 -33.79 40.17 -41.59
C LEU C 459 -32.97 39.01 -41.02
N ASN C 460 -32.47 39.21 -39.80
CA ASN C 460 -31.65 38.20 -39.11
C ASN C 460 -30.42 37.82 -39.92
N CYS C 461 -29.75 38.82 -40.50
CA CYS C 461 -28.55 38.62 -41.29
C CYS C 461 -27.52 39.67 -40.89
N TYR C 462 -26.36 39.22 -40.41
CA TYR C 462 -25.35 40.12 -39.87
C TYR C 462 -23.98 39.76 -40.43
N TRP C 463 -23.08 40.74 -40.39
CA TRP C 463 -21.68 40.50 -40.71
C TRP C 463 -20.96 39.96 -39.49
N PRO C 464 -20.22 38.84 -39.60
CA PRO C 464 -19.72 38.18 -38.39
C PRO C 464 -18.54 38.87 -37.71
N LEU C 465 -18.07 40.01 -38.23
CA LEU C 465 -16.86 40.65 -37.71
C LEU C 465 -17.19 42.03 -37.15
N ASN C 466 -16.42 42.42 -36.12
CA ASN C 466 -16.54 43.72 -35.48
C ASN C 466 -15.18 44.39 -35.43
N ASP C 467 -15.21 45.72 -35.33
CA ASP C 467 -14.01 46.53 -35.27
C ASP C 467 -13.74 46.96 -33.83
N TYR C 468 -12.46 47.16 -33.50
CA TYR C 468 -12.10 47.56 -32.14
C TYR C 468 -12.29 49.05 -31.94
N GLY C 469 -11.62 49.88 -32.72
CA GLY C 469 -11.74 51.31 -32.59
C GLY C 469 -10.96 51.88 -31.41
N PHE C 470 -9.64 51.77 -31.47
CA PHE C 470 -8.78 52.19 -30.37
C PHE C 470 -8.61 53.70 -30.36
N TYR C 471 -8.64 54.28 -29.17
CA TYR C 471 -8.48 55.72 -28.97
C TYR C 471 -7.37 55.99 -27.98
N THR C 472 -6.71 57.14 -28.13
CA THR C 472 -5.64 57.51 -27.22
C THR C 472 -6.18 57.86 -25.84
N THR C 473 -7.32 58.55 -25.77
CA THR C 473 -7.86 59.07 -24.53
C THR C 473 -8.87 58.14 -23.88
N THR C 474 -8.76 56.84 -24.08
CA THR C 474 -9.69 55.89 -23.50
C THR C 474 -9.08 55.20 -22.28
N GLY C 475 -9.89 54.36 -21.64
CA GLY C 475 -9.42 53.64 -20.47
C GLY C 475 -8.48 52.50 -20.84
N ILE C 476 -7.69 52.09 -19.84
CA ILE C 476 -6.69 51.05 -20.07
C ILE C 476 -7.35 49.74 -20.46
N GLY C 477 -8.56 49.48 -19.97
CA GLY C 477 -9.24 48.23 -20.30
C GLY C 477 -9.56 48.11 -21.78
N TYR C 478 -9.52 49.23 -22.51
CA TYR C 478 -9.83 49.26 -23.93
C TYR C 478 -8.63 49.66 -24.78
N GLN C 479 -7.44 49.72 -24.19
CA GLN C 479 -6.24 50.08 -24.94
C GLN C 479 -5.67 48.84 -25.66
N PRO C 480 -4.93 49.05 -26.75
CA PRO C 480 -4.44 47.91 -27.52
C PRO C 480 -3.22 47.26 -26.90
N TYR C 481 -3.15 45.94 -27.05
CA TYR C 481 -2.03 45.14 -26.57
C TYR C 481 -1.55 44.22 -27.68
N ARG C 482 -0.24 44.09 -27.80
CA ARG C 482 0.37 43.14 -28.72
C ARG C 482 0.75 41.87 -27.96
N VAL C 483 0.50 40.72 -28.59
CA VAL C 483 0.65 39.42 -27.93
C VAL C 483 1.49 38.52 -28.82
N VAL C 484 2.47 37.84 -28.22
CA VAL C 484 3.27 36.82 -28.88
C VAL C 484 3.19 35.53 -28.08
N VAL C 485 2.86 34.43 -28.75
CA VAL C 485 2.77 33.11 -28.14
C VAL C 485 3.86 32.23 -28.72
N LEU C 486 4.64 31.60 -27.85
CA LEU C 486 5.73 30.71 -28.24
C LEU C 486 5.38 29.28 -27.84
N SER C 487 5.61 28.36 -28.77
CA SER C 487 5.40 26.93 -28.53
C SER C 487 6.64 26.16 -28.96
N PHE C 488 6.94 25.08 -28.25
CA PHE C 488 8.13 24.30 -28.52
C PHE C 488 8.01 22.96 -27.82
N GLU C 489 9.02 22.10 -28.04
CA GLU C 489 9.10 20.79 -27.43
C GLU C 489 10.47 20.60 -26.78
N LEU C 490 10.52 19.78 -25.74
CA LEU C 490 11.69 19.67 -24.89
C LEU C 490 12.14 18.22 -24.76
N LEU C 491 13.43 17.98 -25.01
CA LEU C 491 14.10 16.73 -24.62
C LEU C 491 13.45 15.51 -25.27
N ASN C 492 13.10 15.62 -26.56
CA ASN C 492 12.51 14.51 -27.29
C ASN C 492 13.06 14.31 -28.69
N ALA C 493 13.71 15.31 -29.29
CA ALA C 493 14.12 15.22 -30.68
C ALA C 493 15.22 16.24 -30.96
N PRO C 494 15.78 16.26 -32.17
CA PRO C 494 16.83 17.24 -32.47
C PRO C 494 16.34 18.67 -32.29
N ALA C 495 17.25 19.54 -31.85
CA ALA C 495 16.94 20.93 -31.56
C ALA C 495 17.97 21.83 -32.22
N THR C 496 17.54 23.01 -32.66
CA THR C 496 18.43 23.99 -33.27
C THR C 496 18.42 25.33 -32.55
N VAL C 497 17.51 25.53 -31.61
CA VAL C 497 17.46 26.73 -30.79
C VAL C 497 17.94 26.36 -29.39
N CYS C 498 18.98 27.04 -28.92
CA CYS C 498 19.63 26.70 -27.66
C CYS C 498 19.96 27.97 -26.90
N GLY C 499 20.07 27.83 -25.57
CA GLY C 499 20.44 28.93 -24.73
C GLY C 499 21.94 29.17 -24.73
N PRO C 500 22.35 30.28 -24.12
CA PRO C 500 23.79 30.59 -24.08
C PRO C 500 24.52 29.70 -23.08
N LYS C 501 25.49 28.96 -23.57
CA LYS C 501 26.27 28.06 -22.74
C LYS C 501 27.46 27.55 -23.52
N LEU C 502 28.59 27.40 -22.83
CA LEU C 502 29.84 26.97 -23.45
C LEU C 502 29.93 25.46 -23.42
N SER C 503 30.33 24.87 -24.56
CA SER C 503 30.56 23.44 -24.63
C SER C 503 31.97 23.10 -24.16
N THR C 504 32.22 21.81 -23.98
CA THR C 504 33.52 21.30 -23.55
C THR C 504 33.88 20.08 -24.38
N ASP C 505 35.03 19.49 -24.08
CA ASP C 505 35.49 18.31 -24.78
C ASP C 505 34.87 17.05 -24.18
N LEU C 506 34.71 16.03 -25.02
CA LEU C 506 34.15 14.76 -24.56
C LEU C 506 35.16 14.02 -23.68
N ILE C 507 34.69 13.56 -22.53
CA ILE C 507 35.48 12.71 -21.63
C ILE C 507 34.79 11.35 -21.56
N LYS C 508 35.54 10.31 -21.90
CA LYS C 508 34.99 8.96 -22.03
C LYS C 508 35.60 8.05 -20.98
N ASN C 509 34.87 6.96 -20.66
CA ASN C 509 35.34 5.97 -19.70
C ASN C 509 35.63 6.59 -18.34
N GLN C 510 34.74 7.45 -17.88
CA GLN C 510 34.89 8.10 -16.59
C GLN C 510 33.55 8.61 -16.11
N CYS C 511 33.35 8.61 -14.80
CA CYS C 511 32.09 9.06 -14.21
C CYS C 511 32.10 10.58 -14.13
N VAL C 512 31.20 11.22 -14.89
CA VAL C 512 31.18 12.68 -15.01
C VAL C 512 29.73 13.16 -14.95
N ASN C 513 29.58 14.47 -14.75
CA ASN C 513 28.31 15.15 -14.93
C ASN C 513 28.22 15.64 -16.37
N PHE C 514 27.16 15.24 -17.06
CA PHE C 514 27.01 15.55 -18.48
C PHE C 514 25.75 16.38 -18.70
N ASN C 515 25.74 17.10 -19.82
CA ASN C 515 24.58 17.87 -20.25
C ASN C 515 24.52 17.81 -21.77
N PHE C 516 23.56 17.07 -22.32
CA PHE C 516 23.42 16.86 -23.75
C PHE C 516 22.16 17.56 -24.23
N ASN C 517 22.32 18.73 -24.84
CA ASN C 517 21.21 19.49 -25.42
C ASN C 517 20.13 19.76 -24.38
N GLY C 518 20.54 20.00 -23.13
CA GLY C 518 19.63 20.32 -22.06
C GLY C 518 19.30 19.20 -21.11
N LEU C 519 19.67 17.96 -21.44
CA LEU C 519 19.42 16.81 -20.57
C LEU C 519 20.65 16.57 -19.70
N THR C 520 20.47 16.67 -18.39
CA THR C 520 21.56 16.57 -17.43
C THR C 520 21.49 15.24 -16.69
N GLY C 521 22.65 14.76 -16.24
CA GLY C 521 22.71 13.52 -15.49
C GLY C 521 24.15 13.20 -15.14
N THR C 522 24.33 12.00 -14.59
CA THR C 522 25.64 11.49 -14.20
C THR C 522 25.80 10.08 -14.75
N GLY C 523 27.01 9.77 -15.22
CA GLY C 523 27.26 8.45 -15.76
C GLY C 523 28.58 8.40 -16.48
N VAL C 524 28.78 7.30 -17.21
CA VAL C 524 30.00 7.04 -17.96
C VAL C 524 29.65 6.95 -19.44
N LEU C 525 30.50 7.54 -20.28
CA LEU C 525 30.29 7.59 -21.72
C LEU C 525 31.24 6.63 -22.41
N THR C 526 30.70 5.79 -23.30
CA THR C 526 31.47 4.85 -24.08
C THR C 526 30.94 4.84 -25.50
N PRO C 527 31.79 4.51 -26.48
CA PRO C 527 31.32 4.46 -27.87
C PRO C 527 30.23 3.41 -28.04
N SER C 528 29.27 3.72 -28.90
CA SER C 528 28.10 2.87 -29.12
C SER C 528 28.12 2.32 -30.54
N SER C 529 27.57 1.11 -30.69
CA SER C 529 27.38 0.48 -31.98
C SER C 529 25.95 0.57 -32.47
N LYS C 530 25.08 1.30 -31.78
CA LYS C 530 23.71 1.46 -32.22
C LYS C 530 23.65 2.36 -33.45
N ARG C 531 22.56 2.23 -34.20
CA ARG C 531 22.37 2.96 -35.45
C ARG C 531 21.12 3.82 -35.33
N PHE C 532 21.32 5.14 -35.20
CA PHE C 532 20.22 6.09 -35.06
C PHE C 532 19.82 6.62 -36.43
N GLN C 533 18.53 6.65 -36.70
CA GLN C 533 18.02 7.25 -37.91
C GLN C 533 18.09 8.77 -37.82
N PRO C 534 18.03 9.47 -38.94
CA PRO C 534 18.28 10.92 -38.92
C PRO C 534 17.36 11.70 -37.99
N PHE C 535 16.11 11.25 -37.79
CA PHE C 535 15.18 11.98 -36.96
C PHE C 535 15.20 11.56 -35.50
N GLN C 536 16.09 10.65 -35.11
CA GLN C 536 16.19 10.20 -33.73
C GLN C 536 17.36 10.89 -33.03
N GLN C 537 17.12 11.34 -31.80
CA GLN C 537 18.13 12.02 -31.00
C GLN C 537 18.50 11.28 -29.72
N PHE C 538 17.55 10.60 -29.09
CA PHE C 538 17.80 9.88 -27.84
C PHE C 538 17.33 8.43 -27.97
N GLY C 539 17.94 7.57 -27.18
CA GLY C 539 17.52 6.18 -27.08
C GLY C 539 17.18 5.84 -25.65
N ARG C 540 16.23 4.92 -25.47
CA ARG C 540 15.74 4.54 -24.14
C ARG C 540 15.57 3.04 -24.06
N ASP C 541 15.60 2.53 -22.83
CA ASP C 541 15.47 1.10 -22.56
C ASP C 541 14.09 0.81 -21.98
N VAL C 542 13.88 -0.43 -21.56
CA VAL C 542 12.57 -0.85 -21.04
C VAL C 542 12.24 -0.08 -19.76
N SER C 543 13.24 0.19 -18.93
CA SER C 543 13.03 0.95 -17.71
C SER C 543 12.78 2.42 -17.97
N ASP C 544 12.84 2.87 -19.23
CA ASP C 544 12.70 4.26 -19.66
C ASP C 544 13.93 5.07 -19.29
N PHE C 545 15.03 4.41 -18.94
CA PHE C 545 16.29 5.11 -18.73
C PHE C 545 16.87 5.55 -20.07
N THR C 546 17.42 6.76 -20.11
CA THR C 546 18.06 7.28 -21.32
C THR C 546 19.47 6.72 -21.40
N ASP C 547 19.66 5.73 -22.28
CA ASP C 547 20.93 5.02 -22.37
C ASP C 547 21.70 5.30 -23.65
N SER C 548 21.28 6.26 -24.46
CA SER C 548 21.96 6.58 -25.70
C SER C 548 21.69 8.03 -26.08
N VAL C 549 22.67 8.64 -26.74
CA VAL C 549 22.55 10.02 -27.18
C VAL C 549 23.48 10.23 -28.38
N ARG C 550 22.98 10.95 -29.38
CA ARG C 550 23.77 11.35 -30.52
C ARG C 550 24.52 12.64 -30.17
N ASP C 551 25.81 12.67 -30.48
CA ASP C 551 26.60 13.84 -30.14
C ASP C 551 26.17 15.04 -30.99
N PRO C 552 25.83 16.17 -30.39
CA PRO C 552 25.37 17.32 -31.20
C PRO C 552 26.39 17.78 -32.24
N LYS C 553 27.68 17.64 -31.95
CA LYS C 553 28.71 18.17 -32.83
C LYS C 553 29.22 17.14 -33.83
N THR C 554 29.73 16.01 -33.34
CA THR C 554 30.36 15.01 -34.20
C THR C 554 29.39 13.96 -34.72
N SER C 555 28.14 13.98 -34.27
CA SER C 555 27.13 13.03 -34.74
C SER C 555 27.46 11.60 -34.36
N GLU C 556 28.28 11.43 -33.32
CA GLU C 556 28.67 10.11 -32.83
C GLU C 556 27.66 9.62 -31.79
N ILE C 557 27.42 8.32 -31.78
CA ILE C 557 26.48 7.71 -30.85
C ILE C 557 27.26 7.21 -29.64
N LEU C 558 26.77 7.57 -28.44
CA LEU C 558 27.43 7.22 -27.19
C LEU C 558 26.46 6.43 -26.31
N ASP C 559 27.04 5.55 -25.48
CA ASP C 559 26.29 4.79 -24.49
C ASP C 559 26.44 5.43 -23.12
N ILE C 560 25.39 5.35 -22.31
CA ILE C 560 25.37 5.91 -20.97
C ILE C 560 25.07 4.80 -19.99
N SER C 561 25.89 4.68 -18.95
CA SER C 561 25.70 3.69 -17.91
C SER C 561 25.94 4.32 -16.54
N PRO C 562 25.27 3.83 -15.50
CA PRO C 562 25.48 4.40 -14.16
C PRO C 562 26.89 4.14 -13.65
N CYS C 563 27.21 4.80 -12.53
CA CYS C 563 28.54 4.68 -11.95
C CYS C 563 28.57 3.67 -10.80
N SER C 564 27.57 3.71 -9.92
CA SER C 564 27.51 2.81 -8.77
C SER C 564 27.14 1.40 -9.23
N PHE C 565 27.82 0.41 -8.65
CA PHE C 565 27.62 -0.97 -9.04
C PHE C 565 28.36 -1.88 -8.07
N GLY C 566 27.76 -3.02 -7.74
CA GLY C 566 28.41 -4.00 -6.89
C GLY C 566 27.83 -4.05 -5.49
N GLY C 567 27.91 -5.23 -4.88
CA GLY C 567 27.41 -5.43 -3.53
C GLY C 567 28.54 -5.45 -2.51
N VAL C 568 28.23 -4.97 -1.30
CA VAL C 568 29.21 -4.85 -0.23
C VAL C 568 28.57 -5.28 1.09
N SER C 569 29.34 -5.99 1.91
CA SER C 569 28.90 -6.40 3.24
C SER C 569 30.06 -6.21 4.23
N VAL C 570 29.70 -6.03 5.49
CA VAL C 570 30.65 -5.72 6.56
C VAL C 570 30.61 -6.83 7.60
N ILE C 571 31.79 -7.26 8.07
CA ILE C 571 31.93 -8.29 9.09
C ILE C 571 32.52 -7.66 10.33
N THR C 572 31.82 -7.81 11.46
CA THR C 572 32.29 -7.26 12.72
C THR C 572 32.14 -8.29 13.84
N PRO C 573 33.05 -8.29 14.82
CA PRO C 573 32.87 -9.12 16.01
C PRO C 573 32.07 -8.46 17.12
N GLY C 574 31.40 -7.35 16.85
CA GLY C 574 30.74 -6.57 17.88
C GLY C 574 31.60 -5.41 18.33
N THR C 575 31.01 -4.22 18.41
CA THR C 575 31.79 -3.04 18.76
C THR C 575 32.33 -3.13 20.18
N ASN C 576 31.61 -3.78 21.09
CA ASN C 576 32.11 -3.94 22.45
C ASN C 576 33.36 -4.78 22.50
N ALA C 577 33.61 -5.60 21.47
CA ALA C 577 34.80 -6.43 21.44
C ALA C 577 35.94 -5.73 20.73
N SER C 578 35.68 -5.17 19.54
CA SER C 578 36.71 -4.50 18.77
C SER C 578 36.06 -3.47 17.87
N SER C 579 36.85 -2.47 17.47
CA SER C 579 36.40 -1.45 16.54
C SER C 579 36.80 -1.74 15.09
N GLU C 580 37.65 -2.72 14.87
CA GLU C 580 38.06 -3.08 13.51
C GLU C 580 37.04 -4.02 12.88
N VAL C 581 36.96 -3.97 11.55
CA VAL C 581 36.00 -4.76 10.78
C VAL C 581 36.67 -5.28 9.52
N ALA C 582 35.96 -6.14 8.80
CA ALA C 582 36.37 -6.64 7.50
C ALA C 582 35.27 -6.37 6.49
N VAL C 583 35.66 -6.19 5.23
CA VAL C 583 34.75 -5.80 4.16
C VAL C 583 34.84 -6.83 3.05
N LEU C 584 33.68 -7.26 2.55
CA LEU C 584 33.59 -8.25 1.49
C LEU C 584 32.96 -7.63 0.26
N TYR C 585 33.68 -7.68 -0.86
CA TYR C 585 33.18 -7.18 -2.15
C TYR C 585 32.82 -8.38 -3.01
N GLN C 586 31.53 -8.53 -3.32
CA GLN C 586 31.05 -9.71 -4.02
C GLN C 586 31.47 -9.71 -5.49
N ASP C 587 31.58 -8.53 -6.10
CA ASP C 587 31.75 -8.42 -7.55
C ASP C 587 33.13 -7.91 -7.94
N VAL C 588 34.14 -8.13 -7.11
CA VAL C 588 35.51 -7.71 -7.40
C VAL C 588 36.43 -8.93 -7.35
N ASN C 589 37.30 -9.04 -8.35
CA ASN C 589 38.30 -10.11 -8.42
C ASN C 589 39.67 -9.48 -8.19
N CYS C 590 40.16 -9.57 -6.97
CA CYS C 590 41.47 -9.03 -6.61
C CYS C 590 42.52 -10.13 -6.71
N THR C 591 42.86 -10.48 -7.95
CA THR C 591 43.79 -11.56 -8.26
C THR C 591 43.65 -12.74 -7.30
N ALA C 605 43.44 -1.43 -10.86
CA ALA C 605 42.10 -0.94 -11.15
C ALA C 605 41.06 -1.75 -10.38
N TRP C 606 41.01 -1.57 -9.06
CA TRP C 606 40.07 -2.28 -8.21
C TRP C 606 39.03 -1.31 -7.66
N ARG C 607 37.78 -1.76 -7.64
CA ARG C 607 36.68 -0.95 -7.13
C ARG C 607 36.46 -1.29 -5.65
N ILE C 608 37.40 -0.82 -4.83
CA ILE C 608 37.36 -1.02 -3.38
C ILE C 608 37.60 0.32 -2.69
N TYR C 609 36.96 0.49 -1.54
CA TYR C 609 37.11 1.74 -0.80
C TYR C 609 38.54 1.93 -0.31
N SER C 610 39.15 0.88 0.21
CA SER C 610 40.53 0.96 0.71
C SER C 610 41.09 -0.44 0.82
N THR C 611 42.42 -0.53 0.79
CA THR C 611 43.14 -1.79 0.98
C THR C 611 44.22 -1.55 2.04
N GLY C 612 43.82 -1.68 3.31
CA GLY C 612 44.79 -1.49 4.38
C GLY C 612 45.83 -2.59 4.43
N ASN C 613 45.39 -3.85 4.39
CA ASN C 613 46.28 -5.00 4.44
C ASN C 613 45.42 -6.25 4.31
N ASN C 614 46.09 -7.40 4.18
CA ASN C 614 45.44 -8.70 4.18
C ASN C 614 44.32 -8.76 3.14
N VAL C 615 44.70 -8.63 1.88
CA VAL C 615 43.77 -8.71 0.76
C VAL C 615 44.00 -10.02 0.04
N PHE C 616 42.96 -10.85 -0.05
CA PHE C 616 43.07 -12.15 -0.70
C PHE C 616 41.69 -12.56 -1.23
N GLN C 617 41.70 -13.28 -2.35
CA GLN C 617 40.47 -13.69 -3.00
C GLN C 617 39.89 -14.93 -2.35
N THR C 618 38.59 -14.90 -2.09
CA THR C 618 37.84 -16.04 -1.58
C THR C 618 36.80 -16.46 -2.61
N GLN C 619 36.12 -17.57 -2.31
CA GLN C 619 35.07 -18.03 -3.21
C GLN C 619 33.88 -17.07 -3.19
N ALA C 620 33.69 -16.35 -2.08
CA ALA C 620 32.57 -15.41 -1.98
C ALA C 620 32.93 -14.03 -2.51
N GLY C 621 34.18 -13.79 -2.84
CA GLY C 621 34.61 -12.51 -3.35
C GLY C 621 35.89 -12.06 -2.68
N CYS C 622 36.29 -10.83 -3.01
CA CYS C 622 37.50 -10.25 -2.45
C CYS C 622 37.26 -9.82 -1.01
N LEU C 623 38.05 -10.37 -0.09
CA LEU C 623 37.93 -10.09 1.34
C LEU C 623 39.13 -9.27 1.78
N ILE C 624 38.88 -8.18 2.49
CA ILE C 624 39.92 -7.25 2.91
C ILE C 624 39.83 -7.07 4.42
N GLY C 625 40.96 -7.23 5.11
CA GLY C 625 41.04 -7.03 6.53
C GLY C 625 40.97 -8.26 7.39
N ALA C 626 41.19 -9.44 6.81
CA ALA C 626 41.13 -10.70 7.56
C ALA C 626 42.33 -11.56 7.21
N GLU C 627 42.74 -12.40 8.16
CA GLU C 627 43.89 -13.27 7.99
C GLU C 627 43.42 -14.70 7.69
N HIS C 628 43.92 -15.27 6.60
CA HIS C 628 43.53 -16.61 6.19
C HIS C 628 44.27 -17.65 7.01
N VAL C 629 43.57 -18.72 7.38
CA VAL C 629 44.15 -19.84 8.12
C VAL C 629 43.73 -21.14 7.43
N ASP C 630 44.67 -22.08 7.33
CA ASP C 630 44.37 -23.35 6.66
C ASP C 630 43.48 -24.24 7.51
N THR C 631 43.57 -24.12 8.83
CA THR C 631 42.82 -25.00 9.72
C THR C 631 41.32 -24.74 9.57
N SER C 632 40.54 -25.82 9.65
CA SER C 632 39.08 -25.73 9.59
C SER C 632 38.52 -25.58 11.00
N TYR C 633 37.29 -25.05 11.08
CA TYR C 633 36.65 -24.81 12.37
C TYR C 633 35.14 -24.96 12.25
N GLU C 634 34.40 -24.48 13.25
CA GLU C 634 32.97 -24.72 13.36
C GLU C 634 32.12 -23.58 12.80
N CYS C 635 32.72 -22.70 11.99
CA CYS C 635 31.98 -21.68 11.25
C CYS C 635 31.20 -20.76 12.19
N ASP C 636 31.97 -20.00 12.96
CA ASP C 636 31.38 -19.05 13.90
C ASP C 636 30.48 -18.05 13.17
N ILE C 637 30.99 -17.41 12.12
CA ILE C 637 30.25 -16.43 11.35
C ILE C 637 30.18 -16.92 9.91
N PRO C 638 28.99 -17.13 9.33
CA PRO C 638 28.91 -17.63 7.95
C PRO C 638 29.08 -16.52 6.93
N ILE C 639 30.17 -16.57 6.17
CA ILE C 639 30.38 -15.60 5.10
C ILE C 639 29.63 -16.00 3.85
N GLY C 640 29.72 -17.28 3.48
CA GLY C 640 29.05 -17.77 2.28
C GLY C 640 29.98 -18.54 1.38
N ALA C 641 29.41 -19.43 0.56
CA ALA C 641 30.20 -20.24 -0.38
C ALA C 641 31.23 -21.09 0.36
N GLY C 642 30.86 -21.56 1.54
CA GLY C 642 31.74 -22.44 2.31
C GLY C 642 32.81 -21.74 3.11
N ILE C 643 32.75 -20.42 3.24
CA ILE C 643 33.74 -19.65 3.98
C ILE C 643 33.08 -19.08 5.23
N CYS C 644 33.80 -19.14 6.35
CA CYS C 644 33.32 -18.61 7.61
C CYS C 644 34.47 -17.89 8.31
N ALA C 645 34.11 -16.98 9.21
CA ALA C 645 35.07 -16.13 9.90
C ALA C 645 34.87 -16.23 11.41
N SER C 646 35.93 -15.89 12.14
CA SER C 646 35.90 -15.91 13.60
C SER C 646 36.93 -14.94 14.13
N TYR C 647 36.80 -14.60 15.41
CA TYR C 647 37.67 -13.62 16.07
C TYR C 647 38.59 -14.39 17.02
N HIS C 648 39.83 -14.61 16.57
CA HIS C 648 40.82 -15.32 17.39
C HIS C 648 41.95 -14.38 17.78
N LYS C 659 44.83 -10.79 18.48
CA LYS C 659 43.40 -10.77 18.22
C LYS C 659 43.11 -10.15 16.87
N SER C 660 42.52 -10.94 15.97
CA SER C 660 42.21 -10.45 14.63
C SER C 660 41.12 -11.32 14.02
N ILE C 661 40.48 -10.80 12.98
CA ILE C 661 39.46 -11.54 12.25
C ILE C 661 40.15 -12.49 11.28
N VAL C 662 39.75 -13.76 11.30
CA VAL C 662 40.33 -14.78 10.45
C VAL C 662 39.23 -15.43 9.62
N ALA C 663 39.61 -15.97 8.47
CA ALA C 663 38.71 -16.65 7.57
C ALA C 663 39.23 -18.05 7.28
N TYR C 664 38.31 -18.98 7.05
CA TYR C 664 38.67 -20.38 6.86
C TYR C 664 37.54 -21.10 6.14
N THR C 665 37.79 -22.36 5.82
CA THR C 665 36.77 -23.23 5.25
C THR C 665 36.15 -24.10 6.34
N MET C 666 34.82 -24.09 6.41
CA MET C 666 34.12 -24.83 7.45
C MET C 666 34.32 -26.33 7.27
N SER C 667 34.36 -27.05 8.40
CA SER C 667 34.49 -28.50 8.40
C SER C 667 33.11 -29.13 8.49
N LEU C 668 32.83 -30.05 7.56
CA LEU C 668 31.52 -30.69 7.55
C LEU C 668 31.31 -31.55 8.78
N GLY C 669 32.33 -32.29 9.20
CA GLY C 669 32.22 -33.12 10.38
C GLY C 669 33.41 -34.05 10.49
N ALA C 670 33.37 -34.88 11.53
CA ALA C 670 34.44 -35.84 11.78
C ALA C 670 34.51 -36.87 10.66
N ASP C 671 35.71 -37.35 10.39
CA ASP C 671 35.97 -38.33 9.34
C ASP C 671 36.31 -39.67 9.99
N SER C 672 35.59 -40.72 9.59
CA SER C 672 35.82 -42.05 10.11
C SER C 672 35.42 -43.07 9.05
N SER C 673 35.90 -44.30 9.22
CA SER C 673 35.69 -45.39 8.28
C SER C 673 35.06 -46.58 9.00
N ILE C 674 34.17 -47.27 8.30
CA ILE C 674 33.49 -48.45 8.81
C ILE C 674 33.83 -49.61 7.90
N ALA C 675 34.37 -50.69 8.47
CA ALA C 675 34.77 -51.84 7.69
C ALA C 675 33.58 -52.76 7.43
N TYR C 676 33.46 -53.21 6.19
CA TYR C 676 32.41 -54.13 5.77
C TYR C 676 32.95 -55.56 5.79
N SER C 677 32.24 -56.45 6.47
CA SER C 677 32.63 -57.85 6.56
C SER C 677 31.40 -58.71 6.33
N ASN C 678 31.54 -59.76 5.52
CA ASN C 678 30.41 -60.63 5.24
C ASN C 678 30.25 -61.70 6.31
N ASN C 679 31.15 -61.73 7.29
CA ASN C 679 31.17 -62.79 8.31
C ASN C 679 31.23 -62.27 9.73
N THR C 680 31.09 -60.95 9.94
CA THR C 680 31.24 -60.35 11.25
C THR C 680 30.03 -59.49 11.58
N ILE C 681 29.74 -59.38 12.88
CA ILE C 681 28.66 -58.54 13.39
C ILE C 681 29.09 -57.99 14.74
N ALA C 682 28.62 -56.77 15.03
CA ALA C 682 28.90 -56.08 16.28
C ALA C 682 27.61 -55.87 17.05
N ILE C 683 27.61 -56.24 18.33
CA ILE C 683 26.43 -56.12 19.17
C ILE C 683 26.79 -55.33 20.43
N PRO C 684 25.94 -54.43 20.91
CA PRO C 684 26.25 -53.71 22.16
C PRO C 684 26.20 -54.64 23.36
N THR C 685 26.97 -54.29 24.38
CA THR C 685 27.00 -55.03 25.64
C THR C 685 26.62 -54.16 26.83
N ASN C 686 26.33 -52.88 26.64
CA ASN C 686 25.91 -52.00 27.72
C ASN C 686 25.06 -50.88 27.15
N PHE C 687 24.36 -50.18 28.03
CA PHE C 687 23.44 -49.13 27.63
C PHE C 687 23.62 -47.93 28.56
N SER C 688 22.76 -46.93 28.36
CA SER C 688 22.77 -45.73 29.16
C SER C 688 21.40 -45.06 29.10
N ILE C 689 21.18 -44.12 30.02
CA ILE C 689 19.94 -43.35 30.09
C ILE C 689 20.28 -41.90 29.81
N SER C 690 19.68 -41.35 28.75
CA SER C 690 19.94 -39.99 28.31
C SER C 690 18.68 -39.15 28.43
N ILE C 691 18.84 -37.88 28.79
CA ILE C 691 17.74 -36.93 28.90
C ILE C 691 18.12 -35.66 28.15
N THR C 692 17.20 -35.16 27.32
CA THR C 692 17.43 -33.99 26.52
C THR C 692 16.16 -33.13 26.50
N THR C 693 16.35 -31.83 26.25
CA THR C 693 15.26 -30.86 26.26
C THR C 693 14.91 -30.41 24.85
N GLU C 694 13.67 -29.97 24.68
CA GLU C 694 13.20 -29.42 23.42
C GLU C 694 12.27 -28.25 23.71
N VAL C 695 12.58 -27.08 23.13
CA VAL C 695 11.88 -25.84 23.39
C VAL C 695 11.03 -25.50 22.17
N MET C 696 9.75 -25.17 22.41
CA MET C 696 8.80 -24.90 21.33
C MET C 696 7.89 -23.72 21.69
N PRO C 697 7.79 -22.72 20.82
CA PRO C 697 6.79 -21.66 21.06
C PRO C 697 5.38 -22.18 20.88
N VAL C 698 4.45 -21.59 21.65
CA VAL C 698 3.04 -21.94 21.58
C VAL C 698 2.17 -20.74 21.20
N SER C 699 2.41 -19.58 21.82
CA SER C 699 1.54 -18.43 21.63
C SER C 699 2.40 -17.18 21.53
N MET C 700 1.75 -16.07 21.14
CA MET C 700 2.40 -14.78 21.05
C MET C 700 1.45 -13.70 21.56
N ALA C 701 1.99 -12.50 21.72
CA ALA C 701 1.21 -11.42 22.33
C ALA C 701 0.01 -11.03 21.48
N LYS C 702 -1.06 -10.63 22.16
CA LYS C 702 -2.30 -10.19 21.52
C LYS C 702 -2.39 -8.67 21.60
N THR C 703 -2.66 -8.04 20.46
CA THR C 703 -2.65 -6.59 20.35
C THR C 703 -3.96 -6.09 19.77
N SER C 704 -4.32 -4.86 20.15
CA SER C 704 -5.44 -4.15 19.56
C SER C 704 -4.98 -2.74 19.22
N VAL C 705 -5.65 -2.13 18.24
CA VAL C 705 -5.27 -0.82 17.72
C VAL C 705 -6.51 0.05 17.64
N ASP C 706 -6.41 1.27 18.15
CA ASP C 706 -7.43 2.30 17.99
C ASP C 706 -6.97 3.19 16.84
N CYS C 707 -7.50 2.93 15.63
CA CYS C 707 -7.02 3.62 14.45
C CYS C 707 -7.25 5.12 14.55
N ASN C 708 -8.40 5.52 15.11
CA ASN C 708 -8.71 6.96 15.21
C ASN C 708 -7.79 7.66 16.20
N MET C 709 -7.05 6.91 17.02
CA MET C 709 -6.15 7.55 17.97
C MET C 709 -4.70 7.53 17.48
N TYR C 710 -4.31 6.51 16.71
CA TYR C 710 -3.02 6.56 16.01
C TYR C 710 -3.03 7.62 14.92
N ILE C 711 -4.16 7.76 14.23
CA ILE C 711 -4.35 8.81 13.23
C ILE C 711 -5.25 9.87 13.83
N CYS C 712 -4.82 11.13 13.72
CA CYS C 712 -5.56 12.33 14.11
C CYS C 712 -5.51 12.60 15.61
N GLY C 713 -4.90 11.71 16.40
CA GLY C 713 -4.78 11.95 17.83
C GLY C 713 -6.09 12.40 18.45
N ASP C 714 -6.08 13.60 19.01
CA ASP C 714 -7.26 14.20 19.64
C ASP C 714 -7.83 15.35 18.82
N SER C 715 -7.39 15.50 17.57
CA SER C 715 -7.87 16.61 16.73
C SER C 715 -9.21 16.25 16.12
N THR C 716 -10.19 17.14 16.29
CA THR C 716 -11.53 16.91 15.74
C THR C 716 -11.60 17.18 14.25
N GLU C 717 -10.85 18.14 13.73
CA GLU C 717 -10.88 18.42 12.30
C GLU C 717 -10.35 17.22 11.51
N CYS C 718 -9.24 16.65 11.95
CA CYS C 718 -8.70 15.46 11.29
C CYS C 718 -9.65 14.28 11.45
N ALA C 719 -10.36 14.21 12.58
CA ALA C 719 -11.32 13.13 12.77
C ALA C 719 -12.44 13.20 11.75
N ASN C 720 -12.91 14.41 11.44
CA ASN C 720 -13.97 14.55 10.43
C ASN C 720 -13.45 14.26 9.04
N LEU C 721 -12.16 14.50 8.80
CA LEU C 721 -11.56 14.19 7.50
C LEU C 721 -11.39 12.68 7.34
N LEU C 722 -11.00 11.99 8.41
CA LEU C 722 -10.85 10.55 8.35
C LEU C 722 -12.17 9.88 7.99
N LEU C 723 -13.28 10.40 8.53
CA LEU C 723 -14.60 9.88 8.16
C LEU C 723 -14.86 10.07 6.67
N GLN C 724 -14.56 11.26 6.15
CA GLN C 724 -14.78 11.52 4.73
C GLN C 724 -13.85 10.68 3.87
N TYR C 725 -12.69 10.31 4.40
CA TYR C 725 -11.76 9.47 3.65
C TYR C 725 -12.36 8.10 3.37
N GLY C 726 -12.89 7.46 4.40
CA GLY C 726 -13.45 6.12 4.27
C GLY C 726 -13.11 5.29 5.48
N SER C 727 -14.01 4.34 5.78
CA SER C 727 -13.89 3.50 6.96
C SER C 727 -13.17 2.20 6.62
N PHE C 728 -11.84 2.29 6.59
CA PHE C 728 -10.98 1.12 6.44
C PHE C 728 -10.55 0.54 7.79
N CYS C 729 -10.96 1.17 8.90
CA CYS C 729 -10.50 0.73 10.21
C CYS C 729 -11.14 -0.58 10.65
N THR C 730 -12.41 -0.79 10.29
CA THR C 730 -13.09 -2.01 10.69
C THR C 730 -12.39 -3.25 10.13
N GLN C 731 -11.90 -3.16 8.90
CA GLN C 731 -11.22 -4.31 8.28
C GLN C 731 -9.96 -4.67 9.06
N LEU C 732 -9.19 -3.66 9.48
CA LEU C 732 -7.94 -3.93 10.19
C LEU C 732 -8.19 -4.61 11.53
N ASN C 733 -9.20 -4.15 12.27
CA ASN C 733 -9.46 -4.70 13.59
C ASN C 733 -10.01 -6.12 13.51
N ARG C 734 -10.80 -6.41 12.47
CA ARG C 734 -11.32 -7.76 12.31
C ARG C 734 -10.19 -8.77 12.15
N ALA C 735 -9.14 -8.39 11.42
CA ALA C 735 -7.98 -9.26 11.27
C ALA C 735 -7.28 -9.46 12.61
N LEU C 736 -7.15 -8.39 13.39
CA LEU C 736 -6.41 -8.47 14.65
C LEU C 736 -7.20 -9.23 15.71
N SER C 737 -8.52 -9.12 15.69
CA SER C 737 -9.33 -9.85 16.66
C SER C 737 -9.28 -11.35 16.39
N GLY C 738 -9.17 -11.73 15.11
CA GLY C 738 -9.04 -13.14 14.79
C GLY C 738 -7.74 -13.74 15.30
N ILE C 739 -6.65 -12.97 15.19
CA ILE C 739 -5.36 -13.44 15.68
C ILE C 739 -5.41 -13.64 17.19
N ALA C 740 -6.01 -12.70 17.92
CA ALA C 740 -6.05 -12.79 19.37
C ALA C 740 -6.81 -14.02 19.83
N ALA C 741 -7.92 -14.34 19.17
CA ALA C 741 -8.69 -15.53 19.54
C ALA C 741 -7.90 -16.79 19.26
N GLU C 742 -7.09 -16.79 18.20
CA GLU C 742 -6.31 -17.97 17.85
C GLU C 742 -5.25 -18.27 18.92
N GLN C 743 -4.70 -17.23 19.54
CA GLN C 743 -3.64 -17.44 20.53
C GLN C 743 -4.16 -18.23 21.72
N ASP C 744 -5.39 -17.95 22.16
CA ASP C 744 -5.98 -18.72 23.25
C ASP C 744 -6.24 -20.16 22.81
N ARG C 745 -6.66 -20.35 21.55
CA ARG C 745 -6.92 -21.69 21.06
C ARG C 745 -5.65 -22.52 21.01
N ASN C 746 -4.52 -21.89 20.63
CA ASN C 746 -3.26 -22.63 20.55
C ASN C 746 -2.87 -23.21 21.90
N THR C 747 -2.96 -22.40 22.96
CA THR C 747 -2.58 -22.87 24.29
C THR C 747 -3.51 -23.98 24.77
N ARG C 748 -4.80 -23.85 24.49
CA ARG C 748 -5.77 -24.84 24.97
C ARG C 748 -5.51 -26.21 24.37
N GLU C 749 -5.15 -26.26 23.09
CA GLU C 749 -4.97 -27.56 22.43
C GLU C 749 -3.71 -28.27 22.92
N VAL C 750 -2.78 -27.54 23.54
CA VAL C 750 -1.53 -28.16 23.97
C VAL C 750 -1.65 -28.69 25.39
N PHE C 751 -2.16 -27.87 26.31
CA PHE C 751 -2.14 -28.19 27.73
C PHE C 751 -3.45 -28.79 28.24
N ALA C 752 -4.58 -28.53 27.60
CA ALA C 752 -5.88 -28.96 28.10
C ALA C 752 -6.29 -30.32 27.53
N GLN C 753 -5.32 -31.16 27.16
CA GLN C 753 -5.64 -32.50 26.68
C GLN C 753 -6.18 -33.37 27.82
N VAL C 754 -5.64 -33.21 29.02
CA VAL C 754 -6.06 -34.03 30.15
C VAL C 754 -7.45 -33.59 30.58
N LYS C 755 -8.40 -34.53 30.54
CA LYS C 755 -9.78 -34.21 30.92
C LYS C 755 -9.93 -34.08 32.42
N GLN C 756 -9.31 -34.98 33.18
CA GLN C 756 -9.51 -35.09 34.62
C GLN C 756 -8.22 -34.73 35.35
N MET C 757 -8.31 -33.79 36.28
CA MET C 757 -7.14 -33.33 37.01
C MET C 757 -6.77 -34.32 38.10
N TYR C 758 -5.46 -34.53 38.29
CA TYR C 758 -4.95 -35.46 39.28
C TYR C 758 -4.17 -34.70 40.36
N LYS C 759 -4.41 -35.06 41.61
CA LYS C 759 -3.70 -34.43 42.71
C LYS C 759 -2.24 -34.87 42.73
N THR C 760 -1.38 -33.97 43.20
CA THR C 760 0.05 -34.23 43.25
C THR C 760 0.37 -35.29 44.29
N PRO C 761 1.04 -36.39 43.93
CA PRO C 761 1.46 -37.36 44.96
C PRO C 761 2.29 -36.68 46.04
N THR C 762 2.26 -37.26 47.23
CA THR C 762 2.91 -36.68 48.41
C THR C 762 4.17 -37.43 48.82
N LEU C 763 4.74 -38.24 47.92
CA LEU C 763 5.89 -39.06 48.26
C LEU C 763 7.09 -38.70 47.37
N LYS C 764 6.84 -38.51 46.07
CA LYS C 764 7.84 -38.05 45.11
C LYS C 764 9.04 -38.96 45.01
N TYR C 765 8.89 -40.26 45.27
CA TYR C 765 9.99 -41.22 45.19
C TYR C 765 9.42 -42.58 44.83
N PHE C 766 9.48 -42.94 43.54
CA PHE C 766 8.80 -44.11 43.03
C PHE C 766 9.83 -45.14 42.59
N GLY C 767 10.01 -46.18 43.39
CA GLY C 767 10.85 -47.30 43.01
C GLY C 767 12.29 -46.93 42.71
N GLY C 768 12.86 -46.02 43.51
CA GLY C 768 14.21 -45.56 43.31
C GLY C 768 14.35 -44.36 42.39
N PHE C 769 13.28 -43.94 41.73
CA PHE C 769 13.30 -42.78 40.86
C PHE C 769 12.80 -41.57 41.64
N ASN C 770 13.57 -40.49 41.61
CA ASN C 770 13.29 -39.29 42.39
C ASN C 770 12.60 -38.27 41.50
N PHE C 771 11.29 -38.12 41.67
CA PHE C 771 10.49 -37.23 40.86
C PHE C 771 10.36 -35.83 41.45
N SER C 772 11.05 -35.56 42.56
CA SER C 772 11.14 -34.21 43.15
C SER C 772 12.00 -33.37 42.19
N GLN C 773 11.64 -32.10 41.95
CA GLN C 773 12.19 -31.01 41.06
C GLN C 773 11.32 -30.88 39.80
N ILE C 774 10.45 -31.84 39.49
CA ILE C 774 9.50 -31.74 38.33
C ILE C 774 8.05 -31.73 38.83
N LEU C 775 7.81 -31.57 40.14
CA LEU C 775 6.47 -31.48 40.71
C LEU C 775 6.46 -30.34 41.72
N PRO C 776 5.29 -29.76 41.98
CA PRO C 776 5.23 -28.68 42.97
C PRO C 776 5.68 -29.16 44.35
N ASP C 777 6.30 -28.26 45.10
CA ASP C 777 6.81 -28.57 46.43
C ASP C 777 5.83 -28.05 47.47
N PRO C 778 5.16 -28.92 48.24
CA PRO C 778 4.24 -28.39 49.26
C PRO C 778 4.92 -27.46 50.26
N LEU C 779 6.17 -27.74 50.64
CA LEU C 779 6.88 -26.86 51.55
C LEU C 779 7.08 -25.47 50.93
N LYS C 780 7.48 -25.42 49.67
CA LYS C 780 7.68 -24.15 49.00
C LYS C 780 6.34 -23.54 48.61
N PRO C 781 6.11 -22.25 48.86
CA PRO C 781 4.82 -21.65 48.47
C PRO C 781 4.55 -21.71 46.97
N THR C 782 5.59 -21.63 46.15
CA THR C 782 5.42 -21.51 44.71
C THR C 782 4.65 -22.71 44.15
N LYS C 783 3.66 -22.44 43.31
CA LYS C 783 2.85 -23.50 42.75
C LYS C 783 3.58 -24.26 41.65
N ARG C 784 4.49 -23.60 40.94
CA ARG C 784 5.24 -24.26 39.89
C ARG C 784 6.41 -25.05 40.47
N SER C 785 7.02 -25.87 39.62
CA SER C 785 8.09 -26.77 40.06
C SER C 785 9.42 -26.02 40.11
N PHE C 786 10.45 -26.72 40.60
CA PHE C 786 11.78 -26.11 40.70
C PHE C 786 12.41 -25.91 39.33
N ILE C 787 12.19 -26.84 38.41
CA ILE C 787 12.73 -26.74 37.03
C ILE C 787 11.97 -25.64 36.30
N GLU C 788 10.67 -25.47 36.55
CA GLU C 788 9.88 -24.42 35.93
C GLU C 788 10.26 -23.04 36.48
N ASP C 789 10.81 -23.00 37.70
CA ASP C 789 11.28 -21.73 38.24
C ASP C 789 12.45 -21.19 37.43
N LEU C 790 13.37 -22.07 37.02
CA LEU C 790 14.55 -21.62 36.31
C LEU C 790 14.21 -21.10 34.92
N LEU C 791 13.27 -21.78 34.24
CA LEU C 791 12.93 -21.39 32.87
C LEU C 791 12.33 -19.99 32.83
N PHE C 792 11.43 -19.68 33.77
CA PHE C 792 10.79 -18.37 33.77
C PHE C 792 11.79 -17.25 34.04
N ASN C 793 12.87 -17.55 34.75
CA ASN C 793 13.86 -16.52 35.05
C ASN C 793 14.74 -16.22 33.85
N LYS C 794 14.88 -17.19 32.94
CA LYS C 794 15.83 -17.05 31.84
C LYS C 794 15.29 -16.12 30.75
N VAL C 795 13.97 -15.94 30.70
CA VAL C 795 13.34 -15.15 29.64
C VAL C 795 12.94 -13.79 30.21
N THR C 796 13.44 -12.73 29.59
CA THR C 796 13.08 -11.38 30.00
C THR C 796 11.78 -10.96 29.31
N LEU C 797 10.84 -10.46 30.11
CA LEU C 797 9.51 -10.13 29.64
C LEU C 797 9.31 -8.61 29.66
N ALA C 798 8.68 -8.09 28.61
CA ALA C 798 8.52 -6.64 28.48
C ALA C 798 7.64 -6.08 29.59
N ASP C 799 6.54 -6.75 29.92
CA ASP C 799 5.56 -6.24 30.86
C ASP C 799 5.12 -7.35 31.80
N ALA C 800 5.05 -7.04 33.10
CA ALA C 800 4.56 -8.02 34.07
C ALA C 800 3.03 -7.98 34.15
N GLY C 801 2.47 -6.82 34.46
CA GLY C 801 1.03 -6.66 34.55
C GLY C 801 0.51 -5.81 33.41
N PHE C 802 -0.68 -6.18 32.91
CA PHE C 802 -1.28 -5.53 31.76
C PHE C 802 -2.10 -4.29 32.13
N MET C 803 -1.87 -3.71 33.30
CA MET C 803 -2.58 -2.52 33.74
C MET C 803 -1.58 -1.38 33.90
N LYS C 804 -1.88 -0.24 33.28
CA LYS C 804 -1.04 0.96 33.37
C LYS C 804 -1.97 2.15 33.57
N GLN C 805 -2.04 2.63 34.82
CA GLN C 805 -2.99 3.69 35.16
C GLN C 805 -2.54 5.03 34.60
N TYR C 806 -3.50 5.93 34.42
CA TYR C 806 -3.21 7.25 33.87
C TYR C 806 -2.25 8.01 34.78
N GLY C 807 -2.47 7.95 36.09
CA GLY C 807 -1.60 8.68 37.01
C GLY C 807 -0.15 8.27 36.90
N GLU C 808 0.11 6.97 36.73
CA GLU C 808 1.49 6.50 36.70
C GLU C 808 2.27 7.08 35.53
N CYS C 809 1.66 7.12 34.35
CA CYS C 809 2.36 7.68 33.19
C CYS C 809 2.58 9.18 33.37
N LEU C 810 1.66 9.87 34.02
CA LEU C 810 1.81 11.30 34.25
C LEU C 810 2.86 11.59 35.33
N GLY C 811 2.89 10.77 36.38
CA GLY C 811 3.84 11.00 37.45
C GLY C 811 5.28 10.72 37.05
N ASP C 812 5.48 9.89 36.03
CA ASP C 812 6.81 9.49 35.57
C ASP C 812 7.10 10.01 34.17
N ILE C 813 6.69 11.25 33.88
CA ILE C 813 6.96 11.82 32.56
C ILE C 813 8.46 11.91 32.31
N ASN C 814 9.27 12.01 33.37
CA ASN C 814 10.70 12.17 33.19
C ASN C 814 11.30 10.98 32.43
N ALA C 815 10.89 9.76 32.80
CA ALA C 815 11.39 8.58 32.11
C ALA C 815 10.64 8.37 30.80
N ARG C 816 11.38 8.14 29.73
CA ARG C 816 10.79 7.96 28.40
C ARG C 816 10.30 6.51 28.27
N ASP C 817 9.26 6.21 29.05
CA ASP C 817 8.74 4.86 29.09
C ASP C 817 8.16 4.46 27.74
N LEU C 818 8.55 3.29 27.24
CA LEU C 818 8.08 2.83 25.94
C LEU C 818 6.61 2.43 25.99
N ILE C 819 6.16 1.86 27.11
CA ILE C 819 4.78 1.40 27.20
C ILE C 819 3.82 2.58 27.26
N CYS C 820 4.16 3.62 28.02
CA CYS C 820 3.32 4.82 28.03
C CYS C 820 3.23 5.42 26.64
N ALA C 821 4.34 5.40 25.89
CA ALA C 821 4.34 5.95 24.54
C ALA C 821 3.39 5.18 23.63
N GLN C 822 3.41 3.85 23.69
CA GLN C 822 2.49 3.06 22.88
C GLN C 822 1.04 3.33 23.27
N LYS C 823 0.77 3.43 24.57
CA LYS C 823 -0.60 3.63 25.03
C LYS C 823 -1.15 4.97 24.55
N PHE C 824 -0.33 6.01 24.57
CA PHE C 824 -0.79 7.35 24.19
C PHE C 824 -1.03 7.49 22.71
N ASN C 825 -0.64 6.51 21.89
CA ASN C 825 -0.92 6.52 20.46
C ASN C 825 -1.93 5.45 20.04
N GLY C 826 -2.60 4.81 20.99
CA GLY C 826 -3.69 3.92 20.70
C GLY C 826 -3.34 2.46 20.53
N LEU C 827 -2.15 2.03 20.93
CA LEU C 827 -1.72 0.64 20.81
C LEU C 827 -1.86 -0.06 22.16
N THR C 828 -2.55 -1.20 22.17
CA THR C 828 -2.87 -1.91 23.40
C THR C 828 -2.44 -3.36 23.30
N VAL C 829 -2.14 -3.95 24.45
CA VAL C 829 -1.80 -5.36 24.57
C VAL C 829 -2.79 -6.01 25.54
N LEU C 830 -3.42 -7.10 25.10
CA LEU C 830 -4.46 -7.74 25.90
C LEU C 830 -3.89 -8.94 26.66
N PRO C 831 -4.41 -9.23 27.86
CA PRO C 831 -3.86 -10.33 28.64
C PRO C 831 -4.34 -11.67 28.12
N PRO C 832 -3.55 -12.74 28.27
CA PRO C 832 -4.01 -14.07 27.86
C PRO C 832 -5.15 -14.57 28.74
N LEU C 833 -5.97 -15.46 28.17
CA LEU C 833 -7.09 -16.03 28.91
C LEU C 833 -6.60 -16.86 30.09
N LEU C 834 -5.62 -17.72 29.86
CA LEU C 834 -5.13 -18.63 30.90
C LEU C 834 -3.97 -17.99 31.65
N THR C 835 -4.06 -18.01 32.98
CA THR C 835 -3.02 -17.44 33.82
C THR C 835 -1.85 -18.42 33.93
N ASP C 836 -0.67 -17.86 34.26
CA ASP C 836 0.53 -18.70 34.36
C ASP C 836 0.37 -19.79 35.40
N ASP C 837 -0.39 -19.53 36.47
CA ASP C 837 -0.63 -20.55 37.47
C ASP C 837 -1.49 -21.68 36.92
N MET C 838 -2.48 -21.35 36.08
CA MET C 838 -3.36 -22.38 35.54
C MET C 838 -2.59 -23.34 34.65
N ILE C 839 -1.67 -22.83 33.83
CA ILE C 839 -0.86 -23.70 32.98
C ILE C 839 0.00 -24.61 33.84
N ALA C 840 0.57 -24.07 34.92
CA ALA C 840 1.39 -24.90 35.81
C ALA C 840 0.55 -26.00 36.44
N ALA C 841 -0.73 -25.74 36.68
CA ALA C 841 -1.61 -26.78 37.21
C ALA C 841 -1.78 -27.92 36.22
N TYR C 842 -1.92 -27.58 34.93
CA TYR C 842 -2.09 -28.62 33.91
C TYR C 842 -0.86 -29.50 33.80
N THR C 843 0.34 -28.89 33.84
CA THR C 843 1.56 -29.68 33.71
C THR C 843 1.81 -30.53 34.95
N ALA C 844 1.39 -30.03 36.12
CA ALA C 844 1.53 -30.82 37.35
C ALA C 844 0.68 -32.08 37.28
N ALA C 845 -0.54 -31.98 36.73
CA ALA C 845 -1.40 -33.14 36.63
C ALA C 845 -0.88 -34.12 35.60
N LEU C 846 -0.30 -33.62 34.51
CA LEU C 846 0.23 -34.51 33.48
C LEU C 846 1.36 -35.37 34.01
N VAL C 847 2.27 -34.77 34.79
CA VAL C 847 3.36 -35.54 35.37
C VAL C 847 2.84 -36.52 36.41
N SER C 848 1.86 -36.09 37.21
CA SER C 848 1.30 -36.97 38.22
C SER C 848 0.64 -38.19 37.59
N GLY C 849 -0.12 -37.98 36.52
CA GLY C 849 -0.75 -39.09 35.83
C GLY C 849 0.26 -40.04 35.20
N THR C 850 1.34 -39.48 34.65
CA THR C 850 2.39 -40.33 34.07
C THR C 850 3.04 -41.20 35.14
N ALA C 851 3.24 -40.64 36.34
CA ALA C 851 3.97 -41.32 37.40
C ALA C 851 3.10 -42.22 38.26
N THR C 852 1.81 -42.33 37.96
CA THR C 852 0.91 -43.16 38.76
C THR C 852 0.02 -44.02 37.86
N ALA C 853 0.19 -43.90 36.55
CA ALA C 853 -0.62 -44.66 35.60
C ALA C 853 0.13 -44.85 34.29
N ALA C 861 -10.21 -43.14 32.28
CA ALA C 861 -9.52 -44.32 32.75
C ALA C 861 -8.20 -43.95 33.42
N ALA C 862 -7.89 -44.63 34.54
CA ALA C 862 -6.65 -44.40 35.26
C ALA C 862 -5.70 -45.59 35.17
N LEU C 863 -6.19 -46.78 35.58
CA LEU C 863 -5.44 -48.06 35.59
C LEU C 863 -4.07 -47.84 36.24
N GLN C 864 -4.02 -47.57 37.55
CA GLN C 864 -2.76 -47.32 38.30
C GLN C 864 -1.84 -48.55 38.24
N ILE C 865 -0.52 -48.35 38.18
CA ILE C 865 0.52 -49.42 38.08
C ILE C 865 1.82 -48.91 38.70
N PRO C 866 2.57 -49.68 39.51
CA PRO C 866 3.85 -49.20 40.06
C PRO C 866 4.88 -48.71 39.02
N PHE C 867 5.68 -47.68 39.35
CA PHE C 867 6.78 -47.15 38.49
C PHE C 867 7.99 -48.06 38.68
N ALA C 868 8.13 -49.10 37.84
CA ALA C 868 9.10 -50.23 37.87
C ALA C 868 8.57 -51.29 36.91
N MET C 869 7.31 -51.73 37.11
CA MET C 869 6.56 -52.66 36.22
C MET C 869 6.23 -51.90 34.93
N GLN C 870 6.02 -50.58 35.03
CA GLN C 870 5.74 -49.66 33.90
C GLN C 870 7.01 -49.52 33.05
N MET C 871 8.15 -49.21 33.67
CA MET C 871 9.45 -49.09 32.94
C MET C 871 9.79 -50.47 32.34
N ALA C 872 9.47 -51.60 32.99
CA ALA C 872 9.69 -52.90 32.36
C ALA C 872 8.85 -53.04 31.10
N TYR C 873 7.62 -52.53 31.14
CA TYR C 873 6.77 -52.55 29.95
C TYR C 873 7.38 -51.72 28.83
N ARG C 874 7.97 -50.56 29.17
CA ARG C 874 8.58 -49.72 28.14
C ARG C 874 9.74 -50.43 27.47
N PHE C 875 10.54 -51.16 28.25
CA PHE C 875 11.68 -51.87 27.67
C PHE C 875 11.23 -52.87 26.61
N ASN C 876 10.02 -53.43 26.77
CA ASN C 876 9.51 -54.35 25.77
C ASN C 876 9.29 -53.64 24.43
N GLY C 877 8.74 -52.43 24.47
CA GLY C 877 8.55 -51.68 23.24
C GLY C 877 9.84 -51.34 22.55
N ILE C 878 10.93 -51.18 23.31
CA ILE C 878 12.22 -50.87 22.72
C ILE C 878 12.74 -52.07 21.93
N GLY C 879 12.61 -53.27 22.50
CA GLY C 879 13.17 -54.47 21.91
C GLY C 879 13.99 -55.26 22.91
N VAL C 880 14.19 -54.70 24.09
CA VAL C 880 14.95 -55.35 25.15
C VAL C 880 14.02 -56.22 25.97
N THR C 881 14.62 -57.17 26.69
CA THR C 881 13.86 -58.11 27.52
C THR C 881 13.63 -57.52 28.90
N GLN C 882 12.48 -57.88 29.49
CA GLN C 882 12.08 -57.29 30.76
C GLN C 882 13.08 -57.59 31.86
N ASN C 883 13.67 -58.79 31.87
CA ASN C 883 14.59 -59.17 32.94
C ASN C 883 15.77 -58.22 33.02
N VAL C 884 16.08 -57.51 31.93
CA VAL C 884 17.23 -56.62 31.93
C VAL C 884 17.03 -55.50 32.94
N LEU C 885 15.81 -54.95 33.03
CA LEU C 885 15.56 -53.84 33.93
C LEU C 885 15.55 -54.29 35.37
N TYR C 886 14.89 -55.41 35.67
CA TYR C 886 14.82 -55.89 37.04
C TYR C 886 16.20 -56.21 37.59
N GLU C 887 17.04 -56.88 36.80
CA GLU C 887 18.38 -57.23 37.26
C GLU C 887 19.25 -55.99 37.47
N ASN C 888 19.01 -54.92 36.71
CA ASN C 888 19.83 -53.72 36.78
C ASN C 888 19.00 -52.50 37.19
N GLN C 889 18.01 -52.70 38.04
CA GLN C 889 17.12 -51.60 38.40
C GLN C 889 17.88 -50.48 39.10
N LYS C 890 18.79 -50.82 40.02
CA LYS C 890 19.41 -49.81 40.86
C LYS C 890 20.25 -48.82 40.04
N GLN C 891 21.08 -49.33 39.13
CA GLN C 891 21.94 -48.41 38.37
C GLN C 891 21.14 -47.59 37.38
N ILE C 892 20.07 -48.17 36.82
CA ILE C 892 19.21 -47.42 35.91
C ILE C 892 18.61 -46.22 36.61
N ALA C 893 18.12 -46.43 37.85
CA ALA C 893 17.57 -45.32 38.61
C ALA C 893 18.64 -44.27 38.91
N ASN C 894 19.85 -44.71 39.25
CA ASN C 894 20.93 -43.77 39.53
C ASN C 894 21.26 -42.93 38.29
N GLN C 895 21.32 -43.58 37.13
CA GLN C 895 21.55 -42.85 35.88
C GLN C 895 20.42 -41.87 35.62
N PHE C 896 19.19 -42.26 35.93
CA PHE C 896 18.05 -41.36 35.74
C PHE C 896 18.15 -40.14 36.65
N ASN C 897 18.57 -40.34 37.91
CA ASN C 897 18.63 -39.22 38.83
C ASN C 897 19.79 -38.29 38.50
N LYS C 898 20.91 -38.83 38.03
CA LYS C 898 22.03 -37.98 37.63
C LYS C 898 21.70 -37.19 36.37
N ALA C 899 20.95 -37.81 35.45
CA ALA C 899 20.57 -37.12 34.23
C ALA C 899 19.65 -35.94 34.52
N ILE C 900 18.70 -36.13 35.43
CA ILE C 900 17.84 -35.03 35.84
C ILE C 900 18.69 -33.90 36.41
N SER C 901 19.74 -34.25 37.17
CA SER C 901 20.58 -33.22 37.76
C SER C 901 21.38 -32.48 36.70
N GLN C 902 21.97 -33.19 35.74
CA GLN C 902 22.80 -32.56 34.68
C GLN C 902 21.98 -31.47 33.97
N ILE C 903 20.67 -31.67 33.80
CA ILE C 903 19.74 -30.69 33.16
C ILE C 903 19.59 -29.45 34.05
N GLN C 904 19.48 -29.64 35.37
CA GLN C 904 19.30 -28.58 36.39
C GLN C 904 20.42 -27.53 36.29
N GLU C 905 21.68 -27.97 36.22
CA GLU C 905 22.89 -27.10 36.17
C GLU C 905 22.91 -26.25 34.89
N SER C 906 22.56 -26.85 33.75
CA SER C 906 22.53 -26.19 32.45
C SER C 906 21.59 -24.99 32.47
N LEU C 907 20.42 -25.14 33.10
CA LEU C 907 19.48 -24.03 33.19
C LEU C 907 19.94 -22.99 34.22
N THR C 908 20.66 -23.42 35.24
CA THR C 908 21.20 -22.48 36.22
C THR C 908 22.14 -21.49 35.57
N THR C 909 22.98 -21.96 34.65
CA THR C 909 23.83 -21.08 33.87
C THR C 909 23.04 -20.50 32.70
N THR C 910 23.68 -19.60 31.96
CA THR C 910 23.03 -18.98 30.81
C THR C 910 23.07 -19.93 29.62
N SER C 911 21.89 -20.25 29.08
CA SER C 911 21.76 -21.19 28.00
C SER C 911 21.05 -20.54 26.82
N THR C 912 21.43 -20.96 25.62
CA THR C 912 20.79 -20.51 24.39
C THR C 912 19.53 -21.31 24.07
N ALA C 913 19.20 -22.32 24.88
CA ALA C 913 18.05 -23.17 24.58
C ALA C 913 16.77 -22.37 24.52
N LEU C 914 16.59 -21.41 25.44
CA LEU C 914 15.41 -20.56 25.44
C LEU C 914 15.52 -19.40 24.46
N GLY C 915 16.46 -19.44 23.52
CA GLY C 915 16.58 -18.36 22.56
C GLY C 915 15.34 -18.19 21.70
N LYS C 916 14.73 -19.31 21.31
CA LYS C 916 13.53 -19.22 20.46
C LYS C 916 12.38 -18.54 21.20
N LEU C 917 12.23 -18.82 22.49
CA LEU C 917 11.20 -18.13 23.28
C LEU C 917 11.53 -16.65 23.40
N GLN C 918 12.81 -16.32 23.58
CA GLN C 918 13.21 -14.92 23.65
C GLN C 918 12.93 -14.20 22.34
N ASP C 919 13.15 -14.88 21.22
CA ASP C 919 12.95 -14.24 19.91
C ASP C 919 11.52 -13.75 19.76
N VAL C 920 10.54 -14.57 20.15
CA VAL C 920 9.13 -14.18 19.97
C VAL C 920 8.84 -12.90 20.75
N VAL C 921 9.39 -12.80 21.96
CA VAL C 921 9.17 -11.60 22.77
C VAL C 921 9.73 -10.37 22.08
N ASN C 922 10.93 -10.49 21.51
CA ASN C 922 11.59 -9.32 20.92
C ASN C 922 10.92 -8.88 19.63
N GLN C 923 10.43 -9.83 18.82
CA GLN C 923 9.77 -9.47 17.58
C GLN C 923 8.53 -8.62 17.84
N ASN C 924 7.72 -9.03 18.83
CA ASN C 924 6.50 -8.29 19.14
C ASN C 924 6.82 -6.87 19.59
N ALA C 925 7.83 -6.72 20.46
CA ALA C 925 8.16 -5.40 20.98
C ALA C 925 8.67 -4.48 19.87
N GLN C 926 9.51 -5.01 18.98
CA GLN C 926 10.09 -4.18 17.93
C GLN C 926 9.02 -3.63 17.01
N ALA C 927 8.04 -4.47 16.64
CA ALA C 927 7.01 -4.03 15.70
C ALA C 927 6.19 -2.89 16.30
N LEU C 928 5.85 -2.99 17.59
CA LEU C 928 5.06 -1.94 18.22
C LEU C 928 5.85 -0.63 18.29
N ASN C 929 7.15 -0.72 18.59
CA ASN C 929 7.96 0.48 18.71
C ASN C 929 8.28 1.09 17.35
N THR C 930 8.16 0.30 16.28
CA THR C 930 8.38 0.85 14.94
C THR C 930 7.21 1.72 14.51
N LEU C 931 5.99 1.37 14.93
CA LEU C 931 4.83 2.18 14.59
C LEU C 931 4.91 3.55 15.24
N VAL C 932 5.40 3.62 16.48
CA VAL C 932 5.49 4.90 17.17
C VAL C 932 6.52 5.80 16.50
N LYS C 933 7.61 5.21 15.99
CA LYS C 933 8.65 6.02 15.35
C LYS C 933 8.22 6.49 13.97
N GLN C 934 7.23 5.85 13.36
CA GLN C 934 6.81 6.23 12.01
C GLN C 934 5.86 7.42 12.00
N LEU C 935 5.46 7.93 13.15
CA LEU C 935 4.63 9.12 13.19
C LEU C 935 5.41 10.39 12.90
N SER C 936 6.75 10.32 12.92
CA SER C 936 7.57 11.49 12.69
C SER C 936 7.86 11.74 11.22
N SER C 937 7.40 10.85 10.33
CA SER C 937 7.78 10.93 8.92
C SER C 937 6.77 11.75 8.13
N ASN C 938 7.28 12.74 7.40
CA ASN C 938 6.46 13.42 6.40
C ASN C 938 6.18 12.49 5.23
N PHE C 939 4.96 12.56 4.73
CA PHE C 939 4.52 11.73 3.60
C PHE C 939 4.27 12.61 2.38
N GLY C 940 5.17 13.56 2.14
CA GLY C 940 4.99 14.56 1.11
C GLY C 940 4.36 15.85 1.59
N ALA C 941 3.91 15.90 2.84
CA ALA C 941 3.32 17.10 3.40
C ALA C 941 4.42 18.04 3.91
N ILE C 942 4.01 19.26 4.27
CA ILE C 942 4.96 20.25 4.74
C ILE C 942 5.53 19.85 6.09
N SER C 943 4.72 19.22 6.96
CA SER C 943 5.18 18.84 8.28
C SER C 943 4.41 17.61 8.73
N SER C 944 4.98 16.90 9.71
CA SER C 944 4.37 15.70 10.28
C SER C 944 3.61 15.98 11.57
N VAL C 945 3.50 17.24 11.98
CA VAL C 945 2.82 17.62 13.21
C VAL C 945 1.49 18.25 12.85
N LEU C 946 0.39 17.61 13.28
CA LEU C 946 -0.93 18.11 12.94
C LEU C 946 -1.23 19.45 13.60
N ASN C 947 -0.73 19.66 14.81
CA ASN C 947 -1.02 20.91 15.51
C ASN C 947 -0.34 22.08 14.82
N ASP C 948 0.84 21.86 14.25
CA ASP C 948 1.52 22.93 13.52
C ASP C 948 0.74 23.33 12.27
N ILE C 949 0.24 22.33 11.52
CA ILE C 949 -0.44 22.62 10.26
C ILE C 949 -1.72 23.41 10.51
N LEU C 950 -2.51 22.99 11.50
CA LEU C 950 -3.78 23.66 11.75
C LEU C 950 -3.59 25.07 12.30
N SER C 951 -2.41 25.36 12.87
CA SER C 951 -2.20 26.65 13.50
C SER C 951 -1.97 27.76 12.47
N ARG C 952 -1.40 27.42 11.31
CA ARG C 952 -0.95 28.43 10.36
C ARG C 952 -1.59 28.30 8.99
N LEU C 953 -2.48 27.33 8.78
CA LEU C 953 -3.19 27.19 7.51
C LEU C 953 -4.69 27.14 7.76
N ASP C 954 -5.44 27.68 6.81
CA ASP C 954 -6.89 27.70 6.91
C ASP C 954 -7.46 26.33 6.52
N LYS C 955 -8.80 26.25 6.50
CA LYS C 955 -9.45 24.95 6.32
C LYS C 955 -9.12 24.33 4.97
N VAL C 956 -9.24 25.12 3.90
CA VAL C 956 -9.07 24.56 2.56
C VAL C 956 -7.62 24.12 2.34
N GLU C 957 -6.65 24.94 2.76
CA GLU C 957 -5.25 24.56 2.61
C GLU C 957 -4.89 23.41 3.54
N ALA C 958 -5.49 23.37 4.74
CA ALA C 958 -5.16 22.32 5.70
C ALA C 958 -5.56 20.94 5.18
N GLU C 959 -6.68 20.84 4.47
CA GLU C 959 -7.15 19.54 4.00
C GLU C 959 -6.16 18.91 3.03
N VAL C 960 -5.49 19.74 2.21
CA VAL C 960 -4.52 19.20 1.26
C VAL C 960 -3.40 18.48 1.99
N GLN C 961 -2.87 19.10 3.04
CA GLN C 961 -1.74 18.50 3.76
C GLN C 961 -2.21 17.35 4.65
N ILE C 962 -3.38 17.49 5.28
CA ILE C 962 -3.87 16.45 6.19
C ILE C 962 -4.19 15.18 5.42
N ASP C 963 -4.69 15.31 4.19
CA ASP C 963 -5.00 14.13 3.39
C ASP C 963 -3.75 13.30 3.15
N ARG C 964 -2.62 13.97 2.88
CA ARG C 964 -1.37 13.24 2.66
C ARG C 964 -0.97 12.45 3.90
N LEU C 965 -1.09 13.05 5.09
CA LEU C 965 -0.72 12.37 6.31
C LEU C 965 -1.62 11.17 6.58
N ILE C 966 -2.92 11.31 6.31
CA ILE C 966 -3.84 10.21 6.54
C ILE C 966 -3.49 9.02 5.65
N THR C 967 -3.18 9.28 4.37
CA THR C 967 -2.85 8.20 3.45
C THR C 967 -1.62 7.44 3.92
N GLY C 968 -0.59 8.16 4.36
CA GLY C 968 0.64 7.51 4.79
C GLY C 968 0.48 6.73 6.08
N ARG C 969 -0.30 7.27 7.02
CA ARG C 969 -0.43 6.63 8.32
C ARG C 969 -1.32 5.40 8.25
N LEU C 970 -2.27 5.37 7.31
CA LEU C 970 -3.07 4.17 7.11
C LEU C 970 -2.23 3.02 6.55
N GLN C 971 -1.26 3.35 5.69
CA GLN C 971 -0.39 2.33 5.15
C GLN C 971 0.50 1.71 6.23
N SER C 972 0.92 2.51 7.20
CA SER C 972 1.73 1.99 8.30
C SER C 972 0.96 0.93 9.08
N LEU C 973 -0.32 1.19 9.36
CA LEU C 973 -1.13 0.22 10.10
C LEU C 973 -1.38 -1.03 9.27
N GLN C 974 -1.62 -0.87 7.97
CA GLN C 974 -1.85 -2.03 7.12
C GLN C 974 -0.63 -2.93 7.05
N THR C 975 0.56 -2.34 6.93
CA THR C 975 1.78 -3.13 6.89
C THR C 975 1.97 -3.91 8.20
N TYR C 976 1.69 -3.26 9.32
CA TYR C 976 1.84 -3.94 10.62
C TYR C 976 0.89 -5.14 10.73
N VAL C 977 -0.35 -4.97 10.28
CA VAL C 977 -1.32 -6.05 10.37
C VAL C 977 -0.90 -7.22 9.48
N THR C 978 -0.44 -6.93 8.26
CA THR C 978 -0.02 -7.99 7.36
C THR C 978 1.15 -8.78 7.95
N GLN C 979 2.10 -8.09 8.58
CA GLN C 979 3.20 -8.78 9.23
C GLN C 979 2.71 -9.69 10.35
N GLN C 980 1.75 -9.20 11.14
CA GLN C 980 1.23 -10.01 12.25
C GLN C 980 0.57 -11.28 11.73
N LEU C 981 -0.17 -11.19 10.62
CA LEU C 981 -0.84 -12.37 10.10
C LEU C 981 0.16 -13.44 9.68
N ILE C 982 1.27 -13.03 9.06
CA ILE C 982 2.28 -13.99 8.64
C ILE C 982 2.97 -14.62 9.84
N ARG C 983 3.27 -13.81 10.87
CA ARG C 983 3.87 -14.36 12.08
C ARG C 983 2.92 -15.35 12.76
N ALA C 984 1.62 -15.04 12.78
CA ALA C 984 0.66 -15.90 13.47
C ALA C 984 0.60 -17.27 12.80
N ALA C 985 0.65 -17.32 11.47
CA ALA C 985 0.59 -18.60 10.77
C ALA C 985 1.80 -19.46 11.10
N GLU C 986 2.95 -18.84 11.36
CA GLU C 986 4.14 -19.60 11.75
C GLU C 986 3.98 -20.14 13.16
N ILE C 987 3.50 -19.30 14.08
CA ILE C 987 3.28 -19.75 15.45
C ILE C 987 2.26 -20.88 15.49
N ARG C 988 1.22 -20.80 14.65
CA ARG C 988 0.19 -21.83 14.65
C ARG C 988 0.76 -23.19 14.24
N ALA C 989 1.64 -23.21 13.24
CA ALA C 989 2.26 -24.46 12.84
C ALA C 989 3.09 -25.05 13.98
N SER C 990 3.82 -24.20 14.70
CA SER C 990 4.60 -24.67 15.85
C SER C 990 3.67 -25.20 16.94
N ALA C 991 2.55 -24.53 17.17
CA ALA C 991 1.61 -24.99 18.18
C ALA C 991 1.01 -26.35 17.81
N ASN C 992 0.69 -26.54 16.53
CA ASN C 992 0.12 -27.81 16.10
C ASN C 992 1.08 -28.97 16.31
N LEU C 993 2.36 -28.74 16.02
CA LEU C 993 3.35 -29.80 16.20
C LEU C 993 3.57 -30.10 17.67
N ALA C 994 3.53 -29.08 18.53
CA ALA C 994 3.70 -29.30 19.95
C ALA C 994 2.59 -30.18 20.51
N ALA C 995 1.35 -29.96 20.06
CA ALA C 995 0.24 -30.79 20.53
C ALA C 995 0.40 -32.23 20.08
N THR C 996 1.00 -32.45 18.91
CA THR C 996 1.22 -33.80 18.44
C THR C 996 2.20 -34.55 19.33
N LYS C 997 3.28 -33.88 19.74
CA LYS C 997 4.25 -34.52 20.61
C LYS C 997 3.68 -34.81 21.99
N MET C 998 2.75 -33.98 22.46
CA MET C 998 2.11 -34.25 23.75
C MET C 998 1.33 -35.56 23.70
N SER C 999 0.63 -35.80 22.59
CA SER C 999 -0.16 -37.03 22.48
C SER C 999 0.74 -38.25 22.28
N GLU C 1000 1.79 -38.11 21.47
CA GLU C 1000 2.58 -39.26 21.06
C GLU C 1000 3.82 -39.48 21.91
N CYS C 1001 4.41 -38.42 22.47
CA CYS C 1001 5.61 -38.58 23.29
C CYS C 1001 5.29 -38.68 24.78
N VAL C 1002 4.27 -37.95 25.24
CA VAL C 1002 3.97 -37.87 26.67
C VAL C 1002 2.89 -38.88 27.08
N LEU C 1003 1.92 -39.14 26.21
CA LEU C 1003 0.82 -40.04 26.52
C LEU C 1003 0.99 -41.42 25.90
N GLY C 1004 2.20 -41.75 25.45
CA GLY C 1004 2.46 -43.07 24.91
C GLY C 1004 3.93 -43.20 24.56
N GLN C 1005 4.26 -44.34 23.96
CA GLN C 1005 5.61 -44.61 23.48
C GLN C 1005 5.60 -44.53 21.96
N SER C 1006 6.48 -43.70 21.41
CA SER C 1006 6.54 -43.44 19.98
C SER C 1006 7.65 -44.25 19.35
N LYS C 1007 7.33 -44.95 18.26
CA LYS C 1007 8.29 -45.73 17.52
C LYS C 1007 8.82 -44.99 16.30
N ARG C 1008 8.43 -43.73 16.11
CA ARG C 1008 8.97 -42.93 15.02
C ARG C 1008 10.39 -42.51 15.33
N VAL C 1009 11.23 -42.50 14.30
CA VAL C 1009 12.66 -42.26 14.47
C VAL C 1009 12.88 -40.77 14.72
N ASP C 1010 13.51 -40.44 15.84
CA ASP C 1010 13.91 -39.08 16.21
C ASP C 1010 12.74 -38.16 16.48
N PHE C 1011 11.52 -38.69 16.66
CA PHE C 1011 10.38 -37.82 16.93
C PHE C 1011 10.37 -37.35 18.37
N CYS C 1012 10.75 -38.22 19.32
CA CYS C 1012 10.74 -37.91 20.74
C CYS C 1012 12.11 -38.14 21.35
N GLY C 1013 13.15 -37.64 20.68
CA GLY C 1013 14.52 -37.80 21.13
C GLY C 1013 15.35 -38.63 20.17
N LYS C 1014 16.67 -38.50 20.34
CA LYS C 1014 17.60 -39.10 19.39
C LYS C 1014 17.64 -40.63 19.54
N GLY C 1015 17.74 -41.12 20.76
CA GLY C 1015 17.86 -42.54 20.99
C GLY C 1015 16.52 -43.25 20.86
N TYR C 1016 16.43 -44.39 21.53
CA TYR C 1016 15.20 -45.15 21.56
C TYR C 1016 14.30 -44.60 22.67
N HIS C 1017 13.11 -44.14 22.29
CA HIS C 1017 12.28 -43.35 23.19
C HIS C 1017 11.61 -44.21 24.25
N LEU C 1018 11.64 -43.72 25.50
CA LEU C 1018 10.99 -44.39 26.62
C LEU C 1018 9.77 -43.61 27.10
N MET C 1019 9.93 -42.34 27.44
CA MET C 1019 8.83 -41.48 27.86
C MET C 1019 9.31 -40.05 27.94
N SER C 1020 8.38 -39.12 28.13
CA SER C 1020 8.66 -37.71 28.12
C SER C 1020 7.85 -37.00 29.20
N PHE C 1021 8.35 -35.85 29.65
CA PHE C 1021 7.69 -35.03 30.65
C PHE C 1021 7.58 -33.60 30.15
N PRO C 1022 6.40 -32.97 30.21
CA PRO C 1022 6.28 -31.57 29.80
C PRO C 1022 6.49 -30.61 30.96
N GLN C 1023 6.98 -29.42 30.61
CA GLN C 1023 7.19 -28.34 31.57
C GLN C 1023 6.80 -27.02 30.93
N ALA C 1024 6.09 -26.18 31.67
CA ALA C 1024 5.60 -24.92 31.15
C ALA C 1024 6.71 -23.88 31.10
N ALA C 1025 6.71 -23.07 30.06
CA ALA C 1025 7.65 -21.97 29.88
C ALA C 1025 6.88 -20.76 29.35
N PRO C 1026 7.46 -19.57 29.45
CA PRO C 1026 6.74 -18.38 28.96
C PRO C 1026 6.48 -18.46 27.47
N HIS C 1027 5.19 -18.42 27.11
CA HIS C 1027 4.75 -18.46 25.72
C HIS C 1027 5.27 -19.71 25.00
N GLY C 1028 5.42 -20.81 25.74
CA GLY C 1028 5.91 -22.02 25.13
C GLY C 1028 5.81 -23.20 26.07
N VAL C 1029 6.56 -24.24 25.74
CA VAL C 1029 6.58 -25.49 26.50
C VAL C 1029 7.92 -26.17 26.27
N VAL C 1030 8.38 -26.93 27.26
CA VAL C 1030 9.65 -27.64 27.21
C VAL C 1030 9.38 -29.11 27.49
N PHE C 1031 9.94 -29.98 26.65
CA PHE C 1031 9.80 -31.42 26.79
C PHE C 1031 11.12 -32.03 27.26
N LEU C 1032 11.03 -32.93 28.23
CA LEU C 1032 12.18 -33.69 28.71
C LEU C 1032 12.01 -35.14 28.25
N HIS C 1033 12.81 -35.55 27.27
CA HIS C 1033 12.73 -36.88 26.70
C HIS C 1033 13.72 -37.81 27.40
N VAL C 1034 13.32 -39.06 27.59
CA VAL C 1034 14.17 -40.10 28.16
C VAL C 1034 14.36 -41.17 27.09
N THR C 1035 15.62 -41.56 26.86
CA THR C 1035 15.95 -42.44 25.75
C THR C 1035 16.94 -43.50 26.21
N TYR C 1036 17.03 -44.56 25.40
CA TYR C 1036 17.90 -45.70 25.66
C TYR C 1036 19.06 -45.65 24.68
N VAL C 1037 20.29 -45.64 25.21
CA VAL C 1037 21.49 -45.45 24.40
C VAL C 1037 22.40 -46.68 24.52
N PRO C 1038 22.49 -47.51 23.48
CA PRO C 1038 23.41 -48.65 23.53
C PRO C 1038 24.87 -48.21 23.56
N SER C 1039 25.72 -49.08 24.09
CA SER C 1039 27.14 -48.77 24.23
C SER C 1039 27.92 -50.07 24.36
N GLN C 1040 29.25 -49.94 24.23
CA GLN C 1040 30.18 -51.06 24.43
C GLN C 1040 29.90 -52.20 23.45
N GLU C 1041 30.10 -51.92 22.17
CA GLU C 1041 29.89 -52.91 21.12
C GLU C 1041 31.07 -53.86 21.03
N ARG C 1042 30.79 -55.13 20.80
CA ARG C 1042 31.80 -56.16 20.64
C ARG C 1042 31.48 -57.00 19.40
N ASN C 1043 32.53 -57.50 18.77
CA ASN C 1043 32.41 -58.21 17.49
C ASN C 1043 32.12 -59.69 17.70
N PHE C 1044 31.49 -60.30 16.71
CA PHE C 1044 31.20 -61.73 16.71
C PHE C 1044 31.17 -62.24 15.28
N THR C 1045 31.35 -63.55 15.14
CA THR C 1045 31.13 -64.21 13.86
C THR C 1045 29.68 -64.65 13.74
N THR C 1046 29.12 -64.54 12.55
CA THR C 1046 27.70 -64.76 12.32
C THR C 1046 27.48 -65.72 11.15
N ALA C 1047 26.31 -66.35 11.14
CA ALA C 1047 25.92 -67.26 10.07
C ALA C 1047 24.43 -67.10 9.82
N PRO C 1048 23.98 -66.99 8.56
CA PRO C 1048 22.55 -66.82 8.31
C PRO C 1048 21.70 -67.98 8.78
N ALA C 1049 22.25 -69.19 8.82
CA ALA C 1049 21.47 -70.37 9.19
C ALA C 1049 22.40 -71.47 9.65
N ILE C 1050 21.82 -72.46 10.34
CA ILE C 1050 22.55 -73.59 10.90
C ILE C 1050 21.83 -74.88 10.50
N CYS C 1051 22.62 -75.94 10.27
CA CYS C 1051 22.05 -77.18 9.74
C CYS C 1051 21.55 -78.10 10.84
N HIS C 1052 22.26 -78.16 11.97
CA HIS C 1052 21.91 -79.04 13.08
C HIS C 1052 22.06 -80.51 12.68
N GLU C 1053 21.13 -81.03 11.88
CA GLU C 1053 21.15 -82.44 11.48
C GLU C 1053 20.96 -82.60 9.97
N GLY C 1054 21.29 -81.57 9.20
CA GLY C 1054 21.13 -81.63 7.76
C GLY C 1054 19.86 -80.95 7.26
N LYS C 1055 19.38 -79.94 7.98
CA LYS C 1055 18.19 -79.19 7.59
C LYS C 1055 18.52 -77.71 7.52
N ALA C 1056 17.50 -76.86 7.40
CA ALA C 1056 17.67 -75.41 7.35
C ALA C 1056 16.91 -74.81 8.52
N TYR C 1057 17.65 -74.46 9.58
CA TYR C 1057 17.10 -73.80 10.76
C TYR C 1057 17.43 -72.32 10.66
N PHE C 1058 16.40 -71.48 10.59
CA PHE C 1058 16.59 -70.05 10.39
C PHE C 1058 16.52 -69.31 11.73
N PRO C 1059 17.17 -68.14 11.82
CA PRO C 1059 17.39 -67.54 13.15
C PRO C 1059 16.14 -67.18 13.93
N ARG C 1060 15.05 -66.80 13.27
CA ARG C 1060 13.79 -66.51 13.95
C ARG C 1060 13.93 -65.36 14.95
N GLU C 1061 14.15 -64.14 14.47
CA GLU C 1061 14.16 -62.96 15.33
C GLU C 1061 15.32 -63.00 16.33
N GLY C 1062 16.50 -63.32 15.83
CA GLY C 1062 17.68 -63.36 16.68
C GLY C 1062 18.92 -63.76 15.91
N VAL C 1063 20.02 -63.05 16.13
CA VAL C 1063 21.24 -63.30 15.36
C VAL C 1063 21.95 -64.55 15.91
N PHE C 1064 22.50 -65.34 15.00
CA PHE C 1064 23.37 -66.45 15.35
C PHE C 1064 24.78 -65.92 15.54
N VAL C 1065 25.34 -66.08 16.73
CA VAL C 1065 26.64 -65.54 17.10
C VAL C 1065 27.52 -66.67 17.60
N PHE C 1066 28.77 -66.71 17.12
CA PHE C 1066 29.74 -67.72 17.54
C PHE C 1066 30.61 -67.09 18.62
N ASN C 1067 30.30 -67.44 19.88
CA ASN C 1067 31.04 -66.86 21.00
C ASN C 1067 32.49 -67.34 21.01
N GLY C 1068 32.72 -68.60 20.68
CA GLY C 1068 34.04 -69.18 20.73
C GLY C 1068 34.01 -70.61 21.22
N THR C 1069 33.06 -70.93 22.07
CA THR C 1069 32.83 -72.30 22.52
C THR C 1069 31.79 -72.99 21.64
N SER C 1070 30.70 -72.28 21.31
CA SER C 1070 29.68 -72.81 20.43
C SER C 1070 28.90 -71.63 19.86
N TRP C 1071 27.84 -71.94 19.11
CA TRP C 1071 27.00 -70.90 18.55
C TRP C 1071 25.89 -70.54 19.53
N PHE C 1072 25.28 -69.37 19.31
CA PHE C 1072 24.29 -68.85 20.24
C PHE C 1072 23.28 -68.01 19.48
N ILE C 1073 22.13 -67.79 20.12
CA ILE C 1073 21.07 -66.94 19.61
C ILE C 1073 20.91 -65.76 20.56
N THR C 1074 20.84 -64.55 20.01
CA THR C 1074 20.81 -63.36 20.83
C THR C 1074 20.03 -62.26 20.13
N GLN C 1075 19.67 -61.25 20.91
CA GLN C 1075 18.99 -60.07 20.38
C GLN C 1075 19.99 -59.16 19.67
N ARG C 1076 19.47 -58.32 18.78
CA ARG C 1076 20.32 -57.39 18.05
C ARG C 1076 20.82 -56.27 18.95
N ASN C 1077 20.29 -56.17 20.17
CA ASN C 1077 20.75 -55.21 21.16
C ASN C 1077 21.02 -55.93 22.47
N PHE C 1078 22.03 -55.46 23.20
CA PHE C 1078 22.34 -55.99 24.52
C PHE C 1078 22.60 -57.49 24.47
N PHE C 1079 23.70 -57.88 23.82
CA PHE C 1079 24.11 -59.28 23.70
C PHE C 1079 23.77 -60.08 24.96
N SER C 1080 23.06 -61.19 24.75
CA SER C 1080 22.59 -62.05 25.84
C SER C 1080 22.56 -63.48 25.32
N PRO C 1081 23.66 -64.22 25.43
CA PRO C 1081 23.72 -65.55 24.79
C PRO C 1081 22.67 -66.49 25.32
N GLN C 1082 22.13 -67.32 24.43
CA GLN C 1082 21.20 -68.38 24.79
C GLN C 1082 21.54 -69.63 23.97
N ILE C 1083 21.50 -70.79 24.62
CA ILE C 1083 21.77 -72.04 23.92
C ILE C 1083 20.74 -72.23 22.81
N ILE C 1084 21.22 -72.66 21.64
CA ILE C 1084 20.35 -72.82 20.49
C ILE C 1084 19.39 -73.98 20.73
N THR C 1085 18.11 -73.74 20.51
CA THR C 1085 17.06 -74.74 20.73
C THR C 1085 16.03 -74.61 19.62
N THR C 1086 15.26 -75.68 19.41
CA THR C 1086 14.23 -75.65 18.38
C THR C 1086 13.22 -74.53 18.63
N ASP C 1087 12.88 -74.29 19.89
CA ASP C 1087 11.97 -73.19 20.21
C ASP C 1087 12.53 -71.86 19.72
N ASN C 1088 13.86 -71.68 19.81
CA ASN C 1088 14.46 -70.42 19.39
C ASN C 1088 14.30 -70.18 17.90
N THR C 1089 14.08 -71.23 17.11
CA THR C 1089 14.14 -71.14 15.66
C THR C 1089 12.97 -71.88 15.02
N PHE C 1090 12.88 -71.74 13.69
CA PHE C 1090 11.99 -72.51 12.85
C PHE C 1090 12.78 -73.15 11.72
N VAL C 1091 12.21 -74.16 11.09
CA VAL C 1091 12.90 -74.93 10.07
C VAL C 1091 12.23 -74.70 8.71
N SER C 1092 13.03 -74.84 7.65
CA SER C 1092 12.51 -74.78 6.29
C SER C 1092 13.55 -75.30 5.30
#